data_6NR3
#
_entry.id   6NR3
#
_cell.length_a   1
_cell.length_b   1
_cell.length_c   1
_cell.angle_alpha   90.00
_cell.angle_beta   90.00
_cell.angle_gamma   90.00
#
_symmetry.space_group_name_H-M   'P 1'
#
loop_
_entity.id
_entity.type
_entity.pdbx_description
1 polymer 'Transient receptor potential cation channel subfamily M member 8'
2 non-polymer Icilin
3 non-polymer '(2S)-1-{[(R)-hydroxy{[(1R,2R,3S,4R,5R,6S)-2,3,6-trihydroxy-4,5-bis(phosphonooxy)cyclohexyl]oxy}phosphoryl]oxy}-3-(octadecanoyloxy)propan-2-yl icosa-5,8,11,14-tetraenoate'
4 non-polymer 'CALCIUM ION'
#
_entity_poly.entity_id   1
_entity_poly.type   'polypeptide(L)'
_entity_poly.pdbx_seq_one_letter_code
;MATLFQVSMGSMRHRRNGNFESSRLLYSSMSRSIDVACSDADLANFIQENFKKRECVFFTKDTKSMGNLCKCGYPENQHI
EGTQVNTTEKWNYKK(UNK)(UNK)(UNK)(UNK)(UNK)(UNK)(UNK)(UNK)(UNK)(UNK)(UNK)(UNK)(UNK)
(UNK)(UNK)(UNK)(UNK)(UNK)(UNK)(UNK)(UNK)(UNK)KYIRLSCDTDSETLYDLMTQHWHLKTPNLVISVTG
GAKNFALKPRMRKIFSRLIYIAQSKGAWIFTGGTHYGLMKYIGEVVRDNTISRSSEENVVAIGIAAWGMISNRETLIRTA
DSDGSYLAHYIMDDLKRDPLYCLDNNHTHLLLVDNGTHGHPTIEAKVRTQLEKYISERVIPESNYGGKIPIVCFAQGGGK
ETLKSINVAIKSKIPCVVVEGSGRIADVIASLVEAEGTLASSCVKESLLRFLPRTISRLSEEETESWIKWIKEVLESPHL
LTVIKIEEAGDEIVSNAISFALYKAFSTNEHDRDNWNGQLKLLLEWNQLDLASDEIFTNDRNWESADLQDVMFTALVKDR
PKFVRLFLENGLNLRKFLTTEVLRELYTNNFSSLVFKNLQIAKNSYNDALLTFVWKMVEDFRRGAKRDDKNSKDEMEIEL
SEECPITRHPLQALFIWSVLQNKKELSKVIWEQTRGCTLAALGASKLLKSMAKVKNDINAAGESEELANEYETRAVELFT
ECYSNDEDLAEQLLTYSCEAWGGSNCLELAVEARDQQFIAQPGVQNFLSKQWYGEISRDTKNWKIILCLFFFPLIGCGFI
SFRKKPVEKTKKLFLYYVSFFTSPFVVFSWNVIFYIAFLLLFAYVLLMDFQKEPTALEIILYVLVFILLCDEVRQWYMNG
SKYFSDLWNVMDTLGIFYFIAGIVFRLHSDESSWYSGRVIFCLDYIVFTLRLIHIFTVSRNLGPKIIMLQRMMIDVFFFL
FLFAVWMVAFGVARQGILRKNEHRWEWIFRSVIYEPYLAMFGQYPDDIDGTTYNFDHCTFSGNESKPLCVELDANNQPRF
PEWITIPLVCIYMLSTNILLVNLLVAMFGYTVGSVQENNDQVWKFQRFFLVQEYCSRLTIPFPFVIFAYIFMVMRKCFKC
CCKKESKEPSVCCSRNEDNEILAWEAVMKENYLVKINTKASDSSEE(UNK)(UNK)(UNK)(UNK)(UNK)(UNK)
(UNK)(UNK)(UNK)(UNK)(UNK)(UNK)(UNK)(UNK)(UNK)(UNK)(UNK)(UNK)(UNK)(UNK)(UNK)(UNK)
(UNK)(UNK)KIKSNSLEVLFQGPDYKDDDDKAHHHHHHHHHH
;
_entity_poly.pdbx_strand_id   A,B,C,D
#
# COMPACT_ATOMS: atom_id res chain seq x y z
N UNK A 96 -38.16 -29.95 33.46
CA UNK A 96 -39.44 -29.52 34.01
C UNK A 96 -39.39 -29.46 35.53
N UNK A 97 -38.73 -28.43 36.05
CA UNK A 97 -38.56 -28.29 37.49
C UNK A 97 -39.73 -27.56 38.12
N UNK A 98 -40.05 -27.95 39.35
CA UNK A 98 -41.11 -27.28 40.11
C UNK A 98 -40.50 -26.17 40.96
N UNK A 99 -41.32 -25.19 41.30
CA UNK A 99 -40.83 -24.04 42.05
C UNK A 99 -41.15 -24.15 43.53
N UNK A 100 -40.30 -23.56 44.35
CA UNK A 100 -40.54 -23.47 45.79
C UNK A 100 -40.99 -22.05 46.11
N UNK A 101 -42.29 -21.89 46.36
CA UNK A 101 -42.88 -20.57 46.48
C UNK A 101 -43.43 -20.26 47.86
N UNK A 102 -43.50 -18.98 48.18
CA UNK A 102 -44.13 -18.53 49.42
C UNK A 102 -45.64 -18.62 49.24
N UNK A 103 -46.33 -19.16 50.25
CA UNK A 103 -47.78 -19.37 50.26
C UNK A 103 -48.26 -20.22 49.06
N UNK A 104 -47.45 -21.21 48.72
CA UNK A 104 -47.60 -21.94 47.47
C UNK A 104 -48.81 -22.86 47.41
N UNK A 105 -49.00 -23.43 46.23
CA UNK A 105 -49.97 -24.48 45.94
C UNK A 105 -49.54 -25.09 44.63
N UNK A 106 -48.31 -25.59 44.60
CA UNK A 106 -47.62 -25.95 43.37
C UNK A 106 -48.26 -27.10 42.60
N UNK A 107 -48.28 -26.94 41.28
CA UNK A 107 -48.83 -27.92 40.37
C UNK A 107 -47.92 -28.03 39.16
N UNK A 108 -47.48 -29.23 38.83
CA UNK A 108 -46.53 -29.42 37.75
C UNK A 108 -47.19 -29.37 36.38
N UNK A 109 -46.53 -29.96 35.39
CA UNK A 109 -47.01 -29.95 34.02
C UNK A 109 -48.23 -30.84 33.86
N UNK A 110 -33.36 -25.26 39.14
CA UNK A 110 -34.74 -24.91 39.46
C UNK A 110 -34.84 -23.46 39.92
N UNK A 111 -35.95 -22.81 39.61
CA UNK A 111 -36.10 -21.41 39.95
C UNK A 111 -37.26 -21.16 40.91
N UNK A 112 -37.02 -20.29 41.88
CA UNK A 112 -38.02 -19.95 42.88
C UNK A 112 -38.98 -18.90 42.36
N UNK A 113 -40.18 -19.34 41.98
CA UNK A 113 -41.20 -18.45 41.45
C UNK A 113 -42.27 -18.18 42.51
N UNK A 114 -42.14 -17.07 43.22
CA UNK A 114 -43.02 -16.71 44.34
C UNK A 114 -44.49 -16.54 43.96
N UNK A 115 -45.18 -17.65 43.77
CA UNK A 115 -46.52 -17.66 43.18
C UNK A 115 -47.67 -17.48 44.16
N UNK A 116 -48.10 -16.25 44.42
CA UNK A 116 -49.22 -16.02 45.31
C UNK A 116 -50.55 -16.34 44.64
N UNK A 117 -50.77 -17.62 44.32
CA UNK A 117 -51.96 -18.03 43.58
C UNK A 117 -53.17 -18.20 44.49
N LYS A 118 -40.69 -12.08 40.72
CA LYS A 118 -41.08 -13.23 39.90
C LYS A 118 -42.48 -13.67 40.27
N TYR A 119 -43.27 -12.70 40.72
CA TYR A 119 -44.60 -12.96 41.27
C TYR A 119 -45.52 -13.58 40.23
N ILE A 120 -46.46 -14.40 40.70
CA ILE A 120 -47.41 -15.10 39.83
C ILE A 120 -48.78 -14.99 40.49
N ARG A 121 -49.82 -14.84 39.68
CA ARG A 121 -51.15 -14.73 40.22
C ARG A 121 -52.12 -15.62 39.46
N LEU A 122 -53.16 -16.06 40.16
CA LEU A 122 -54.20 -16.88 39.57
C LEU A 122 -55.44 -16.02 39.66
N SER A 123 -56.10 -15.81 38.53
CA SER A 123 -57.29 -14.96 38.52
C SER A 123 -58.40 -15.40 37.59
N CYS A 124 -59.61 -14.96 37.91
CA CYS A 124 -60.80 -15.24 37.10
C CYS A 124 -60.77 -14.40 35.84
N ASP A 125 -61.55 -14.79 34.84
CA ASP A 125 -61.54 -14.06 33.59
C ASP A 125 -62.41 -12.82 33.72
N THR A 126 -61.85 -11.79 34.34
CA THR A 126 -62.54 -10.52 34.54
C THR A 126 -61.58 -9.45 35.08
N ASP A 127 -62.11 -8.24 35.29
CA ASP A 127 -61.47 -7.14 36.02
C ASP A 127 -60.14 -6.71 35.39
N SER A 128 -60.24 -6.09 34.21
CA SER A 128 -59.05 -5.61 33.51
C SER A 128 -58.42 -4.43 34.23
N GLU A 129 -59.23 -3.42 34.58
CA GLU A 129 -58.70 -2.20 35.19
C GLU A 129 -58.16 -2.47 36.59
N THR A 130 -58.76 -3.42 37.32
CA THR A 130 -58.22 -3.82 38.61
C THR A 130 -56.88 -4.52 38.45
N LEU A 131 -56.74 -5.33 37.40
CA LEU A 131 -55.48 -6.02 37.12
C LEU A 131 -54.38 -5.02 36.77
N TYR A 132 -54.70 -4.03 35.94
CA TYR A 132 -53.75 -2.98 35.62
C TYR A 132 -53.40 -2.14 36.84
N ASP A 133 -54.39 -1.90 37.71
CA ASP A 133 -54.14 -1.16 38.95
C ASP A 133 -53.21 -1.92 39.87
N LEU A 134 -53.34 -3.25 39.90
CA LEU A 134 -52.40 -4.08 40.64
C LEU A 134 -50.99 -3.95 40.09
N MET A 135 -50.83 -4.16 38.78
CA MET A 135 -49.50 -4.12 38.18
C MET A 135 -48.87 -2.73 38.19
N THR A 136 -49.65 -1.67 38.34
CA THR A 136 -49.08 -0.33 38.48
C THR A 136 -48.79 0.04 39.93
N GLN A 137 -49.78 -0.13 40.82
CA GLN A 137 -49.62 0.30 42.21
C GLN A 137 -48.64 -0.57 42.97
N HIS A 138 -48.44 -1.84 42.56
CA HIS A 138 -47.56 -2.70 43.34
C HIS A 138 -46.11 -2.60 42.88
N TRP A 139 -45.84 -2.80 41.59
CA TRP A 139 -44.46 -2.90 41.15
C TRP A 139 -44.05 -1.81 40.17
N HIS A 140 -44.75 -1.67 39.05
CA HIS A 140 -44.20 -1.05 37.86
C HIS A 140 -44.75 0.35 37.63
N LEU A 141 -43.93 1.17 37.00
CA LEU A 141 -44.33 2.50 36.57
C LEU A 141 -44.94 2.43 35.17
N LYS A 142 -45.45 3.58 34.70
CA LYS A 142 -46.17 3.65 33.44
C LYS A 142 -45.25 3.34 32.26
N THR A 143 -45.85 2.95 31.14
CA THR A 143 -45.11 2.30 30.07
C THR A 143 -45.11 3.17 28.82
N PRO A 144 -43.94 3.60 28.34
CA PRO A 144 -43.90 4.35 27.07
C PRO A 144 -44.15 3.51 25.84
N ASN A 145 -44.23 2.18 25.96
CA ASN A 145 -44.35 1.29 24.82
C ASN A 145 -44.82 -0.06 25.34
N LEU A 146 -45.37 -0.89 24.44
CA LEU A 146 -45.56 -2.30 24.74
C LEU A 146 -45.58 -3.09 23.44
N VAL A 147 -44.65 -4.03 23.31
CA VAL A 147 -44.54 -4.87 22.13
C VAL A 147 -45.28 -6.17 22.42
N ILE A 148 -46.48 -6.32 21.90
CA ILE A 148 -47.18 -7.60 21.93
C ILE A 148 -46.69 -8.45 20.78
N SER A 149 -46.05 -9.57 21.10
CA SER A 149 -45.66 -10.55 20.11
C SER A 149 -46.40 -11.84 20.39
N VAL A 150 -46.73 -12.56 19.32
CA VAL A 150 -47.47 -13.82 19.40
C VAL A 150 -46.78 -14.81 18.46
N THR A 151 -46.52 -16.01 18.97
CA THR A 151 -45.89 -17.05 18.19
C THR A 151 -46.94 -17.91 17.49
N LYS A 155 -45.67 -25.64 18.79
CA LYS A 155 -45.31 -24.33 18.22
C LYS A 155 -43.82 -24.23 17.98
N ASN A 156 -43.12 -25.37 18.09
CA ASN A 156 -41.67 -25.39 17.92
C ASN A 156 -41.29 -25.15 16.46
N PHE A 157 -40.09 -24.62 16.28
CA PHE A 157 -39.50 -24.37 14.96
C PHE A 157 -37.99 -24.17 15.19
N ALA A 158 -37.29 -23.78 14.14
CA ALA A 158 -35.84 -23.65 14.17
C ALA A 158 -35.43 -22.20 13.98
N LEU A 159 -34.56 -21.71 14.86
CA LEU A 159 -34.05 -20.35 14.73
C LEU A 159 -33.08 -20.27 13.58
N LYS A 160 -33.25 -19.28 12.73
CA LYS A 160 -32.32 -18.98 11.66
C LYS A 160 -31.17 -18.17 12.25
N PRO A 161 -30.09 -17.90 11.49
CA PRO A 161 -29.09 -16.96 11.97
C PRO A 161 -29.47 -15.49 11.83
N ARG A 162 -30.61 -15.17 11.23
CA ARG A 162 -31.06 -13.79 11.11
C ARG A 162 -32.12 -13.43 12.15
N MET A 163 -33.04 -14.36 12.44
CA MET A 163 -34.13 -14.08 13.36
C MET A 163 -33.64 -13.80 14.77
N ARG A 164 -32.51 -14.44 15.14
CA ARG A 164 -31.85 -14.14 16.40
C ARG A 164 -31.41 -12.68 16.46
N LYS A 165 -30.86 -12.17 15.34
CA LYS A 165 -30.42 -10.78 15.28
C LYS A 165 -31.59 -9.82 15.41
N ILE A 166 -32.71 -10.11 14.73
CA ILE A 166 -33.90 -9.28 14.81
C ILE A 166 -34.44 -9.22 16.23
N PHE A 167 -34.55 -10.37 16.89
CA PHE A 167 -35.18 -10.32 18.21
C PHE A 167 -34.23 -9.80 19.28
N SER A 168 -32.92 -9.96 19.10
CA SER A 168 -31.97 -9.28 19.97
C SER A 168 -32.07 -7.77 19.84
N ARG A 169 -32.19 -7.29 18.59
CA ARG A 169 -32.38 -5.86 18.36
C ARG A 169 -33.70 -5.36 18.92
N LEU A 170 -34.74 -6.20 18.85
CA LEU A 170 -36.06 -5.81 19.36
C LEU A 170 -36.06 -5.68 20.88
N ILE A 171 -35.46 -6.63 21.57
CA ILE A 171 -35.43 -6.52 23.03
C ILE A 171 -34.46 -5.43 23.46
N TYR A 172 -33.45 -5.12 22.63
CA TYR A 172 -32.61 -3.95 22.90
C TYR A 172 -33.40 -2.65 22.80
N ILE A 173 -34.28 -2.55 21.80
CA ILE A 173 -35.17 -1.40 21.66
C ILE A 173 -36.12 -1.31 22.86
N ALA A 174 -36.66 -2.45 23.28
CA ALA A 174 -37.58 -2.47 24.41
C ALA A 174 -36.90 -2.06 25.70
N GLN A 175 -35.61 -2.36 25.84
CA GLN A 175 -34.91 -1.90 27.02
C GLN A 175 -34.54 -0.43 26.93
N SER A 176 -34.26 0.07 25.73
CA SER A 176 -33.88 1.47 25.58
C SER A 176 -35.08 2.40 25.82
N LYS A 177 -36.24 2.06 25.25
CA LYS A 177 -37.42 2.89 25.49
C LYS A 177 -38.03 2.62 26.84
N GLY A 178 -38.13 1.35 27.22
CA GLY A 178 -38.83 0.96 28.44
C GLY A 178 -40.20 0.46 28.07
N ALA A 179 -40.40 -0.86 28.03
CA ALA A 179 -41.60 -1.40 27.40
C ALA A 179 -42.03 -2.67 28.12
N TRP A 180 -43.18 -3.17 27.72
CA TRP A 180 -43.68 -4.47 28.13
C TRP A 180 -43.67 -5.40 26.92
N ILE A 181 -43.54 -6.70 27.20
CA ILE A 181 -43.58 -7.72 26.17
C ILE A 181 -44.61 -8.75 26.61
N PHE A 182 -45.45 -9.20 25.69
CA PHE A 182 -46.51 -10.13 26.07
C PHE A 182 -46.37 -11.49 25.38
N THR A 183 -45.22 -12.13 25.49
CA THR A 183 -45.04 -13.43 24.83
C THR A 183 -45.83 -14.52 25.53
N GLY A 184 -45.96 -15.67 24.85
CA GLY A 184 -46.69 -16.79 25.42
C GLY A 184 -45.79 -17.62 26.32
N GLY A 185 -46.22 -17.80 27.57
CA GLY A 185 -45.36 -18.25 28.67
C GLY A 185 -44.85 -19.68 28.61
N THR A 186 -45.17 -20.46 27.59
CA THR A 186 -44.68 -21.83 27.50
C THR A 186 -43.18 -21.85 27.22
N HIS A 187 -42.46 -22.72 27.93
CA HIS A 187 -41.00 -22.78 27.81
C HIS A 187 -40.56 -23.25 26.44
N TYR A 188 -41.34 -24.12 25.79
CA TYR A 188 -40.96 -24.60 24.48
C TYR A 188 -41.23 -23.53 23.43
N GLY A 189 -40.37 -23.45 22.43
CA GLY A 189 -40.57 -22.56 21.30
C GLY A 189 -39.69 -21.33 21.32
N LEU A 190 -40.19 -20.29 20.65
CA LEU A 190 -39.47 -19.02 20.54
C LEU A 190 -39.44 -18.26 21.86
N MET A 191 -40.41 -18.53 22.74
CA MET A 191 -40.47 -17.87 24.03
C MET A 191 -39.25 -18.16 24.89
N LYS A 192 -38.65 -19.35 24.71
CA LYS A 192 -37.37 -19.64 25.34
C LYS A 192 -36.29 -18.68 24.87
N TYR A 193 -36.29 -18.35 23.57
CA TYR A 193 -35.26 -17.46 23.07
C TYR A 193 -35.49 -16.03 23.53
N ILE A 194 -36.76 -15.60 23.64
CA ILE A 194 -37.05 -14.29 24.21
C ILE A 194 -36.61 -14.22 25.68
N GLY A 195 -36.87 -15.28 26.44
CA GLY A 195 -36.41 -15.32 27.83
C GLY A 195 -34.90 -15.29 27.94
N GLU A 196 -34.20 -15.96 27.02
CA GLU A 196 -32.75 -15.94 27.02
C GLU A 196 -32.21 -14.54 26.72
N VAL A 197 -32.80 -13.85 25.75
CA VAL A 197 -32.30 -12.51 25.40
C VAL A 197 -32.65 -11.50 26.51
N VAL A 198 -33.79 -11.66 27.18
CA VAL A 198 -34.13 -10.80 28.30
C VAL A 198 -33.15 -11.00 29.45
N ARG A 199 -32.79 -12.26 29.73
CA ARG A 199 -31.79 -12.54 30.75
C ARG A 199 -30.43 -11.96 30.37
N ASP A 200 -30.10 -12.01 29.08
CA ASP A 200 -28.83 -11.48 28.59
C ASP A 200 -28.76 -9.96 28.74
N ASN A 201 -29.84 -9.27 28.41
CA ASN A 201 -29.84 -7.82 28.56
C ASN A 201 -29.90 -7.39 30.02
N THR A 202 -30.48 -8.21 30.89
CA THR A 202 -30.41 -7.87 32.31
C THR A 202 -29.01 -8.05 32.88
N ILE A 203 -28.29 -9.07 32.43
CA ILE A 203 -26.93 -9.21 32.97
C ILE A 203 -25.95 -8.26 32.31
N SER A 204 -26.19 -7.86 31.05
CA SER A 204 -25.21 -7.04 30.34
C SER A 204 -25.29 -5.57 30.78
N ARG A 205 -26.40 -4.91 30.47
CA ARG A 205 -26.59 -3.50 30.79
C ARG A 205 -27.43 -3.39 32.06
N SER A 206 -26.91 -2.65 33.05
CA SER A 206 -27.52 -2.58 34.37
C SER A 206 -28.74 -1.66 34.34
N SER A 207 -29.83 -2.19 33.80
CA SER A 207 -31.12 -1.53 33.79
C SER A 207 -32.19 -2.56 34.09
N GLU A 208 -33.45 -2.14 33.99
CA GLU A 208 -34.56 -3.04 34.28
C GLU A 208 -35.64 -2.87 33.23
N GLU A 209 -36.14 -3.99 32.72
CA GLU A 209 -37.34 -4.03 31.88
C GLU A 209 -37.92 -5.42 31.95
N ASN A 210 -39.23 -5.51 31.79
CA ASN A 210 -40.00 -6.69 32.17
C ASN A 210 -40.63 -7.35 30.96
N VAL A 211 -41.00 -8.62 31.14
CA VAL A 211 -41.73 -9.36 30.12
C VAL A 211 -42.89 -10.07 30.81
N VAL A 212 -44.06 -9.43 30.79
CA VAL A 212 -45.26 -9.99 31.39
C VAL A 212 -45.79 -11.05 30.42
N ALA A 213 -45.54 -12.31 30.70
CA ALA A 213 -45.98 -13.38 29.82
C ALA A 213 -47.29 -13.96 30.33
N ILE A 214 -48.06 -14.55 29.42
CA ILE A 214 -49.25 -15.29 29.80
C ILE A 214 -49.23 -16.63 29.10
N LYS A 248 -53.71 -21.78 39.20
CA LYS A 248 -53.11 -22.67 38.22
C LYS A 248 -54.00 -22.80 36.99
N ARG A 249 -53.41 -22.71 35.81
CA ARG A 249 -54.14 -22.81 34.56
C ARG A 249 -54.32 -24.27 34.16
N ASP A 250 -55.43 -24.55 33.49
CA ASP A 250 -55.84 -25.93 33.21
C ASP A 250 -54.87 -26.73 32.34
N PRO A 251 -54.22 -26.19 31.31
CA PRO A 251 -53.04 -26.86 30.79
C PRO A 251 -51.77 -26.29 31.41
N LEU A 252 -50.70 -27.08 31.30
CA LEU A 252 -49.36 -26.58 31.60
C LEU A 252 -48.40 -27.46 30.79
N TYR A 253 -47.91 -26.94 29.67
CA TYR A 253 -46.86 -27.61 28.92
C TYR A 253 -45.59 -27.65 29.76
N CYS A 254 -44.95 -26.49 29.87
CA CYS A 254 -43.79 -26.23 30.71
C CYS A 254 -43.56 -24.73 30.79
N LEU A 255 -43.32 -24.21 31.98
CA LEU A 255 -43.21 -22.77 32.20
C LEU A 255 -41.76 -22.35 32.04
N ASP A 256 -41.50 -21.39 31.16
CA ASP A 256 -40.19 -20.77 31.09
C ASP A 256 -39.91 -20.01 32.38
N ASN A 257 -38.92 -20.45 33.15
CA ASN A 257 -38.54 -19.73 34.35
C ASN A 257 -37.50 -18.67 34.03
N ASN A 258 -37.81 -17.80 33.07
CA ASN A 258 -36.99 -16.64 32.77
C ASN A 258 -37.82 -15.38 32.56
N HIS A 259 -39.13 -15.49 32.43
CA HIS A 259 -40.00 -14.32 32.35
C HIS A 259 -40.20 -13.71 33.73
N THR A 260 -40.16 -12.38 33.77
CA THR A 260 -40.19 -11.66 35.05
C THR A 260 -41.55 -11.75 35.71
N HIS A 261 -42.61 -11.86 34.93
CA HIS A 261 -43.96 -11.94 35.47
C HIS A 261 -44.77 -12.85 34.57
N LEU A 262 -45.38 -13.88 35.12
CA LEU A 262 -46.27 -14.71 34.33
C LEU A 262 -47.58 -14.86 35.08
N LEU A 263 -48.69 -14.57 34.40
CA LEU A 263 -50.01 -14.52 35.00
C LEU A 263 -50.93 -15.42 34.21
N LEU A 264 -51.52 -16.41 34.88
CA LEU A 264 -52.41 -17.36 34.23
C LEU A 264 -53.77 -17.36 34.94
N VAL A 265 -54.82 -17.56 34.16
CA VAL A 265 -56.17 -17.55 34.67
C VAL A 265 -56.69 -18.98 34.87
N THR A 274 -57.00 -23.03 25.23
CA THR A 274 -56.76 -21.64 24.86
C THR A 274 -57.85 -20.74 25.43
N ILE A 275 -57.75 -20.45 26.73
CA ILE A 275 -58.78 -19.67 27.43
C ILE A 275 -58.29 -18.29 27.85
N GLU A 276 -57.00 -18.02 27.81
CA GLU A 276 -56.47 -16.74 28.27
C GLU A 276 -56.47 -15.66 27.19
N ALA A 277 -56.81 -16.03 25.94
CA ALA A 277 -56.81 -15.06 24.85
C ALA A 277 -57.86 -13.98 25.05
N LYS A 278 -58.94 -14.31 25.77
CA LYS A 278 -59.98 -13.35 26.10
C LYS A 278 -59.42 -12.20 26.94
N VAL A 279 -58.78 -12.51 28.08
CA VAL A 279 -58.25 -11.45 28.91
C VAL A 279 -57.01 -10.83 28.29
N ARG A 280 -56.32 -11.56 27.39
CA ARG A 280 -55.21 -10.98 26.63
C ARG A 280 -55.69 -9.83 25.76
N THR A 281 -56.69 -10.09 24.92
CA THR A 281 -57.21 -9.03 24.05
C THR A 281 -57.96 -7.97 24.84
N GLN A 282 -58.57 -8.33 25.97
CA GLN A 282 -59.20 -7.32 26.83
C GLN A 282 -58.16 -6.38 27.42
N LEU A 283 -57.00 -6.91 27.81
CA LEU A 283 -55.96 -6.05 28.37
C LEU A 283 -55.35 -5.16 27.31
N GLU A 284 -55.18 -5.68 26.09
CA GLU A 284 -54.70 -4.85 24.98
C GLU A 284 -55.67 -3.73 24.65
N LYS A 285 -56.96 -4.04 24.56
CA LYS A 285 -57.96 -3.03 24.27
C LYS A 285 -58.11 -2.05 25.43
N TYR A 286 -57.81 -2.47 26.66
CA TYR A 286 -57.83 -1.53 27.78
C TYR A 286 -56.65 -0.56 27.72
N ILE A 287 -55.45 -1.06 27.43
CA ILE A 287 -54.31 -0.16 27.41
C ILE A 287 -54.35 0.75 26.18
N SER A 288 -55.04 0.32 25.11
CA SER A 288 -55.34 1.22 24.00
C SER A 288 -56.14 2.43 24.47
N GLU A 289 -57.23 2.19 25.19
CA GLU A 289 -58.11 3.25 25.67
C GLU A 289 -57.59 3.95 26.92
N ARG A 290 -56.39 3.62 27.40
CA ARG A 290 -55.79 4.32 28.53
C ARG A 290 -55.49 5.76 28.13
N VAL A 291 -55.53 6.65 29.12
CA VAL A 291 -55.27 8.07 28.93
C VAL A 291 -54.11 8.47 29.82
N ILE A 292 -53.21 9.29 29.28
CA ILE A 292 -52.07 9.84 30.01
C ILE A 292 -51.91 11.31 29.62
N PRO A 293 -51.83 12.23 30.59
CA PRO A 293 -51.67 13.66 30.24
C PRO A 293 -50.33 13.99 29.60
N GLU A 294 -49.23 13.50 30.18
CA GLU A 294 -47.88 13.87 29.74
C GLU A 294 -47.34 12.79 28.82
N SER A 295 -47.77 12.83 27.56
CA SER A 295 -47.35 11.85 26.58
C SER A 295 -47.10 12.54 25.24
N ASN A 296 -46.00 12.18 24.59
CA ASN A 296 -45.67 12.73 23.27
C ASN A 296 -46.37 11.98 22.14
N TYR A 297 -47.08 10.89 22.44
CA TYR A 297 -47.82 10.16 21.42
C TYR A 297 -49.22 10.72 21.23
N GLY A 298 -49.69 11.57 22.12
CA GLY A 298 -51.00 12.16 21.93
C GLY A 298 -51.99 11.73 22.99
N GLY A 299 -51.48 11.43 24.18
CA GLY A 299 -52.31 11.05 25.28
C GLY A 299 -52.45 9.57 25.51
N LYS A 300 -51.93 8.74 24.62
CA LYS A 300 -52.12 7.30 24.69
C LYS A 300 -50.77 6.60 24.81
N ILE A 301 -50.84 5.27 24.83
CA ILE A 301 -49.66 4.41 24.92
C ILE A 301 -49.57 3.63 23.63
N PRO A 302 -48.43 3.60 22.95
CA PRO A 302 -48.34 2.87 21.69
C PRO A 302 -48.30 1.37 21.89
N ILE A 303 -48.97 0.65 20.98
CA ILE A 303 -49.12 -0.80 21.04
C ILE A 303 -48.86 -1.35 19.66
N VAL A 304 -47.96 -2.32 19.53
CA VAL A 304 -47.55 -2.86 18.25
C VAL A 304 -47.66 -4.38 18.31
N CYS A 305 -48.59 -4.95 17.54
CA CYS A 305 -48.64 -6.40 17.39
C CYS A 305 -47.56 -6.87 16.44
N PHE A 306 -46.98 -8.02 16.74
CA PHE A 306 -45.78 -8.47 16.07
C PHE A 306 -45.99 -9.91 15.65
N ALA A 307 -45.54 -10.27 14.44
CA ALA A 307 -45.82 -11.59 13.89
C ALA A 307 -44.62 -12.12 13.13
N GLN A 308 -43.92 -13.08 13.72
CA GLN A 308 -42.88 -13.84 13.05
C GLN A 308 -43.14 -15.33 13.00
N GLY A 309 -44.07 -15.84 13.80
CA GLY A 309 -44.37 -17.25 13.78
C GLY A 309 -45.17 -17.66 12.56
N GLY A 310 -46.44 -17.28 12.51
CA GLY A 310 -47.29 -17.63 11.39
C GLY A 310 -48.05 -18.93 11.54
N GLY A 311 -48.74 -19.10 12.67
CA GLY A 311 -49.58 -20.25 12.88
C GLY A 311 -51.05 -19.94 12.60
N LYS A 312 -51.88 -20.92 12.93
CA LYS A 312 -53.33 -20.72 12.82
C LYS A 312 -53.82 -19.75 13.89
N GLU A 313 -53.37 -19.93 15.13
CA GLU A 313 -53.82 -19.05 16.22
C GLU A 313 -53.27 -17.64 16.06
N THR A 314 -52.08 -17.49 15.46
CA THR A 314 -51.52 -16.18 15.20
C THR A 314 -52.40 -15.41 14.20
N LEU A 315 -52.85 -16.08 13.15
CA LEU A 315 -53.75 -15.46 12.19
C LEU A 315 -55.14 -15.26 12.79
N LYS A 316 -55.50 -16.07 13.79
CA LYS A 316 -56.74 -15.80 14.50
C LYS A 316 -56.63 -14.56 15.36
N SER A 317 -55.43 -14.26 15.87
CA SER A 317 -55.24 -13.10 16.73
C SER A 317 -55.02 -11.80 15.97
N ILE A 318 -54.45 -11.87 14.76
CA ILE A 318 -54.22 -10.68 13.95
C ILE A 318 -55.53 -10.01 13.56
N ASN A 319 -56.54 -10.81 13.18
CA ASN A 319 -57.85 -10.26 12.84
C ASN A 319 -58.51 -9.59 14.05
N VAL A 320 -58.31 -10.17 15.24
CA VAL A 320 -58.83 -9.57 16.47
C VAL A 320 -58.14 -8.24 16.74
N ALA A 321 -56.82 -8.19 16.55
CA ALA A 321 -56.05 -6.98 16.83
C ALA A 321 -56.42 -5.85 15.87
N ILE A 322 -56.42 -6.13 14.56
CA ILE A 322 -56.76 -5.11 13.57
C ILE A 322 -58.22 -4.71 13.69
N LYS A 323 -59.08 -5.63 14.13
CA LYS A 323 -60.46 -5.26 14.46
C LYS A 323 -60.51 -4.27 15.61
N SER A 324 -59.57 -4.35 16.54
CA SER A 324 -59.50 -3.40 17.64
C SER A 324 -58.61 -2.20 17.33
N LYS A 325 -58.21 -2.03 16.06
CA LYS A 325 -57.45 -0.88 15.55
C LYS A 325 -56.09 -0.73 16.24
N ILE A 326 -55.26 -1.76 16.09
CA ILE A 326 -53.90 -1.79 16.63
C ILE A 326 -52.97 -2.16 15.48
N PRO A 327 -51.88 -1.43 15.27
CA PRO A 327 -51.00 -1.71 14.13
C PRO A 327 -50.26 -3.04 14.29
N CYS A 328 -49.84 -3.60 13.17
CA CYS A 328 -49.21 -4.91 13.16
C CYS A 328 -48.01 -4.91 12.25
N VAL A 329 -47.03 -5.73 12.59
CA VAL A 329 -45.80 -5.88 11.83
C VAL A 329 -45.61 -7.36 11.54
N VAL A 330 -45.26 -7.69 10.30
CA VAL A 330 -45.15 -9.07 9.84
C VAL A 330 -43.75 -9.26 9.27
N VAL A 331 -43.06 -10.31 9.71
CA VAL A 331 -41.70 -10.58 9.25
C VAL A 331 -41.79 -11.49 8.03
N GLU A 332 -41.44 -10.95 6.86
CA GLU A 332 -41.33 -11.77 5.67
C GLU A 332 -39.98 -12.48 5.64
N GLY A 333 -40.00 -13.74 5.23
CA GLY A 333 -38.87 -14.63 5.39
C GLY A 333 -39.05 -15.67 6.48
N SER A 334 -40.22 -15.71 7.11
CA SER A 334 -40.49 -16.68 8.16
C SER A 334 -40.82 -18.06 7.60
N GLY A 335 -41.46 -18.11 6.44
CA GLY A 335 -41.80 -19.38 5.85
C GLY A 335 -43.10 -19.99 6.30
N ARG A 336 -44.02 -19.17 6.81
CA ARG A 336 -45.31 -19.66 7.28
C ARG A 336 -46.42 -18.75 6.77
N ILE A 337 -47.61 -18.83 7.37
CA ILE A 337 -48.76 -18.05 6.92
C ILE A 337 -48.57 -16.56 7.18
N ALA A 338 -47.64 -16.20 8.06
CA ALA A 338 -47.17 -14.81 8.15
C ALA A 338 -46.59 -14.35 6.82
N ASP A 339 -45.78 -15.18 6.20
CA ASP A 339 -45.24 -14.83 4.89
C ASP A 339 -46.32 -14.88 3.81
N VAL A 340 -47.40 -15.63 4.05
CA VAL A 340 -48.54 -15.60 3.12
C VAL A 340 -49.25 -14.26 3.20
N ILE A 341 -49.45 -13.74 4.42
CA ILE A 341 -50.06 -12.41 4.56
C ILE A 341 -49.12 -11.34 4.02
N ALA A 342 -47.81 -11.55 4.12
CA ALA A 342 -46.86 -10.62 3.53
C ALA A 342 -46.92 -10.64 2.00
N SER A 343 -47.03 -11.84 1.41
CA SER A 343 -47.02 -11.96 -0.04
C SER A 343 -48.33 -11.52 -0.67
N LEU A 344 -49.46 -11.72 0.03
CA LEU A 344 -50.74 -11.30 -0.53
C LEU A 344 -50.89 -9.78 -0.55
N VAL A 345 -50.20 -9.06 0.33
CA VAL A 345 -50.27 -7.61 0.35
C VAL A 345 -49.45 -7.02 -0.79
N SER A 353 -59.94 -14.52 -2.58
CA SER A 353 -60.59 -15.76 -2.99
C SER A 353 -59.73 -16.51 -4.00
N SER A 354 -59.35 -15.81 -5.08
CA SER A 354 -58.70 -16.47 -6.21
C SER A 354 -57.29 -16.93 -5.87
N CYS A 355 -56.37 -15.97 -5.66
CA CYS A 355 -54.96 -16.31 -5.49
C CYS A 355 -54.64 -16.82 -4.09
N VAL A 356 -55.54 -16.56 -3.14
CA VAL A 356 -55.31 -16.94 -1.77
C VAL A 356 -55.11 -18.43 -1.57
N LYS A 357 -55.87 -19.27 -2.25
CA LYS A 357 -55.67 -20.70 -2.09
C LYS A 357 -54.30 -21.14 -2.59
N GLU A 358 -53.91 -20.64 -3.76
CA GLU A 358 -52.62 -20.99 -4.36
C GLU A 358 -51.49 -20.47 -3.49
N SER A 359 -51.66 -19.25 -3.00
CA SER A 359 -50.67 -18.63 -2.14
C SER A 359 -50.52 -19.42 -0.85
N LEU A 360 -51.63 -19.87 -0.30
CA LEU A 360 -51.62 -20.66 0.92
C LEU A 360 -50.87 -21.95 0.69
N LEU A 361 -51.12 -22.58 -0.45
CA LEU A 361 -50.45 -23.83 -0.77
C LEU A 361 -48.95 -23.60 -0.87
N ARG A 362 -48.53 -22.50 -1.51
CA ARG A 362 -47.11 -22.23 -1.62
C ARG A 362 -46.51 -22.00 -0.23
N PHE A 363 -47.22 -21.23 0.58
CA PHE A 363 -46.79 -20.90 1.95
C PHE A 363 -46.75 -22.10 2.88
N LEU A 364 -47.75 -22.97 2.78
CA LEU A 364 -47.82 -24.14 3.65
C LEU A 364 -48.61 -25.23 2.96
N PRO A 365 -47.95 -26.16 2.26
CA PRO A 365 -48.69 -27.23 1.57
C PRO A 365 -49.19 -28.30 2.53
N ARG A 366 -48.50 -28.47 3.66
CA ARG A 366 -48.86 -29.53 4.60
C ARG A 366 -50.14 -29.20 5.36
N THR A 367 -50.25 -27.97 5.84
CA THR A 367 -51.35 -27.61 6.74
C THR A 367 -52.69 -27.54 6.01
N ILE A 368 -52.68 -27.24 4.71
CA ILE A 368 -53.92 -27.13 3.96
C ILE A 368 -54.56 -28.49 3.74
N SER A 369 -53.74 -29.54 3.63
CA SER A 369 -54.24 -30.88 3.34
C SER A 369 -55.08 -31.43 4.49
N ARG A 370 -54.62 -31.26 5.73
CA ARG A 370 -55.39 -31.70 6.88
C ARG A 370 -56.62 -30.84 7.14
N LEU A 371 -56.65 -29.61 6.61
CA LEU A 371 -57.78 -28.73 6.82
C LEU A 371 -58.96 -29.13 5.93
N SER A 372 -60.17 -28.97 6.47
CA SER A 372 -61.39 -29.32 5.78
C SER A 372 -61.91 -28.11 4.99
N GLU A 373 -63.08 -28.29 4.36
CA GLU A 373 -63.68 -27.22 3.57
C GLU A 373 -64.18 -26.09 4.44
N GLU A 374 -64.72 -26.42 5.62
CA GLU A 374 -65.10 -25.40 6.59
C GLU A 374 -63.88 -24.62 7.08
N GLU A 375 -62.75 -25.31 7.25
CA GLU A 375 -61.52 -24.66 7.67
C GLU A 375 -60.99 -23.74 6.57
N THR A 376 -61.08 -24.16 5.30
CA THR A 376 -60.64 -23.33 4.20
C THR A 376 -61.54 -22.11 4.05
N GLU A 377 -62.85 -22.28 4.24
CA GLU A 377 -63.77 -21.14 4.18
C GLU A 377 -63.51 -20.15 5.31
N SER A 378 -63.28 -20.66 6.53
CA SER A 378 -62.94 -19.80 7.66
C SER A 378 -61.64 -19.04 7.45
N TRP A 379 -60.62 -19.71 6.89
CA TRP A 379 -59.35 -19.04 6.71
C TRP A 379 -59.41 -18.00 5.60
N ILE A 380 -60.12 -18.28 4.50
CA ILE A 380 -60.22 -17.27 3.45
C ILE A 380 -61.07 -16.10 3.92
N LYS A 381 -62.09 -16.35 4.74
CA LYS A 381 -62.87 -15.25 5.32
C LYS A 381 -62.02 -14.40 6.26
N TRP A 382 -61.17 -15.04 7.08
CA TRP A 382 -60.33 -14.29 8.01
C TRP A 382 -59.23 -13.51 7.29
N ILE A 383 -58.60 -14.11 6.28
CA ILE A 383 -57.56 -13.40 5.52
C ILE A 383 -58.17 -12.25 4.73
N LYS A 384 -59.40 -12.41 4.24
CA LYS A 384 -60.08 -11.28 3.61
C LYS A 384 -60.43 -10.20 4.63
N GLU A 385 -60.77 -10.60 5.86
CA GLU A 385 -61.10 -9.62 6.89
C GLU A 385 -59.86 -8.83 7.32
N VAL A 386 -58.69 -9.47 7.30
CA VAL A 386 -57.46 -8.80 7.72
C VAL A 386 -57.08 -7.70 6.73
N LEU A 387 -57.01 -8.04 5.45
CA LEU A 387 -56.45 -7.16 4.44
C LEU A 387 -57.45 -6.08 3.94
N GLU A 388 -58.50 -5.81 4.71
CA GLU A 388 -59.48 -4.80 4.32
C GLU A 388 -58.88 -3.39 4.39
N SER A 389 -58.17 -3.08 5.47
CA SER A 389 -57.50 -1.79 5.61
C SER A 389 -56.00 -2.00 5.64
N PRO A 390 -55.30 -1.84 4.50
CA PRO A 390 -53.86 -2.10 4.48
C PRO A 390 -53.02 -1.02 5.10
N HIS A 391 -53.60 0.06 5.61
CA HIS A 391 -52.78 1.11 6.21
C HIS A 391 -52.25 0.72 7.57
N LEU A 392 -52.86 -0.25 8.24
CA LEU A 392 -52.38 -0.62 9.57
C LEU A 392 -51.16 -1.54 9.50
N LEU A 393 -51.26 -2.65 8.77
CA LEU A 393 -50.19 -3.62 8.82
C LEU A 393 -48.97 -3.15 8.05
N THR A 394 -47.83 -3.70 8.42
CA THR A 394 -46.53 -3.31 7.88
C THR A 394 -45.69 -4.58 7.76
N VAL A 395 -44.74 -4.59 6.81
CA VAL A 395 -43.99 -5.79 6.48
C VAL A 395 -42.50 -5.48 6.53
N ILE A 396 -41.75 -6.34 7.21
CA ILE A 396 -40.29 -6.31 7.16
C ILE A 396 -39.87 -7.25 6.03
N LYS A 397 -39.19 -6.72 5.03
CA LYS A 397 -38.90 -7.48 3.83
C LYS A 397 -37.47 -8.00 3.84
N ILE A 398 -37.27 -9.14 3.17
CA ILE A 398 -35.98 -9.81 3.11
C ILE A 398 -35.00 -9.10 2.18
N GLU A 399 -35.50 -8.23 1.30
CA GLU A 399 -34.64 -7.56 0.33
C GLU A 399 -33.68 -6.59 0.99
N GLU A 400 -34.21 -5.71 1.84
CA GLU A 400 -33.41 -4.72 2.56
C GLU A 400 -33.10 -5.26 3.94
N ALA A 401 -31.82 -5.43 4.24
CA ALA A 401 -31.36 -5.93 5.52
C ALA A 401 -30.36 -4.95 6.12
N GLY A 402 -30.47 -4.73 7.43
CA GLY A 402 -29.59 -3.80 8.11
C GLY A 402 -29.82 -3.87 9.60
N ASP A 403 -28.95 -3.17 10.33
CA ASP A 403 -29.09 -3.12 11.79
C ASP A 403 -30.30 -2.28 12.20
N GLU A 404 -30.72 -1.33 11.36
CA GLU A 404 -31.76 -0.37 11.71
C GLU A 404 -33.08 -0.67 11.03
N ILE A 405 -33.48 -1.94 10.94
CA ILE A 405 -34.74 -2.28 10.27
C ILE A 405 -35.90 -2.40 11.26
N VAL A 406 -35.62 -2.84 12.49
CA VAL A 406 -36.70 -3.12 13.44
C VAL A 406 -37.30 -1.83 13.95
N SER A 407 -36.47 -0.88 14.39
CA SER A 407 -36.96 0.42 14.84
C SER A 407 -37.62 1.17 13.70
N ASN A 408 -37.07 1.03 12.49
CA ASN A 408 -37.66 1.65 11.31
C ASN A 408 -39.07 1.11 11.06
N ALA A 409 -39.24 -0.20 11.12
CA ALA A 409 -40.54 -0.80 10.84
C ALA A 409 -41.55 -0.46 11.93
N ILE A 410 -41.13 -0.53 13.20
CA ILE A 410 -42.05 -0.22 14.31
C ILE A 410 -42.49 1.23 14.26
N SER A 411 -41.55 2.15 14.06
CA SER A 411 -41.89 3.56 13.99
C SER A 411 -42.71 3.88 12.75
N PHE A 412 -42.49 3.16 11.65
CA PHE A 412 -43.25 3.45 10.44
C PHE A 412 -44.69 3.00 10.58
N ALA A 413 -44.92 1.83 11.19
CA ALA A 413 -46.29 1.37 11.47
C ALA A 413 -46.98 2.29 12.46
N LEU A 414 -46.24 2.73 13.47
CA LEU A 414 -46.81 3.58 14.50
C LEU A 414 -47.12 4.97 13.95
N TYR A 415 -46.32 5.44 13.00
CA TYR A 415 -46.58 6.72 12.35
C TYR A 415 -47.79 6.65 11.43
N LYS A 416 -47.93 5.55 10.67
CA LYS A 416 -49.14 5.35 9.87
C LYS A 416 -50.40 5.37 10.72
N ALA A 417 -50.38 4.62 11.83
CA ALA A 417 -51.55 4.57 12.70
C ALA A 417 -51.81 5.90 13.38
N PHE A 418 -50.77 6.70 13.62
CA PHE A 418 -50.99 8.02 14.18
C PHE A 418 -51.57 8.99 13.15
N SER A 419 -51.09 8.93 11.91
CA SER A 419 -51.47 9.94 10.93
C SER A 419 -52.80 9.65 10.27
N THR A 420 -53.25 8.39 10.23
CA THR A 420 -54.52 8.08 9.57
C THR A 420 -55.71 8.62 10.38
N ASN A 421 -55.57 8.74 11.70
CA ASN A 421 -56.67 9.18 12.56
C ASN A 421 -57.08 10.62 12.28
N GLU A 422 -56.17 11.43 11.76
CA GLU A 422 -56.37 12.80 11.25
C GLU A 422 -56.76 13.81 12.31
N HIS A 423 -56.79 13.42 13.60
CA HIS A 423 -57.04 14.40 14.65
C HIS A 423 -55.84 15.31 14.83
N ASP A 424 -54.63 14.79 14.58
CA ASP A 424 -53.41 15.56 14.63
C ASP A 424 -52.86 15.86 13.24
N ARG A 425 -53.70 15.82 12.20
CA ARG A 425 -53.27 16.22 10.86
C ARG A 425 -52.88 17.70 10.84
N ASP A 426 -53.70 18.55 11.46
CA ASP A 426 -53.31 19.94 11.66
C ASP A 426 -52.31 20.10 12.79
N ASN A 427 -52.15 19.10 13.65
CA ASN A 427 -51.18 19.16 14.75
C ASN A 427 -49.90 18.46 14.31
N TRP A 428 -49.10 19.18 13.52
CA TRP A 428 -47.83 18.67 13.04
C TRP A 428 -46.77 18.62 14.14
N ASN A 429 -47.04 19.26 15.29
CA ASN A 429 -46.10 19.24 16.40
C ASN A 429 -45.93 17.84 16.96
N GLY A 430 -47.02 17.08 17.08
CA GLY A 430 -46.93 15.75 17.66
C GLY A 430 -46.22 14.77 16.76
N GLN A 431 -46.44 14.88 15.44
CA GLN A 431 -45.75 14.02 14.49
C GLN A 431 -44.24 14.27 14.51
N LEU A 432 -43.84 15.51 14.75
CA LEU A 432 -42.41 15.81 14.80
C LEU A 432 -41.78 15.23 16.06
N LYS A 433 -42.46 15.30 17.20
CA LYS A 433 -41.93 14.67 18.41
C LYS A 433 -41.89 13.15 18.28
N LEU A 434 -42.88 12.57 17.59
CA LEU A 434 -42.87 11.14 17.35
C LEU A 434 -41.70 10.73 16.47
N LEU A 435 -41.48 11.43 15.36
CA LEU A 435 -40.33 11.16 14.51
C LEU A 435 -39.01 11.60 15.14
N LEU A 436 -39.04 12.31 16.25
CA LEU A 436 -37.83 12.61 16.98
C LEU A 436 -37.48 11.55 18.02
N GLU A 437 -38.48 10.89 18.62
CA GLU A 437 -38.18 9.82 19.58
C GLU A 437 -37.50 8.65 18.89
N TRP A 438 -38.16 8.02 17.95
CA TRP A 438 -37.49 7.09 17.06
C TRP A 438 -36.73 7.91 16.02
N ASN A 439 -35.42 7.74 15.97
CA ASN A 439 -34.57 8.58 15.13
C ASN A 439 -34.84 8.25 13.66
N GLN A 440 -35.58 9.10 12.97
CA GLN A 440 -35.83 8.96 11.54
C GLN A 440 -35.73 10.33 10.88
N LEU A 441 -34.65 10.54 10.14
CA LEU A 441 -34.43 11.83 9.49
C LEU A 441 -35.18 11.94 8.18
N ASP A 442 -35.14 10.87 7.37
CA ASP A 442 -35.61 10.94 5.99
C ASP A 442 -37.12 11.14 5.91
N LEU A 443 -37.87 10.39 6.70
CA LEU A 443 -39.32 10.52 6.69
C LEU A 443 -39.76 11.86 7.28
N ALA A 444 -38.99 12.38 8.24
CA ALA A 444 -39.28 13.69 8.79
C ALA A 444 -39.08 14.79 7.77
N SER A 445 -37.96 14.75 7.05
CA SER A 445 -37.70 15.80 6.06
C SER A 445 -38.55 15.65 4.82
N ASP A 446 -39.07 14.46 4.55
CA ASP A 446 -39.93 14.29 3.38
C ASP A 446 -41.39 14.60 3.70
N GLU A 447 -41.85 14.32 4.90
CA GLU A 447 -43.27 14.41 5.19
C GLU A 447 -43.67 15.72 5.87
N ILE A 448 -42.87 16.21 6.80
CA ILE A 448 -43.28 17.38 7.58
C ILE A 448 -42.74 18.67 6.99
N PHE A 449 -41.47 18.73 6.63
CA PHE A 449 -40.84 19.98 6.22
C PHE A 449 -40.93 20.25 4.73
N THR A 450 -42.03 19.89 4.08
CA THR A 450 -42.28 20.35 2.72
C THR A 450 -42.58 21.85 2.72
N ASN A 451 -42.43 22.45 1.54
CA ASN A 451 -42.44 23.91 1.40
C ASN A 451 -43.81 24.53 1.56
N ASP A 452 -44.87 23.74 1.71
CA ASP A 452 -46.22 24.28 1.82
C ASP A 452 -46.41 25.08 3.10
N ARG A 453 -46.28 24.41 4.25
CA ARG A 453 -46.56 25.04 5.53
C ARG A 453 -45.47 26.02 5.92
N ASN A 454 -45.71 26.73 7.02
CA ASN A 454 -44.76 27.71 7.52
C ASN A 454 -44.58 27.52 9.03
N TRP A 455 -43.49 28.06 9.54
CA TRP A 455 -43.08 27.90 10.93
C TRP A 455 -42.04 28.97 11.25
N GLU A 456 -41.95 29.33 12.53
CA GLU A 456 -40.98 30.28 13.02
C GLU A 456 -40.05 29.57 14.00
N SER A 457 -39.03 30.31 14.45
CA SER A 457 -38.07 29.75 15.39
C SER A 457 -38.70 29.41 16.74
N ALA A 458 -39.68 30.22 17.17
CA ALA A 458 -40.37 29.96 18.43
C ALA A 458 -41.21 28.69 18.36
N ASP A 459 -41.59 28.27 17.16
CA ASP A 459 -42.24 26.97 16.99
C ASP A 459 -41.26 25.82 17.11
N LEU A 460 -39.95 26.06 16.96
CA LEU A 460 -38.97 24.99 16.99
C LEU A 460 -38.10 24.97 18.23
N GLN A 461 -38.23 25.95 19.14
CA GLN A 461 -37.35 26.00 20.31
C GLN A 461 -37.51 24.78 21.22
N ASP A 462 -38.75 24.39 21.49
CA ASP A 462 -39.00 23.28 22.42
C ASP A 462 -38.56 21.94 21.85
N VAL A 463 -38.77 21.74 20.55
CA VAL A 463 -38.31 20.51 19.91
C VAL A 463 -36.80 20.50 19.78
N MET A 464 -36.19 21.67 19.56
CA MET A 464 -34.75 21.80 19.42
C MET A 464 -34.03 21.46 20.71
N PHE A 465 -34.61 21.85 21.85
CA PHE A 465 -33.98 21.54 23.12
C PHE A 465 -33.89 20.04 23.36
N THR A 466 -34.98 19.31 23.12
CA THR A 466 -34.95 17.87 23.33
C THR A 466 -34.14 17.16 22.25
N ALA A 467 -33.94 17.78 21.10
CA ALA A 467 -32.98 17.21 20.16
C ALA A 467 -31.56 17.39 20.65
N LEU A 468 -31.28 18.52 21.30
CA LEU A 468 -29.95 18.75 21.87
C LEU A 468 -29.64 17.81 23.01
N VAL A 469 -30.65 17.48 23.82
CA VAL A 469 -30.41 16.77 25.07
C VAL A 469 -29.92 15.34 24.83
N LYS A 470 -30.54 14.63 23.88
CA LYS A 470 -30.24 13.21 23.74
C LYS A 470 -29.80 12.84 22.32
N ASP A 471 -28.57 13.24 21.99
CA ASP A 471 -27.71 12.73 20.92
C ASP A 471 -28.42 12.51 19.58
N ARG A 472 -28.94 13.59 19.02
CA ARG A 472 -29.63 13.52 17.74
C ARG A 472 -29.02 14.59 16.86
N PRO A 473 -27.76 14.37 16.43
CA PRO A 473 -27.01 15.31 15.59
C PRO A 473 -27.64 15.50 14.22
N LYS A 474 -28.12 14.43 13.61
CA LYS A 474 -28.72 14.55 12.28
C LYS A 474 -29.95 15.44 12.31
N PHE A 475 -30.75 15.30 13.34
CA PHE A 475 -31.96 16.12 13.48
C PHE A 475 -31.64 17.60 13.65
N VAL A 476 -30.61 17.91 14.43
CA VAL A 476 -30.26 19.30 14.68
C VAL A 476 -29.83 19.99 13.40
N ARG A 477 -29.12 19.26 12.53
CA ARG A 477 -28.82 19.73 11.18
C ARG A 477 -30.08 20.13 10.44
N LEU A 478 -31.13 19.31 10.55
CA LEU A 478 -32.40 19.60 9.90
C LEU A 478 -33.00 20.92 10.37
N PHE A 479 -32.94 21.19 11.67
CA PHE A 479 -33.55 22.41 12.20
C PHE A 479 -32.73 23.63 11.83
N LEU A 480 -31.39 23.52 11.93
CA LEU A 480 -30.54 24.64 11.59
C LEU A 480 -30.57 24.97 10.10
N GLU A 481 -30.81 23.97 9.25
CA GLU A 481 -31.11 24.28 7.86
C GLU A 481 -32.45 24.99 7.73
N ASN A 482 -33.52 24.39 8.23
CA ASN A 482 -34.86 24.89 7.95
C ASN A 482 -35.23 26.13 8.75
N GLY A 483 -34.31 26.70 9.52
CA GLY A 483 -34.48 28.08 9.94
C GLY A 483 -34.61 28.30 11.43
N LEU A 484 -33.49 28.65 12.06
CA LEU A 484 -33.44 28.76 13.51
C LEU A 484 -32.23 29.61 13.89
N ASN A 485 -32.48 30.76 14.51
CA ASN A 485 -31.40 31.60 15.00
C ASN A 485 -30.81 30.93 16.22
N LEU A 486 -29.66 30.30 16.05
CA LEU A 486 -29.06 29.60 17.17
C LEU A 486 -28.49 30.55 18.20
N ARG A 487 -28.16 31.77 17.82
CA ARG A 487 -27.66 32.71 18.82
C ARG A 487 -28.80 33.30 19.63
N LYS A 488 -29.96 33.52 19.00
CA LYS A 488 -31.13 33.98 19.73
C LYS A 488 -31.73 32.90 20.61
N PHE A 489 -31.49 31.63 20.30
CA PHE A 489 -32.03 30.53 21.09
C PHE A 489 -31.31 30.39 22.42
N LEU A 490 -29.98 30.38 22.40
CA LEU A 490 -29.18 30.16 23.61
C LEU A 490 -29.25 31.39 24.51
N THR A 491 -30.08 31.30 25.53
CA THR A 491 -30.22 32.34 26.54
C THR A 491 -29.45 31.87 27.77
N THR A 492 -29.10 32.78 28.67
CA THR A 492 -28.34 32.38 29.85
C THR A 492 -29.10 31.35 30.68
N GLU A 493 -30.41 31.53 30.85
CA GLU A 493 -31.18 30.60 31.62
C GLU A 493 -31.14 29.22 30.96
N VAL A 494 -31.27 29.18 29.65
CA VAL A 494 -31.23 27.90 28.95
C VAL A 494 -29.88 27.24 29.15
N LEU A 495 -28.80 27.99 29.05
CA LEU A 495 -27.48 27.40 29.23
C LEU A 495 -27.33 26.85 30.63
N ARG A 496 -27.80 27.59 31.62
CA ARG A 496 -27.67 27.13 32.99
C ARG A 496 -28.43 25.84 33.18
N GLU A 497 -29.65 25.79 32.65
CA GLU A 497 -30.46 24.61 32.81
C GLU A 497 -29.80 23.43 32.15
N LEU A 498 -29.28 23.64 30.95
CA LEU A 498 -28.66 22.57 30.22
C LEU A 498 -27.49 22.02 30.99
N TYR A 499 -26.60 22.87 31.49
CA TYR A 499 -25.45 22.35 32.21
C TYR A 499 -25.87 21.60 33.46
N THR A 500 -26.75 22.23 34.22
CA THR A 500 -27.14 21.66 35.49
C THR A 500 -27.82 20.32 35.36
N ASN A 501 -28.66 20.15 34.35
CA ASN A 501 -29.36 18.88 34.31
C ASN A 501 -28.87 17.89 33.29
N ASN A 502 -27.89 18.28 32.48
CA ASN A 502 -27.44 17.39 31.42
C ASN A 502 -25.96 17.21 31.35
N PHE A 503 -25.30 17.33 32.49
CA PHE A 503 -23.84 17.25 32.46
C PHE A 503 -23.48 16.13 33.42
N SER A 504 -23.08 14.99 32.87
CA SER A 504 -22.98 13.75 33.62
C SER A 504 -21.89 13.81 34.68
N SER A 505 -22.18 13.20 35.84
CA SER A 505 -21.35 13.39 37.02
C SER A 505 -20.00 12.71 36.90
N LEU A 506 -19.90 11.69 36.07
CA LEU A 506 -18.60 11.08 35.79
C LEU A 506 -17.67 12.07 35.11
N VAL A 507 -18.19 12.79 34.11
CA VAL A 507 -17.42 13.82 33.41
C VAL A 507 -17.04 14.96 34.35
N PHE A 508 -17.92 15.32 35.28
CA PHE A 508 -17.61 16.43 36.18
C PHE A 508 -16.54 16.04 37.19
N LYS A 509 -16.61 14.81 37.72
CA LYS A 509 -15.56 14.34 38.63
C LYS A 509 -14.23 14.22 37.90
N ASN A 510 -14.29 13.78 36.65
CA ASN A 510 -13.08 13.61 35.87
C ASN A 510 -12.46 14.97 35.52
N LEU A 511 -13.31 15.97 35.29
CA LEU A 511 -12.83 17.34 35.07
C LEU A 511 -12.23 17.93 36.33
N GLN A 512 -12.82 17.62 37.49
CA GLN A 512 -12.26 18.04 38.77
C GLN A 512 -10.84 17.49 38.96
N ILE A 513 -10.64 16.22 38.61
CA ILE A 513 -9.30 15.63 38.70
C ILE A 513 -8.35 16.30 37.72
N ALA A 514 -8.82 16.56 36.49
CA ALA A 514 -7.97 17.17 35.48
C ALA A 514 -7.58 18.59 35.84
N LYS A 515 -8.43 19.32 36.56
CA LYS A 515 -8.04 20.66 36.97
C LYS A 515 -7.10 20.61 38.15
N ASN A 516 -7.28 19.69 39.08
CA ASN A 516 -6.41 19.73 40.25
C ASN A 516 -5.02 19.16 39.97
N SER A 517 -4.91 18.15 39.11
CA SER A 517 -3.60 17.55 38.95
C SER A 517 -2.85 18.04 37.71
N TYR A 518 -3.51 18.12 36.56
CA TYR A 518 -2.84 18.50 35.32
C TYR A 518 -3.30 19.90 34.93
N ASN A 519 -2.68 20.91 35.51
CA ASN A 519 -3.24 22.26 35.48
C ASN A 519 -2.63 23.08 34.36
N ASP A 520 -3.44 23.97 33.80
CA ASP A 520 -3.04 24.85 32.71
C ASP A 520 -3.86 26.12 32.78
N ALA A 521 -3.72 26.97 31.77
CA ALA A 521 -4.42 28.26 31.77
C ALA A 521 -5.85 28.11 31.25
N LEU A 522 -5.99 27.56 30.05
CA LEU A 522 -7.30 27.39 29.43
C LEU A 522 -8.19 26.46 30.23
N LEU A 523 -7.60 25.44 30.85
CA LEU A 523 -8.40 24.50 31.65
C LEU A 523 -8.95 25.19 32.89
N THR A 524 -8.17 26.07 33.50
CA THR A 524 -8.67 26.89 34.61
C THR A 524 -9.80 27.80 34.15
N PHE A 525 -9.66 28.40 32.97
CA PHE A 525 -10.71 29.27 32.46
C PHE A 525 -12.01 28.51 32.22
N VAL A 526 -11.91 27.32 31.60
CA VAL A 526 -13.08 26.53 31.29
C VAL A 526 -13.74 26.01 32.54
N TRP A 527 -12.95 25.68 33.56
CA TRP A 527 -13.52 25.25 34.83
C TRP A 527 -14.25 26.37 35.53
N LYS A 528 -13.74 27.60 35.42
CA LYS A 528 -14.43 28.73 36.01
C LYS A 528 -15.73 29.03 35.27
N MET A 529 -15.74 28.85 33.94
CA MET A 529 -16.99 28.94 33.17
C MET A 529 -18.03 27.93 33.62
N VAL A 530 -17.60 26.66 33.79
CA VAL A 530 -18.52 25.59 34.18
C VAL A 530 -19.12 25.88 35.56
N GLU A 531 -18.28 26.25 36.52
CA GLU A 531 -18.80 26.53 37.84
C GLU A 531 -19.58 27.84 37.91
N ASP A 532 -19.36 28.77 36.98
CA ASP A 532 -20.22 29.93 36.93
C ASP A 532 -21.61 29.57 36.43
N PHE A 533 -21.70 28.72 35.41
CA PHE A 533 -23.03 28.30 34.94
C PHE A 533 -23.74 27.42 35.94
N ARG A 534 -22.99 26.63 36.70
CA ARG A 534 -23.60 25.58 37.51
C ARG A 534 -24.40 26.12 38.69
N ARG A 535 -24.04 27.29 39.20
CA ARG A 535 -24.76 27.90 40.31
C ARG A 535 -26.20 28.29 39.96
N PRO A 557 -24.59 39.20 30.25
CA PRO A 557 -24.77 38.69 31.61
C PRO A 557 -23.48 38.12 32.19
N ILE A 558 -23.40 36.80 32.36
CA ILE A 558 -22.17 36.22 32.89
C ILE A 558 -21.18 35.91 31.77
N THR A 559 -21.67 35.70 30.55
CA THR A 559 -20.80 35.59 29.39
C THR A 559 -21.55 35.99 28.14
N ARG A 560 -20.83 36.66 27.25
CA ARG A 560 -21.11 36.67 25.83
C ARG A 560 -20.48 35.43 25.21
N HIS A 561 -20.52 35.33 23.89
CA HIS A 561 -20.15 34.15 23.10
C HIS A 561 -20.93 32.92 23.54
N PRO A 562 -22.23 32.79 23.22
CA PRO A 562 -22.94 31.58 23.62
C PRO A 562 -22.50 30.35 22.85
N LEU A 563 -22.18 30.53 21.57
CA LEU A 563 -21.80 29.40 20.73
C LEU A 563 -20.56 28.70 21.24
N GLN A 564 -19.59 29.46 21.71
CA GLN A 564 -18.40 28.86 22.24
C GLN A 564 -18.72 28.02 23.47
N ALA A 565 -19.60 28.50 24.34
CA ALA A 565 -19.95 27.75 25.53
C ALA A 565 -20.62 26.43 25.19
N LEU A 566 -21.54 26.48 24.24
CA LEU A 566 -22.24 25.27 23.82
C LEU A 566 -21.25 24.31 23.19
N PHE A 567 -20.34 24.83 22.38
CA PHE A 567 -19.35 23.97 21.75
C PHE A 567 -18.50 23.29 22.80
N ILE A 568 -18.08 24.02 23.83
CA ILE A 568 -17.26 23.45 24.87
C ILE A 568 -18.03 22.35 25.59
N TRP A 569 -19.30 22.60 25.86
CA TRP A 569 -20.10 21.61 26.56
C TRP A 569 -20.15 20.34 25.73
N SER A 570 -20.41 20.48 24.44
CA SER A 570 -20.51 19.33 23.58
C SER A 570 -19.19 18.57 23.52
N VAL A 571 -18.09 19.30 23.44
CA VAL A 571 -16.76 18.71 23.37
C VAL A 571 -16.34 17.94 24.62
N LEU A 572 -16.69 18.44 25.80
CA LEU A 572 -16.25 17.77 27.02
C LEU A 572 -16.75 16.35 27.19
N GLN A 573 -17.98 16.12 26.78
CA GLN A 573 -18.69 14.86 26.92
C GLN A 573 -18.43 13.90 25.79
N ASN A 574 -17.50 14.22 24.90
CA ASN A 574 -17.05 13.36 23.80
C ASN A 574 -18.17 13.03 22.82
N LYS A 575 -19.07 13.97 22.56
CA LYS A 575 -20.13 13.77 21.56
C LYS A 575 -19.66 14.33 20.22
N LYS A 576 -19.17 13.45 19.35
CA LYS A 576 -18.63 13.90 18.07
C LYS A 576 -19.53 14.58 17.04
N GLU A 577 -20.70 14.02 16.74
CA GLU A 577 -21.54 14.64 15.71
C GLU A 577 -22.03 16.02 16.13
N LEU A 578 -22.45 16.09 17.39
CA LEU A 578 -22.95 17.33 17.94
C LEU A 578 -21.83 18.36 17.96
N SER A 579 -20.62 17.91 18.35
CA SER A 579 -19.51 18.84 18.40
C SER A 579 -19.24 19.38 17.01
N LYS A 580 -19.26 18.52 15.99
CA LYS A 580 -19.00 19.01 14.65
C LYS A 580 -20.03 20.02 14.17
N VAL A 581 -21.31 19.78 14.44
CA VAL A 581 -22.30 20.77 13.99
C VAL A 581 -22.07 22.13 14.68
N ILE A 582 -21.81 22.07 15.98
CA ILE A 582 -21.58 23.30 16.70
C ILE A 582 -20.34 24.02 16.18
N TRP A 583 -19.29 23.27 15.86
CA TRP A 583 -18.07 23.87 15.33
C TRP A 583 -18.33 24.54 14.01
N GLU A 584 -19.15 23.93 13.17
CA GLU A 584 -19.46 24.53 11.88
C GLU A 584 -20.14 25.88 12.07
N GLN A 585 -21.07 25.99 13.02
CA GLN A 585 -21.72 27.30 13.25
C GLN A 585 -20.93 28.56 13.76
N THR A 586 -19.99 28.32 14.68
CA THR A 586 -19.25 29.26 15.50
C THR A 586 -18.45 30.22 14.61
N ARG A 587 -18.04 31.34 15.20
CA ARG A 587 -17.46 32.43 14.40
C ARG A 587 -15.98 32.22 14.12
N GLY A 588 -15.15 32.27 15.14
CA GLY A 588 -13.74 32.01 14.92
C GLY A 588 -13.55 30.53 14.84
N CYS A 589 -13.33 29.99 13.64
CA CYS A 589 -13.48 28.55 13.46
C CYS A 589 -12.18 27.79 13.67
N THR A 590 -11.08 28.24 13.06
CA THR A 590 -9.82 27.55 13.26
C THR A 590 -9.32 27.74 14.69
N LEU A 591 -9.64 28.88 15.31
CA LEU A 591 -9.33 29.08 16.72
C LEU A 591 -10.12 28.13 17.59
N ALA A 592 -11.38 27.89 17.25
CA ALA A 592 -12.23 27.01 18.03
C ALA A 592 -11.76 25.57 17.94
N ALA A 593 -11.41 25.12 16.73
CA ALA A 593 -10.89 23.76 16.57
C ALA A 593 -9.59 23.58 17.33
N LEU A 594 -8.74 24.59 17.32
CA LEU A 594 -7.45 24.45 17.97
C LEU A 594 -7.58 24.47 19.49
N GLY A 595 -8.48 25.30 20.01
CA GLY A 595 -8.75 25.28 21.44
C GLY A 595 -9.39 24.00 21.91
N ALA A 596 -10.28 23.43 21.10
CA ALA A 596 -10.91 22.17 21.49
C ALA A 596 -9.91 21.03 21.51
N SER A 597 -8.95 21.03 20.58
CA SER A 597 -7.91 20.01 20.65
C SER A 597 -7.05 20.17 21.88
N LYS A 598 -6.69 21.41 22.23
CA LYS A 598 -5.87 21.60 23.42
C LYS A 598 -6.62 21.25 24.70
N LEU A 599 -7.94 21.39 24.69
CA LEU A 599 -8.74 21.00 25.85
C LEU A 599 -8.84 19.49 25.98
N LEU A 600 -9.04 18.80 24.85
CA LEU A 600 -9.18 17.35 24.88
C LEU A 600 -7.88 16.64 25.23
N LYS A 601 -6.72 17.21 24.86
CA LYS A 601 -5.44 16.62 25.32
C LYS A 601 -5.37 16.59 26.84
N SER A 602 -5.75 17.69 27.47
CA SER A 602 -5.63 17.79 28.91
C SER A 602 -6.70 16.98 29.63
N MET A 603 -7.86 16.76 29.00
CA MET A 603 -8.78 15.78 29.59
C MET A 603 -8.30 14.35 29.37
N ALA A 604 -7.54 14.10 28.31
CA ALA A 604 -7.10 12.74 28.03
C ALA A 604 -5.83 12.35 28.76
N LYS A 605 -5.15 13.29 29.41
CA LYS A 605 -4.04 12.90 30.28
C LYS A 605 -4.49 12.15 31.53
N VAL A 606 -5.77 12.21 31.89
CA VAL A 606 -6.24 11.63 33.15
C VAL A 606 -6.22 10.11 33.06
N LYS A 607 -6.18 9.45 34.22
CA LYS A 607 -6.00 8.00 34.30
C LYS A 607 -7.09 7.31 35.07
N ASN A 608 -8.16 8.02 35.43
CA ASN A 608 -9.25 7.41 36.19
C ASN A 608 -10.02 6.40 35.34
N ASP A 609 -10.22 6.70 34.06
CA ASP A 609 -11.02 5.87 33.17
C ASP A 609 -10.35 5.88 31.80
N ILE A 610 -9.86 4.72 31.36
CA ILE A 610 -9.10 4.67 30.11
C ILE A 610 -10.03 4.73 28.90
N ASN A 611 -11.28 4.30 29.06
CA ASN A 611 -12.21 4.28 27.92
C ASN A 611 -12.58 5.68 27.49
N ALA A 612 -12.75 6.61 28.43
CA ALA A 612 -13.00 7.99 28.06
C ALA A 612 -11.76 8.65 27.48
N ALA A 613 -10.58 8.27 27.99
CA ALA A 613 -9.35 8.90 27.53
C ALA A 613 -9.02 8.51 26.09
N GLY A 614 -9.36 7.29 25.69
CA GLY A 614 -9.13 6.89 24.30
C GLY A 614 -9.96 7.70 23.30
N GLU A 615 -11.26 7.85 23.59
CA GLU A 615 -12.13 8.63 22.73
C GLU A 615 -11.72 10.10 22.70
N SER A 616 -11.29 10.62 23.84
CA SER A 616 -10.87 12.01 23.90
C SER A 616 -9.61 12.25 23.09
N GLU A 617 -8.67 11.31 23.10
CA GLU A 617 -7.47 11.50 22.30
C GLU A 617 -7.76 11.40 20.81
N GLU A 618 -8.66 10.50 20.40
CA GLU A 618 -9.07 10.42 18.99
C GLU A 618 -9.70 11.72 18.51
N LEU A 619 -10.60 12.28 19.32
CA LEU A 619 -11.28 13.50 18.90
C LEU A 619 -10.33 14.69 18.88
N ALA A 620 -9.34 14.72 19.77
CA ALA A 620 -8.32 15.76 19.73
C ALA A 620 -7.52 15.71 18.44
N ASN A 621 -7.16 14.50 17.98
CA ASN A 621 -6.44 14.38 16.72
C ASN A 621 -7.29 14.82 15.54
N GLU A 622 -8.60 14.51 15.56
CA GLU A 622 -9.47 14.95 14.48
C GLU A 622 -9.58 16.46 14.40
N TYR A 623 -9.68 17.14 15.55
CA TYR A 623 -9.76 18.60 15.46
C TYR A 623 -8.44 19.26 15.11
N GLU A 624 -7.31 18.65 15.47
CA GLU A 624 -6.02 19.16 15.01
C GLU A 624 -5.90 19.12 13.49
N THR A 625 -6.21 17.97 12.88
CA THR A 625 -6.09 17.88 11.43
C THR A 625 -7.10 18.77 10.72
N ARG A 626 -8.27 18.95 11.32
CA ARG A 626 -9.26 19.84 10.74
C ARG A 626 -8.81 21.29 10.78
N ALA A 627 -8.18 21.72 11.89
CA ALA A 627 -7.65 23.07 11.97
C ALA A 627 -6.55 23.33 10.96
N VAL A 628 -5.63 22.37 10.80
CA VAL A 628 -4.51 22.63 9.90
C VAL A 628 -4.96 22.61 8.43
N GLU A 629 -5.92 21.74 8.08
CA GLU A 629 -6.46 21.76 6.72
C GLU A 629 -7.19 23.05 6.41
N LEU A 630 -7.97 23.56 7.37
CA LEU A 630 -8.68 24.81 7.15
C LEU A 630 -7.72 25.99 7.02
N PHE A 631 -6.64 26.01 7.80
CA PHE A 631 -5.77 27.17 7.66
C PHE A 631 -4.93 27.12 6.41
N THR A 632 -4.57 25.93 5.92
CA THR A 632 -3.90 25.85 4.61
C THR A 632 -4.81 26.37 3.51
N GLU A 633 -6.09 25.97 3.56
CA GLU A 633 -7.09 26.50 2.63
C GLU A 633 -7.21 28.02 2.73
N CYS A 634 -7.25 28.56 3.94
CA CYS A 634 -7.38 30.01 4.12
C CYS A 634 -6.14 30.77 3.70
N TYR A 635 -4.97 30.14 3.78
CA TYR A 635 -3.75 30.83 3.42
C TYR A 635 -3.53 30.83 1.91
N SER A 636 -4.14 29.87 1.21
CA SER A 636 -3.98 29.83 -0.24
C SER A 636 -4.63 31.00 -0.97
N ASN A 637 -5.63 31.65 -0.37
CA ASN A 637 -6.21 32.79 -1.09
C ASN A 637 -5.45 34.08 -0.86
N ASP A 638 -5.47 34.61 0.35
CA ASP A 638 -4.89 35.92 0.63
C ASP A 638 -3.91 35.79 1.77
N GLU A 639 -2.67 36.21 1.55
CA GLU A 639 -1.62 36.04 2.53
C GLU A 639 -1.80 37.00 3.70
N ASP A 640 -2.06 38.27 3.39
CA ASP A 640 -2.16 39.30 4.43
C ASP A 640 -3.36 39.07 5.34
N LEU A 641 -4.49 38.66 4.76
CA LEU A 641 -5.67 38.40 5.56
C LEU A 641 -5.47 37.20 6.47
N ALA A 642 -4.79 36.16 5.98
CA ALA A 642 -4.58 34.98 6.81
C ALA A 642 -3.61 35.26 7.95
N GLU A 643 -2.63 36.15 7.73
CA GLU A 643 -1.75 36.50 8.83
C GLU A 643 -2.45 37.39 9.85
N GLN A 644 -3.30 38.29 9.36
CA GLN A 644 -4.16 39.08 10.25
C GLN A 644 -5.12 38.18 11.03
N LEU A 645 -5.46 37.03 10.46
CA LEU A 645 -6.32 36.06 11.12
C LEU A 645 -5.56 35.25 12.17
N LEU A 646 -4.28 34.94 11.94
CA LEU A 646 -3.45 34.33 12.98
C LEU A 646 -3.34 35.22 14.19
N THR A 647 -2.99 36.48 13.98
CA THR A 647 -2.75 37.26 15.20
C THR A 647 -4.05 37.75 15.91
N TYR A 648 -5.26 37.33 15.53
CA TYR A 648 -6.48 37.82 16.15
C TYR A 648 -6.82 36.99 17.38
N SER A 649 -7.19 37.68 18.47
CA SER A 649 -7.29 37.05 19.77
C SER A 649 -8.63 37.39 20.42
N CYS A 650 -9.36 36.37 20.86
CA CYS A 650 -10.67 36.57 21.44
C CYS A 650 -10.67 36.23 22.92
N GLU A 651 -11.82 36.48 23.55
CA GLU A 651 -12.00 36.29 24.98
C GLU A 651 -12.71 35.00 25.34
N ALA A 652 -13.36 34.35 24.37
CA ALA A 652 -14.03 33.09 24.65
C ALA A 652 -13.05 32.01 25.04
N TRP A 653 -11.91 31.98 24.38
CA TRP A 653 -10.78 31.20 24.86
C TRP A 653 -9.95 32.15 25.71
N GLY A 654 -8.95 31.61 26.41
CA GLY A 654 -8.36 32.38 27.50
C GLY A 654 -7.54 33.60 27.16
N GLY A 655 -8.12 34.53 26.40
CA GLY A 655 -7.43 35.69 25.88
C GLY A 655 -6.24 35.32 25.02
N SER A 656 -6.42 34.42 24.07
CA SER A 656 -5.30 33.81 23.39
C SER A 656 -5.61 33.65 21.91
N ASN A 657 -4.71 34.10 21.06
CA ASN A 657 -4.85 33.95 19.62
C ASN A 657 -4.48 32.53 19.18
N CYS A 658 -4.57 32.30 17.87
CA CYS A 658 -4.46 30.95 17.32
C CYS A 658 -3.04 30.40 17.50
N LEU A 659 -2.05 31.25 17.35
CA LEU A 659 -0.66 30.83 17.31
C LEU A 659 -0.14 30.45 18.69
N GLU A 660 -0.38 31.30 19.69
CA GLU A 660 0.00 31.00 21.08
C GLU A 660 -0.68 29.74 21.60
N LEU A 661 -1.92 29.52 21.19
CA LEU A 661 -2.67 28.35 21.63
C LEU A 661 -2.10 27.08 21.02
N ALA A 662 -1.74 27.12 19.73
CA ALA A 662 -1.06 25.98 19.11
C ALA A 662 0.30 25.72 19.73
N VAL A 663 0.97 26.75 20.25
CA VAL A 663 2.26 26.51 20.88
C VAL A 663 2.09 25.87 22.26
N GLU A 664 1.07 26.29 23.03
CA GLU A 664 0.82 25.67 24.32
C GLU A 664 0.34 24.24 24.19
N ALA A 665 -0.42 23.93 23.13
CA ALA A 665 -0.87 22.55 22.93
C ALA A 665 0.27 21.62 22.55
N ARG A 666 1.36 22.16 22.01
CA ARG A 666 2.52 21.42 21.50
C ARG A 666 2.09 20.41 20.44
N ASP A 667 1.62 20.93 19.31
CA ASP A 667 1.41 20.12 18.13
C ASP A 667 2.41 20.53 17.06
N GLN A 668 3.13 19.55 16.55
CA GLN A 668 4.15 19.82 15.55
C GLN A 668 3.50 20.22 14.24
N GLN A 669 2.33 19.65 13.95
CA GLN A 669 1.74 19.69 12.62
C GLN A 669 1.23 21.07 12.26
N PHE A 670 0.91 21.91 13.24
CA PHE A 670 0.36 23.21 12.89
C PHE A 670 1.45 24.24 12.69
N ILE A 671 2.54 24.18 13.46
CA ILE A 671 3.66 25.08 13.24
C ILE A 671 4.52 24.60 12.07
N ALA A 672 4.38 23.36 11.66
CA ALA A 672 5.25 22.84 10.60
C ALA A 672 4.81 23.22 9.20
N GLN A 673 3.58 23.67 9.01
CA GLN A 673 3.06 23.92 7.67
C GLN A 673 3.72 25.17 7.09
N PRO A 674 3.70 25.34 5.75
CA PRO A 674 4.46 26.46 5.16
C PRO A 674 3.90 27.84 5.45
N GLY A 675 2.62 27.97 5.80
CA GLY A 675 2.05 29.29 5.98
C GLY A 675 2.58 30.00 7.20
N VAL A 676 2.56 29.32 8.35
CA VAL A 676 3.06 29.93 9.56
C VAL A 676 4.57 30.08 9.50
N GLN A 677 5.26 29.21 8.75
CA GLN A 677 6.69 29.39 8.56
C GLN A 677 7.00 30.62 7.73
N ASN A 678 6.19 30.91 6.71
CA ASN A 678 6.37 32.13 5.94
C ASN A 678 6.12 33.36 6.80
N PHE A 679 5.05 33.32 7.62
CA PHE A 679 4.77 34.40 8.56
C PHE A 679 5.94 34.63 9.50
N LEU A 680 6.47 33.56 10.07
CA LEU A 680 7.51 33.66 11.07
C LEU A 680 8.81 34.17 10.46
N SER A 681 9.12 33.72 9.24
CA SER A 681 10.34 34.16 8.57
C SER A 681 10.28 35.63 8.19
N LYS A 682 9.18 36.06 7.61
CA LYS A 682 9.17 37.46 7.21
C LYS A 682 8.81 38.39 8.36
N GLN A 683 8.52 37.86 9.55
CA GLN A 683 8.58 38.70 10.73
C GLN A 683 9.95 38.65 11.38
N TRP A 684 10.75 37.63 11.05
CA TRP A 684 12.14 37.60 11.49
C TRP A 684 12.99 38.62 10.73
N TYR A 685 12.82 38.71 9.42
CA TYR A 685 13.62 39.66 8.67
C TYR A 685 13.14 41.09 8.84
N GLY A 686 11.87 41.30 9.07
CA GLY A 686 11.40 42.65 9.30
C GLY A 686 11.15 43.40 7.99
N GLU A 687 11.40 44.70 8.05
CA GLU A 687 11.20 45.60 6.93
C GLU A 687 12.09 45.23 5.75
N ILE A 688 13.31 44.79 6.04
CA ILE A 688 14.24 44.40 4.99
C ILE A 688 13.59 43.30 4.20
N SER A 689 13.60 43.43 2.89
CA SER A 689 13.00 42.44 2.02
C SER A 689 13.93 41.26 1.83
N ARG A 690 13.37 40.17 1.30
CA ARG A 690 14.11 38.96 1.00
C ARG A 690 14.68 39.02 -0.43
N ASP A 691 15.14 37.88 -0.95
CA ASP A 691 15.73 37.80 -2.30
C ASP A 691 16.93 38.75 -2.39
N THR A 692 17.59 38.80 -1.25
CA THR A 692 18.83 39.49 -0.89
C THR A 692 19.69 38.53 -0.10
N LYS A 693 20.92 38.34 -0.55
CA LYS A 693 21.81 37.34 0.04
C LYS A 693 22.23 37.75 1.44
N ASN A 694 22.63 36.76 2.24
CA ASN A 694 23.03 37.03 3.61
C ASN A 694 24.31 37.86 3.68
N TRP A 695 25.27 37.58 2.79
CA TRP A 695 26.54 38.29 2.83
C TRP A 695 26.40 39.76 2.49
N LYS A 696 25.39 40.11 1.70
CA LYS A 696 25.11 41.52 1.42
C LYS A 696 24.66 42.25 2.68
N ILE A 697 23.82 41.58 3.48
CA ILE A 697 23.36 42.16 4.74
C ILE A 697 24.52 42.28 5.72
N ILE A 698 25.42 41.31 5.72
CA ILE A 698 26.56 41.36 6.64
C ILE A 698 27.53 42.47 6.24
N LEU A 699 27.78 42.64 4.94
CA LEU A 699 28.67 43.72 4.50
C LEU A 699 28.04 45.08 4.74
N CYS A 700 26.73 45.20 4.62
CA CYS A 700 26.11 46.48 4.98
C CYS A 700 26.07 46.67 6.49
N LEU A 701 26.22 45.58 7.22
CA LEU A 701 26.24 45.62 8.67
C LEU A 701 27.54 46.31 9.07
N PHE A 702 28.65 45.79 8.57
CA PHE A 702 29.95 46.40 8.86
C PHE A 702 30.07 47.79 8.27
N PHE A 703 29.90 47.92 6.97
CA PHE A 703 30.11 49.18 6.25
C PHE A 703 28.79 49.93 6.19
N PHE A 704 28.73 51.08 6.87
CA PHE A 704 27.49 51.84 7.02
C PHE A 704 26.89 52.36 5.71
N PRO A 705 27.55 53.26 4.94
CA PRO A 705 26.79 54.03 3.93
C PRO A 705 26.28 53.23 2.75
N LEU A 706 26.68 51.96 2.63
CA LEU A 706 26.12 51.05 1.63
C LEU A 706 24.62 50.87 1.79
N ILE A 707 24.09 51.07 3.01
CA ILE A 707 22.65 51.03 3.22
C ILE A 707 21.96 52.13 2.40
N GLY A 708 22.60 53.29 2.29
CA GLY A 708 22.09 54.32 1.41
C GLY A 708 22.32 54.05 -0.06
N CYS A 709 23.23 53.12 -0.38
CA CYS A 709 23.56 52.84 -1.78
C CYS A 709 22.43 52.14 -2.51
N GLY A 710 21.55 51.44 -1.80
CA GLY A 710 20.60 50.56 -2.44
C GLY A 710 21.12 49.18 -2.67
N PHE A 711 22.24 48.82 -2.03
CA PHE A 711 22.84 47.50 -2.20
C PHE A 711 21.97 46.42 -1.57
N ILE A 712 21.18 46.76 -0.55
CA ILE A 712 20.09 45.95 -0.05
C ILE A 712 18.79 46.56 -0.54
N SER A 713 17.86 45.71 -0.98
CA SER A 713 16.55 46.19 -1.37
C SER A 713 15.59 46.10 -0.19
N PHE A 714 14.59 46.97 -0.19
CA PHE A 714 13.60 47.05 0.88
C PHE A 714 12.20 46.95 0.28
N ARG A 715 11.22 46.65 1.12
CA ARG A 715 9.84 46.65 0.68
C ARG A 715 9.35 48.07 0.43
N LYS A 716 8.48 48.22 -0.57
CA LYS A 716 7.90 49.52 -0.88
C LYS A 716 6.91 49.95 0.19
N LYS A 723 14.81 62.89 2.48
CA LYS A 723 14.85 62.29 3.81
C LYS A 723 14.43 60.82 3.76
N LYS A 724 14.39 60.26 2.55
CA LYS A 724 14.02 58.86 2.38
C LYS A 724 15.10 57.93 2.93
N LEU A 725 16.38 58.33 2.80
CA LEU A 725 17.50 57.54 3.30
C LEU A 725 17.43 57.38 4.82
N PHE A 726 16.88 58.36 5.51
CA PHE A 726 16.60 58.20 6.94
C PHE A 726 15.60 57.08 7.19
N LEU A 727 14.57 56.98 6.35
CA LEU A 727 13.59 55.91 6.49
C LEU A 727 14.21 54.55 6.19
N TYR A 728 15.12 54.49 5.20
CA TYR A 728 15.83 53.25 4.93
C TYR A 728 16.74 52.85 6.09
N TYR A 729 17.39 53.83 6.73
CA TYR A 729 18.21 53.54 7.90
C TYR A 729 17.38 53.01 9.07
N VAL A 730 16.22 53.64 9.30
CA VAL A 730 15.35 53.19 10.39
C VAL A 730 14.81 51.79 10.13
N SER A 731 14.40 51.53 8.88
CA SER A 731 13.90 50.19 8.54
C SER A 731 15.00 49.14 8.62
N PHE A 732 16.24 49.49 8.29
CA PHE A 732 17.33 48.53 8.42
C PHE A 732 17.65 48.25 9.88
N PHE A 733 17.72 49.31 10.68
CA PHE A 733 18.10 49.17 12.09
C PHE A 733 17.05 48.55 13.01
N THR A 734 15.78 48.73 12.70
CA THR A 734 14.75 48.16 13.56
C THR A 734 14.44 46.70 13.26
N SER A 735 15.16 46.06 12.36
CA SER A 735 14.92 44.68 12.01
C SER A 735 15.52 43.75 13.06
N PRO A 736 14.88 42.59 13.30
CA PRO A 736 15.40 41.67 14.33
C PRO A 736 16.70 40.98 13.94
N PHE A 737 16.90 40.70 12.66
CA PHE A 737 18.09 39.96 12.23
C PHE A 737 19.36 40.77 12.45
N VAL A 738 19.26 42.06 12.14
CA VAL A 738 20.36 42.98 12.31
C VAL A 738 20.67 43.09 13.80
N VAL A 739 19.64 43.24 14.60
CA VAL A 739 19.81 43.34 16.05
C VAL A 739 20.43 42.07 16.60
N PHE A 740 20.00 40.94 16.07
CA PHE A 740 20.52 39.64 16.48
C PHE A 740 22.00 39.56 16.12
N SER A 741 22.33 40.04 14.93
CA SER A 741 23.70 40.05 14.45
C SER A 741 24.61 40.95 15.27
N TRP A 742 24.13 42.15 15.61
CA TRP A 742 24.94 43.07 16.40
C TRP A 742 25.23 42.49 17.77
N ASN A 743 24.22 41.87 18.37
CA ASN A 743 24.38 41.26 19.69
C ASN A 743 25.44 40.17 19.67
N VAL A 744 25.43 39.36 18.62
CA VAL A 744 26.40 38.29 18.48
C VAL A 744 27.82 38.84 18.46
N ILE A 745 28.01 39.94 17.72
CA ILE A 745 29.30 40.58 17.63
C ILE A 745 29.78 41.13 18.97
N PHE A 746 28.87 41.73 19.73
CA PHE A 746 29.22 42.30 21.02
C PHE A 746 29.50 41.23 22.06
N TYR A 747 28.67 40.17 22.06
CA TYR A 747 28.85 39.08 23.00
C TYR A 747 30.24 38.48 22.80
N ILE A 748 30.64 38.33 21.54
CA ILE A 748 31.96 37.79 21.23
C ILE A 748 33.05 38.74 21.72
N ALA A 749 32.85 40.03 21.53
CA ALA A 749 33.82 41.02 21.98
C ALA A 749 33.97 40.99 23.50
N PHE A 750 32.85 40.85 24.19
CA PHE A 750 32.85 40.81 25.65
C PHE A 750 33.62 39.61 26.17
N LEU A 751 33.43 38.47 25.52
CA LEU A 751 34.12 37.25 25.91
C LEU A 751 35.63 37.39 25.79
N LEU A 752 36.09 38.08 24.74
CA LEU A 752 37.54 38.29 24.62
C LEU A 752 38.05 39.29 25.65
N LEU A 753 37.23 40.28 26.03
CA LEU A 753 37.61 41.17 27.13
C LEU A 753 37.76 40.41 28.44
N PHE A 754 36.85 39.47 28.70
CA PHE A 754 36.94 38.65 29.90
C PHE A 754 38.21 37.81 29.89
N ALA A 755 38.53 37.22 28.73
CA ALA A 755 39.76 36.44 28.59
C ALA A 755 41.01 37.30 28.77
N TYR A 756 40.95 38.56 28.36
CA TYR A 756 42.09 39.46 28.57
C TYR A 756 42.26 39.79 30.06
N VAL A 757 41.17 40.13 30.74
CA VAL A 757 41.28 40.59 32.13
C VAL A 757 41.53 39.42 33.09
N LEU A 758 41.23 38.17 32.70
CA LEU A 758 41.60 37.03 33.54
C LEU A 758 43.10 36.87 33.72
N LEU A 759 43.91 37.39 32.79
CA LEU A 759 45.36 37.27 32.91
C LEU A 759 46.02 38.53 33.47
N MET A 760 45.76 39.69 32.87
CA MET A 760 46.60 40.86 33.11
C MET A 760 46.12 41.71 34.29
N ASP A 761 44.94 42.31 34.16
CA ASP A 761 44.53 43.36 35.10
C ASP A 761 44.13 42.82 36.46
N PHE A 762 43.82 41.53 36.55
CA PHE A 762 43.46 40.93 37.83
C PHE A 762 44.71 40.75 38.68
N GLN A 763 44.99 41.71 39.56
CA GLN A 763 46.26 41.79 40.26
C GLN A 763 46.08 42.10 41.74
N LYS A 764 44.98 41.62 42.33
CA LYS A 764 44.55 41.93 43.71
C LYS A 764 44.41 43.42 43.93
N GLU A 765 43.94 44.14 42.90
CA GLU A 765 43.72 45.56 42.94
C GLU A 765 42.48 45.85 42.11
N PRO A 766 41.60 46.74 42.57
CA PRO A 766 40.41 47.07 41.79
C PRO A 766 40.71 47.88 40.54
N THR A 767 41.16 47.21 39.48
CA THR A 767 41.39 47.87 38.20
C THR A 767 40.06 48.27 37.56
N ALA A 768 40.13 49.26 36.66
CA ALA A 768 38.93 49.80 36.04
C ALA A 768 38.28 48.82 35.08
N LEU A 769 39.06 47.90 34.51
CA LEU A 769 38.50 46.89 33.62
C LEU A 769 37.59 45.93 34.37
N GLU A 770 37.92 45.66 35.65
CA GLU A 770 37.02 44.90 36.51
C GLU A 770 35.71 45.64 36.72
N ILE A 771 35.76 46.97 36.84
CA ILE A 771 34.56 47.77 37.02
C ILE A 771 33.69 47.72 35.77
N ILE A 772 34.31 47.87 34.59
CA ILE A 772 33.57 47.80 33.32
C ILE A 772 32.96 46.42 33.12
N LEU A 773 33.70 45.39 33.54
CA LEU A 773 33.19 44.01 33.47
C LEU A 773 31.98 43.82 34.36
N TYR A 774 32.03 44.37 35.58
CA TYR A 774 30.88 44.28 36.49
C TYR A 774 29.68 45.05 35.95
N VAL A 775 29.93 46.17 35.27
CA VAL A 775 28.84 46.92 34.65
C VAL A 775 28.19 46.13 33.52
N LEU A 776 29.00 45.42 32.72
CA LEU A 776 28.45 44.61 31.64
C LEU A 776 27.63 43.44 32.17
N VAL A 777 28.10 42.81 33.25
CA VAL A 777 27.33 41.74 33.88
C VAL A 777 26.04 42.29 34.51
N PHE A 778 26.06 43.54 34.99
CA PHE A 778 24.82 44.14 35.47
C PHE A 778 23.85 44.44 34.34
N ILE A 779 24.36 44.77 33.16
CA ILE A 779 23.50 44.92 31.98
C ILE A 779 22.84 43.58 31.64
N LEU A 780 23.62 42.52 31.82
CA LEU A 780 23.15 41.17 31.59
C LEU A 780 22.04 40.79 32.56
N LEU A 781 22.20 41.17 33.83
CA LEU A 781 21.18 40.82 34.83
C LEU A 781 19.94 41.69 34.69
N CYS A 782 20.07 42.92 34.19
CA CYS A 782 18.89 43.72 33.89
C CYS A 782 18.09 43.12 32.74
N ASP A 783 18.80 42.62 31.72
CA ASP A 783 18.14 41.91 30.62
C ASP A 783 17.39 40.67 31.13
N GLU A 784 18.01 39.92 32.03
CA GLU A 784 17.37 38.74 32.58
C GLU A 784 16.13 39.12 33.39
N VAL A 785 16.26 40.18 34.18
CA VAL A 785 15.14 40.66 35.01
C VAL A 785 13.94 41.00 34.14
N ARG A 786 14.16 41.75 33.05
CA ARG A 786 13.05 42.08 32.16
C ARG A 786 12.51 40.84 31.45
N GLN A 787 13.40 39.92 31.10
CA GLN A 787 12.98 38.68 30.44
C GLN A 787 12.14 37.81 31.35
N TRP A 788 12.39 37.83 32.66
CA TRP A 788 11.51 37.12 33.58
C TRP A 788 10.24 37.90 33.87
N TYR A 789 10.32 39.23 33.90
CA TYR A 789 9.16 40.06 34.21
C TYR A 789 8.12 40.00 33.11
N MET A 790 8.52 39.69 31.87
CA MET A 790 7.54 39.52 30.81
C MET A 790 6.70 38.25 31.02
N ASN A 791 7.35 37.12 31.24
CA ASN A 791 6.65 35.86 31.51
C ASN A 791 7.31 35.13 32.67
N GLY A 792 6.51 34.73 33.65
CA GLY A 792 7.06 34.20 34.90
C GLY A 792 7.51 32.75 34.88
N SER A 793 6.57 31.82 34.74
CA SER A 793 6.90 30.40 34.86
C SER A 793 7.60 29.89 33.62
N LYS A 794 7.19 30.38 32.44
CA LYS A 794 7.80 29.97 31.18
C LYS A 794 9.25 30.41 31.08
N TYR A 795 9.64 31.45 31.82
CA TYR A 795 11.04 31.85 31.92
C TYR A 795 11.89 30.73 32.50
N PHE A 796 11.48 30.20 33.65
CA PHE A 796 12.27 29.15 34.26
C PHE A 796 11.99 27.78 33.64
N SER A 797 10.94 27.67 32.82
CA SER A 797 10.68 26.41 32.12
C SER A 797 11.78 26.07 31.12
N ASP A 798 12.47 27.06 30.59
CA ASP A 798 13.46 26.85 29.55
C ASP A 798 14.78 26.34 30.14
N LEU A 799 15.61 25.79 29.26
CA LEU A 799 16.94 25.33 29.65
C LEU A 799 17.92 26.49 29.76
N TRP A 800 17.92 27.37 28.76
CA TRP A 800 18.97 28.38 28.65
C TRP A 800 18.85 29.43 29.74
N ASN A 801 17.61 29.77 30.09
CA ASN A 801 17.35 30.74 31.14
C ASN A 801 17.89 30.21 32.45
N VAL A 802 17.68 28.92 32.68
CA VAL A 802 18.17 28.29 33.90
C VAL A 802 19.68 28.35 33.93
N MET A 803 20.32 28.06 32.79
CA MET A 803 21.77 28.10 32.73
C MET A 803 22.28 29.51 33.00
N ASP A 804 21.64 30.51 32.40
CA ASP A 804 22.05 31.89 32.59
C ASP A 804 21.85 32.34 34.04
N THR A 805 20.75 31.92 34.66
CA THR A 805 20.45 32.29 36.04
C THR A 805 21.54 31.73 36.94
N LEU A 806 21.96 30.51 36.65
CA LEU A 806 23.02 29.86 37.42
C LEU A 806 24.36 30.59 37.26
N GLY A 807 24.75 30.81 36.02
CA GLY A 807 25.99 31.48 35.71
C GLY A 807 26.04 32.93 36.16
N ILE A 808 24.89 33.59 36.19
CA ILE A 808 24.85 34.99 36.61
C ILE A 808 24.87 35.16 38.13
N PHE A 809 24.28 34.22 38.86
CA PHE A 809 24.30 34.27 40.31
C PHE A 809 25.68 33.89 40.85
N TYR A 810 26.32 32.90 40.21
CA TYR A 810 27.60 32.42 40.70
C TYR A 810 28.71 33.44 40.50
N PHE A 811 28.60 34.30 39.49
CA PHE A 811 29.59 35.34 39.28
C PHE A 811 29.49 36.45 40.32
N ILE A 812 28.25 36.82 40.69
CA ILE A 812 28.05 37.80 41.75
C ILE A 812 28.50 37.24 43.09
N ALA A 813 28.31 35.93 43.29
CA ALA A 813 28.86 35.27 44.48
C ALA A 813 30.40 35.29 44.47
N GLY A 814 31.00 35.17 43.28
CA GLY A 814 32.45 35.31 43.20
C GLY A 814 32.93 36.70 43.53
N ILE A 815 32.18 37.72 43.11
CA ILE A 815 32.47 39.10 43.50
C ILE A 815 32.33 39.25 45.02
N VAL A 816 31.36 38.56 45.62
CA VAL A 816 31.16 38.64 47.06
C VAL A 816 32.33 38.00 47.83
N PHE A 817 32.80 36.84 47.34
CA PHE A 817 33.98 36.22 47.94
C PHE A 817 35.24 37.07 47.75
N ARG A 818 35.39 37.70 46.58
CA ARG A 818 36.58 38.49 46.33
C ARG A 818 36.57 39.79 47.11
N LEU A 819 35.37 40.27 47.48
CA LEU A 819 35.24 41.60 48.07
C LEU A 819 35.79 41.65 49.50
N HIS A 820 35.30 40.77 50.36
CA HIS A 820 35.73 40.78 51.76
C HIS A 820 37.15 40.24 51.92
N SER A 825 41.79 34.06 50.16
CA SER A 825 40.46 34.05 49.55
C SER A 825 40.50 34.64 48.15
N TRP A 826 41.62 35.28 47.83
CA TRP A 826 41.85 35.83 46.50
C TRP A 826 41.88 34.71 45.46
N TYR A 827 42.57 33.62 45.77
CA TYR A 827 42.67 32.48 44.86
C TYR A 827 41.31 31.82 44.69
N SER A 828 40.48 31.83 45.75
CA SER A 828 39.13 31.28 45.65
C SER A 828 38.28 32.08 44.68
N GLY A 829 38.35 33.41 44.76
CA GLY A 829 37.61 34.26 43.83
C GLY A 829 38.10 34.12 42.40
N ARG A 830 39.40 33.96 42.22
CA ARG A 830 39.94 33.75 40.87
C ARG A 830 39.48 32.42 40.28
N VAL A 831 39.49 31.36 41.09
CA VAL A 831 38.98 30.07 40.63
C VAL A 831 37.48 30.14 40.33
N ILE A 832 36.71 30.90 41.12
CA ILE A 832 35.29 31.03 40.85
C ILE A 832 35.03 31.80 39.55
N PHE A 833 35.83 32.84 39.28
CA PHE A 833 35.70 33.55 38.01
C PHE A 833 36.06 32.66 36.81
N CYS A 834 37.09 31.84 36.95
CA CYS A 834 37.43 30.92 35.86
C CYS A 834 36.37 29.84 35.67
N LEU A 835 35.78 29.37 36.78
CA LEU A 835 34.67 28.42 36.71
C LEU A 835 33.46 29.01 36.03
N ASP A 836 33.16 30.28 36.31
CA ASP A 836 32.08 30.97 35.62
C ASP A 836 32.39 31.15 34.14
N TYR A 837 33.67 31.29 33.82
CA TYR A 837 34.10 31.50 32.44
C TYR A 837 33.66 30.30 31.62
N ILE A 838 33.80 29.11 32.20
CA ILE A 838 33.38 27.87 31.54
C ILE A 838 31.86 27.89 31.34
N VAL A 839 31.14 28.42 32.32
CA VAL A 839 29.69 28.49 32.24
C VAL A 839 29.18 29.57 31.28
N PHE A 840 30.07 30.48 30.87
CA PHE A 840 29.70 31.56 29.96
C PHE A 840 30.14 31.30 28.52
N THR A 841 31.04 30.34 28.34
CA THR A 841 31.55 30.00 27.01
C THR A 841 30.70 28.93 26.33
N LEU A 842 30.13 28.04 27.13
CA LEU A 842 29.26 26.98 26.64
C LEU A 842 28.01 27.56 26.00
N ARG A 843 27.54 28.66 26.56
CA ARG A 843 26.33 29.35 26.13
C ARG A 843 26.32 29.85 24.68
N LEU A 844 27.52 30.00 24.13
CA LEU A 844 27.74 30.49 22.78
C LEU A 844 27.10 29.56 21.77
N ILE A 845 26.89 28.32 22.17
CA ILE A 845 26.29 27.28 21.33
C ILE A 845 24.87 27.57 20.85
N HIS A 846 24.12 28.34 21.62
CA HIS A 846 22.73 28.71 21.30
C HIS A 846 22.57 29.50 19.99
N ILE A 847 23.57 30.28 19.63
CA ILE A 847 23.56 31.09 18.42
C ILE A 847 23.40 30.29 17.12
N PHE A 848 23.96 29.08 17.09
CA PHE A 848 23.93 28.22 15.90
C PHE A 848 22.59 27.65 15.45
N THR A 849 21.56 27.75 16.29
CA THR A 849 20.23 27.22 15.98
C THR A 849 19.50 27.83 14.78
N VAL A 850 19.85 29.04 14.38
CA VAL A 850 19.17 29.72 13.29
C VAL A 850 19.18 29.11 11.88
N SER A 851 20.31 28.56 11.43
CA SER A 851 20.40 27.99 10.10
C SER A 851 19.63 26.68 9.99
N ARG A 852 19.21 26.36 8.75
CA ARG A 852 18.57 25.09 8.45
C ARG A 852 19.46 23.90 8.77
N ASN A 853 20.78 24.06 8.60
CA ASN A 853 21.69 22.94 8.60
C ASN A 853 22.26 22.62 9.99
N LEU A 854 22.48 23.65 10.81
CA LEU A 854 23.09 23.43 12.12
C LEU A 854 22.09 23.23 13.24
N GLY A 855 20.85 23.64 13.04
CA GLY A 855 19.79 23.48 14.02
C GLY A 855 19.51 22.06 14.48
N PRO A 856 19.17 21.17 13.54
CA PRO A 856 18.97 19.75 13.90
C PRO A 856 20.18 19.06 14.52
N LYS A 857 21.40 19.56 14.28
CA LYS A 857 22.57 18.96 14.89
C LYS A 857 22.62 19.23 16.39
N ILE A 858 22.37 20.47 16.80
CA ILE A 858 22.27 20.79 18.22
C ILE A 858 21.05 20.13 18.84
N ILE A 859 19.98 19.94 18.07
CA ILE A 859 18.83 19.19 18.57
C ILE A 859 19.21 17.75 18.89
N MET A 860 19.97 17.11 18.00
CA MET A 860 20.44 15.76 18.27
C MET A 860 21.41 15.73 19.45
N LEU A 861 22.19 16.80 19.65
CA LEU A 861 23.02 16.90 20.85
C LEU A 861 22.19 16.91 22.11
N GLN A 862 21.15 17.76 22.14
CA GLN A 862 20.29 17.85 23.32
C GLN A 862 19.50 16.57 23.55
N ARG A 863 19.28 15.79 22.49
CA ARG A 863 18.65 14.49 22.68
C ARG A 863 19.63 13.45 23.21
N MET A 864 20.87 13.45 22.70
CA MET A 864 21.86 12.46 23.13
C MET A 864 22.32 12.68 24.56
N MET A 865 22.25 13.93 25.05
CA MET A 865 22.78 14.23 26.38
C MET A 865 22.06 13.49 27.51
N ILE A 866 20.79 13.11 27.28
CA ILE A 866 20.05 12.34 28.28
C ILE A 866 20.70 10.97 28.50
N ASP A 867 20.85 10.21 27.40
CA ASP A 867 21.47 8.89 27.49
C ASP A 867 22.93 8.98 27.91
N VAL A 868 23.65 10.02 27.47
CA VAL A 868 25.05 10.17 27.84
C VAL A 868 25.19 10.47 29.32
N PHE A 869 24.31 11.32 29.86
CA PHE A 869 24.32 11.62 31.29
C PHE A 869 23.98 10.40 32.12
N PHE A 870 23.00 9.61 31.68
CA PHE A 870 22.63 8.40 32.43
C PHE A 870 23.74 7.36 32.41
N PHE A 871 24.33 7.12 31.23
CA PHE A 871 25.41 6.15 31.10
C PHE A 871 26.64 6.58 31.88
N LEU A 872 26.95 7.88 31.88
CA LEU A 872 28.10 8.37 32.63
C LEU A 872 27.85 8.28 34.12
N PHE A 873 26.59 8.47 34.56
CA PHE A 873 26.25 8.30 35.96
C PHE A 873 26.43 6.85 36.42
N LEU A 874 25.87 5.91 35.65
CA LEU A 874 25.99 4.49 35.98
C LEU A 874 27.44 4.03 35.93
N PHE A 875 28.21 4.54 34.96
CA PHE A 875 29.62 4.23 34.84
C PHE A 875 30.42 4.79 36.02
N ALA A 876 30.08 5.99 36.49
CA ALA A 876 30.78 6.56 37.64
C ALA A 876 30.46 5.78 38.91
N VAL A 877 29.22 5.31 39.04
CA VAL A 877 28.84 4.47 40.18
C VAL A 877 29.64 3.18 40.20
N TRP A 878 29.70 2.50 39.05
CA TRP A 878 30.47 1.26 38.97
C TRP A 878 31.96 1.50 39.14
N MET A 879 32.47 2.66 38.70
CA MET A 879 33.89 2.96 38.87
C MET A 879 34.23 3.17 40.34
N VAL A 880 33.38 3.87 41.08
CA VAL A 880 33.58 4.02 42.52
C VAL A 880 33.49 2.66 43.22
N ALA A 881 32.59 1.79 42.73
CA ALA A 881 32.44 0.46 43.32
C ALA A 881 33.68 -0.41 43.10
N PHE A 882 34.18 -0.46 41.87
CA PHE A 882 35.38 -1.23 41.56
C PHE A 882 36.60 -0.66 42.25
N GLY A 883 36.66 0.66 42.42
CA GLY A 883 37.73 1.26 43.20
C GLY A 883 37.64 0.91 44.67
N VAL A 884 36.41 0.79 45.20
CA VAL A 884 36.23 0.39 46.58
C VAL A 884 36.71 -1.04 46.79
N ALA A 885 36.38 -1.93 45.87
CA ALA A 885 36.86 -3.32 45.95
C ALA A 885 38.37 -3.39 45.79
N ARG A 886 38.95 -2.55 44.92
CA ARG A 886 40.40 -2.53 44.73
C ARG A 886 41.11 -1.98 45.97
N GLN A 887 40.52 -0.99 46.63
CA GLN A 887 41.07 -0.48 47.87
C GLN A 887 41.00 -1.53 48.99
N GLY A 888 39.92 -2.32 48.99
CA GLY A 888 39.81 -3.39 49.97
C GLY A 888 40.80 -4.51 49.74
N ILE A 889 41.05 -4.85 48.47
CA ILE A 889 41.96 -5.96 48.18
C ILE A 889 43.41 -5.53 48.32
N LEU A 890 43.75 -4.32 47.86
CA LEU A 890 45.12 -3.83 47.92
C LEU A 890 45.56 -3.41 49.31
N ARG A 891 44.63 -3.29 50.26
CA ARG A 891 44.98 -3.02 51.65
C ARG A 891 44.82 -4.30 52.46
N TRP A 897 40.00 8.61 60.60
CA TRP A 897 39.14 7.89 59.66
C TRP A 897 38.95 8.68 58.38
N GLU A 898 39.33 9.96 58.40
CA GLU A 898 39.16 10.81 57.23
C GLU A 898 40.19 10.48 56.14
N TRP A 899 41.36 9.96 56.53
CA TRP A 899 42.41 9.67 55.57
C TRP A 899 42.03 8.52 54.64
N ILE A 900 41.49 7.44 55.21
CA ILE A 900 41.11 6.29 54.40
C ILE A 900 39.90 6.61 53.52
N PHE A 901 38.99 7.46 54.01
CA PHE A 901 37.85 7.89 53.19
C PHE A 901 38.31 8.77 52.03
N ARG A 902 39.25 9.69 52.30
CA ARG A 902 39.80 10.52 51.23
C ARG A 902 40.57 9.70 50.22
N SER A 903 41.27 8.66 50.67
CA SER A 903 41.97 7.76 49.76
C SER A 903 40.99 6.94 48.92
N VAL A 904 39.92 6.43 49.55
CA VAL A 904 38.91 5.66 48.82
C VAL A 904 38.10 6.53 47.86
N ILE A 905 38.06 7.84 48.09
CA ILE A 905 37.38 8.72 47.14
C ILE A 905 38.30 9.12 46.00
N TYR A 906 39.57 9.43 46.30
CA TYR A 906 40.48 10.01 45.31
C TYR A 906 41.46 9.01 44.70
N GLU A 907 41.32 7.73 45.01
CA GLU A 907 42.07 6.67 44.34
C GLU A 907 41.51 6.19 42.99
N PRO A 908 40.20 5.92 42.81
CA PRO A 908 39.77 5.35 41.52
C PRO A 908 39.88 6.30 40.33
N TYR A 909 39.73 7.61 40.55
CA TYR A 909 39.86 8.56 39.45
C TYR A 909 41.30 8.61 38.94
N LEU A 910 42.27 8.63 39.86
CA LEU A 910 43.67 8.57 39.48
C LEU A 910 44.05 7.21 38.89
N ALA A 911 43.40 6.13 39.35
CA ALA A 911 43.68 4.82 38.77
C ALA A 911 43.11 4.68 37.37
N MET A 912 41.99 5.36 37.09
CA MET A 912 41.39 5.29 35.76
C MET A 912 42.08 6.23 34.78
N PHE A 913 42.52 7.41 35.26
CA PHE A 913 43.21 8.35 34.39
C PHE A 913 44.57 7.84 33.94
N GLY A 914 45.23 7.05 34.77
CA GLY A 914 46.52 6.47 34.42
C GLY A 914 47.58 6.67 35.46
N GLU A 954 43.34 -19.48 42.78
CA GLU A 954 43.78 -18.60 41.71
C GLU A 954 42.68 -17.62 41.32
N TRP A 955 41.97 -17.12 42.33
CA TRP A 955 40.89 -16.15 42.12
C TRP A 955 41.40 -14.74 41.89
N ILE A 956 42.71 -14.50 42.01
CA ILE A 956 43.24 -13.14 41.98
C ILE A 956 43.19 -12.57 40.57
N THR A 957 43.30 -13.42 39.54
CA THR A 957 43.33 -12.92 38.16
C THR A 957 41.96 -12.53 37.64
N ILE A 958 40.88 -12.89 38.36
CA ILE A 958 39.52 -12.63 37.87
C ILE A 958 39.09 -11.17 37.81
N PRO A 959 39.34 -10.29 38.82
CA PRO A 959 38.76 -8.93 38.73
C PRO A 959 39.28 -8.06 37.59
N LEU A 960 40.51 -8.28 37.12
CA LEU A 960 41.03 -7.49 36.00
C LEU A 960 40.24 -7.75 34.71
N VAL A 961 40.07 -9.03 34.37
CA VAL A 961 39.29 -9.39 33.18
C VAL A 961 37.82 -9.03 33.36
N CYS A 962 37.30 -9.17 34.59
CA CYS A 962 35.90 -8.82 34.84
C CYS A 962 35.66 -7.33 34.66
N ILE A 963 36.58 -6.49 35.18
CA ILE A 963 36.45 -5.05 35.07
C ILE A 963 36.63 -4.62 33.62
N TYR A 964 37.56 -5.25 32.89
CA TYR A 964 37.76 -4.92 31.47
C TYR A 964 36.54 -5.31 30.64
N MET A 965 35.91 -6.45 30.96
CA MET A 965 34.73 -6.88 30.23
C MET A 965 33.55 -5.96 30.49
N LEU A 966 33.33 -5.58 31.75
CA LEU A 966 32.23 -4.67 32.08
C LEU A 966 32.44 -3.29 31.47
N SER A 967 33.70 -2.81 31.48
CA SER A 967 34.01 -1.51 30.89
C SER A 967 33.82 -1.53 29.37
N THR A 968 34.25 -2.61 28.71
CA THR A 968 34.05 -2.74 27.26
C THR A 968 32.58 -2.85 26.91
N ASN A 969 31.81 -3.54 27.76
CA ASN A 969 30.37 -3.67 27.57
C ASN A 969 29.68 -2.32 27.64
N ILE A 970 29.98 -1.54 28.69
CA ILE A 970 29.37 -0.23 28.86
C ILE A 970 29.83 0.73 27.75
N LEU A 971 31.10 0.62 27.34
CA LEU A 971 31.65 1.52 26.33
C LEU A 971 31.04 1.26 24.96
N LEU A 972 30.87 -0.01 24.59
CA LEU A 972 30.20 -0.33 23.33
C LEU A 972 28.73 0.04 23.38
N VAL A 973 28.05 -0.27 24.50
CA VAL A 973 26.62 -0.03 24.60
C VAL A 973 26.28 1.45 24.68
N ASN A 974 27.22 2.30 25.11
CA ASN A 974 27.02 3.74 25.10
C ASN A 974 26.79 4.25 23.68
N LEU A 975 27.74 3.98 22.78
CA LEU A 975 27.59 4.37 21.38
C LEU A 975 26.46 3.58 20.70
N LEU A 976 26.18 2.36 21.16
CA LEU A 976 25.07 1.58 20.61
C LEU A 976 23.72 2.26 20.89
N VAL A 977 23.44 2.56 22.15
CA VAL A 977 22.18 3.22 22.50
C VAL A 977 22.16 4.65 22.01
N ALA A 978 23.33 5.26 21.81
CA ALA A 978 23.39 6.53 21.08
C ALA A 978 22.96 6.35 19.64
N MET A 979 23.32 5.23 19.01
CA MET A 979 22.86 4.95 17.65
C MET A 979 21.37 4.61 17.64
N PHE A 980 20.81 4.16 18.77
CA PHE A 980 19.39 3.87 18.85
C PHE A 980 18.55 5.13 18.68
N GLY A 981 18.68 6.07 19.61
CA GLY A 981 17.90 7.30 19.57
C GLY A 981 18.43 8.33 18.60
N ASN A 990 13.31 12.96 12.00
CA ASN A 990 12.15 13.82 12.14
C ASN A 990 12.43 14.96 13.12
N ASN A 991 13.65 15.48 13.09
CA ASN A 991 14.03 16.62 13.93
C ASN A 991 13.62 17.95 13.32
N ASP A 992 13.13 17.95 12.09
CA ASP A 992 12.85 19.20 11.38
C ASP A 992 11.69 19.95 12.04
N GLN A 993 10.66 19.22 12.47
CA GLN A 993 9.52 19.85 13.14
C GLN A 993 9.92 20.44 14.48
N VAL A 994 10.82 19.77 15.20
CA VAL A 994 11.33 20.30 16.45
C VAL A 994 12.14 21.56 16.21
N TRP A 995 12.89 21.59 15.09
CA TRP A 995 13.59 22.81 14.71
C TRP A 995 12.63 23.95 14.42
N LYS A 996 11.46 23.64 13.87
CA LYS A 996 10.49 24.70 13.59
C LYS A 996 9.87 25.26 14.87
N PHE A 997 9.62 24.41 15.86
CA PHE A 997 9.29 24.90 17.21
C PHE A 997 10.35 25.84 17.79
N GLN A 998 11.62 25.41 17.76
CA GLN A 998 12.68 26.24 18.31
C GLN A 998 12.82 27.56 17.56
N ARG A 999 12.52 27.52 16.25
CA ARG A 999 12.50 28.73 15.45
C ARG A 999 11.43 29.70 15.95
N PHE A 1000 10.26 29.17 16.31
CA PHE A 1000 9.23 30.05 16.89
C PHE A 1000 9.70 30.71 18.17
N PHE A 1001 10.36 29.95 19.04
CA PHE A 1001 10.79 30.55 20.32
C PHE A 1001 11.82 31.63 20.10
N LEU A 1002 12.73 31.43 19.14
CA LEU A 1002 13.74 32.45 18.86
C LEU A 1002 13.12 33.73 18.30
N VAL A 1003 12.18 33.58 17.36
CA VAL A 1003 11.50 34.74 16.76
C VAL A 1003 10.70 35.49 17.82
N GLN A 1004 10.02 34.76 18.71
CA GLN A 1004 9.24 35.42 19.76
C GLN A 1004 10.13 36.15 20.75
N GLU A 1005 11.33 35.72 21.07
CA GLU A 1005 12.11 36.56 22.00
C GLU A 1005 12.53 37.96 21.45
N TYR A 1006 13.07 37.95 20.23
CA TYR A 1006 13.54 39.17 19.59
C TYR A 1006 12.50 40.25 19.29
N CYS A 1007 11.32 39.87 18.82
CA CYS A 1007 10.30 40.87 18.55
C CYS A 1007 9.96 41.63 19.82
N SER A 1008 9.85 40.91 20.93
CA SER A 1008 9.58 41.52 22.22
C SER A 1008 10.72 42.44 22.64
N ARG A 1009 11.97 42.04 22.38
CA ARG A 1009 13.11 42.88 22.78
C ARG A 1009 13.23 44.28 22.12
N LEU A 1010 13.68 45.29 22.89
CA LEU A 1010 13.87 46.65 22.41
C LEU A 1010 14.84 46.68 21.24
N THR A 1011 14.79 47.79 20.49
CA THR A 1011 15.51 47.90 19.23
C THR A 1011 17.02 47.98 19.45
N ILE A 1012 17.44 48.60 20.54
CA ILE A 1012 18.82 49.02 20.72
C ILE A 1012 19.69 47.82 21.08
N PRO A 1013 20.92 47.78 20.54
CA PRO A 1013 22.01 46.78 20.70
C PRO A 1013 22.38 46.43 22.15
N PHE A 1014 23.10 45.33 22.29
CA PHE A 1014 23.55 44.81 23.59
C PHE A 1014 24.10 45.81 24.62
N PRO A 1015 25.23 46.47 24.31
CA PRO A 1015 25.86 47.36 25.30
C PRO A 1015 25.13 48.67 25.48
N PHE A 1016 24.24 49.03 24.56
CA PHE A 1016 23.59 50.33 24.57
C PHE A 1016 22.14 50.26 25.08
N VAL A 1017 21.70 49.12 25.62
CA VAL A 1017 20.34 49.01 26.14
C VAL A 1017 20.24 49.69 27.51
N ILE A 1018 21.37 50.06 28.11
CA ILE A 1018 21.38 50.65 29.45
C ILE A 1018 20.66 51.99 29.46
N PHE A 1019 20.85 52.78 28.40
CA PHE A 1019 20.17 54.07 28.31
C PHE A 1019 18.66 53.88 28.21
N ALA A 1020 18.25 52.92 27.39
CA ALA A 1020 16.83 52.63 27.19
C ALA A 1020 16.22 52.15 28.50
N TYR A 1021 16.95 51.30 29.21
CA TYR A 1021 16.51 50.78 30.49
C TYR A 1021 16.37 51.91 31.50
N ILE A 1022 17.32 52.85 31.47
CA ILE A 1022 17.28 53.99 32.38
C ILE A 1022 16.04 54.83 32.08
N PHE A 1023 15.72 55.00 30.81
CA PHE A 1023 14.53 55.76 30.43
C PHE A 1023 13.29 55.04 30.94
N MET A 1024 13.27 53.71 30.81
CA MET A 1024 12.15 52.89 31.26
C MET A 1024 11.97 52.97 32.77
N VAL A 1025 13.09 52.95 33.51
CA VAL A 1025 13.02 53.04 34.96
C VAL A 1025 12.68 54.47 35.40
N MET A 1026 13.09 55.47 34.62
CA MET A 1026 12.82 56.85 34.98
C MET A 1026 11.35 57.21 34.78
N ARG A 1027 10.69 56.61 33.79
CA ARG A 1027 9.25 56.84 33.65
C ARG A 1027 8.45 56.10 34.71
N LYS A 1028 9.05 55.15 35.42
CA LYS A 1028 8.35 54.40 36.45
C LYS A 1028 8.48 55.08 37.81
N PRO A 1041 -10.84 48.80 27.75
CA PRO A 1041 -10.00 47.81 27.08
C PRO A 1041 -10.50 47.48 25.68
N SER A 1042 -10.07 46.34 25.14
CA SER A 1042 -10.47 45.90 23.81
C SER A 1042 -11.34 44.66 23.94
N VAL A 1043 -12.55 44.73 23.42
CA VAL A 1043 -13.48 43.62 23.46
C VAL A 1043 -13.37 42.82 22.16
N CYS A 1044 -13.84 41.56 22.21
CA CYS A 1044 -13.59 40.56 21.17
C CYS A 1044 -14.18 40.93 19.82
N CYS A 1045 -15.49 41.06 19.70
CA CYS A 1045 -16.12 41.22 18.39
C CYS A 1045 -17.13 42.35 18.38
N SER A 1046 -16.76 43.52 18.90
CA SER A 1046 -17.62 44.68 18.74
C SER A 1046 -17.22 45.59 17.59
N ARG A 1047 -15.92 45.61 17.25
CA ARG A 1047 -15.42 46.44 16.18
C ARG A 1047 -15.89 45.93 14.82
N ASN A 1048 -15.61 46.71 13.78
CA ASN A 1048 -16.11 46.40 12.45
C ASN A 1048 -15.12 45.57 11.64
N GLU A 1049 -13.82 45.86 11.78
CA GLU A 1049 -12.81 45.09 11.06
C GLU A 1049 -12.74 43.66 11.57
N ASP A 1050 -13.09 43.43 12.83
CA ASP A 1050 -13.15 42.06 13.36
C ASP A 1050 -14.22 41.25 12.64
N ASN A 1051 -15.40 41.83 12.45
CA ASN A 1051 -16.43 41.16 11.69
C ASN A 1051 -16.04 41.00 10.23
N GLU A 1052 -15.27 41.95 9.70
CA GLU A 1052 -14.79 41.84 8.32
C GLU A 1052 -13.84 40.67 8.14
N ILE A 1053 -13.00 40.40 9.14
CA ILE A 1053 -12.10 39.24 9.05
C ILE A 1053 -12.87 37.94 9.19
N LEU A 1054 -13.77 37.88 10.18
CA LEU A 1054 -14.46 36.63 10.48
C LEU A 1054 -15.44 36.25 9.37
N ALA A 1055 -15.99 37.24 8.65
CA ALA A 1055 -16.84 36.92 7.50
C ALA A 1055 -16.05 36.25 6.38
N TRP A 1056 -14.84 36.75 6.13
CA TRP A 1056 -13.94 36.11 5.18
C TRP A 1056 -13.63 34.68 5.58
N GLU A 1057 -13.38 34.46 6.87
CA GLU A 1057 -13.10 33.11 7.34
C GLU A 1057 -14.32 32.20 7.20
N ALA A 1058 -15.52 32.74 7.38
CA ALA A 1058 -16.73 31.94 7.21
C ALA A 1058 -16.89 31.48 5.77
N VAL A 1059 -16.60 32.37 4.81
CA VAL A 1059 -16.63 32.00 3.39
C VAL A 1059 -15.63 30.89 3.09
N MET A 1060 -14.42 31.03 3.62
CA MET A 1060 -13.38 30.04 3.38
C MET A 1060 -13.73 28.69 4.01
N LYS A 1061 -14.40 28.72 5.17
CA LYS A 1061 -14.88 27.49 5.78
C LYS A 1061 -15.92 26.80 4.92
N GLU A 1062 -16.82 27.56 4.31
CA GLU A 1062 -17.86 26.94 3.49
C GLU A 1062 -17.27 26.26 2.26
N ASN A 1063 -16.25 26.89 1.65
CA ASN A 1063 -15.55 26.21 0.55
C ASN A 1063 -14.82 24.95 1.02
N TYR A 1064 -14.24 24.99 2.23
CA TYR A 1064 -13.61 23.80 2.78
C TYR A 1064 -14.61 22.67 3.00
N LEU A 1065 -15.80 22.99 3.50
CA LEU A 1065 -16.80 21.96 3.77
C LEU A 1065 -17.31 21.34 2.49
N VAL A 1066 -17.47 22.14 1.44
CA VAL A 1066 -17.88 21.59 0.14
C VAL A 1066 -16.83 20.63 -0.40
N LYS A 1067 -15.56 21.04 -0.34
CA LYS A 1067 -14.50 20.16 -0.86
C LYS A 1067 -14.35 18.89 -0.02
N ILE A 1068 -14.61 18.94 1.28
CA ILE A 1068 -14.50 17.71 2.04
C ILE A 1068 -15.74 16.85 1.87
N ASN A 1069 -16.89 17.44 1.48
CA ASN A 1069 -18.09 16.63 1.30
C ASN A 1069 -18.14 15.96 -0.07
N THR A 1070 -17.44 16.48 -1.08
CA THR A 1070 -17.35 15.74 -2.34
C THR A 1070 -16.62 14.41 -2.16
N LYS A 1071 -15.40 14.46 -1.63
CA LYS A 1071 -14.62 13.25 -1.44
C LYS A 1071 -15.14 12.45 -0.24
N UNK A 1079 -18.71 6.20 -3.40
CA UNK A 1079 -19.20 5.45 -4.55
C UNK A 1079 -20.27 4.45 -4.10
N UNK A 1080 -20.45 4.33 -2.79
CA UNK A 1080 -21.42 3.40 -2.23
C UNK A 1080 -22.85 3.88 -2.47
N UNK A 1081 -23.08 5.16 -2.20
CA UNK A 1081 -24.36 5.82 -2.46
C UNK A 1081 -24.59 5.92 -3.97
N UNK A 1082 -23.50 6.07 -4.71
CA UNK A 1082 -23.52 6.08 -6.16
C UNK A 1082 -24.02 4.74 -6.70
N UNK A 1083 -23.46 3.65 -6.16
CA UNK A 1083 -23.86 2.30 -6.55
C UNK A 1083 -25.31 2.00 -6.15
N UNK A 1084 -25.69 2.48 -4.96
CA UNK A 1084 -27.04 2.32 -4.45
C UNK A 1084 -28.07 3.04 -5.32
N UNK A 1085 -27.78 4.29 -5.69
CA UNK A 1085 -28.66 5.07 -6.55
C UNK A 1085 -28.66 4.53 -7.97
N UNK A 1086 -27.54 3.93 -8.40
CA UNK A 1086 -27.46 3.28 -9.70
C UNK A 1086 -28.39 2.07 -9.75
N UNK A 1087 -28.35 1.25 -8.71
CA UNK A 1087 -29.22 0.09 -8.59
C UNK A 1087 -30.68 0.51 -8.48
N UNK A 1088 -30.93 1.59 -7.75
CA UNK A 1088 -32.28 2.13 -7.61
C UNK A 1088 -32.84 2.68 -8.92
N UNK A 1089 -31.99 3.37 -9.70
CA UNK A 1089 -32.40 3.90 -10.99
C UNK A 1089 -32.66 2.77 -11.99
N UNK A 1090 -31.80 1.75 -11.96
CA UNK A 1090 -31.96 0.57 -12.78
C UNK A 1090 -33.26 -0.17 -12.44
N UNK A 1091 -33.53 -0.31 -11.15
CA UNK A 1091 -34.75 -0.95 -10.67
C UNK A 1091 -35.98 -0.13 -11.03
N UNK A 1092 -35.86 1.18 -11.00
CA UNK A 1092 -36.95 2.08 -11.36
C UNK A 1092 -37.30 1.97 -12.84
N UNK A 1093 -36.28 1.98 -13.69
CA UNK A 1093 -36.46 1.81 -15.13
C UNK A 1093 -37.05 0.43 -15.45
N UNK A 1094 -36.54 -0.60 -14.78
CA UNK A 1094 -37.04 -1.96 -14.94
C UNK A 1094 -38.50 -2.12 -14.50
N UNK A 1095 -38.86 -1.47 -13.39
CA UNK A 1095 -40.21 -1.52 -12.87
C UNK A 1095 -41.17 -0.76 -13.77
N UNK A 1096 -40.70 0.36 -14.33
CA UNK A 1096 -41.49 1.13 -15.29
C UNK A 1096 -41.75 0.31 -16.55
N UNK A 1097 -40.71 -0.41 -17.00
CA UNK A 1097 -40.86 -1.29 -18.16
C UNK A 1097 -41.79 -2.46 -17.88
N UNK A 1098 -41.73 -3.02 -16.68
CA UNK A 1098 -42.57 -4.16 -16.30
C UNK A 1098 -44.02 -3.75 -16.10
N UNK A 1099 -44.24 -2.50 -15.69
CA UNK A 1099 -45.58 -1.97 -15.54
C UNK A 1099 -46.14 -1.56 -16.91
N UNK A 1100 -45.24 -1.19 -17.82
CA UNK A 1100 -45.65 -0.82 -19.18
C UNK A 1100 -45.90 -2.06 -20.04
N UNK A 1101 -45.32 -3.19 -19.65
CA UNK A 1101 -45.43 -4.43 -20.41
C UNK A 1101 -46.60 -5.28 -19.96
N UNK A 1102 -47.18 -4.97 -18.80
CA UNK A 1102 -48.29 -5.73 -18.26
C UNK A 1102 -49.57 -5.48 -19.06
N UNK B 96 -0.28 -49.55 -31.91
CA UNK B 96 -1.14 -50.72 -31.77
C UNK B 96 -0.34 -51.94 -31.36
N UNK B 97 0.05 -51.98 -30.08
CA UNK B 97 0.88 -53.07 -29.58
C UNK B 97 0.04 -54.26 -29.12
N UNK B 98 0.58 -55.46 -29.30
CA UNK B 98 -0.08 -56.66 -28.84
C UNK B 98 0.40 -57.00 -27.44
N UNK B 99 -0.41 -57.75 -26.71
CA UNK B 99 -0.09 -58.07 -25.33
C UNK B 99 0.48 -59.47 -25.20
N UNK B 100 1.34 -59.66 -24.20
CA UNK B 100 1.86 -60.97 -23.86
C UNK B 100 1.14 -61.48 -22.62
N UNK B 101 0.23 -62.42 -22.82
CA UNK B 101 -0.67 -62.84 -21.75
C UNK B 101 -0.47 -64.27 -21.32
N UNK B 102 -0.85 -64.57 -20.08
CA UNK B 102 -0.86 -65.95 -19.59
C UNK B 102 -2.07 -66.66 -20.18
N UNK B 103 -1.87 -67.89 -20.66
CA UNK B 103 -2.89 -68.72 -21.30
C UNK B 103 -3.54 -68.01 -22.49
N UNK B 104 -2.73 -67.29 -23.24
CA UNK B 104 -3.23 -66.35 -24.24
C UNK B 104 -3.83 -67.00 -25.49
N UNK B 105 -4.38 -66.13 -26.33
CA UNK B 105 -4.88 -66.48 -27.66
C UNK B 105 -5.00 -65.14 -28.39
N UNK B 106 -3.88 -64.44 -28.48
CA UNK B 106 -3.86 -63.03 -28.88
C UNK B 106 -4.31 -62.78 -30.31
N UNK B 107 -5.08 -61.70 -30.46
CA UNK B 107 -5.59 -61.28 -31.75
C UNK B 107 -5.49 -59.76 -31.84
N UNK B 108 -4.86 -59.26 -32.89
CA UNK B 108 -4.63 -57.82 -33.01
C UNK B 108 -5.88 -57.07 -33.48
N UNK B 109 -5.66 -55.90 -34.05
CA UNK B 109 -6.75 -55.04 -34.49
C UNK B 109 -7.43 -55.60 -35.72
N UNK B 110 4.56 -51.45 -24.80
CA UNK B 110 3.54 -52.48 -24.84
C UNK B 110 3.16 -52.90 -23.43
N UNK B 111 1.90 -53.27 -23.24
CA UNK B 111 1.43 -53.62 -21.90
C UNK B 111 0.94 -55.06 -21.82
N UNK B 112 1.30 -55.71 -20.72
CA UNK B 112 0.94 -57.11 -20.50
C UNK B 112 -0.47 -57.22 -19.93
N UNK B 113 -1.41 -57.59 -20.79
CA UNK B 113 -2.81 -57.73 -20.41
C UNK B 113 -3.18 -59.20 -20.25
N UNK B 114 -3.13 -59.70 -19.01
CA UNK B 114 -3.35 -61.11 -18.71
C UNK B 114 -4.75 -61.64 -19.09
N UNK B 115 -4.95 -61.88 -20.37
CA UNK B 115 -6.27 -62.16 -20.92
C UNK B 115 -6.69 -63.61 -20.89
N UNK B 116 -7.36 -64.05 -19.82
CA UNK B 116 -7.84 -65.42 -19.75
C UNK B 116 -9.09 -65.64 -20.61
N UNK B 117 -8.94 -65.52 -21.93
CA UNK B 117 -10.07 -65.58 -22.84
C UNK B 117 -10.46 -67.02 -23.17
N LYS B 118 -5.24 -56.76 -14.52
CA LYS B 118 -5.53 -56.31 -15.88
C LYS B 118 -6.23 -57.42 -16.63
N TYR B 119 -6.97 -58.24 -15.89
CA TYR B 119 -7.60 -59.44 -16.42
C TYR B 119 -8.60 -59.11 -17.51
N ILE B 120 -8.77 -60.04 -18.45
CA ILE B 120 -9.67 -59.87 -19.58
C ILE B 120 -10.42 -61.19 -19.74
N ARG B 121 -11.70 -61.11 -20.11
CA ARG B 121 -12.48 -62.31 -20.29
C ARG B 121 -13.27 -62.26 -21.59
N LEU B 122 -13.52 -63.43 -22.16
CA LEU B 122 -14.32 -63.54 -23.36
C LEU B 122 -15.55 -64.30 -22.94
N SER B 123 -16.72 -63.75 -23.19
CA SER B 123 -17.96 -64.41 -22.77
C SER B 123 -19.12 -64.27 -23.74
N CYS B 124 -20.05 -65.21 -23.63
CA CYS B 124 -21.27 -65.24 -24.43
C CYS B 124 -22.23 -64.17 -23.94
N ASP B 125 -23.19 -63.79 -24.77
CA ASP B 125 -24.12 -62.75 -24.36
C ASP B 125 -25.19 -63.34 -23.45
N THR B 126 -24.83 -63.51 -22.19
CA THR B 126 -25.72 -64.06 -21.17
C THR B 126 -25.12 -63.96 -19.78
N ASP B 127 -25.88 -64.40 -18.78
CA ASP B 127 -25.42 -64.63 -17.39
C ASP B 127 -24.90 -63.36 -16.73
N SER B 128 -25.84 -62.44 -16.46
CA SER B 128 -25.48 -61.18 -15.80
C SER B 128 -25.07 -61.41 -14.36
N GLU B 129 -25.89 -62.13 -13.59
CA GLU B 129 -25.62 -62.32 -12.17
C GLU B 129 -24.37 -63.17 -11.93
N THR B 130 -24.10 -64.12 -12.82
CA THR B 130 -22.86 -64.88 -12.74
C THR B 130 -21.65 -63.99 -13.01
N LEU B 131 -21.78 -63.06 -13.97
CA LEU B 131 -20.71 -62.12 -14.28
C LEU B 131 -20.42 -61.20 -13.09
N TYR B 132 -21.48 -60.69 -12.47
CA TYR B 132 -21.33 -59.87 -11.26
C TYR B 132 -20.74 -60.67 -10.12
N ASP B 133 -21.13 -61.95 -9.99
CA ASP B 133 -20.59 -62.82 -8.95
C ASP B 133 -19.10 -63.05 -9.17
N LEU B 134 -18.68 -63.17 -10.43
CA LEU B 134 -17.26 -63.25 -10.75
C LEU B 134 -16.52 -62.00 -10.31
N MET B 135 -17.00 -60.82 -10.74
CA MET B 135 -16.32 -59.57 -10.44
C MET B 135 -16.35 -59.21 -8.96
N THR B 136 -17.28 -59.77 -8.18
CA THR B 136 -17.28 -59.54 -6.74
C THR B 136 -16.44 -60.58 -5.98
N GLN B 137 -16.67 -61.86 -6.24
CA GLN B 137 -15.99 -62.91 -5.49
C GLN B 137 -14.51 -62.99 -5.82
N HIS B 138 -14.09 -62.56 -7.01
CA HIS B 138 -12.68 -62.70 -7.37
C HIS B 138 -11.85 -61.50 -6.94
N TRP B 139 -12.24 -60.29 -7.33
CA TRP B 139 -11.38 -59.15 -7.09
C TRP B 139 -11.99 -58.08 -6.18
N HIS B 140 -13.16 -57.57 -6.53
CA HIS B 140 -13.60 -56.27 -6.05
C HIS B 140 -14.67 -56.38 -4.97
N LEU B 141 -14.69 -55.37 -4.10
CA LEU B 141 -15.72 -55.24 -3.09
C LEU B 141 -16.89 -54.44 -3.65
N LYS B 142 -17.96 -54.33 -2.87
CA LYS B 142 -19.20 -53.70 -3.30
C LYS B 142 -18.99 -52.21 -3.56
N THR B 143 -19.88 -51.64 -4.36
CA THR B 143 -19.64 -50.34 -4.98
C THR B 143 -20.61 -49.30 -4.46
N PRO B 144 -20.15 -48.24 -3.80
CA PRO B 144 -21.06 -47.17 -3.38
C PRO B 144 -21.56 -46.30 -4.52
N ASN B 145 -21.06 -46.45 -5.74
CA ASN B 145 -21.41 -45.59 -6.86
C ASN B 145 -20.98 -46.30 -8.14
N LEU B 146 -21.55 -45.89 -9.27
CA LEU B 146 -20.99 -46.26 -10.57
C LEU B 146 -21.39 -45.21 -11.61
N VAL B 147 -20.40 -44.58 -12.22
CA VAL B 147 -20.62 -43.57 -13.22
C VAL B 147 -20.52 -44.23 -14.58
N ILE B 148 -21.66 -44.48 -15.21
CA ILE B 148 -21.69 -44.94 -16.60
C ILE B 148 -21.60 -43.71 -17.50
N SER B 149 -20.52 -43.63 -18.26
CA SER B 149 -20.36 -42.60 -19.26
C SER B 149 -20.29 -43.27 -20.63
N VAL B 150 -20.83 -42.58 -21.63
CA VAL B 150 -20.86 -43.08 -23.00
C VAL B 150 -20.45 -41.93 -23.91
N THR B 151 -19.53 -42.21 -24.83
CA THR B 151 -19.06 -41.23 -25.79
C THR B 151 -19.91 -41.25 -27.05
N LYS B 155 -15.31 -41.69 -33.51
CA LYS B 155 -15.83 -41.00 -32.34
C LYS B 155 -14.85 -39.95 -31.83
N ASN B 156 -13.84 -39.66 -32.64
CA ASN B 156 -12.81 -38.70 -32.26
C ASN B 156 -13.37 -37.28 -32.24
N PHE B 157 -12.75 -36.44 -31.42
CA PHE B 157 -13.07 -35.02 -31.30
C PHE B 157 -11.89 -34.36 -30.62
N ALA B 158 -12.05 -33.08 -30.27
CA ALA B 158 -10.97 -32.28 -29.69
C ALA B 158 -11.32 -31.87 -28.27
N LEU B 159 -10.38 -32.10 -27.35
CA LEU B 159 -10.57 -31.70 -25.97
C LEU B 159 -10.46 -30.19 -25.85
N LYS B 160 -11.42 -29.57 -25.18
CA LYS B 160 -11.38 -28.16 -24.86
C LYS B 160 -10.50 -27.98 -23.62
N PRO B 161 -10.17 -26.74 -23.23
CA PRO B 161 -9.51 -26.56 -21.92
C PRO B 161 -10.44 -26.64 -20.72
N ARG B 162 -11.74 -26.80 -20.91
CA ARG B 162 -12.66 -26.94 -19.80
C ARG B 162 -13.08 -28.39 -19.55
N MET B 163 -13.28 -29.16 -20.63
CA MET B 163 -13.74 -30.53 -20.50
C MET B 163 -12.72 -31.41 -19.78
N ARG B 164 -11.44 -31.09 -19.94
CA ARG B 164 -10.39 -31.74 -19.17
C ARG B 164 -10.56 -31.51 -17.68
N LYS B 165 -10.92 -30.29 -17.29
CA LYS B 165 -11.16 -29.97 -15.88
C LYS B 165 -12.35 -30.74 -15.32
N ILE B 166 -13.44 -30.81 -16.09
CA ILE B 166 -14.64 -31.54 -15.67
C ILE B 166 -14.33 -33.02 -15.47
N PHE B 167 -13.61 -33.65 -16.41
CA PHE B 167 -13.43 -35.08 -16.25
C PHE B 167 -12.35 -35.42 -15.24
N SER B 168 -11.38 -34.52 -15.03
CA SER B 168 -10.45 -34.70 -13.92
C SER B 168 -11.19 -34.63 -12.58
N ARG B 169 -12.10 -33.67 -12.45
CA ARG B 169 -12.92 -33.56 -11.24
C ARG B 169 -13.82 -34.77 -11.06
N LEU B 170 -14.34 -35.32 -12.17
CA LEU B 170 -15.22 -36.48 -12.10
C LEU B 170 -14.49 -37.72 -11.64
N ILE B 171 -13.29 -37.97 -12.19
CA ILE B 171 -12.57 -39.15 -11.74
C ILE B 171 -12.00 -38.94 -10.34
N TYR B 172 -11.79 -37.68 -9.92
CA TYR B 172 -11.44 -37.41 -8.53
C TYR B 172 -12.60 -37.76 -7.59
N ILE B 173 -13.83 -37.43 -7.99
CA ILE B 173 -15.02 -37.82 -7.23
C ILE B 173 -15.16 -39.33 -7.17
N ALA B 174 -14.91 -40.01 -8.30
CA ALA B 174 -15.03 -41.46 -8.34
C ALA B 174 -13.98 -42.13 -7.47
N GLN B 175 -12.81 -41.52 -7.32
CA GLN B 175 -11.83 -42.09 -6.40
C GLN B 175 -12.16 -41.79 -4.95
N SER B 176 -12.76 -40.63 -4.68
CA SER B 176 -13.08 -40.28 -3.30
C SER B 176 -14.22 -41.14 -2.76
N LYS B 177 -15.28 -41.34 -3.55
CA LYS B 177 -16.38 -42.18 -3.11
C LYS B 177 -16.03 -43.66 -3.23
N GLY B 178 -15.42 -44.05 -4.34
CA GLY B 178 -15.19 -45.44 -4.65
C GLY B 178 -16.23 -45.93 -5.63
N ALA B 179 -15.89 -46.01 -6.91
CA ALA B 179 -16.93 -46.20 -7.91
C ALA B 179 -16.41 -47.04 -9.06
N TRP B 180 -17.31 -47.38 -9.97
CA TRP B 180 -16.97 -48.01 -11.23
C TRP B 180 -17.24 -47.02 -12.36
N ILE B 181 -16.51 -47.18 -13.45
CA ILE B 181 -16.68 -46.37 -14.65
C ILE B 181 -16.85 -47.34 -15.81
N PHE B 182 -17.81 -47.06 -16.70
CA PHE B 182 -18.06 -47.98 -17.80
C PHE B 182 -17.80 -47.35 -19.16
N THR B 183 -16.61 -46.79 -19.39
CA THR B 183 -16.32 -46.16 -20.67
C THR B 183 -16.16 -47.20 -21.77
N GLY B 184 -16.17 -46.73 -23.02
CA GLY B 184 -16.00 -47.62 -24.16
C GLY B 184 -14.52 -47.86 -24.44
N GLY B 185 -14.14 -49.14 -24.47
CA GLY B 185 -12.74 -49.57 -24.37
C GLY B 185 -11.83 -49.25 -25.55
N THR B 186 -12.31 -48.60 -26.61
CA THR B 186 -11.46 -48.26 -27.73
C THR B 186 -10.45 -47.18 -27.35
N HIS B 187 -9.20 -47.36 -27.78
CA HIS B 187 -8.13 -46.43 -27.41
C HIS B 187 -8.32 -45.05 -28.02
N TYR B 188 -8.92 -44.97 -29.20
CA TYR B 188 -9.15 -43.68 -29.83
C TYR B 188 -10.31 -42.97 -29.16
N GLY B 189 -10.19 -41.65 -29.06
CA GLY B 189 -11.27 -40.83 -28.54
C GLY B 189 -11.06 -40.33 -27.12
N LEU B 190 -12.19 -40.05 -26.47
CA LEU B 190 -12.19 -39.53 -25.11
C LEU B 190 -11.76 -40.59 -24.10
N MET B 191 -11.94 -41.87 -24.44
CA MET B 191 -11.56 -42.97 -23.56
C MET B 191 -10.06 -42.97 -23.26
N LYS B 192 -9.25 -42.50 -24.21
CA LYS B 192 -7.84 -42.29 -23.96
C LYS B 192 -7.63 -41.28 -22.84
N TYR B 193 -8.44 -40.22 -22.82
CA TYR B 193 -8.25 -39.21 -21.79
C TYR B 193 -8.72 -39.71 -20.43
N ILE B 194 -9.80 -40.50 -20.41
CA ILE B 194 -10.22 -41.13 -19.15
C ILE B 194 -9.15 -42.08 -18.64
N GLY B 195 -8.55 -42.88 -19.53
CA GLY B 195 -7.45 -43.75 -19.11
C GLY B 195 -6.25 -42.99 -18.58
N GLU B 196 -5.94 -41.85 -19.20
CA GLU B 196 -4.85 -41.01 -18.73
C GLU B 196 -5.11 -40.45 -17.34
N VAL B 197 -6.35 -39.97 -17.09
CA VAL B 197 -6.65 -39.40 -15.78
C VAL B 197 -6.73 -40.48 -14.71
N VAL B 198 -7.18 -41.69 -15.06
CA VAL B 198 -7.19 -42.80 -14.12
C VAL B 198 -5.76 -43.18 -13.73
N ARG B 199 -4.87 -43.23 -14.73
CA ARG B 199 -3.46 -43.51 -14.45
C ARG B 199 -2.84 -42.41 -13.58
N ASP B 200 -3.23 -41.16 -13.82
CA ASP B 200 -2.73 -40.03 -13.05
C ASP B 200 -3.18 -40.09 -11.59
N ASN B 201 -4.45 -40.43 -11.35
CA ASN B 201 -4.91 -40.53 -9.98
C ASN B 201 -4.35 -41.75 -9.27
N THR B 202 -4.03 -42.83 -10.00
CA THR B 202 -3.37 -43.96 -9.35
C THR B 202 -1.94 -43.63 -8.96
N ILE B 203 -1.22 -42.85 -9.79
CA ILE B 203 0.14 -42.54 -9.38
C ILE B 203 0.18 -41.41 -8.34
N SER B 204 -0.80 -40.51 -8.34
CA SER B 204 -0.75 -39.37 -7.44
C SER B 204 -1.14 -39.75 -6.01
N ARG B 205 -2.40 -40.12 -5.80
CA ARG B 205 -2.91 -40.49 -4.48
C ARG B 205 -2.93 -42.00 -4.36
N SER B 206 -2.30 -42.50 -3.29
CA SER B 206 -2.10 -43.94 -3.11
C SER B 206 -3.40 -44.60 -2.65
N SER B 207 -4.31 -44.78 -3.60
CA SER B 207 -5.55 -45.49 -3.37
C SER B 207 -5.82 -46.37 -4.59
N GLU B 208 -6.99 -47.00 -4.61
CA GLU B 208 -7.35 -47.87 -5.73
C GLU B 208 -8.79 -47.62 -6.14
N GLU B 209 -9.01 -47.50 -7.44
CA GLU B 209 -10.34 -47.49 -8.03
C GLU B 209 -10.22 -47.89 -9.49
N ASN B 210 -11.27 -48.51 -10.01
CA ASN B 210 -11.22 -49.26 -11.24
C ASN B 210 -12.07 -48.63 -12.32
N VAL B 211 -11.79 -49.00 -13.56
CA VAL B 211 -12.58 -48.60 -14.72
C VAL B 211 -12.85 -49.83 -15.57
N VAL B 212 -13.99 -50.47 -15.33
CA VAL B 212 -14.38 -51.65 -16.10
C VAL B 212 -14.89 -51.16 -17.44
N ALA B 213 -14.07 -51.27 -18.48
CA ALA B 213 -14.47 -50.81 -19.80
C ALA B 213 -14.99 -51.97 -20.62
N ILE B 214 -15.81 -51.67 -21.62
CA ILE B 214 -16.25 -52.67 -22.57
C ILE B 214 -16.08 -52.10 -23.97
N LYS B 248 -12.27 -63.01 -27.84
CA LYS B 248 -11.99 -61.87 -28.69
C LYS B 248 -13.26 -61.37 -29.36
N ARG B 249 -13.46 -60.05 -29.37
CA ARG B 249 -14.63 -59.45 -29.96
C ARG B 249 -14.41 -59.24 -31.45
N ASP B 250 -15.51 -59.32 -32.21
CA ASP B 250 -15.45 -59.34 -33.67
C ASP B 250 -14.84 -58.09 -34.31
N PRO B 251 -15.10 -56.86 -33.85
CA PRO B 251 -14.21 -55.76 -34.22
C PRO B 251 -13.13 -55.56 -33.15
N LEU B 252 -12.07 -54.86 -33.57
CA LEU B 252 -11.08 -54.33 -32.65
C LEU B 252 -10.44 -53.14 -33.35
N TYR B 253 -10.85 -51.93 -32.96
CA TYR B 253 -10.18 -50.72 -33.43
C TYR B 253 -8.76 -50.69 -32.90
N CYS B 254 -8.66 -50.42 -31.59
CA CYS B 254 -7.43 -50.45 -30.81
C CYS B 254 -7.79 -50.36 -29.33
N LEU B 255 -7.18 -51.19 -28.51
CA LEU B 255 -7.53 -51.31 -27.10
C LEU B 255 -6.67 -50.35 -26.29
N ASP B 256 -7.29 -49.46 -25.53
CA ASP B 256 -6.57 -48.66 -24.56
C ASP B 256 -5.97 -49.55 -23.48
N ASN B 257 -4.64 -49.62 -23.42
CA ASN B 257 -3.99 -50.38 -22.36
C ASN B 257 -3.77 -49.51 -21.13
N ASN B 258 -4.84 -48.90 -20.65
CA ASN B 258 -4.82 -48.16 -19.40
C ASN B 258 -6.03 -48.45 -18.52
N HIS B 259 -7.06 -49.09 -19.06
CA HIS B 259 -8.21 -49.51 -18.27
C HIS B 259 -7.87 -50.74 -17.45
N THR B 260 -8.34 -50.75 -16.19
CA THR B 260 -7.96 -51.80 -15.25
C THR B 260 -8.63 -53.13 -15.60
N HIS B 261 -9.81 -53.09 -16.21
CA HIS B 261 -10.52 -54.30 -16.58
C HIS B 261 -11.26 -54.02 -17.87
N LEU B 262 -11.04 -54.83 -18.89
CA LEU B 262 -11.83 -54.70 -20.10
C LEU B 262 -12.37 -56.07 -20.49
N LEU B 263 -13.69 -56.12 -20.70
CA LEU B 263 -14.40 -57.38 -20.92
C LEU B 263 -15.17 -57.25 -22.23
N LEU B 264 -14.89 -58.15 -23.17
CA LEU B 264 -15.55 -58.14 -24.46
C LEU B 264 -16.22 -59.48 -24.72
N VAL B 265 -17.35 -59.43 -25.41
CA VAL B 265 -18.12 -60.64 -25.70
C VAL B 265 -17.87 -61.11 -27.13
N THR B 274 -21.60 -53.39 -33.14
CA THR B 274 -22.13 -52.95 -31.86
C THR B 274 -23.01 -54.02 -31.25
N ILE B 275 -22.37 -55.03 -30.65
CA ILE B 275 -23.08 -56.17 -30.09
C ILE B 275 -23.02 -56.24 -28.58
N GLU B 276 -22.16 -55.46 -27.93
CA GLU B 276 -22.00 -55.53 -26.48
C GLU B 276 -22.97 -54.62 -25.73
N ALA B 277 -23.74 -53.79 -26.45
CA ALA B 277 -24.68 -52.88 -25.79
C ALA B 277 -25.79 -53.64 -25.08
N LYS B 278 -26.11 -54.85 -25.56
CA LYS B 278 -27.10 -55.69 -24.90
C LYS B 278 -26.67 -56.05 -23.49
N VAL B 279 -25.48 -56.63 -23.33
CA VAL B 279 -25.02 -57.01 -21.99
C VAL B 279 -24.65 -55.77 -21.18
N ARG B 280 -24.31 -54.67 -21.83
CA ARG B 280 -24.09 -53.41 -21.13
C ARG B 280 -25.34 -52.94 -20.41
N THR B 281 -26.45 -52.82 -21.15
CA THR B 281 -27.70 -52.39 -20.53
C THR B 281 -28.27 -53.45 -19.60
N GLN B 282 -28.01 -54.74 -19.87
CA GLN B 282 -28.42 -55.77 -18.94
C GLN B 282 -27.68 -55.67 -17.60
N LEU B 283 -26.39 -55.34 -17.65
CA LEU B 283 -25.63 -55.21 -16.42
C LEU B 283 -26.06 -53.96 -15.64
N GLU B 284 -26.36 -52.88 -16.34
CA GLU B 284 -26.88 -51.68 -15.69
C GLU B 284 -28.23 -51.95 -15.01
N LYS B 285 -29.14 -52.60 -15.73
CA LYS B 285 -30.45 -52.93 -15.16
C LYS B 285 -30.34 -53.95 -14.03
N TYR B 286 -29.30 -54.79 -14.05
CA TYR B 286 -29.09 -55.71 -12.95
C TYR B 286 -28.59 -55.00 -11.70
N ILE B 287 -27.64 -54.08 -11.85
CA ILE B 287 -27.10 -53.39 -10.67
C ILE B 287 -28.13 -52.39 -10.13
N SER B 288 -29.04 -51.92 -10.97
CA SER B 288 -30.19 -51.17 -10.48
C SER B 288 -31.02 -51.99 -9.50
N GLU B 289 -31.40 -53.20 -9.90
CA GLU B 289 -32.22 -54.09 -9.08
C GLU B 289 -31.43 -54.82 -7.99
N ARG B 290 -30.14 -54.53 -7.83
CA ARG B 290 -29.36 -55.10 -6.75
C ARG B 290 -29.89 -54.61 -5.40
N VAL B 291 -29.75 -55.44 -4.37
CA VAL B 291 -30.18 -55.10 -3.03
C VAL B 291 -28.98 -55.18 -2.09
N ILE B 292 -28.90 -54.21 -1.18
CA ILE B 292 -27.84 -54.16 -0.15
C ILE B 292 -28.50 -53.74 1.16
N PRO B 293 -28.27 -54.47 2.26
CA PRO B 293 -28.86 -54.08 3.54
C PRO B 293 -28.32 -52.78 4.12
N GLU B 294 -26.99 -52.63 4.15
CA GLU B 294 -26.34 -51.52 4.80
C GLU B 294 -25.99 -50.46 3.75
N SER B 295 -26.99 -49.67 3.37
CA SER B 295 -26.80 -48.62 2.38
C SER B 295 -27.57 -47.38 2.80
N ASN B 296 -26.93 -46.22 2.66
CA ASN B 296 -27.57 -44.95 2.96
C ASN B 296 -28.42 -44.42 1.81
N TYR B 297 -28.39 -45.08 0.65
CA TYR B 297 -29.20 -44.67 -0.49
C TYR B 297 -30.59 -45.30 -0.45
N GLY B 298 -30.80 -46.30 0.40
CA GLY B 298 -32.13 -46.87 0.49
C GLY B 298 -32.17 -48.31 0.04
N GLY B 299 -31.05 -49.00 0.18
CA GLY B 299 -30.96 -50.39 -0.18
C GLY B 299 -30.39 -50.67 -1.54
N LYS B 300 -30.13 -49.65 -2.34
CA LYS B 300 -29.70 -49.84 -3.72
C LYS B 300 -28.33 -49.18 -3.94
N ILE B 301 -27.86 -49.24 -5.17
CA ILE B 301 -26.59 -48.66 -5.58
C ILE B 301 -26.90 -47.55 -6.57
N PRO B 302 -26.38 -46.35 -6.39
CA PRO B 302 -26.69 -45.27 -7.33
C PRO B 302 -25.99 -45.44 -8.66
N ILE B 303 -26.70 -45.08 -9.73
CA ILE B 303 -26.22 -45.23 -11.10
C ILE B 303 -26.55 -43.94 -11.85
N VAL B 304 -25.54 -43.34 -12.49
CA VAL B 304 -25.69 -42.05 -13.16
C VAL B 304 -25.18 -42.19 -14.58
N CYS B 305 -26.06 -42.09 -15.57
CA CYS B 305 -25.63 -42.01 -16.95
C CYS B 305 -25.13 -40.62 -17.28
N PHE B 306 -24.08 -40.56 -18.09
CA PHE B 306 -23.34 -39.32 -18.29
C PHE B 306 -23.17 -39.11 -19.79
N ALA B 307 -23.33 -37.86 -20.25
CA ALA B 307 -23.32 -37.59 -21.69
C ALA B 307 -22.61 -36.28 -21.96
N GLN B 308 -21.40 -36.38 -22.51
CA GLN B 308 -20.66 -35.24 -23.03
C GLN B 308 -20.32 -35.37 -24.51
N GLY B 309 -20.41 -36.56 -25.09
CA GLY B 309 -20.13 -36.73 -26.50
C GLY B 309 -21.22 -36.18 -27.39
N GLY B 310 -22.36 -36.87 -27.44
CA GLY B 310 -23.46 -36.43 -28.28
C GLY B 310 -23.46 -37.00 -29.67
N GLY B 311 -23.34 -38.31 -29.80
CA GLY B 311 -23.44 -38.98 -31.07
C GLY B 311 -24.81 -39.58 -31.30
N LYS B 312 -24.91 -40.34 -32.39
CA LYS B 312 -26.15 -41.07 -32.67
C LYS B 312 -26.34 -42.22 -31.68
N GLU B 313 -25.28 -43.00 -31.43
CA GLU B 313 -25.39 -44.13 -30.51
C GLU B 313 -25.57 -43.67 -29.07
N THR B 314 -25.03 -42.50 -28.71
CA THR B 314 -25.26 -41.95 -27.37
C THR B 314 -26.72 -41.62 -27.16
N LEU B 315 -27.36 -41.01 -28.16
CA LEU B 315 -28.79 -40.74 -28.07
C LEU B 315 -29.62 -42.01 -28.18
N LYS B 316 -29.07 -43.05 -28.81
CA LYS B 316 -29.75 -44.34 -28.79
C LYS B 316 -29.68 -44.98 -27.41
N SER B 317 -28.61 -44.71 -26.65
CA SER B 317 -28.46 -45.29 -25.32
C SER B 317 -29.18 -44.52 -24.23
N ILE B 318 -29.35 -43.20 -24.40
CA ILE B 318 -30.05 -42.39 -23.41
C ILE B 318 -31.52 -42.81 -23.28
N ASN B 319 -32.18 -43.08 -24.42
CA ASN B 319 -33.56 -43.54 -24.38
C ASN B 319 -33.69 -44.89 -23.70
N VAL B 320 -32.70 -45.77 -23.90
CA VAL B 320 -32.69 -47.07 -23.23
C VAL B 320 -32.52 -46.90 -21.73
N ALA B 321 -31.64 -45.98 -21.32
CA ALA B 321 -31.37 -45.77 -19.90
C ALA B 321 -32.58 -45.17 -19.18
N ILE B 322 -33.15 -44.10 -19.73
CA ILE B 322 -34.32 -43.46 -19.12
C ILE B 322 -35.53 -44.38 -19.17
N LYS B 323 -35.60 -45.25 -20.19
CA LYS B 323 -36.61 -46.29 -20.20
C LYS B 323 -36.44 -47.27 -19.04
N SER B 324 -35.20 -47.50 -18.61
CA SER B 324 -34.93 -48.34 -17.46
C SER B 324 -34.87 -47.56 -16.15
N LYS B 325 -35.30 -46.30 -16.15
CA LYS B 325 -35.42 -45.43 -14.97
C LYS B 325 -34.07 -45.23 -14.26
N ILE B 326 -33.14 -44.65 -15.00
CA ILE B 326 -31.81 -44.31 -14.49
C ILE B 326 -31.55 -42.85 -14.81
N PRO B 327 -31.11 -42.04 -13.84
CA PRO B 327 -30.92 -40.62 -14.09
C PRO B 327 -29.76 -40.35 -15.04
N CYS B 328 -29.82 -39.18 -15.69
CA CYS B 328 -28.84 -38.84 -16.71
C CYS B 328 -28.39 -37.40 -16.54
N VAL B 329 -27.15 -37.14 -16.92
CA VAL B 329 -26.57 -35.80 -16.85
C VAL B 329 -26.00 -35.49 -18.22
N VAL B 330 -26.26 -34.28 -18.71
CA VAL B 330 -25.89 -33.83 -20.04
C VAL B 330 -25.05 -32.57 -19.93
N VAL B 331 -23.90 -32.56 -20.59
CA VAL B 331 -22.99 -31.42 -20.53
C VAL B 331 -23.34 -30.47 -21.66
N GLU B 332 -23.89 -29.30 -21.32
CA GLU B 332 -24.13 -28.26 -22.31
C GLU B 332 -22.84 -27.49 -22.56
N GLY B 333 -22.58 -27.19 -23.82
CA GLY B 333 -21.29 -26.68 -24.26
C GLY B 333 -20.48 -27.68 -25.03
N SER B 334 -21.02 -28.87 -25.29
CA SER B 334 -20.31 -29.90 -26.03
C SER B 334 -20.33 -29.64 -27.53
N GLY B 335 -21.40 -29.04 -28.05
CA GLY B 335 -21.49 -28.76 -29.46
C GLY B 335 -22.02 -29.89 -30.31
N ARG B 336 -22.76 -30.83 -29.73
CA ARG B 336 -23.31 -31.95 -30.46
C ARG B 336 -24.77 -32.15 -30.09
N ILE B 337 -25.34 -33.32 -30.39
CA ILE B 337 -26.75 -33.59 -30.13
C ILE B 337 -27.04 -33.68 -28.63
N ALA B 338 -26.00 -33.87 -27.80
CA ALA B 338 -26.13 -33.66 -26.37
C ALA B 338 -26.56 -32.24 -26.06
N ASP B 339 -25.94 -31.26 -26.72
CA ASP B 339 -26.35 -29.88 -26.52
C ASP B 339 -27.72 -29.62 -27.14
N VAL B 340 -28.14 -30.43 -28.12
CA VAL B 340 -29.49 -30.32 -28.64
C VAL B 340 -30.51 -30.76 -27.60
N ILE B 341 -30.22 -31.87 -26.90
CA ILE B 341 -31.11 -32.32 -25.83
C ILE B 341 -31.09 -31.33 -24.67
N ALA B 342 -29.95 -30.67 -24.45
CA ALA B 342 -29.90 -29.64 -23.43
C ALA B 342 -30.72 -28.41 -23.81
N SER B 343 -30.67 -28.01 -25.09
CA SER B 343 -31.36 -26.81 -25.52
C SER B 343 -32.87 -27.03 -25.66
N LEU B 344 -33.29 -28.24 -26.03
CA LEU B 344 -34.71 -28.51 -26.16
C LEU B 344 -35.42 -28.55 -24.80
N VAL B 345 -34.71 -28.88 -23.74
CA VAL B 345 -35.31 -28.92 -22.41
C VAL B 345 -35.49 -27.51 -21.87
N SER B 353 -41.58 -32.09 -32.42
CA SER B 353 -41.83 -32.12 -33.86
C SER B 353 -41.41 -30.81 -34.53
N SER B 354 -41.94 -29.70 -34.01
CA SER B 354 -41.79 -28.42 -34.67
C SER B 354 -40.36 -27.90 -34.58
N CYS B 355 -39.92 -27.54 -33.37
CA CYS B 355 -38.62 -26.88 -33.21
C CYS B 355 -37.45 -27.85 -33.27
N VAL B 356 -37.73 -29.14 -33.10
CA VAL B 356 -36.70 -30.15 -33.06
C VAL B 356 -35.88 -30.22 -34.33
N LYS B 357 -36.50 -30.09 -35.50
CA LYS B 357 -35.72 -30.13 -36.72
C LYS B 357 -34.76 -28.94 -36.81
N GLU B 358 -35.26 -27.75 -36.51
CA GLU B 358 -34.46 -26.54 -36.56
C GLU B 358 -33.33 -26.60 -35.53
N SER B 359 -33.68 -27.09 -34.35
CA SER B 359 -32.71 -27.22 -33.28
C SER B 359 -31.62 -28.21 -33.68
N LEU B 360 -32.01 -29.31 -34.32
CA LEU B 360 -31.07 -30.31 -34.76
C LEU B 360 -30.13 -29.70 -35.78
N LEU B 361 -30.68 -28.91 -36.70
CA LEU B 361 -29.85 -28.29 -37.71
C LEU B 361 -28.84 -27.35 -37.06
N ARG B 362 -29.28 -26.58 -36.07
CA ARG B 362 -28.35 -25.68 -35.40
C ARG B 362 -27.26 -26.47 -34.69
N PHE B 363 -27.67 -27.54 -34.02
CA PHE B 363 -26.76 -28.41 -33.27
C PHE B 363 -25.78 -29.17 -34.15
N LEU B 364 -26.27 -29.67 -35.29
CA LEU B 364 -25.41 -30.43 -36.20
C LEU B 364 -25.97 -30.32 -37.61
N PRO B 365 -25.47 -29.39 -38.42
CA PRO B 365 -25.98 -29.26 -39.79
C PRO B 365 -25.46 -30.34 -40.72
N ARG B 366 -24.28 -30.88 -40.41
CA ARG B 366 -23.66 -31.87 -41.29
C ARG B 366 -24.37 -33.21 -41.22
N THR B 367 -24.67 -33.66 -39.99
CA THR B 367 -25.18 -35.02 -39.80
C THR B 367 -26.61 -35.18 -40.31
N ILE B 368 -27.40 -34.10 -40.32
CA ILE B 368 -28.79 -34.19 -40.76
C ILE B 368 -28.87 -34.39 -42.27
N SER B 369 -27.89 -33.84 -43.02
CA SER B 369 -27.92 -33.90 -44.47
C SER B 369 -27.75 -35.33 -44.99
N ARG B 370 -26.82 -36.09 -44.40
CA ARG B 370 -26.64 -37.48 -44.79
C ARG B 370 -27.78 -38.38 -44.31
N LEU B 371 -28.53 -37.94 -43.31
CA LEU B 371 -29.63 -38.76 -42.79
C LEU B 371 -30.84 -38.70 -43.72
N SER B 372 -31.54 -39.83 -43.82
CA SER B 372 -32.71 -39.95 -44.68
C SER B 372 -33.97 -39.58 -43.90
N GLU B 373 -35.12 -39.73 -44.57
CA GLU B 373 -36.40 -39.41 -43.94
C GLU B 373 -36.76 -40.40 -42.85
N GLU B 374 -36.42 -41.68 -43.05
CA GLU B 374 -36.60 -42.69 -42.01
C GLU B 374 -35.71 -42.38 -40.81
N GLU B 375 -34.49 -41.89 -41.06
CA GLU B 375 -33.59 -41.53 -39.98
C GLU B 375 -34.09 -40.31 -39.22
N THR B 376 -34.67 -39.34 -39.92
CA THR B 376 -35.24 -38.16 -39.26
C THR B 376 -36.47 -38.53 -38.45
N GLU B 377 -37.30 -39.44 -38.96
CA GLU B 377 -38.47 -39.90 -38.21
C GLU B 377 -38.05 -40.66 -36.96
N SER B 378 -37.04 -41.54 -37.08
CA SER B 378 -36.53 -42.28 -35.93
C SER B 378 -35.93 -41.35 -34.88
N TRP B 379 -35.19 -40.33 -35.31
CA TRP B 379 -34.56 -39.44 -34.34
C TRP B 379 -35.58 -38.55 -33.64
N ILE B 380 -36.59 -38.05 -34.37
CA ILE B 380 -37.61 -37.24 -33.71
C ILE B 380 -38.45 -38.09 -32.77
N LYS B 381 -38.71 -39.35 -33.14
CA LYS B 381 -39.42 -40.26 -32.23
C LYS B 381 -38.61 -40.54 -30.97
N TRP B 382 -37.30 -40.73 -31.12
CA TRP B 382 -36.45 -41.01 -29.95
C TRP B 382 -36.28 -39.79 -29.06
N ILE B 383 -36.09 -38.60 -29.64
CA ILE B 383 -35.97 -37.39 -28.85
C ILE B 383 -37.29 -37.06 -28.15
N LYS B 384 -38.42 -37.36 -28.77
CA LYS B 384 -39.70 -37.22 -28.08
C LYS B 384 -39.85 -38.25 -26.96
N GLU B 385 -39.32 -39.45 -27.16
CA GLU B 385 -39.39 -40.48 -26.12
C GLU B 385 -38.53 -40.13 -24.92
N VAL B 386 -37.40 -39.44 -25.15
CA VAL B 386 -36.50 -39.08 -24.06
C VAL B 386 -37.14 -38.04 -23.15
N LEU B 387 -37.64 -36.95 -23.73
CA LEU B 387 -38.07 -35.79 -22.97
C LEU B 387 -39.50 -35.93 -22.39
N GLU B 388 -40.00 -37.16 -22.29
CA GLU B 388 -41.33 -37.38 -21.74
C GLU B 388 -41.38 -37.08 -20.25
N SER B 389 -40.39 -37.58 -19.50
CA SER B 389 -40.29 -37.30 -18.07
C SER B 389 -39.06 -36.46 -17.80
N PRO B 390 -39.18 -35.13 -17.69
CA PRO B 390 -37.98 -34.29 -17.50
C PRO B 390 -37.43 -34.31 -16.09
N HIS B 391 -38.01 -35.06 -15.16
CA HIS B 391 -37.49 -35.07 -13.80
C HIS B 391 -36.22 -35.89 -13.68
N LEU B 392 -35.96 -36.81 -14.62
CA LEU B 392 -34.76 -37.63 -14.54
C LEU B 392 -33.53 -36.89 -15.02
N LEU B 393 -33.56 -36.36 -16.23
CA LEU B 393 -32.34 -35.81 -16.80
C LEU B 393 -32.00 -34.47 -16.16
N THR B 394 -30.71 -34.12 -16.24
CA THR B 394 -30.15 -32.94 -15.59
C THR B 394 -29.11 -32.38 -16.53
N VAL B 395 -28.87 -31.08 -16.47
CA VAL B 395 -28.01 -30.38 -17.42
C VAL B 395 -26.96 -29.58 -16.67
N ILE B 396 -25.70 -29.71 -17.07
CA ILE B 396 -24.63 -28.83 -16.62
C ILE B 396 -24.54 -27.68 -17.59
N LYS B 397 -24.75 -26.47 -17.13
CA LYS B 397 -24.85 -25.32 -18.01
C LYS B 397 -23.56 -24.52 -18.05
N ILE B 398 -23.33 -23.88 -19.20
CA ILE B 398 -22.11 -23.10 -19.43
C ILE B 398 -22.12 -21.77 -18.68
N GLU B 399 -23.29 -21.32 -18.23
CA GLU B 399 -23.40 -20.02 -17.57
C GLU B 399 -22.69 -20.03 -16.22
N GLU B 400 -22.99 -21.00 -15.38
CA GLU B 400 -22.38 -21.12 -14.07
C GLU B 400 -21.21 -22.10 -14.15
N ALA B 401 -20.02 -21.61 -13.84
CA ALA B 401 -18.80 -22.42 -13.87
C ALA B 401 -18.10 -22.33 -12.53
N GLY B 402 -17.58 -23.47 -12.07
CA GLY B 402 -16.91 -23.52 -10.78
C GLY B 402 -16.28 -24.88 -10.58
N ASP B 403 -15.51 -24.98 -9.50
CA ASP B 403 -14.89 -26.26 -9.18
C ASP B 403 -15.90 -27.27 -8.68
N GLU B 404 -17.02 -26.81 -8.12
CA GLU B 404 -18.01 -27.67 -7.47
C GLU B 404 -19.25 -27.88 -8.31
N ILE B 405 -19.13 -28.03 -9.63
CA ILE B 405 -20.30 -28.21 -10.48
C ILE B 405 -20.62 -29.68 -10.72
N VAL B 406 -19.61 -30.54 -10.77
CA VAL B 406 -19.82 -31.93 -11.14
C VAL B 406 -20.52 -32.69 -10.02
N SER B 407 -20.00 -32.55 -8.79
CA SER B 407 -20.64 -33.20 -7.64
C SER B 407 -22.02 -32.62 -7.39
N ASN B 408 -22.19 -31.33 -7.63
CA ASN B 408 -23.49 -30.68 -7.51
C ASN B 408 -24.49 -31.27 -8.49
N ALA B 409 -24.08 -31.43 -9.75
CA ALA B 409 -24.99 -31.96 -10.76
C ALA B 409 -25.33 -33.42 -10.52
N ILE B 410 -24.33 -34.23 -10.16
CA ILE B 410 -24.56 -35.66 -9.90
C ILE B 410 -25.47 -35.85 -8.71
N SER B 411 -25.21 -35.14 -7.61
CA SER B 411 -26.05 -35.26 -6.44
C SER B 411 -27.43 -34.70 -6.67
N PHE B 412 -27.57 -33.68 -7.52
CA PHE B 412 -28.89 -33.11 -7.76
C PHE B 412 -29.75 -34.06 -8.59
N ALA B 413 -29.15 -34.70 -9.60
CA ALA B 413 -29.88 -35.71 -10.38
C ALA B 413 -30.24 -36.91 -9.52
N LEU B 414 -29.32 -37.32 -8.66
CA LEU B 414 -29.54 -38.48 -7.82
C LEU B 414 -30.59 -38.19 -6.75
N TYR B 415 -30.66 -36.94 -6.29
CA TYR B 415 -31.68 -36.54 -5.33
C TYR B 415 -33.06 -36.46 -5.97
N LYS B 416 -33.14 -35.94 -7.20
CA LYS B 416 -34.41 -35.96 -7.94
C LYS B 416 -34.93 -37.39 -8.11
N ALA B 417 -34.06 -38.29 -8.55
CA ALA B 417 -34.47 -39.68 -8.77
C ALA B 417 -34.83 -40.37 -7.46
N PHE B 418 -34.21 -39.96 -6.35
CA PHE B 418 -34.59 -40.54 -5.07
C PHE B 418 -35.94 -40.01 -4.59
N SER B 419 -36.19 -38.72 -4.77
CA SER B 419 -37.38 -38.10 -4.18
C SER B 419 -38.64 -38.32 -5.00
N THR B 420 -38.51 -38.56 -6.31
CA THR B 420 -39.71 -38.76 -7.13
C THR B 420 -40.41 -40.08 -6.82
N ASN B 421 -39.65 -41.09 -6.38
CA ASN B 421 -40.22 -42.42 -6.11
C ASN B 421 -41.23 -42.41 -4.97
N GLU B 422 -41.11 -41.45 -4.05
CA GLU B 422 -42.05 -41.13 -2.97
C GLU B 422 -42.17 -42.22 -1.91
N HIS B 423 -41.38 -43.29 -1.99
CA HIS B 423 -41.39 -44.28 -0.93
C HIS B 423 -40.74 -43.74 0.33
N ASP B 424 -39.74 -42.86 0.15
CA ASP B 424 -39.08 -42.20 1.26
C ASP B 424 -39.49 -40.73 1.40
N ARG B 425 -40.66 -40.36 0.86
CA ARG B 425 -41.18 -39.01 1.07
C ARG B 425 -41.46 -38.76 2.54
N ASP B 426 -42.09 -39.72 3.22
CA ASP B 426 -42.21 -39.65 4.67
C ASP B 426 -40.92 -40.00 5.38
N ASN B 427 -39.96 -40.64 4.70
CA ASN B 427 -38.68 -40.98 5.29
C ASN B 427 -37.66 -39.90 4.94
N TRP B 428 -37.75 -38.80 5.68
CA TRP B 428 -36.82 -37.69 5.49
C TRP B 428 -35.42 -37.99 6.03
N ASN B 429 -35.28 -39.08 6.78
CA ASN B 429 -33.97 -39.45 7.32
C ASN B 429 -33.01 -39.84 6.19
N GLY B 430 -33.50 -40.56 5.19
CA GLY B 430 -32.62 -41.01 4.11
C GLY B 430 -32.18 -39.88 3.21
N GLN B 431 -33.06 -38.91 2.96
CA GLN B 431 -32.70 -37.75 2.16
C GLN B 431 -31.65 -36.91 2.85
N LEU B 432 -31.68 -36.86 4.18
CA LEU B 432 -30.68 -36.09 4.91
C LEU B 432 -29.32 -36.76 4.85
N LYS B 433 -29.27 -38.10 4.96
CA LYS B 433 -28.01 -38.80 4.82
C LYS B 433 -27.46 -38.69 3.40
N LEU B 434 -28.35 -38.68 2.40
CA LEU B 434 -27.93 -38.49 1.01
C LEU B 434 -27.33 -37.11 0.81
N LEU B 435 -28.01 -36.08 1.28
CA LEU B 435 -27.47 -34.72 1.19
C LEU B 435 -26.32 -34.47 2.14
N LEU B 436 -26.02 -35.41 3.04
CA LEU B 436 -24.82 -35.32 3.86
C LEU B 436 -23.61 -35.98 3.21
N GLU B 437 -23.81 -37.05 2.43
CA GLU B 437 -22.68 -37.69 1.75
C GLU B 437 -22.06 -36.75 0.72
N TRP B 438 -22.83 -36.35 -0.28
CA TRP B 438 -22.43 -35.24 -1.13
C TRP B 438 -22.69 -33.95 -0.37
N ASN B 439 -21.66 -33.17 -0.14
CA ASN B 439 -21.78 -31.99 0.70
C ASN B 439 -22.60 -30.93 -0.02
N GLN B 440 -23.87 -30.78 0.39
CA GLN B 440 -24.75 -29.75 -0.13
C GLN B 440 -25.55 -29.14 1.01
N LEU B 441 -25.18 -27.91 1.38
CA LEU B 441 -25.84 -27.23 2.49
C LEU B 441 -27.14 -26.58 2.05
N ASP B 442 -27.13 -25.91 0.91
CA ASP B 442 -28.23 -25.02 0.52
C ASP B 442 -29.50 -25.81 0.23
N LEU B 443 -29.37 -26.91 -0.53
CA LEU B 443 -30.53 -27.71 -0.85
C LEU B 443 -31.07 -28.43 0.37
N ALA B 444 -30.18 -28.77 1.31
CA ALA B 444 -30.62 -29.39 2.56
C ALA B 444 -31.42 -28.42 3.41
N SER B 445 -30.92 -27.19 3.56
CA SER B 445 -31.64 -26.22 4.39
C SER B 445 -32.88 -25.69 3.71
N ASP B 446 -32.96 -25.77 2.38
CA ASP B 446 -34.16 -25.30 1.70
C ASP B 446 -35.23 -26.37 1.61
N GLU B 447 -34.84 -27.64 1.48
CA GLU B 447 -35.82 -28.67 1.20
C GLU B 447 -36.27 -29.45 2.43
N ILE B 448 -35.35 -29.77 3.34
CA ILE B 448 -35.70 -30.62 4.47
C ILE B 448 -36.11 -29.81 5.69
N PHE B 449 -35.34 -28.78 6.06
CA PHE B 449 -35.55 -28.08 7.32
C PHE B 449 -36.50 -26.90 7.21
N THR B 450 -37.54 -27.00 6.39
CA THR B 450 -38.61 -26.02 6.43
C THR B 450 -39.41 -26.18 7.73
N ASN B 451 -40.14 -25.11 8.07
CA ASN B 451 -40.77 -24.98 9.38
C ASN B 451 -41.98 -25.89 9.57
N ASP B 452 -42.41 -26.62 8.54
CA ASP B 452 -43.59 -27.47 8.65
C ASP B 452 -43.37 -28.62 9.62
N ARG B 453 -42.41 -29.50 9.31
CA ARG B 453 -42.20 -30.71 10.08
C ARG B 453 -41.54 -30.40 11.42
N ASN B 454 -41.42 -31.43 12.25
CA ASN B 454 -40.80 -31.29 13.56
C ASN B 454 -39.81 -32.44 13.77
N TRP B 455 -38.91 -32.23 14.72
CA TRP B 455 -37.81 -33.14 15.02
C TRP B 455 -37.26 -32.80 16.40
N GLU B 456 -36.67 -33.80 17.04
CA GLU B 456 -36.02 -33.64 18.33
C GLU B 456 -34.53 -33.93 18.18
N SER B 457 -33.81 -33.72 19.28
CA SER B 457 -32.36 -33.95 19.27
C SER B 457 -32.01 -35.42 19.06
N ALA B 458 -32.84 -36.32 19.60
CA ALA B 458 -32.63 -37.76 19.43
C ALA B 458 -32.81 -38.19 17.99
N ASP B 459 -33.57 -37.42 17.22
CA ASP B 459 -33.66 -37.66 15.78
C ASP B 459 -32.40 -37.22 15.04
N LEU B 460 -31.58 -36.35 15.63
CA LEU B 460 -30.41 -35.83 14.95
C LEU B 460 -29.08 -36.36 15.48
N GLN B 461 -29.09 -37.16 16.55
CA GLN B 461 -27.82 -37.63 17.13
C GLN B 461 -27.00 -38.48 16.15
N ASP B 462 -27.66 -39.42 15.47
CA ASP B 462 -26.95 -40.34 14.58
C ASP B 462 -26.40 -39.63 13.35
N VAL B 463 -27.15 -38.68 12.81
CA VAL B 463 -26.67 -37.91 11.66
C VAL B 463 -25.58 -36.93 12.09
N MET B 464 -25.69 -36.40 13.31
CA MET B 464 -24.71 -35.47 13.84
C MET B 464 -23.35 -36.12 14.04
N PHE B 465 -23.35 -37.38 14.47
CA PHE B 465 -22.08 -38.08 14.68
C PHE B 465 -21.32 -38.24 13.36
N THR B 466 -22.00 -38.67 12.31
CA THR B 466 -21.31 -38.84 11.03
C THR B 466 -20.99 -37.51 10.38
N ALA B 467 -21.69 -36.44 10.75
CA ALA B 467 -21.22 -35.13 10.31
C ALA B 467 -19.94 -34.72 11.02
N LEU B 468 -19.82 -35.08 12.30
CA LEU B 468 -18.59 -34.79 13.05
C LEU B 468 -17.40 -35.56 12.52
N VAL B 469 -17.63 -36.81 12.11
CA VAL B 469 -16.53 -37.71 11.80
C VAL B 469 -15.74 -37.25 10.58
N LYS B 470 -16.43 -36.83 9.52
CA LYS B 470 -15.74 -36.56 8.25
C LYS B 470 -16.00 -35.14 7.72
N ASP B 471 -15.39 -34.17 8.41
CA ASP B 471 -15.10 -32.81 7.95
C ASP B 471 -16.25 -32.12 7.23
N ARG B 472 -17.35 -31.94 7.95
CA ARG B 472 -18.52 -31.27 7.39
C ARG B 472 -18.92 -30.19 8.37
N PRO B 473 -18.10 -29.13 8.45
CA PRO B 473 -18.32 -27.99 9.34
C PRO B 473 -19.59 -27.22 9.04
N LYS B 474 -19.87 -27.00 7.76
CA LYS B 474 -21.06 -26.25 7.38
C LYS B 474 -22.33 -26.95 7.84
N PHE B 475 -22.36 -28.27 7.69
CA PHE B 475 -23.51 -29.05 8.11
C PHE B 475 -23.74 -29.00 9.62
N VAL B 476 -22.66 -29.06 10.39
CA VAL B 476 -22.79 -29.05 11.85
C VAL B 476 -23.40 -27.74 12.33
N ARG B 477 -23.04 -26.63 11.67
CA ARG B 477 -23.68 -25.35 11.90
C ARG B 477 -25.18 -25.44 11.71
N LEU B 478 -25.61 -26.14 10.66
CA LEU B 478 -27.03 -26.33 10.39
C LEU B 478 -27.75 -27.04 11.53
N PHE B 479 -27.13 -28.06 12.09
CA PHE B 479 -27.78 -28.84 13.15
C PHE B 479 -27.81 -28.06 14.45
N LEU B 480 -26.71 -27.38 14.78
CA LEU B 480 -26.65 -26.59 16.01
C LEU B 480 -27.58 -25.39 15.96
N GLU B 481 -27.82 -24.84 14.77
CA GLU B 481 -28.90 -23.86 14.65
C GLU B 481 -30.25 -24.51 14.88
N ASN B 482 -30.59 -25.54 14.10
CA ASN B 482 -31.95 -26.06 14.09
C ASN B 482 -32.28 -26.92 15.30
N GLY B 483 -31.40 -27.02 16.29
CA GLY B 483 -31.83 -27.44 17.60
C GLY B 483 -31.24 -28.74 18.10
N LEU B 484 -30.19 -28.62 18.91
CA LEU B 484 -29.43 -29.78 19.35
C LEU B 484 -28.65 -29.40 20.59
N ASN B 485 -28.95 -30.04 21.71
CA ASN B 485 -28.18 -29.81 22.95
C ASN B 485 -26.84 -30.49 22.78
N LEU B 486 -25.81 -29.70 22.51
CA LEU B 486 -24.50 -30.30 22.30
C LEU B 486 -23.89 -30.81 23.59
N ARG B 487 -24.30 -30.30 24.73
CA ARG B 487 -23.75 -30.82 25.97
C ARG B 487 -24.43 -32.14 26.35
N LYS B 488 -25.73 -32.27 26.06
CA LYS B 488 -26.42 -33.53 26.29
C LYS B 488 -26.00 -34.60 25.30
N PHE B 489 -25.49 -34.22 24.13
CA PHE B 489 -25.08 -35.20 23.13
C PHE B 489 -23.78 -35.89 23.52
N LEU B 490 -22.77 -35.12 23.91
CA LEU B 490 -21.46 -35.66 24.23
C LEU B 490 -21.49 -36.42 25.55
N THR B 491 -21.57 -37.74 25.43
CA THR B 491 -21.55 -38.63 26.58
C THR B 491 -20.13 -39.21 26.65
N THR B 492 -19.74 -39.75 27.81
CA THR B 492 -18.39 -40.28 27.93
C THR B 492 -18.15 -41.42 26.94
N GLU B 493 -19.13 -42.30 26.75
CA GLU B 493 -18.96 -43.39 25.81
C GLU B 493 -18.75 -42.83 24.41
N VAL B 494 -19.52 -41.82 24.03
CA VAL B 494 -19.36 -41.24 22.71
C VAL B 494 -17.97 -40.66 22.55
N LEU B 495 -17.49 -39.95 23.57
CA LEU B 495 -16.17 -39.35 23.46
C LEU B 495 -15.12 -40.43 23.31
N ARG B 496 -15.23 -41.51 24.08
CA ARG B 496 -14.25 -42.56 24.00
C ARG B 496 -14.23 -43.16 22.61
N GLU B 497 -15.43 -43.41 22.08
CA GLU B 497 -15.52 -44.02 20.77
C GLU B 497 -14.90 -43.12 19.74
N LEU B 498 -15.20 -41.83 19.82
CA LEU B 498 -14.71 -40.89 18.85
C LEU B 498 -13.21 -40.87 18.87
N TYR B 499 -12.59 -40.77 20.06
CA TYR B 499 -11.13 -40.71 20.08
C TYR B 499 -10.52 -41.98 19.54
N THR B 500 -11.03 -43.09 20.03
CA THR B 500 -10.46 -44.38 19.66
C THR B 500 -10.52 -44.67 18.19
N ASN B 501 -11.64 -44.32 17.54
CA ASN B 501 -11.71 -44.69 16.14
C ASN B 501 -11.48 -43.58 15.15
N ASN B 502 -11.31 -42.36 15.64
CA ASN B 502 -11.19 -41.24 14.71
C ASN B 502 -10.02 -40.35 14.99
N PHE B 503 -8.97 -40.91 15.56
CA PHE B 503 -7.84 -40.06 15.93
C PHE B 503 -6.63 -40.66 15.22
N SER B 504 -6.18 -39.98 14.16
CA SER B 504 -5.24 -40.56 13.22
C SER B 504 -3.88 -40.81 13.84
N SER B 505 -3.27 -41.94 13.45
CA SER B 505 -2.08 -42.44 14.14
C SER B 505 -0.86 -41.58 13.91
N LEU B 506 -0.82 -40.84 12.80
CA LEU B 506 0.25 -39.89 12.57
C LEU B 506 0.22 -38.79 13.63
N VAL B 507 -0.97 -38.25 13.91
CA VAL B 507 -1.14 -37.23 14.94
C VAL B 507 -0.79 -37.77 16.32
N PHE B 508 -1.12 -39.04 16.59
CA PHE B 508 -0.83 -39.58 17.90
C PHE B 508 0.65 -39.81 18.11
N LYS B 509 1.35 -40.30 17.08
CA LYS B 509 2.80 -40.47 17.17
C LYS B 509 3.50 -39.12 17.29
N ASN B 510 2.96 -38.12 16.60
CA ASN B 510 3.54 -36.79 16.64
C ASN B 510 3.32 -36.13 18.00
N LEU B 511 2.17 -36.42 18.62
CA LEU B 511 1.90 -35.94 19.97
C LEU B 511 2.79 -36.64 20.99
N GLN B 512 3.06 -37.93 20.78
CA GLN B 512 4.00 -38.66 21.63
C GLN B 512 5.38 -38.03 21.60
N ILE B 513 5.84 -37.63 20.41
CA ILE B 513 7.13 -36.95 20.29
C ILE B 513 7.09 -35.60 20.98
N ALA B 514 6.00 -34.85 20.81
CA ALA B 514 5.88 -33.53 21.40
C ALA B 514 5.83 -33.59 22.93
N LYS B 515 5.27 -34.65 23.49
CA LYS B 515 5.28 -34.76 24.94
C LYS B 515 6.63 -35.19 25.46
N ASN B 516 7.33 -36.07 24.75
CA ASN B 516 8.59 -36.53 25.32
C ASN B 516 9.72 -35.54 25.16
N SER B 517 9.74 -34.78 24.07
CA SER B 517 10.89 -33.89 23.89
C SER B 517 10.62 -32.44 24.29
N TYR B 518 9.49 -31.87 23.91
CA TYR B 518 9.21 -30.46 24.18
C TYR B 518 8.12 -30.39 25.24
N ASN B 519 8.52 -30.51 26.50
CA ASN B 519 7.56 -30.79 27.55
C ASN B 519 7.13 -29.50 28.27
N ASP B 520 5.87 -29.49 28.70
CA ASP B 520 5.28 -28.35 29.40
C ASP B 520 4.21 -28.87 30.34
N ALA B 521 3.46 -27.94 30.94
CA ALA B 521 2.44 -28.33 31.91
C ALA B 521 1.13 -28.72 31.23
N LEU B 522 0.61 -27.81 30.40
CA LEU B 522 -0.65 -28.05 29.70
C LEU B 522 -0.56 -29.23 28.75
N LEU B 523 0.60 -29.42 28.12
CA LEU B 523 0.77 -30.54 27.20
C LEU B 523 0.73 -31.87 27.94
N THR B 524 1.31 -31.92 29.13
CA THR B 524 1.20 -33.10 29.99
C THR B 524 -0.25 -33.35 30.38
N PHE B 525 -0.99 -32.30 30.71
CA PHE B 525 -2.40 -32.46 31.07
C PHE B 525 -3.22 -33.01 29.92
N VAL B 526 -3.01 -32.46 28.72
CA VAL B 526 -3.77 -32.87 27.55
C VAL B 526 -3.42 -34.30 27.15
N TRP B 527 -2.16 -34.68 27.32
CA TRP B 527 -1.76 -36.05 27.02
C TRP B 527 -2.39 -37.04 28.00
N LYS B 528 -2.51 -36.64 29.25
CA LYS B 528 -3.17 -37.49 30.23
C LYS B 528 -4.67 -37.62 29.94
N MET B 529 -5.29 -36.55 29.46
CA MET B 529 -6.68 -36.62 29.00
C MET B 529 -6.86 -37.59 27.84
N VAL B 530 -5.96 -37.50 26.85
CA VAL B 530 -6.05 -38.36 25.66
C VAL B 530 -5.90 -39.82 26.04
N GLU B 531 -4.90 -40.13 26.87
CA GLU B 531 -4.72 -41.52 27.27
C GLU B 531 -5.77 -42.00 28.24
N ASP B 532 -6.45 -41.10 28.95
CA ASP B 532 -7.57 -41.54 29.77
C ASP B 532 -8.76 -41.93 28.90
N PHE B 533 -9.03 -41.14 27.84
CA PHE B 533 -10.13 -41.51 26.95
C PHE B 533 -9.82 -42.74 26.14
N ARG B 534 -8.54 -42.97 25.81
CA ARG B 534 -8.18 -43.97 24.83
C ARG B 534 -8.39 -45.40 25.34
N ARG B 535 -8.30 -45.60 26.65
CA ARG B 535 -8.51 -46.93 27.25
C ARG B 535 -9.94 -47.45 27.09
N PRO B 557 -17.92 -38.41 35.49
CA PRO B 557 -17.15 -39.64 35.27
C PRO B 557 -15.65 -39.39 35.27
N ILE B 558 -15.00 -39.50 34.11
CA ILE B 558 -13.56 -39.25 34.08
C ILE B 558 -13.27 -37.76 33.84
N THR B 559 -14.20 -37.04 33.22
CA THR B 559 -14.10 -35.59 33.13
C THR B 559 -15.47 -34.98 32.97
N ARG B 560 -15.65 -33.84 33.63
CA ARG B 560 -16.61 -32.83 33.23
C ARG B 560 -15.98 -31.98 32.13
N HIS B 561 -16.66 -30.91 31.74
CA HIS B 561 -16.34 -30.06 30.58
C HIS B 561 -16.24 -30.89 29.30
N PRO B 562 -17.35 -31.36 28.71
CA PRO B 562 -17.21 -32.10 27.45
C PRO B 562 -16.82 -31.23 26.28
N LEU B 563 -17.30 -30.00 26.26
CA LEU B 563 -17.03 -29.10 25.15
C LEU B 563 -15.55 -28.83 25.00
N GLN B 564 -14.85 -28.66 26.11
CA GLN B 564 -13.43 -28.42 26.03
C GLN B 564 -12.72 -29.62 25.42
N ALA B 565 -13.12 -30.83 25.81
CA ALA B 565 -12.47 -32.02 25.27
C ALA B 565 -12.66 -32.13 23.77
N LEU B 566 -13.89 -31.88 23.31
CA LEU B 566 -14.18 -31.94 21.89
C LEU B 566 -13.38 -30.88 21.16
N PHE B 567 -13.30 -29.70 21.73
CA PHE B 567 -12.56 -28.61 21.10
C PHE B 567 -11.10 -29.00 20.97
N ILE B 568 -10.52 -29.61 22.01
CA ILE B 568 -9.13 -30.00 21.96
C ILE B 568 -8.92 -31.04 20.88
N TRP B 569 -9.85 -31.99 20.78
CA TRP B 569 -9.71 -33.02 19.77
C TRP B 569 -9.71 -32.39 18.40
N SER B 570 -10.64 -31.48 18.16
CA SER B 570 -10.73 -30.83 16.86
C SER B 570 -9.46 -30.04 16.56
N VAL B 571 -8.94 -29.34 17.56
CA VAL B 571 -7.73 -28.54 17.40
C VAL B 571 -6.47 -29.33 17.10
N LEU B 572 -6.31 -30.50 17.73
CA LEU B 572 -5.08 -31.26 17.52
C LEU B 572 -4.82 -31.70 16.08
N GLN B 573 -5.90 -32.06 15.40
CA GLN B 573 -5.88 -32.60 14.05
C GLN B 573 -5.92 -31.53 12.98
N ASN B 574 -5.78 -30.27 13.37
CA ASN B 574 -5.69 -29.12 12.47
C ASN B 574 -6.93 -28.94 11.60
N LYS B 575 -8.11 -29.24 12.13
CA LYS B 575 -9.36 -29.03 11.39
C LYS B 575 -9.92 -27.64 11.75
N LYS B 576 -9.67 -26.66 10.89
CA LYS B 576 -10.09 -25.29 11.19
C LYS B 576 -11.58 -24.95 11.31
N GLU B 577 -12.41 -25.36 10.36
CA GLU B 577 -13.83 -25.00 10.45
C GLU B 577 -14.51 -25.60 11.67
N LEU B 578 -14.21 -26.88 11.89
CA LEU B 578 -14.76 -27.60 13.01
C LEU B 578 -14.28 -26.97 14.30
N SER B 579 -12.99 -26.61 14.35
CA SER B 579 -12.47 -26.01 15.56
C SER B 579 -13.20 -24.69 15.83
N LYS B 580 -13.41 -23.89 14.81
CA LYS B 580 -14.10 -22.62 15.03
C LYS B 580 -15.52 -22.81 15.54
N VAL B 581 -16.27 -23.76 14.99
CA VAL B 581 -17.64 -23.94 15.50
C VAL B 581 -17.63 -24.36 16.97
N ILE B 582 -16.72 -25.28 17.29
CA ILE B 582 -16.63 -25.74 18.67
C ILE B 582 -16.24 -24.59 19.60
N TRP B 583 -15.32 -23.75 19.16
CA TRP B 583 -14.89 -22.61 19.95
C TRP B 583 -16.04 -21.66 20.21
N GLU B 584 -16.86 -21.44 19.20
CA GLU B 584 -18.00 -20.55 19.37
C GLU B 584 -18.94 -21.08 20.45
N GLN B 585 -19.19 -22.39 20.48
CA GLN B 585 -20.07 -22.92 21.54
C GLN B 585 -19.68 -22.89 23.07
N THR B 586 -18.39 -23.11 23.34
CA THR B 586 -17.75 -23.35 24.62
C THR B 586 -17.97 -22.16 25.56
N ARG B 587 -17.78 -22.40 26.85
CA ARG B 587 -18.17 -21.40 27.85
C ARG B 587 -17.10 -20.32 28.05
N GLY B 588 -15.95 -20.70 28.59
CA GLY B 588 -14.89 -19.72 28.73
C GLY B 588 -14.23 -19.56 27.40
N CYS B 589 -14.48 -18.46 26.69
CA CYS B 589 -14.14 -18.41 25.28
C CYS B 589 -12.75 -17.86 25.02
N THR B 590 -12.40 -16.72 25.64
CA THR B 590 -11.07 -16.18 25.44
C THR B 590 -10.01 -17.07 26.09
N LEU B 591 -10.37 -17.75 27.18
CA LEU B 591 -9.47 -18.72 27.78
C LEU B 591 -9.26 -19.91 26.85
N ALA B 592 -10.31 -20.34 26.17
CA ALA B 592 -10.21 -21.48 25.27
C ALA B 592 -9.36 -21.15 24.06
N ALA B 593 -9.55 -19.96 23.48
CA ALA B 593 -8.72 -19.55 22.35
C ALA B 593 -7.26 -19.43 22.75
N LEU B 594 -7.00 -18.93 23.95
CA LEU B 594 -5.62 -18.74 24.36
C LEU B 594 -4.94 -20.07 24.67
N GLY B 595 -5.67 -20.99 25.28
CA GLY B 595 -5.12 -22.32 25.51
C GLY B 595 -4.88 -23.10 24.23
N ALA B 596 -5.76 -22.93 23.24
CA ALA B 596 -5.56 -23.62 21.98
C ALA B 596 -4.35 -23.08 21.23
N SER B 597 -4.10 -21.78 21.32
CA SER B 597 -2.89 -21.25 20.70
C SER B 597 -1.64 -21.78 21.40
N LYS B 598 -1.66 -21.85 22.74
CA LYS B 598 -0.49 -22.36 23.44
C LYS B 598 -0.26 -23.84 23.17
N LEU B 599 -1.33 -24.59 22.89
CA LEU B 599 -1.19 -25.99 22.55
C LEU B 599 -0.63 -26.18 21.14
N LEU B 600 -1.09 -25.37 20.19
CA LEU B 600 -0.63 -25.50 18.82
C LEU B 600 0.81 -25.05 18.63
N LYS B 601 1.29 -24.09 19.43
CA LYS B 601 2.72 -23.74 19.40
C LYS B 601 3.58 -24.95 19.72
N SER B 602 3.21 -25.67 20.77
CA SER B 602 4.01 -26.79 21.22
C SER B 602 3.87 -28.00 20.30
N MET B 603 2.75 -28.14 19.61
CA MET B 603 2.72 -29.16 18.55
C MET B 603 3.52 -28.73 17.33
N ALA B 604 3.65 -27.42 17.09
CA ALA B 604 4.35 -26.96 15.90
C ALA B 604 5.84 -26.84 16.10
N LYS B 605 6.35 -26.99 17.32
CA LYS B 605 7.80 -27.07 17.49
C LYS B 605 8.40 -28.37 16.94
N VAL B 606 7.59 -29.39 16.69
CA VAL B 606 8.10 -30.70 16.29
C VAL B 606 8.65 -30.62 14.87
N LYS B 607 9.54 -31.56 14.53
CA LYS B 607 10.26 -31.54 13.28
C LYS B 607 10.10 -32.81 12.46
N ASN B 608 9.19 -33.70 12.86
CA ASN B 608 8.98 -34.95 12.14
C ASN B 608 8.35 -34.70 10.79
N ASP B 609 7.42 -33.76 10.71
CA ASP B 609 6.66 -33.49 9.50
C ASP B 609 6.46 -31.98 9.41
N ILE B 610 7.03 -31.35 8.39
CA ILE B 610 6.97 -29.90 8.29
C ILE B 610 5.62 -29.43 7.79
N ASN B 611 4.91 -30.27 7.04
CA ASN B 611 3.62 -29.88 6.48
C ASN B 611 2.56 -29.70 7.57
N ALA B 612 2.58 -30.56 8.59
CA ALA B 612 1.66 -30.38 9.70
C ALA B 612 2.07 -29.19 10.56
N ALA B 613 3.36 -28.95 10.69
CA ALA B 613 3.83 -27.86 11.54
C ALA B 613 3.48 -26.50 10.97
N GLY B 614 3.48 -26.37 9.63
CA GLY B 614 3.07 -25.11 9.03
C GLY B 614 1.62 -24.74 9.30
N GLU B 615 0.72 -25.71 9.10
CA GLU B 615 -0.70 -25.50 9.36
C GLU B 615 -0.95 -25.22 10.84
N SER B 616 -0.22 -25.91 11.71
CA SER B 616 -0.40 -25.71 13.14
C SER B 616 0.03 -24.32 13.56
N GLU B 617 1.12 -23.81 12.99
CA GLU B 617 1.56 -22.46 13.35
C GLU B 617 0.58 -21.39 12.83
N GLU B 618 0.03 -21.59 11.63
CA GLU B 618 -0.98 -20.66 11.12
C GLU B 618 -2.20 -20.61 12.02
N LEU B 619 -2.70 -21.78 12.43
CA LEU B 619 -3.89 -21.80 13.26
C LEU B 619 -3.63 -21.24 14.66
N ALA B 620 -2.42 -21.41 15.19
CA ALA B 620 -2.07 -20.78 16.46
C ALA B 620 -2.11 -19.27 16.36
N ASN B 621 -1.61 -18.70 15.25
CA ASN B 621 -1.68 -17.26 15.07
C ASN B 621 -3.12 -16.76 14.95
N GLU B 622 -3.97 -17.53 14.28
CA GLU B 622 -5.38 -17.13 14.16
C GLU B 622 -6.08 -17.10 15.51
N TYR B 623 -5.81 -18.09 16.38
CA TYR B 623 -6.47 -18.06 17.68
C TYR B 623 -5.89 -17.01 18.61
N GLU B 624 -4.61 -16.67 18.47
CA GLU B 624 -4.06 -15.55 19.25
C GLU B 624 -4.75 -14.23 18.90
N THR B 625 -4.87 -13.92 17.60
CA THR B 625 -5.50 -12.66 17.23
C THR B 625 -6.97 -12.64 17.59
N ARG B 626 -7.62 -13.80 17.53
CA ARG B 626 -9.02 -13.88 17.91
C ARG B 626 -9.21 -13.63 19.41
N ALA B 627 -8.32 -14.18 20.24
CA ALA B 627 -8.38 -13.94 21.68
C ALA B 627 -8.17 -12.47 22.02
N VAL B 628 -7.19 -11.83 21.38
CA VAL B 628 -6.90 -10.45 21.76
C VAL B 628 -8.00 -9.50 21.28
N GLU B 629 -8.59 -9.77 20.10
CA GLU B 629 -9.71 -8.95 19.64
C GLU B 629 -10.92 -9.10 20.54
N LEU B 630 -11.21 -10.33 20.98
CA LEU B 630 -12.35 -10.53 21.88
C LEU B 630 -12.13 -9.86 23.23
N PHE B 631 -10.90 -9.89 23.76
CA PHE B 631 -10.75 -9.28 25.07
C PHE B 631 -10.75 -7.76 25.00
N THR B 632 -10.27 -7.17 23.90
CA THR B 632 -10.41 -5.71 23.74
C THR B 632 -11.88 -5.32 23.69
N GLU B 633 -12.69 -6.09 22.94
CA GLU B 633 -14.13 -5.89 22.92
C GLU B 633 -14.75 -6.02 24.31
N CYS B 634 -14.35 -7.03 25.07
CA CYS B 634 -14.91 -7.24 26.41
C CYS B 634 -14.47 -6.18 27.39
N TYR B 635 -13.30 -5.59 27.19
CA TYR B 635 -12.81 -4.59 28.13
C TYR B 635 -13.43 -3.23 27.85
N SER B 636 -13.90 -3.01 26.61
CA SER B 636 -14.51 -1.72 26.31
C SER B 636 -15.84 -1.48 27.03
N ASN B 637 -16.55 -2.53 27.46
CA ASN B 637 -17.80 -2.25 28.16
C ASN B 637 -17.59 -2.00 29.64
N ASP B 638 -17.17 -3.00 30.40
CA ASP B 638 -17.08 -2.89 31.85
C ASP B 638 -15.68 -3.27 32.29
N GLU B 639 -15.02 -2.38 33.01
CA GLU B 639 -13.64 -2.60 33.39
C GLU B 639 -13.53 -3.64 34.49
N ASP B 640 -14.37 -3.53 35.52
CA ASP B 640 -14.30 -4.42 36.67
C ASP B 640 -14.65 -5.85 36.29
N LEU B 641 -15.66 -6.02 35.44
CA LEU B 641 -16.05 -7.36 35.01
C LEU B 641 -14.95 -8.01 34.17
N ALA B 642 -14.30 -7.24 33.30
CA ALA B 642 -13.25 -7.81 32.47
C ALA B 642 -12.03 -8.19 33.29
N GLU B 643 -11.74 -7.44 34.35
CA GLU B 643 -10.62 -7.84 35.20
C GLU B 643 -10.97 -9.07 36.04
N GLN B 644 -12.22 -9.15 36.50
CA GLN B 644 -12.70 -10.36 37.15
C GLN B 644 -12.70 -11.54 36.21
N LEU B 645 -12.81 -11.29 34.91
CA LEU B 645 -12.74 -12.33 33.89
C LEU B 645 -11.31 -12.77 33.62
N LEU B 646 -10.35 -11.85 33.68
CA LEU B 646 -8.94 -12.26 33.59
C LEU B 646 -8.55 -13.17 34.74
N THR B 647 -8.88 -12.78 35.95
CA THR B 647 -8.36 -13.64 37.02
C THR B 647 -9.16 -14.96 37.24
N TYR B 648 -10.12 -15.34 36.39
CA TYR B 648 -10.92 -16.54 36.59
C TYR B 648 -10.23 -17.76 36.01
N SER B 649 -10.20 -18.85 36.78
CA SER B 649 -9.36 -19.99 36.47
C SER B 649 -10.17 -21.28 36.52
N CYS B 650 -10.11 -22.06 35.45
CA CYS B 650 -10.89 -23.29 35.36
C CYS B 650 -9.98 -24.51 35.36
N GLU B 651 -10.63 -25.68 35.40
CA GLU B 651 -9.95 -26.96 35.49
C GLU B 651 -9.81 -27.67 34.16
N ALA B 652 -10.57 -27.25 33.13
CA ALA B 652 -10.46 -27.88 31.81
C ALA B 652 -9.09 -27.65 31.22
N TRP B 653 -8.55 -26.46 31.38
CA TRP B 653 -7.14 -26.22 31.13
C TRP B 653 -6.42 -26.45 32.44
N GLY B 654 -5.09 -26.47 32.42
CA GLY B 654 -4.37 -27.02 33.55
C GLY B 654 -4.39 -26.25 34.86
N GLY B 655 -5.57 -25.95 35.36
CA GLY B 655 -5.76 -25.10 36.53
C GLY B 655 -5.16 -23.73 36.37
N SER B 656 -5.45 -23.06 35.27
CA SER B 656 -4.72 -21.87 34.89
C SER B 656 -5.66 -20.84 34.31
N ASN B 657 -5.60 -19.61 34.82
CA ASN B 657 -6.39 -18.51 34.31
C ASN B 657 -5.81 -17.96 33.02
N CYS B 658 -6.46 -16.94 32.48
CA CYS B 658 -6.16 -16.43 31.15
C CYS B 658 -4.77 -15.78 31.09
N LEU B 659 -4.41 -15.09 32.17
CA LEU B 659 -3.22 -14.26 32.20
C LEU B 659 -1.95 -15.11 32.32
N GLU B 660 -1.93 -16.06 33.24
CA GLU B 660 -0.81 -16.99 33.40
C GLU B 660 -0.58 -17.83 32.15
N LEU B 661 -1.65 -18.20 31.47
CA LEU B 661 -1.55 -18.99 30.25
C LEU B 661 -0.95 -18.19 29.12
N ALA B 662 -1.36 -16.92 28.98
CA ALA B 662 -0.73 -16.04 28.00
C ALA B 662 0.73 -15.77 28.31
N VAL B 663 1.12 -15.81 29.58
CA VAL B 663 2.52 -15.61 29.90
C VAL B 663 3.35 -16.85 29.56
N GLU B 664 2.81 -18.04 29.81
CA GLU B 664 3.54 -19.26 29.46
C GLU B 664 3.65 -19.44 27.95
N ALA B 665 2.63 -19.00 27.20
CA ALA B 665 2.71 -19.11 25.74
C ALA B 665 3.73 -18.16 25.14
N ARG B 666 4.09 -17.08 25.86
CA ARG B 666 4.99 -16.02 25.41
C ARG B 666 4.48 -15.40 24.11
N ASP B 667 3.34 -14.74 24.19
CA ASP B 667 2.87 -13.90 23.11
C ASP B 667 2.92 -12.44 23.56
N GLN B 668 3.59 -11.62 22.76
CA GLN B 668 3.73 -10.22 23.10
C GLN B 668 2.40 -9.50 22.98
N GLN B 669 1.58 -9.93 22.01
CA GLN B 669 0.42 -9.19 21.58
C GLN B 669 -0.69 -9.15 22.62
N PHE B 670 -0.74 -10.13 23.52
CA PHE B 670 -1.84 -10.14 24.46
C PHE B 670 -1.50 -9.34 25.72
N ILE B 671 -0.25 -9.36 26.17
CA ILE B 671 0.15 -8.53 27.30
C ILE B 671 0.38 -7.09 26.86
N ALA B 672 0.54 -6.84 25.57
CA ALA B 672 0.85 -5.49 25.11
C ALA B 672 -0.37 -4.58 25.01
N GLN B 673 -1.58 -5.11 25.01
CA GLN B 673 -2.77 -4.31 24.78
C GLN B 673 -3.05 -3.43 26.01
N PRO B 674 -3.83 -2.34 25.86
CA PRO B 674 -3.98 -1.42 26.99
C PRO B 674 -4.78 -1.95 28.17
N GLY B 675 -5.63 -2.96 27.97
CA GLY B 675 -6.47 -3.42 29.06
C GLY B 675 -5.70 -4.12 30.15
N VAL B 676 -4.86 -5.08 29.77
CA VAL B 676 -4.06 -5.79 30.77
C VAL B 676 -3.00 -4.89 31.35
N GLN B 677 -2.54 -3.88 30.60
CA GLN B 677 -1.61 -2.91 31.16
C GLN B 677 -2.28 -2.03 32.20
N ASN B 678 -3.54 -1.66 31.99
CA ASN B 678 -4.27 -0.90 33.00
C ASN B 678 -4.48 -1.74 34.25
N PHE B 679 -4.85 -3.01 34.08
CA PHE B 679 -4.98 -3.94 35.19
C PHE B 679 -3.69 -4.05 35.99
N LEU B 680 -2.58 -4.23 35.28
CA LEU B 680 -1.31 -4.46 35.92
C LEU B 680 -0.83 -3.22 36.65
N SER B 681 -1.06 -2.04 36.06
CA SER B 681 -0.64 -0.80 36.69
C SER B 681 -1.44 -0.50 37.94
N LYS B 682 -2.75 -0.64 37.88
CA LYS B 682 -3.49 -0.31 39.08
C LYS B 682 -3.53 -1.44 40.08
N GLN B 683 -2.93 -2.58 39.78
CA GLN B 683 -2.58 -3.52 40.83
C GLN B 683 -1.18 -3.27 41.35
N TRP B 684 -0.35 -2.56 40.59
CA TRP B 684 0.96 -2.13 41.08
C TRP B 684 0.81 -1.02 42.11
N TYR B 685 -0.03 -0.03 41.86
CA TYR B 685 -0.17 1.06 42.82
C TYR B 685 -1.00 0.66 44.02
N GLY B 686 -1.93 -0.26 43.87
CA GLY B 686 -2.69 -0.69 45.03
C GLY B 686 -3.83 0.25 45.36
N GLU B 687 -4.12 0.35 46.64
CA GLU B 687 -5.20 1.18 47.16
C GLU B 687 -4.99 2.64 46.83
N ILE B 688 -3.74 3.09 46.86
CA ILE B 688 -3.43 4.48 46.55
C ILE B 688 -3.92 4.75 45.15
N SER B 689 -4.65 5.84 44.98
CA SER B 689 -5.18 6.21 43.69
C SER B 689 -4.11 6.87 42.84
N ARG B 690 -4.41 6.98 41.56
CA ARG B 690 -3.54 7.64 40.59
C ARG B 690 -3.87 9.13 40.50
N ASP B 691 -3.35 9.82 39.47
CA ASP B 691 -3.58 11.26 39.26
C ASP B 691 -3.07 12.03 40.49
N THR B 692 -1.99 11.46 40.99
CA THR B 692 -1.13 11.87 42.09
C THR B 692 0.31 11.69 41.66
N LYS B 693 1.09 12.77 41.75
CA LYS B 693 2.45 12.78 41.24
C LYS B 693 3.36 11.87 42.06
N ASN B 694 4.45 11.43 41.45
CA ASN B 694 5.38 10.53 42.13
C ASN B 694 6.08 11.21 43.31
N TRP B 695 6.44 12.49 43.15
CA TRP B 695 7.17 13.18 44.20
C TRP B 695 6.32 13.39 45.43
N LYS B 696 5.00 13.48 45.27
CA LYS B 696 4.11 13.56 46.42
C LYS B 696 4.14 12.28 47.24
N ILE B 697 4.16 11.14 46.55
CA ILE B 697 4.26 9.84 47.23
C ILE B 697 5.60 9.70 47.92
N ILE B 698 6.67 10.19 47.29
CA ILE B 698 8.00 10.09 47.90
C ILE B 698 8.11 10.99 49.14
N LEU B 699 7.55 12.19 49.07
CA LEU B 699 7.59 13.07 50.24
C LEU B 699 6.72 12.55 51.37
N CYS B 700 5.60 11.89 51.05
CA CYS B 700 4.85 11.25 52.12
C CYS B 700 5.53 9.99 52.63
N LEU B 701 6.43 9.46 51.82
CA LEU B 701 7.19 8.28 52.20
C LEU B 701 8.13 8.70 53.32
N PHE B 702 8.91 9.74 53.07
CA PHE B 702 9.83 10.24 54.10
C PHE B 702 9.08 10.81 55.30
N PHE B 703 8.22 11.80 55.07
CA PHE B 703 7.53 12.51 56.13
C PHE B 703 6.20 11.83 56.41
N PHE B 704 6.08 11.25 57.60
CA PHE B 704 4.92 10.43 57.97
C PHE B 704 3.58 11.17 57.97
N PRO B 705 3.34 12.19 58.82
CA PRO B 705 1.93 12.59 59.08
C PRO B 705 1.23 13.27 57.91
N LEU B 706 1.96 13.58 56.83
CA LEU B 706 1.36 14.07 55.59
C LEU B 706 0.37 13.09 55.00
N ILE B 707 0.52 11.79 55.30
CA ILE B 707 -0.46 10.79 54.87
C ILE B 707 -1.82 11.09 55.49
N GLY B 708 -1.84 11.57 56.74
CA GLY B 708 -3.08 12.00 57.32
C GLY B 708 -3.56 13.35 56.83
N CYS B 709 -2.69 14.12 56.17
CA CYS B 709 -3.05 15.44 55.70
C CYS B 709 -4.03 15.41 54.53
N GLY B 710 -4.07 14.31 53.78
CA GLY B 710 -4.79 14.28 52.53
C GLY B 710 -3.98 14.75 51.36
N PHE B 711 -2.67 14.87 51.51
CA PHE B 711 -1.79 15.32 50.44
C PHE B 711 -1.72 14.30 49.31
N ILE B 712 -1.92 13.02 49.62
CA ILE B 712 -2.18 11.98 48.65
C ILE B 712 -3.66 11.65 48.70
N SER B 713 -4.28 11.48 47.54
CA SER B 713 -5.67 11.05 47.48
C SER B 713 -5.74 9.53 47.37
N PHE B 714 -6.85 8.97 47.86
CA PHE B 714 -7.07 7.53 47.87
C PHE B 714 -8.41 7.24 47.22
N ARG B 715 -8.60 5.98 46.84
CA ARG B 715 -9.90 5.56 46.31
C ARG B 715 -10.94 5.50 47.42
N LYS B 716 -12.17 5.83 47.07
CA LYS B 716 -13.27 5.78 48.02
C LYS B 716 -13.64 4.34 48.35
N LYS B 723 -11.34 7.08 63.26
CA LYS B 723 -10.39 6.01 63.01
C LYS B 723 -10.17 5.80 61.52
N LYS B 724 -10.63 6.76 60.71
CA LYS B 724 -10.45 6.68 59.27
C LYS B 724 -9.00 6.82 58.87
N LEU B 725 -8.25 7.66 59.60
CA LEU B 725 -6.83 7.87 59.32
C LEU B 725 -6.02 6.60 59.50
N PHE B 726 -6.46 5.71 60.39
CA PHE B 726 -5.87 4.37 60.48
C PHE B 726 -6.07 3.59 59.19
N LEU B 727 -7.26 3.70 58.60
CA LEU B 727 -7.52 3.01 57.34
C LEU B 727 -6.69 3.61 56.20
N TYR B 728 -6.50 4.93 56.20
CA TYR B 728 -5.61 5.55 55.22
C TYR B 728 -4.17 5.09 55.38
N TYR B 729 -3.71 4.95 56.63
CA TYR B 729 -2.35 4.45 56.88
C TYR B 729 -2.19 3.02 56.40
N VAL B 730 -3.18 2.17 56.67
CA VAL B 730 -3.11 0.77 56.24
C VAL B 730 -3.12 0.68 54.73
N SER B 731 -3.98 1.45 54.07
CA SER B 731 -4.04 1.44 52.60
C SER B 731 -2.77 1.98 51.98
N PHE B 732 -2.12 2.97 52.62
CA PHE B 732 -0.86 3.47 52.09
C PHE B 732 0.25 2.44 52.26
N PHE B 733 0.34 1.83 53.44
CA PHE B 733 1.40 0.89 53.74
C PHE B 733 1.33 -0.46 53.06
N THR B 734 0.13 -0.94 52.76
CA THR B 734 0.00 -2.24 52.11
C THR B 734 0.16 -2.18 50.59
N SER B 735 0.48 -1.03 50.03
CA SER B 735 0.65 -0.90 48.60
C SER B 735 2.01 -1.44 48.16
N PRO B 736 2.09 -2.01 46.94
CA PRO B 736 3.37 -2.56 46.49
C PRO B 736 4.42 -1.52 46.16
N PHE B 737 4.01 -0.36 45.67
CA PHE B 737 4.97 0.66 45.26
C PHE B 737 5.75 1.21 46.44
N VAL B 738 5.02 1.42 47.54
CA VAL B 738 5.61 1.92 48.77
C VAL B 738 6.57 0.88 49.30
N VAL B 739 6.15 -0.38 49.30
CA VAL B 739 6.99 -1.46 49.78
C VAL B 739 8.24 -1.58 48.91
N PHE B 740 8.07 -1.40 47.60
CA PHE B 740 9.18 -1.45 46.66
C PHE B 740 10.14 -0.33 46.96
N SER B 741 9.59 0.85 47.25
CA SER B 741 10.39 2.03 47.56
C SER B 741 11.17 1.88 48.87
N TRP B 742 10.53 1.34 49.89
CA TRP B 742 11.20 1.15 51.18
C TRP B 742 12.36 0.18 51.04
N ASN B 743 12.14 -0.89 50.29
CA ASN B 743 13.18 -1.89 50.07
C ASN B 743 14.39 -1.28 49.39
N VAL B 744 14.14 -0.43 48.39
CA VAL B 744 15.22 0.23 47.66
C VAL B 744 16.08 1.05 48.62
N ILE B 745 15.42 1.77 49.52
CA ILE B 745 16.13 2.59 50.50
C ILE B 745 16.98 1.76 51.45
N PHE B 746 16.44 0.63 51.90
CA PHE B 746 17.18 -0.22 52.82
C PHE B 746 18.33 -0.94 52.15
N TYR B 747 18.11 -1.41 50.93
CA TYR B 747 19.15 -2.09 50.18
C TYR B 747 20.33 -1.15 50.00
N ILE B 748 20.04 0.11 49.71
CA ILE B 748 21.09 1.11 49.54
C ILE B 748 21.82 1.34 50.85
N ALA B 749 21.07 1.39 51.95
CA ALA B 749 21.68 1.59 53.26
C ALA B 749 22.59 0.43 53.63
N PHE B 750 22.15 -0.78 53.30
CA PHE B 750 22.93 -1.98 53.60
C PHE B 750 24.24 -1.99 52.84
N LEU B 751 24.20 -1.59 51.59
CA LEU B 751 25.39 -1.52 50.75
C LEU B 751 26.42 -0.57 51.33
N LEU B 752 25.98 0.57 51.87
CA LEU B 752 26.92 1.49 52.47
C LEU B 752 27.47 0.95 53.80
N LEU B 753 26.67 0.18 54.54
CA LEU B 753 27.19 -0.49 55.73
C LEU B 753 28.28 -1.50 55.37
N PHE B 754 28.08 -2.23 54.27
CA PHE B 754 29.09 -3.19 53.82
C PHE B 754 30.37 -2.47 53.42
N ALA B 755 30.23 -1.34 52.72
CA ALA B 755 31.40 -0.53 52.33
C ALA B 755 32.12 0.04 53.55
N TYR B 756 31.39 0.36 54.62
CA TYR B 756 32.02 0.83 55.85
C TYR B 756 32.80 -0.28 56.54
N VAL B 757 32.19 -1.46 56.67
CA VAL B 757 32.82 -2.53 57.43
C VAL B 757 33.96 -3.20 56.66
N LEU B 758 34.00 -3.06 55.32
CA LEU B 758 35.16 -3.56 54.57
C LEU B 758 36.46 -2.86 54.92
N LEU B 759 36.39 -1.63 55.44
CA LEU B 759 37.60 -0.90 55.81
C LEU B 759 37.93 -0.97 57.29
N MET B 760 36.98 -0.61 58.16
CA MET B 760 37.30 -0.32 59.55
C MET B 760 37.22 -1.55 60.45
N ASP B 761 36.02 -2.11 60.62
CA ASP B 761 35.80 -3.10 61.68
C ASP B 761 36.41 -4.45 61.36
N PHE B 762 36.71 -4.72 60.09
CA PHE B 762 37.33 -5.98 59.72
C PHE B 762 38.80 -5.98 60.12
N GLN B 763 39.10 -6.53 61.30
CA GLN B 763 40.42 -6.38 61.91
C GLN B 763 40.94 -7.71 62.48
N LYS B 764 40.58 -8.82 61.83
CA LYS B 764 40.86 -10.19 62.29
C LYS B 764 40.29 -10.44 63.68
N GLU B 765 39.13 -9.85 63.96
CA GLU B 765 38.44 -9.99 65.22
C GLU B 765 36.95 -10.01 64.93
N PRO B 766 36.18 -10.88 65.59
CA PRO B 766 34.73 -10.91 65.34
C PRO B 766 34.01 -9.69 65.91
N THR B 767 34.05 -8.58 65.18
CA THR B 767 33.30 -7.38 65.57
C THR B 767 31.80 -7.61 65.39
N ALA B 768 31.01 -6.82 66.13
CA ALA B 768 29.56 -6.99 66.12
C ALA B 768 28.94 -6.57 64.79
N LEU B 769 29.59 -5.67 64.06
CA LEU B 769 29.08 -5.26 62.75
C LEU B 769 29.15 -6.42 61.76
N GLU B 770 30.17 -7.28 61.88
CA GLU B 770 30.21 -8.51 61.11
C GLU B 770 29.04 -9.42 61.43
N ILE B 771 28.64 -9.47 62.70
CA ILE B 771 27.51 -10.30 63.11
C ILE B 771 26.21 -9.76 62.53
N ILE B 772 26.02 -8.43 62.58
CA ILE B 772 24.82 -7.82 62.02
C ILE B 772 24.77 -8.00 60.50
N LEU B 773 25.95 -7.94 59.86
CA LEU B 773 26.04 -8.19 58.43
C LEU B 773 25.65 -9.62 58.08
N TYR B 774 26.12 -10.58 58.87
CA TYR B 774 25.76 -11.99 58.63
C TYR B 774 24.26 -12.22 58.86
N VAL B 775 23.67 -11.50 59.82
CA VAL B 775 22.23 -11.61 60.05
C VAL B 775 21.45 -11.05 58.86
N LEU B 776 21.91 -9.95 58.27
CA LEU B 776 21.24 -9.37 57.11
C LEU B 776 21.35 -10.29 55.90
N VAL B 777 22.51 -10.91 55.69
CA VAL B 777 22.65 -11.89 54.61
C VAL B 777 21.78 -13.13 54.86
N PHE B 778 21.58 -13.50 56.13
CA PHE B 778 20.66 -14.59 56.42
C PHE B 778 19.21 -14.21 56.14
N ILE B 779 18.85 -12.94 56.35
CA ILE B 779 17.52 -12.47 55.95
C ILE B 779 17.36 -12.57 54.44
N LEU B 780 18.44 -12.29 53.73
CA LEU B 780 18.48 -12.38 52.28
C LEU B 780 18.28 -13.82 51.81
N LEU B 781 18.92 -14.77 52.50
CA LEU B 781 18.81 -16.17 52.08
C LEU B 781 17.45 -16.75 52.48
N CYS B 782 16.82 -16.25 53.55
CA CYS B 782 15.45 -16.66 53.86
C CYS B 782 14.47 -16.18 52.79
N ASP B 783 14.67 -14.95 52.32
CA ASP B 783 13.87 -14.43 51.21
C ASP B 783 14.03 -15.29 49.95
N GLU B 784 15.26 -15.67 49.65
CA GLU B 784 15.52 -16.51 48.48
C GLU B 784 14.84 -17.88 48.64
N VAL B 785 14.95 -18.44 49.83
CA VAL B 785 14.35 -19.75 50.11
C VAL B 785 12.84 -19.72 49.87
N ARG B 786 12.16 -18.68 50.38
CA ARG B 786 10.72 -18.58 50.15
C ARG B 786 10.40 -18.31 48.69
N GLN B 787 11.26 -17.53 48.01
CA GLN B 787 11.07 -17.24 46.60
C GLN B 787 11.23 -18.48 45.73
N TRP B 788 12.10 -19.41 46.13
CA TRP B 788 12.18 -20.68 45.41
C TRP B 788 11.05 -21.63 45.81
N TYR B 789 10.63 -21.58 47.08
CA TYR B 789 9.59 -22.49 47.54
C TYR B 789 8.25 -22.18 46.92
N MET B 790 8.02 -20.93 46.49
CA MET B 790 6.78 -20.63 45.79
C MET B 790 6.73 -21.29 44.41
N ASN B 791 7.77 -21.11 43.60
CA ASN B 791 7.86 -21.75 42.29
C ASN B 791 9.25 -22.33 42.07
N GLY B 792 9.31 -23.61 41.68
CA GLY B 792 10.57 -24.32 41.63
C GLY B 792 11.46 -24.08 40.44
N SER B 793 11.01 -24.49 39.25
CA SER B 793 11.88 -24.42 38.07
C SER B 793 11.95 -23.01 37.53
N LYS B 794 10.84 -22.27 37.60
CA LYS B 794 10.81 -20.90 37.12
C LYS B 794 11.70 -19.98 37.95
N TYR B 795 11.98 -20.36 39.20
CA TYR B 795 12.95 -19.64 40.01
C TYR B 795 14.33 -19.65 39.37
N PHE B 796 14.82 -20.83 39.01
CA PHE B 796 16.14 -20.90 38.43
C PHE B 796 16.13 -20.56 36.94
N SER B 797 14.94 -20.48 36.33
CA SER B 797 14.85 -20.07 34.93
C SER B 797 15.29 -18.62 34.71
N ASP B 798 15.17 -17.78 35.74
CA ASP B 798 15.48 -16.37 35.60
C ASP B 798 16.97 -16.11 35.67
N LEU B 799 17.37 -14.91 35.22
CA LEU B 799 18.75 -14.49 35.29
C LEU B 799 19.12 -14.01 36.70
N TRP B 800 18.27 -13.18 37.28
CA TRP B 800 18.62 -12.48 38.51
C TRP B 800 18.69 -13.43 39.70
N ASN B 801 17.81 -14.42 39.70
CA ASN B 801 17.79 -15.42 40.75
C ASN B 801 19.09 -16.20 40.72
N VAL B 802 19.54 -16.52 39.51
CA VAL B 802 20.77 -17.26 39.37
C VAL B 802 21.93 -16.41 39.89
N MET B 803 21.93 -15.13 39.56
CA MET B 803 22.99 -14.25 40.04
C MET B 803 22.99 -14.15 41.55
N ASP B 804 21.81 -14.03 42.14
CA ASP B 804 21.70 -13.94 43.60
C ASP B 804 22.13 -15.24 44.28
N THR B 805 21.78 -16.38 43.68
CA THR B 805 22.12 -17.68 44.24
C THR B 805 23.63 -17.80 44.27
N LEU B 806 24.27 -17.34 43.21
CA LEU B 806 25.73 -17.39 43.11
C LEU B 806 26.39 -16.49 44.15
N GLY B 807 25.96 -15.23 44.19
CA GLY B 807 26.49 -14.26 45.13
C GLY B 807 26.21 -14.60 46.58
N ILE B 808 25.09 -15.27 46.85
CA ILE B 808 24.74 -15.62 48.23
C ILE B 808 25.49 -16.85 48.73
N PHE B 809 25.79 -17.80 47.83
CA PHE B 809 26.53 -18.98 48.23
C PHE B 809 28.00 -18.66 48.41
N TYR B 810 28.54 -17.77 47.56
CA TYR B 810 29.96 -17.45 47.61
C TYR B 810 30.32 -16.64 48.85
N PHE B 811 29.38 -15.86 49.38
CA PHE B 811 29.63 -15.11 50.60
C PHE B 811 29.67 -16.02 51.83
N ILE B 812 28.78 -17.02 51.88
CA ILE B 812 28.80 -17.99 52.96
C ILE B 812 30.06 -18.85 52.88
N ALA B 813 30.52 -19.14 51.65
CA ALA B 813 31.81 -19.81 51.49
C ALA B 813 32.97 -18.93 51.97
N GLY B 814 32.85 -17.61 51.78
CA GLY B 814 33.87 -16.72 52.33
C GLY B 814 33.88 -16.70 53.84
N ILE B 815 32.69 -16.77 54.46
CA ILE B 815 32.60 -16.92 55.92
C ILE B 815 33.23 -18.24 56.35
N VAL B 816 33.06 -19.29 55.56
CA VAL B 816 33.63 -20.59 55.89
C VAL B 816 35.17 -20.56 55.82
N PHE B 817 35.71 -19.92 54.80
CA PHE B 817 37.17 -19.74 54.71
C PHE B 817 37.71 -18.87 55.84
N ARG B 818 36.97 -17.80 56.20
CA ARG B 818 37.45 -16.91 57.24
C ARG B 818 37.35 -17.55 58.63
N LEU B 819 36.44 -18.53 58.79
CA LEU B 819 36.14 -19.08 60.10
C LEU B 819 37.29 -19.93 60.64
N HIS B 820 37.70 -20.94 59.88
CA HIS B 820 38.76 -21.85 60.34
C HIS B 820 40.12 -21.17 60.30
N SER B 825 45.10 -17.16 55.62
CA SER B 825 43.78 -17.41 55.06
C SER B 825 42.85 -16.23 55.30
N TRP B 826 43.30 -15.32 56.17
CA TRP B 826 42.57 -14.08 56.44
C TRP B 826 42.47 -13.23 55.19
N TYR B 827 43.59 -13.11 54.46
CA TYR B 827 43.62 -12.33 53.23
C TYR B 827 42.74 -12.96 52.16
N SER B 828 42.66 -14.29 52.16
CA SER B 828 41.78 -14.98 51.21
C SER B 828 40.31 -14.67 51.48
N GLY B 829 39.91 -14.68 52.75
CA GLY B 829 38.54 -14.32 53.09
C GLY B 829 38.21 -12.87 52.80
N ARG B 830 39.18 -11.98 53.00
CA ARG B 830 38.97 -10.57 52.67
C ARG B 830 38.81 -10.36 51.17
N VAL B 831 39.65 -11.03 50.37
CA VAL B 831 39.51 -10.96 48.91
C VAL B 831 38.19 -11.56 48.45
N ILE B 832 37.72 -12.63 49.10
CA ILE B 832 36.44 -13.23 48.72
C ILE B 832 35.27 -12.29 49.06
N PHE B 833 35.34 -11.60 50.20
CA PHE B 833 34.31 -10.62 50.54
C PHE B 833 34.29 -9.45 49.57
N CYS B 834 35.47 -8.98 49.14
CA CYS B 834 35.51 -7.90 48.15
C CYS B 834 35.01 -8.37 46.79
N LEU B 835 35.32 -9.62 46.42
CA LEU B 835 34.81 -10.20 45.18
C LEU B 835 33.30 -10.32 45.21
N ASP B 836 32.73 -10.70 46.36
CA ASP B 836 31.28 -10.74 46.51
C ASP B 836 30.68 -9.34 46.44
N TYR B 837 31.43 -8.35 46.89
CA TYR B 837 30.96 -6.96 46.90
C TYR B 837 30.66 -6.56 45.47
N ILE B 838 31.52 -6.97 44.55
CA ILE B 838 31.33 -6.69 43.13
C ILE B 838 30.06 -7.38 42.63
N VAL B 839 29.81 -8.59 43.12
CA VAL B 839 28.64 -9.35 42.72
C VAL B 839 27.34 -8.84 43.35
N PHE B 840 27.46 -7.98 44.37
CA PHE B 840 26.29 -7.44 45.05
C PHE B 840 25.97 -6.00 44.62
N THR B 841 26.93 -5.36 43.97
CA THR B 841 26.76 -3.97 43.51
C THR B 841 26.16 -3.90 42.11
N LEU B 842 26.48 -4.89 41.28
CA LEU B 842 25.97 -4.99 39.92
C LEU B 842 24.46 -5.18 39.93
N ARG B 843 23.97 -5.88 40.95
CA ARG B 843 22.55 -6.21 41.11
C ARG B 843 21.61 -5.03 41.24
N LEU B 844 22.18 -3.89 41.62
CA LEU B 844 21.46 -2.64 41.85
C LEU B 844 20.79 -2.18 40.56
N ILE B 845 21.31 -2.66 39.44
CA ILE B 845 20.82 -2.31 38.10
C ILE B 845 19.37 -2.72 37.83
N HIS B 846 18.90 -3.77 38.48
CA HIS B 846 17.54 -4.30 38.33
C HIS B 846 16.43 -3.30 38.70
N ILE B 847 16.71 -2.42 39.66
CA ILE B 847 15.76 -1.43 40.13
C ILE B 847 15.27 -0.46 39.05
N PHE B 848 16.13 -0.12 38.10
CA PHE B 848 15.83 0.83 37.02
C PHE B 848 14.78 0.42 35.98
N THR B 849 14.40 -0.84 35.96
CA THR B 849 13.42 -1.35 34.98
C THR B 849 12.00 -0.78 35.04
N VAL B 850 11.61 -0.23 36.19
CA VAL B 850 10.25 0.30 36.36
C VAL B 850 9.76 1.46 35.48
N SER B 851 10.60 2.45 35.21
CA SER B 851 10.19 3.60 34.42
C SER B 851 10.04 3.24 32.95
N ARG B 852 9.20 4.01 32.25
CA ARG B 852 9.04 3.87 30.80
C ARG B 852 10.34 4.12 30.06
N ASN B 853 11.19 5.00 30.57
CA ASN B 853 12.32 5.50 29.81
C ASN B 853 13.59 4.68 30.00
N LEU B 854 13.80 4.14 31.21
CA LEU B 854 15.03 3.42 31.49
C LEU B 854 14.93 1.92 31.25
N GLY B 855 13.72 1.38 31.20
CA GLY B 855 13.49 -0.03 30.95
C GLY B 855 14.04 -0.58 29.65
N PRO B 856 13.65 -0.01 28.50
CA PRO B 856 14.22 -0.44 27.22
C PRO B 856 15.73 -0.27 27.10
N LYS B 857 16.34 0.63 27.87
CA LYS B 857 17.79 0.79 27.82
C LYS B 857 18.50 -0.43 28.41
N ILE B 858 18.05 -0.89 29.58
CA ILE B 858 18.60 -2.10 30.17
C ILE B 858 18.23 -3.33 29.32
N ILE B 859 17.09 -3.29 28.64
CA ILE B 859 16.76 -4.36 27.71
C ILE B 859 17.76 -4.43 26.56
N MET B 860 18.12 -3.27 26.00
CA MET B 860 19.14 -3.25 24.96
C MET B 860 20.50 -3.67 25.50
N LEU B 861 20.79 -3.37 26.77
CA LEU B 861 22.02 -3.88 27.38
C LEU B 861 22.04 -5.41 27.43
N GLN B 862 20.94 -6.01 27.89
CA GLN B 862 20.86 -7.46 27.99
C GLN B 862 20.86 -8.11 26.61
N ARG B 863 20.44 -7.39 25.58
CA ARG B 863 20.54 -7.92 24.23
C ARG B 863 21.98 -7.80 23.69
N MET B 864 22.66 -6.68 23.95
CA MET B 864 24.01 -6.48 23.43
C MET B 864 25.03 -7.39 24.11
N MET B 865 24.75 -7.83 25.35
CA MET B 865 25.74 -8.61 26.09
C MET B 865 26.04 -9.96 25.44
N ILE B 866 25.11 -10.49 24.65
CA ILE B 866 25.36 -11.74 23.94
C ILE B 866 26.50 -11.57 22.92
N ASP B 867 26.33 -10.60 22.02
CA ASP B 867 27.35 -10.32 21.01
C ASP B 867 28.65 -9.84 21.62
N VAL B 868 28.57 -9.05 22.70
CA VAL B 868 29.78 -8.56 23.36
C VAL B 868 30.55 -9.70 24.02
N PHE B 869 29.82 -10.64 24.65
CA PHE B 869 30.46 -11.80 25.26
C PHE B 869 31.11 -12.69 24.21
N PHE B 870 30.43 -12.90 23.07
CA PHE B 870 30.99 -13.73 22.02
C PHE B 870 32.23 -13.09 21.39
N PHE B 871 32.15 -11.80 21.08
CA PHE B 871 33.29 -11.10 20.49
C PHE B 871 34.47 -11.03 21.44
N LEU B 872 34.20 -10.83 22.73
CA LEU B 872 35.28 -10.80 23.72
C LEU B 872 35.91 -12.17 23.90
N PHE B 873 35.11 -13.23 23.78
CA PHE B 873 35.64 -14.59 23.83
C PHE B 873 36.56 -14.87 22.64
N LEU B 874 36.09 -14.57 21.44
CA LEU B 874 36.90 -14.79 20.23
C LEU B 874 38.17 -13.93 20.24
N PHE B 875 38.03 -12.70 20.73
CA PHE B 875 39.18 -11.80 20.85
C PHE B 875 40.19 -12.31 21.87
N ALA B 876 39.72 -12.87 22.99
CA ALA B 876 40.64 -13.42 23.98
C ALA B 876 41.36 -14.66 23.45
N VAL B 877 40.65 -15.48 22.67
CA VAL B 877 41.27 -16.64 22.02
C VAL B 877 42.39 -16.20 21.09
N TRP B 878 42.09 -15.23 20.22
CA TRP B 878 43.12 -14.75 19.29
C TRP B 878 44.25 -14.03 20.01
N MET B 879 43.96 -13.39 21.14
CA MET B 879 45.01 -12.72 21.89
C MET B 879 45.97 -13.71 22.53
N VAL B 880 45.44 -14.81 23.07
CA VAL B 880 46.30 -15.88 23.60
C VAL B 880 47.09 -16.53 22.47
N ALA B 881 46.49 -16.64 21.29
CA ALA B 881 47.20 -17.22 20.13
C ALA B 881 48.35 -16.35 19.66
N PHE B 882 48.10 -15.04 19.49
CA PHE B 882 49.16 -14.13 19.09
C PHE B 882 50.24 -14.00 20.15
N GLY B 883 49.87 -14.09 21.43
CA GLY B 883 50.87 -14.11 22.47
C GLY B 883 51.70 -15.37 22.45
N VAL B 884 51.08 -16.50 22.09
CA VAL B 884 51.82 -17.76 21.97
C VAL B 884 52.84 -17.67 20.85
N ALA B 885 52.44 -17.10 19.71
CA ALA B 885 53.37 -16.91 18.59
C ALA B 885 54.48 -15.92 18.95
N ARG B 886 54.14 -14.88 19.72
CA ARG B 886 55.14 -13.90 20.14
C ARG B 886 56.12 -14.51 21.13
N GLN B 887 55.64 -15.38 22.02
CA GLN B 887 56.52 -16.08 22.95
C GLN B 887 57.43 -17.04 22.20
N GLY B 888 56.91 -17.67 21.14
CA GLY B 888 57.75 -18.55 20.34
C GLY B 888 58.82 -17.81 19.57
N ILE B 889 58.48 -16.63 19.03
CA ILE B 889 59.43 -15.88 18.22
C ILE B 889 60.46 -15.17 19.10
N LEU B 890 60.02 -14.59 20.21
CA LEU B 890 60.91 -13.84 21.10
C LEU B 890 61.80 -14.75 21.94
N ARG B 891 61.54 -16.06 21.98
CA ARG B 891 62.43 -16.99 22.64
C ARG B 891 63.22 -17.78 21.59
N TRP B 897 58.86 -27.06 33.88
CA TRP B 897 58.01 -26.78 32.74
C TRP B 897 56.88 -25.81 33.12
N GLU B 898 56.71 -25.62 34.43
CA GLU B 898 55.64 -24.73 34.90
C GLU B 898 55.98 -23.26 34.67
N TRP B 899 57.27 -22.92 34.63
CA TRP B 899 57.69 -21.53 34.48
C TRP B 899 57.35 -21.00 33.09
N ILE B 900 57.63 -21.79 32.05
CA ILE B 900 57.37 -21.35 30.68
C ILE B 900 55.87 -21.31 30.41
N PHE B 901 55.11 -22.22 31.02
CA PHE B 901 53.65 -22.19 30.89
C PHE B 901 53.05 -20.97 31.59
N ARG B 902 53.56 -20.64 32.78
CA ARG B 902 53.11 -19.44 33.49
C ARG B 902 53.47 -18.18 32.72
N SER B 903 54.65 -18.17 32.09
CA SER B 903 55.05 -17.02 31.26
C SER B 903 54.18 -16.90 30.02
N VAL B 904 53.87 -18.03 29.35
CA VAL B 904 53.02 -18.02 28.17
C VAL B 904 51.57 -17.67 28.51
N ILE B 905 51.15 -17.88 29.76
CA ILE B 905 49.81 -17.46 30.15
C ILE B 905 49.77 -15.99 30.55
N TYR B 906 50.77 -15.51 31.29
CA TYR B 906 50.72 -14.19 31.89
C TYR B 906 51.54 -13.15 31.12
N GLU B 907 52.09 -13.49 29.97
CA GLU B 907 52.71 -12.52 29.07
C GLU B 907 51.75 -11.74 28.15
N PRO B 908 50.76 -12.34 27.45
CA PRO B 908 49.98 -11.52 26.50
C PRO B 908 49.10 -10.47 27.15
N TYR B 909 48.59 -10.72 28.36
CA TYR B 909 47.76 -9.73 29.04
C TYR B 909 48.57 -8.50 29.42
N LEU B 910 49.78 -8.71 29.93
CA LEU B 910 50.68 -7.58 30.23
C LEU B 910 51.17 -6.90 28.96
N ALA B 911 51.33 -7.65 27.86
CA ALA B 911 51.73 -7.05 26.60
C ALA B 911 50.62 -6.22 25.99
N MET B 912 49.37 -6.61 26.20
CA MET B 912 48.24 -5.86 25.66
C MET B 912 47.90 -4.65 26.52
N PHE B 913 48.04 -4.78 27.85
CA PHE B 913 47.74 -3.67 28.74
C PHE B 913 48.75 -2.53 28.57
N GLY B 914 50.00 -2.85 28.24
CA GLY B 914 51.01 -1.83 28.03
C GLY B 914 52.29 -2.08 28.77
N GLU B 954 62.82 -10.81 4.92
CA GLU B 954 62.26 -9.67 5.63
C GLU B 954 60.85 -9.97 6.13
N TRP B 955 60.63 -11.21 6.59
CA TRP B 955 59.34 -11.62 7.11
C TRP B 955 59.07 -11.12 8.52
N ILE B 956 60.05 -10.49 9.17
CA ILE B 956 59.92 -10.13 10.58
C ILE B 956 58.91 -9.00 10.78
N THR B 957 58.79 -8.10 9.79
CA THR B 957 57.91 -6.95 9.95
C THR B 957 56.43 -7.30 9.78
N ILE B 958 56.13 -8.50 9.28
CA ILE B 958 54.75 -8.87 8.98
C ILE B 958 53.81 -9.05 10.20
N PRO B 959 54.20 -9.72 11.31
CA PRO B 959 53.19 -9.96 12.37
C PRO B 959 52.68 -8.72 13.08
N LEU B 960 53.45 -7.63 13.14
CA LEU B 960 52.96 -6.41 13.78
C LEU B 960 51.79 -5.81 13.00
N VAL B 961 51.95 -5.63 11.70
CA VAL B 961 50.89 -5.09 10.86
C VAL B 961 49.72 -6.08 10.77
N CYS B 962 50.02 -7.38 10.76
CA CYS B 962 48.95 -8.39 10.71
C CYS B 962 48.10 -8.35 11.98
N ILE B 963 48.75 -8.26 13.14
CA ILE B 963 48.04 -8.21 14.42
C ILE B 963 47.25 -6.91 14.54
N TYR B 964 47.83 -5.79 14.09
CA TYR B 964 47.12 -4.52 14.14
C TYR B 964 45.90 -4.53 13.21
N MET B 965 46.03 -5.16 12.04
CA MET B 965 44.91 -5.24 11.11
C MET B 965 43.78 -6.12 11.66
N LEU B 966 44.13 -7.27 12.22
CA LEU B 966 43.12 -8.15 12.80
C LEU B 966 42.44 -7.51 14.01
N SER B 967 43.22 -6.80 14.84
CA SER B 967 42.65 -6.12 16.00
C SER B 967 41.73 -4.97 15.59
N THR B 968 42.12 -4.20 14.57
CA THR B 968 41.26 -3.13 14.07
C THR B 968 40.00 -3.69 13.43
N ASN B 969 40.12 -4.82 12.75
CA ASN B 969 38.96 -5.48 12.15
C ASN B 969 37.96 -5.92 13.20
N ILE B 970 38.45 -6.61 14.23
CA ILE B 970 37.56 -7.07 15.31
C ILE B 970 36.98 -5.90 16.08
N LEU B 971 37.77 -4.84 16.28
CA LEU B 971 37.32 -3.67 17.05
C LEU B 971 36.24 -2.90 16.32
N LEU B 972 36.39 -2.71 15.01
CA LEU B 972 35.35 -2.05 14.23
C LEU B 972 34.11 -2.93 14.12
N VAL B 973 34.30 -4.23 13.89
CA VAL B 973 33.17 -5.12 13.69
C VAL B 973 32.38 -5.37 14.98
N ASN B 974 33.02 -5.18 16.13
CA ASN B 974 32.30 -5.26 17.41
C ASN B 974 31.19 -4.23 17.49
N LEU B 975 31.55 -2.95 17.33
CA LEU B 975 30.56 -1.88 17.32
C LEU B 975 29.64 -1.96 16.10
N LEU B 976 30.13 -2.53 14.99
CA LEU B 976 29.28 -2.70 13.81
C LEU B 976 28.15 -3.69 14.07
N VAL B 977 28.48 -4.89 14.56
CA VAL B 977 27.45 -5.88 14.85
C VAL B 977 26.63 -5.48 16.07
N ALA B 978 27.19 -4.63 16.94
CA ALA B 978 26.37 -4.00 17.96
C ALA B 978 25.35 -3.05 17.35
N MET B 979 25.73 -2.34 16.28
CA MET B 979 24.78 -1.50 15.57
C MET B 979 23.76 -2.33 14.79
N PHE B 980 24.10 -3.57 14.47
CA PHE B 980 23.16 -4.46 13.78
C PHE B 980 21.95 -4.79 14.64
N GLY B 981 22.18 -5.46 15.76
CA GLY B 981 21.09 -5.85 16.64
C GLY B 981 20.60 -4.74 17.55
N ASN B 990 11.49 -2.16 18.77
CA ASN B 990 10.35 -2.93 19.24
C ASN B 990 10.64 -3.56 20.60
N ASN B 991 11.36 -2.84 21.46
CA ASN B 991 11.65 -3.30 22.81
C ASN B 991 10.51 -3.02 23.79
N ASP B 992 9.49 -2.29 23.35
CA ASP B 992 8.44 -1.86 24.26
C ASP B 992 7.61 -3.04 24.75
N GLN B 993 7.32 -3.99 23.86
CA GLN B 993 6.56 -5.17 24.24
C GLN B 993 7.34 -6.05 25.21
N VAL B 994 8.66 -6.13 25.03
CA VAL B 994 9.50 -6.88 25.95
C VAL B 994 9.51 -6.20 27.32
N TRP B 995 9.49 -4.86 27.32
CA TRP B 995 9.36 -4.12 28.57
C TRP B 995 8.05 -4.42 29.27
N LYS B 996 6.98 -4.64 28.50
CA LYS B 996 5.70 -4.95 29.10
C LYS B 996 5.67 -6.34 29.74
N PHE B 997 6.33 -7.31 29.09
CA PHE B 997 6.58 -8.60 29.75
C PHE B 997 7.34 -8.47 31.07
N GLN B 998 8.46 -7.72 31.05
CA GLN B 998 9.24 -7.58 32.28
C GLN B 998 8.46 -6.85 33.37
N ARG B 999 7.56 -5.96 32.95
CA ARG B 999 6.66 -5.29 33.88
C ARG B 999 5.75 -6.30 34.57
N PHE B 1000 5.23 -7.27 33.80
CA PHE B 1000 4.42 -8.32 34.42
C PHE B 1000 5.19 -9.10 35.46
N PHE B 1001 6.44 -9.45 35.16
CA PHE B 1001 7.21 -10.24 36.13
C PHE B 1001 7.48 -9.47 37.41
N LEU B 1002 7.73 -8.16 37.28
CA LEU B 1002 7.97 -7.35 38.47
C LEU B 1002 6.72 -7.22 39.33
N VAL B 1003 5.57 -6.98 38.70
CA VAL B 1003 4.30 -6.86 39.43
C VAL B 1003 3.96 -8.18 40.12
N GLN B 1004 4.18 -9.31 39.44
CA GLN B 1004 3.88 -10.61 40.03
C GLN B 1004 4.79 -10.91 41.21
N GLU B 1005 6.04 -10.49 41.25
CA GLU B 1005 6.80 -10.81 42.48
C GLU B 1005 6.30 -10.10 43.76
N TYR B 1006 6.08 -8.80 43.65
CA TYR B 1006 5.65 -7.99 44.79
C TYR B 1006 4.28 -8.32 45.40
N CYS B 1007 3.29 -8.61 44.58
CA CYS B 1007 1.97 -8.94 45.13
C CYS B 1007 2.10 -10.18 46.02
N SER B 1008 2.86 -11.17 45.56
CA SER B 1008 3.09 -12.37 46.34
C SER B 1008 3.83 -12.05 47.63
N ARG B 1009 4.81 -11.15 47.58
CA ARG B 1009 5.57 -10.81 48.81
C ARG B 1009 4.78 -10.19 49.98
N LEU B 1010 5.15 -10.55 51.22
CA LEU B 1010 4.52 -10.04 52.42
C LEU B 1010 4.65 -8.52 52.51
N THR B 1011 3.79 -7.92 53.34
CA THR B 1011 3.64 -6.47 53.39
C THR B 1011 4.87 -5.80 53.97
N ILE B 1012 5.52 -6.45 54.92
CA ILE B 1012 6.52 -5.80 55.78
C ILE B 1012 7.82 -5.62 55.01
N PRO B 1013 8.51 -4.48 55.22
CA PRO B 1013 9.79 -4.00 54.68
C PRO B 1013 10.97 -4.99 54.80
N PHE B 1014 12.02 -4.71 54.03
CA PHE B 1014 13.22 -5.53 53.98
C PHE B 1014 13.80 -6.05 55.30
N PRO B 1015 14.25 -5.15 56.19
CA PRO B 1015 14.91 -5.59 57.43
C PRO B 1015 13.94 -6.14 58.46
N PHE B 1016 12.65 -5.89 58.31
CA PHE B 1016 11.66 -6.25 59.31
C PHE B 1016 10.86 -7.50 58.92
N VAL B 1017 11.24 -8.20 57.85
CA VAL B 1017 10.51 -9.39 57.46
C VAL B 1017 10.88 -10.58 58.35
N ILE B 1018 11.93 -10.42 59.17
CA ILE B 1018 12.40 -11.53 60.03
C ILE B 1018 11.35 -11.92 61.05
N PHE B 1019 10.65 -10.94 61.61
CA PHE B 1019 9.59 -11.23 62.57
C PHE B 1019 8.45 -12.01 61.90
N ALA B 1020 8.07 -11.58 60.70
CA ALA B 1020 7.00 -12.22 59.96
C ALA B 1020 7.40 -13.65 59.62
N TYR B 1021 8.65 -13.83 59.21
CA TYR B 1021 9.17 -15.14 58.88
C TYR B 1021 9.18 -16.04 60.11
N ILE B 1022 9.52 -15.46 61.26
CA ILE B 1022 9.53 -16.21 62.51
C ILE B 1022 8.12 -16.67 62.84
N PHE B 1023 7.13 -15.79 62.62
CA PHE B 1023 5.74 -16.16 62.86
C PHE B 1023 5.33 -17.30 61.93
N MET B 1024 5.75 -17.20 60.67
CA MET B 1024 5.45 -18.22 59.67
C MET B 1024 6.08 -19.57 60.03
N VAL B 1025 7.32 -19.54 60.51
CA VAL B 1025 7.98 -20.77 60.91
C VAL B 1025 7.41 -21.31 62.22
N MET B 1026 6.94 -20.43 63.10
CA MET B 1026 6.39 -20.86 64.37
C MET B 1026 5.02 -21.53 64.21
N ARG B 1027 4.23 -21.10 63.23
CA ARG B 1027 2.98 -21.79 62.96
C ARG B 1027 3.19 -23.13 62.28
N LYS B 1028 4.39 -23.38 61.74
CA LYS B 1028 4.68 -24.63 61.06
C LYS B 1028 5.23 -25.67 62.03
N PRO B 1041 -12.38 -28.44 48.02
CA PRO B 1041 -11.72 -27.42 47.22
C PRO B 1041 -12.70 -26.56 46.45
N SER B 1042 -12.22 -25.89 45.41
CA SER B 1042 -13.05 -25.02 44.58
C SER B 1042 -13.17 -25.64 43.19
N VAL B 1043 -14.40 -25.89 42.77
CA VAL B 1043 -14.66 -26.46 41.46
C VAL B 1043 -14.95 -25.35 40.46
N CYS B 1044 -14.80 -25.67 39.17
CA CYS B 1044 -14.78 -24.68 38.09
C CYS B 1044 -16.07 -23.89 37.94
N CYS B 1045 -17.18 -24.55 37.64
CA CYS B 1045 -18.40 -23.81 37.30
C CYS B 1045 -19.61 -24.37 38.03
N SER B 1046 -19.50 -24.57 39.34
CA SER B 1046 -20.69 -24.93 40.11
C SER B 1046 -21.32 -23.73 40.82
N ARG B 1047 -20.52 -22.73 41.16
CA ARG B 1047 -21.02 -21.54 41.84
C ARG B 1047 -21.89 -20.70 40.92
N ASN B 1048 -22.51 -19.67 41.50
CA ASN B 1048 -23.47 -18.87 40.75
C ASN B 1048 -22.81 -17.65 40.11
N GLU B 1049 -21.87 -17.02 40.81
CA GLU B 1049 -21.18 -15.86 40.24
C GLU B 1049 -20.31 -16.25 39.05
N ASP B 1050 -19.83 -17.50 39.01
CA ASP B 1050 -19.08 -17.98 37.86
C ASP B 1050 -19.96 -18.01 36.61
N ASN B 1051 -21.19 -18.51 36.75
CA ASN B 1051 -22.12 -18.48 35.63
C ASN B 1051 -22.53 -17.07 35.28
N GLU B 1052 -22.57 -16.17 36.27
CA GLU B 1052 -22.89 -14.77 36.01
C GLU B 1052 -21.80 -14.09 35.18
N ILE B 1053 -20.54 -14.44 35.41
CA ILE B 1053 -19.46 -13.87 34.60
C ILE B 1053 -19.48 -14.45 33.19
N LEU B 1054 -19.62 -15.77 33.08
CA LEU B 1054 -19.53 -16.42 31.78
C LEU B 1054 -20.71 -16.07 30.88
N ALA B 1055 -21.87 -15.77 31.46
CA ALA B 1055 -23.00 -15.33 30.64
C ALA B 1055 -22.72 -13.97 30.01
N TRP B 1056 -22.12 -13.07 30.79
CA TRP B 1056 -21.69 -11.77 30.27
C TRP B 1056 -20.69 -11.94 29.13
N GLU B 1057 -19.76 -12.86 29.29
CA GLU B 1057 -18.78 -13.11 28.24
C GLU B 1057 -19.43 -13.69 26.99
N ALA B 1058 -20.47 -14.52 27.16
CA ALA B 1058 -21.17 -15.07 26.02
C ALA B 1058 -21.88 -13.98 25.21
N VAL B 1059 -22.48 -13.01 25.91
CA VAL B 1059 -23.11 -11.87 25.24
C VAL B 1059 -22.08 -11.08 24.45
N MET B 1060 -20.94 -10.81 25.08
CA MET B 1060 -19.89 -10.05 24.42
C MET B 1060 -19.32 -10.77 23.21
N LYS B 1061 -19.22 -12.10 23.29
CA LYS B 1061 -18.81 -12.90 22.14
C LYS B 1061 -19.79 -12.79 20.99
N GLU B 1062 -21.09 -12.78 21.28
CA GLU B 1062 -22.07 -12.70 20.21
C GLU B 1062 -22.01 -11.37 19.48
N ASN B 1063 -21.77 -10.28 20.24
CA ASN B 1063 -21.56 -8.99 19.58
C ASN B 1063 -20.29 -8.97 18.75
N TYR B 1064 -19.23 -9.64 19.23
CA TYR B 1064 -18.00 -9.75 18.44
C TYR B 1064 -18.21 -10.51 17.15
N LEU B 1065 -18.99 -11.59 17.18
CA LEU B 1065 -19.22 -12.39 15.99
C LEU B 1065 -20.05 -11.64 14.97
N VAL B 1066 -21.02 -10.85 15.42
CA VAL B 1066 -21.80 -10.02 14.50
C VAL B 1066 -20.91 -8.99 13.81
N LYS B 1067 -20.07 -8.31 14.59
CA LYS B 1067 -19.18 -7.30 14.00
C LYS B 1067 -18.16 -7.91 13.05
N ILE B 1068 -17.70 -9.13 13.31
CA ILE B 1068 -16.75 -9.71 12.38
C ILE B 1068 -17.46 -10.29 11.16
N ASN B 1069 -18.76 -10.61 11.27
CA ASN B 1069 -19.46 -11.14 10.11
C ASN B 1069 -19.96 -10.06 9.16
N THR B 1070 -20.16 -8.82 9.64
CA THR B 1070 -20.46 -7.74 8.70
C THR B 1070 -19.30 -7.50 7.73
N LYS B 1071 -18.12 -7.24 8.27
CA LYS B 1071 -16.96 -6.97 7.44
C LYS B 1071 -16.43 -8.25 6.80
N UNK B 1079 -18.42 -7.74 -0.78
CA UNK B 1079 -19.11 -7.10 -1.89
C UNK B 1079 -19.32 -8.08 -3.03
N UNK B 1080 -18.72 -9.27 -2.92
CA UNK B 1080 -18.82 -10.29 -3.95
C UNK B 1080 -20.22 -10.89 -3.99
N UNK B 1081 -20.73 -11.24 -2.81
CA UNK B 1081 -22.09 -11.75 -2.66
C UNK B 1081 -23.10 -10.64 -2.98
N UNK B 1082 -22.71 -9.40 -2.67
CA UNK B 1082 -23.50 -8.22 -3.00
C UNK B 1082 -23.64 -8.08 -4.50
N UNK B 1083 -22.52 -8.21 -5.22
CA UNK B 1083 -22.51 -8.12 -6.69
C UNK B 1083 -23.29 -9.28 -7.31
N UNK B 1084 -23.15 -10.47 -6.72
CA UNK B 1084 -23.86 -11.66 -7.17
C UNK B 1084 -25.37 -11.52 -7.02
N UNK B 1085 -25.81 -11.05 -5.85
CA UNK B 1085 -27.23 -10.83 -5.60
C UNK B 1085 -27.76 -9.66 -6.41
N UNK B 1086 -26.90 -8.68 -6.72
CA UNK B 1086 -27.28 -7.57 -7.59
C UNK B 1086 -27.56 -8.07 -9.00
N UNK B 1087 -26.66 -8.91 -9.51
CA UNK B 1087 -26.82 -9.52 -10.83
C UNK B 1087 -28.04 -10.44 -10.87
N UNK B 1088 -28.27 -11.16 -9.78
CA UNK B 1088 -29.43 -12.05 -9.67
C UNK B 1088 -30.74 -11.27 -9.62
N UNK B 1089 -30.77 -10.16 -8.90
CA UNK B 1089 -31.95 -9.31 -8.83
C UNK B 1089 -32.24 -8.64 -10.17
N UNK B 1090 -31.19 -8.20 -10.85
CA UNK B 1090 -31.30 -7.62 -12.18
C UNK B 1090 -31.82 -8.65 -13.18
N UNK B 1091 -31.29 -9.87 -13.10
CA UNK B 1091 -31.73 -10.96 -13.96
C UNK B 1091 -33.17 -11.35 -13.66
N UNK B 1092 -33.57 -11.29 -12.40
CA UNK B 1092 -34.93 -11.61 -11.99
C UNK B 1092 -35.93 -10.60 -12.53
N UNK B 1093 -35.59 -9.32 -12.41
CA UNK B 1093 -36.42 -8.24 -12.94
C UNK B 1093 -36.52 -8.32 -14.47
N UNK B 1094 -35.38 -8.60 -15.11
CA UNK B 1094 -35.33 -8.75 -16.56
C UNK B 1094 -36.15 -9.96 -17.06
N UNK B 1095 -36.10 -11.06 -16.31
CA UNK B 1095 -36.84 -12.26 -16.66
C UNK B 1095 -38.32 -12.05 -16.45
N UNK B 1096 -38.69 -11.32 -15.40
CA UNK B 1096 -40.09 -10.98 -15.15
C UNK B 1096 -40.62 -10.09 -16.27
N UNK B 1097 -39.80 -9.14 -16.72
CA UNK B 1097 -40.18 -8.28 -17.84
C UNK B 1097 -40.31 -9.05 -19.15
N UNK B 1098 -39.41 -10.00 -19.37
CA UNK B 1098 -39.42 -10.80 -20.59
C UNK B 1098 -40.58 -11.79 -20.62
N UNK B 1099 -41.01 -12.24 -19.43
CA UNK B 1099 -42.16 -13.11 -19.33
C UNK B 1099 -43.46 -12.30 -19.43
N UNK B 1100 -43.39 -11.04 -19.01
CA UNK B 1100 -44.55 -10.15 -19.10
C UNK B 1100 -44.71 -9.60 -20.52
N UNK B 1101 -43.64 -9.61 -21.30
CA UNK B 1101 -43.65 -9.06 -22.64
C UNK B 1101 -43.99 -10.10 -23.70
N UNK B 1102 -43.95 -11.37 -23.32
CA UNK B 1102 -44.22 -12.46 -24.25
C UNK B 1102 -45.70 -12.53 -24.60
N UNK C 96 2.02 25.53 -53.08
CA UNK C 96 1.87 24.91 -54.40
C UNK C 96 3.17 25.02 -55.18
N UNK C 97 4.14 24.19 -54.81
CA UNK C 97 5.45 24.23 -55.45
C UNK C 97 5.50 23.36 -56.71
N UNK C 98 6.29 23.80 -57.68
CA UNK C 98 6.47 23.04 -58.90
C UNK C 98 7.70 22.16 -58.76
N UNK C 99 7.75 21.07 -59.53
CA UNK C 99 8.84 20.13 -59.41
C UNK C 99 9.87 20.32 -60.51
N UNK C 100 11.12 19.99 -60.19
CA UNK C 100 12.20 19.99 -61.18
C UNK C 100 12.49 18.56 -61.58
N UNK C 101 12.05 18.19 -62.77
CA UNK C 101 12.07 16.80 -63.20
C UNK C 101 12.99 16.53 -64.37
N UNK C 102 13.47 15.29 -64.48
CA UNK C 102 14.23 14.88 -65.65
C UNK C 102 13.28 14.66 -66.81
N UNK C 103 13.65 15.16 -67.99
CA UNK C 103 12.85 15.10 -69.22
C UNK C 103 11.46 15.70 -69.04
N UNK C 104 11.41 16.80 -68.28
CA UNK C 104 10.15 17.35 -67.80
C UNK C 104 9.30 18.02 -68.86
N UNK C 105 8.11 18.42 -68.41
CA UNK C 105 7.17 19.23 -69.18
C UNK C 105 6.18 19.78 -68.16
N UNK C 106 6.72 20.49 -67.18
CA UNK C 106 5.99 20.85 -65.96
C UNK C 106 4.80 21.77 -66.20
N UNK C 107 3.74 21.48 -65.47
CA UNK C 107 2.50 22.25 -65.52
C UNK C 107 1.96 22.39 -64.11
N UNK C 108 1.70 23.62 -63.69
CA UNK C 108 1.26 23.87 -62.31
C UNK C 108 -0.22 23.55 -62.11
N UNK C 109 -0.79 24.17 -61.08
CA UNK C 109 -2.18 23.92 -60.72
C UNK C 109 -3.13 24.54 -61.73
N UNK C 110 10.14 22.41 -51.75
CA UNK C 110 9.73 21.85 -53.02
C UNK C 110 10.33 20.46 -53.21
N UNK C 111 9.62 19.58 -53.90
CA UNK C 111 10.09 18.21 -54.07
C UNK C 111 10.31 17.86 -55.53
N UNK C 112 11.41 17.15 -55.77
CA UNK C 112 11.78 16.74 -57.12
C UNK C 112 11.04 15.47 -57.53
N UNK C 113 10.01 15.64 -58.36
CA UNK C 113 9.20 14.54 -58.83
C UNK C 113 9.55 14.18 -60.27
N UNK C 114 10.42 13.18 -60.44
CA UNK C 114 10.96 12.78 -61.74
C UNK C 114 9.90 12.30 -62.74
N UNK C 115 9.16 13.24 -63.31
CA UNK C 115 7.97 12.94 -64.11
C UNK C 115 8.22 12.65 -65.58
N UNK C 116 8.43 11.40 -65.94
CA UNK C 116 8.62 11.04 -67.35
C UNK C 116 7.30 11.05 -68.12
N UNK C 117 6.68 12.21 -68.26
CA UNK C 117 5.37 12.33 -68.88
C UNK C 117 5.46 12.35 -70.39
N LYS C 118 10.04 8.32 -57.35
CA LYS C 118 8.95 9.28 -57.33
C LYS C 118 8.44 9.49 -58.75
N TYR C 119 8.58 8.45 -59.56
CA TYR C 119 8.28 8.52 -60.98
C TYR C 119 6.81 8.84 -61.24
N ILE C 120 6.54 9.51 -62.35
CA ILE C 120 5.20 9.92 -62.74
C ILE C 120 5.05 9.63 -64.22
N ARG C 121 3.86 9.20 -64.62
CA ARG C 121 3.62 8.90 -66.01
C ARG C 121 2.32 9.52 -66.50
N LEU C 122 2.27 9.82 -67.79
CA LEU C 122 1.07 10.36 -68.41
C LEU C 122 0.66 9.30 -69.40
N SER C 123 -0.59 8.85 -69.30
CA SER C 123 -1.05 7.80 -70.20
C SER C 123 -2.51 7.94 -70.64
N CYS C 124 -2.80 7.31 -71.78
CA CYS C 124 -4.13 7.28 -72.35
C CYS C 124 -5.02 6.33 -71.55
N ASP C 125 -6.33 6.47 -71.68
CA ASP C 125 -7.23 5.63 -70.91
C ASP C 125 -7.35 4.27 -71.58
N THR C 126 -6.34 3.43 -71.35
CA THR C 126 -6.28 2.08 -71.91
C THR C 126 -5.14 1.27 -71.31
N ASP C 127 -5.02 0.01 -71.72
CA ASP C 127 -3.86 -0.87 -71.49
C ASP C 127 -3.61 -1.10 -70.00
N SER C 128 -4.53 -1.85 -69.38
CA SER C 128 -4.40 -2.17 -67.96
C SER C 128 -3.23 -3.13 -67.71
N GLU C 129 -3.20 -4.23 -68.46
CA GLU C 129 -2.17 -5.25 -68.24
C GLU C 129 -0.78 -4.75 -68.58
N THR C 130 -0.67 -3.87 -69.58
CA THR C 130 0.61 -3.24 -69.88
C THR C 130 1.05 -2.33 -68.75
N LEU C 131 0.10 -1.60 -68.15
CA LEU C 131 0.40 -0.74 -67.01
C LEU C 131 0.89 -1.53 -65.81
N TYR C 132 0.21 -2.65 -65.53
CA TYR C 132 0.64 -3.53 -64.44
C TYR C 132 1.99 -4.16 -64.75
N ASP C 133 2.24 -4.49 -66.02
CA ASP C 133 3.53 -5.05 -66.42
C ASP C 133 4.64 -4.04 -66.23
N LEU C 134 4.35 -2.75 -66.49
CA LEU C 134 5.31 -1.69 -66.21
C LEU C 134 5.62 -1.61 -64.72
N MET C 135 4.58 -1.52 -63.88
CA MET C 135 4.79 -1.36 -62.44
C MET C 135 5.39 -2.59 -61.79
N THR C 136 5.31 -3.77 -62.41
CA THR C 136 5.97 -4.95 -61.88
C THR C 136 7.39 -5.11 -62.41
N GLN C 137 7.58 -5.04 -63.73
CA GLN C 137 8.89 -5.29 -64.31
C GLN C 137 9.89 -4.17 -64.01
N HIS C 138 9.41 -2.95 -63.75
CA HIS C 138 10.36 -1.86 -63.52
C HIS C 138 10.76 -1.72 -62.06
N TRP C 139 9.79 -1.61 -61.16
CA TRP C 139 10.14 -1.30 -59.78
C TRP C 139 9.75 -2.39 -58.78
N HIS C 140 8.47 -2.77 -58.74
CA HIS C 140 7.90 -3.39 -57.56
C HIS C 140 7.68 -4.89 -57.75
N LEU C 141 7.73 -5.61 -56.63
CA LEU C 141 7.42 -7.02 -56.60
C LEU C 141 5.93 -7.21 -56.35
N LYS C 142 5.48 -8.47 -56.40
CA LYS C 142 4.07 -8.81 -56.30
C LYS C 142 3.53 -8.46 -54.91
N THR C 143 2.21 -8.30 -54.84
CA THR C 143 1.58 -7.63 -53.71
C THR C 143 0.71 -8.61 -52.92
N PRO C 144 1.01 -8.87 -51.65
CA PRO C 144 0.12 -9.72 -50.84
C PRO C 144 -1.19 -9.06 -50.45
N ASN C 145 -1.37 -7.77 -50.72
CA ASN C 145 -2.56 -7.04 -50.28
C ASN C 145 -2.63 -5.75 -51.09
N LEU C 146 -3.81 -5.14 -51.14
CA LEU C 146 -3.92 -3.76 -51.61
C LEU C 146 -5.17 -3.12 -50.99
N VAL C 147 -4.96 -2.05 -50.24
CA VAL C 147 -6.05 -1.33 -49.59
C VAL C 147 -6.43 -0.17 -50.48
N ILE C 148 -7.53 -0.30 -51.21
CA ILE C 148 -8.10 0.82 -51.95
C ILE C 148 -8.97 1.62 -50.99
N SER C 149 -8.57 2.87 -50.75
CA SER C 149 -9.36 3.80 -49.98
C SER C 149 -9.78 4.95 -50.89
N VAL C 150 -10.97 5.48 -50.64
CA VAL C 150 -11.52 6.58 -51.42
C VAL C 150 -12.12 7.58 -50.43
N THR C 151 -11.79 8.85 -50.62
CA THR C 151 -12.29 9.92 -49.78
C THR C 151 -13.59 10.48 -50.34
N LYS C 155 -13.29 18.40 -50.79
CA LYS C 155 -13.34 17.14 -50.06
C LYS C 155 -12.73 17.31 -48.67
N ASN C 156 -12.49 18.54 -48.27
CA ASN C 156 -11.87 18.83 -46.99
C ASN C 156 -12.83 18.51 -45.84
N PHE C 157 -12.25 18.20 -44.69
CA PHE C 157 -12.97 17.93 -43.44
C PHE C 157 -11.97 18.05 -42.31
N ALA C 158 -12.38 17.69 -41.10
CA ALA C 158 -11.58 17.83 -39.90
C ALA C 158 -11.25 16.47 -39.31
N LEU C 159 -9.96 16.25 -39.02
CA LEU C 159 -9.55 15.01 -38.40
C LEU C 159 -9.97 14.99 -36.94
N LYS C 160 -10.59 13.90 -36.52
CA LYS C 160 -10.92 13.67 -35.13
C LYS C 160 -9.68 13.15 -34.42
N PRO C 161 -9.70 13.03 -33.09
CA PRO C 161 -8.58 12.34 -32.41
C PRO C 161 -8.63 10.82 -32.51
N ARG C 162 -9.67 10.23 -33.10
CA ARG C 162 -9.74 8.79 -33.26
C ARG C 162 -9.37 8.34 -34.67
N MET C 163 -9.79 9.10 -35.68
CA MET C 163 -9.56 8.72 -37.07
C MET C 163 -8.07 8.69 -37.40
N ARG C 164 -7.29 9.56 -36.75
CA ARG C 164 -5.84 9.51 -36.85
C ARG C 164 -5.28 8.18 -36.37
N LYS C 165 -5.82 7.67 -35.26
CA LYS C 165 -5.39 6.39 -34.71
C LYS C 165 -5.72 5.24 -35.66
N ILE C 166 -6.92 5.26 -36.24
CA ILE C 166 -7.34 4.22 -37.19
C ILE C 166 -6.43 4.21 -38.42
N PHE C 167 -6.14 5.38 -38.99
CA PHE C 167 -5.37 5.34 -40.22
C PHE C 167 -3.89 5.12 -39.97
N SER C 168 -3.38 5.50 -38.80
CA SER C 168 -2.02 5.11 -38.43
C SER C 168 -1.92 3.60 -38.29
N ARG C 169 -2.91 2.98 -37.65
CA ARG C 169 -2.95 1.53 -37.53
C ARG C 169 -3.08 0.85 -38.89
N LEU C 170 -3.84 1.47 -39.80
CA LEU C 170 -4.04 0.89 -41.13
C LEU C 170 -2.76 0.92 -41.94
N ILE C 171 -2.05 2.03 -41.93
CA ILE C 171 -0.81 2.08 -42.70
C ILE C 171 0.27 1.24 -42.02
N TYR C 172 0.17 1.04 -40.70
CA TYR C 172 1.06 0.09 -40.03
C TYR C 172 0.81 -1.35 -40.50
N ILE C 173 -0.47 -1.71 -40.65
CA ILE C 173 -0.84 -3.02 -41.21
C ILE C 173 -0.34 -3.16 -42.64
N ALA C 174 -0.48 -2.11 -43.45
CA ALA C 174 -0.03 -2.15 -44.83
C ALA C 174 1.47 -2.28 -44.94
N GLN C 175 2.21 -1.73 -43.97
CA GLN C 175 3.66 -1.93 -43.99
C GLN C 175 4.04 -3.31 -43.49
N SER C 176 3.29 -3.87 -42.54
CA SER C 176 3.63 -5.18 -42.01
C SER C 176 3.37 -6.28 -43.04
N LYS C 177 2.22 -6.23 -43.72
CA LYS C 177 1.94 -7.24 -44.74
C LYS C 177 2.71 -6.95 -46.02
N GLY C 178 2.73 -5.69 -46.44
CA GLY C 178 3.28 -5.32 -47.72
C GLY C 178 2.16 -5.12 -48.72
N ALA C 179 1.78 -3.87 -48.98
CA ALA C 179 0.54 -3.63 -49.70
C ALA C 179 0.66 -2.41 -50.57
N TRP C 180 -0.38 -2.17 -51.37
CA TRP C 180 -0.54 -0.95 -52.13
C TRP C 180 -1.70 -0.16 -51.56
N ILE C 181 -1.66 1.15 -51.73
CA ILE C 181 -2.72 2.04 -51.30
C ILE C 181 -3.09 2.90 -52.50
N PHE C 182 -4.39 3.08 -52.74
CA PHE C 182 -4.80 3.84 -53.92
C PHE C 182 -5.55 5.12 -53.56
N THR C 183 -4.97 5.98 -52.74
CA THR C 183 -5.67 7.21 -52.35
C THR C 183 -5.72 8.20 -53.51
N GLY C 184 -6.56 9.23 -53.36
CA GLY C 184 -6.68 10.25 -54.39
C GLY C 184 -5.61 11.31 -54.22
N GLY C 185 -4.83 11.54 -55.28
CA GLY C 185 -3.56 12.25 -55.23
C GLY C 185 -3.60 13.74 -54.92
N THR C 186 -4.77 14.34 -54.71
CA THR C 186 -4.84 15.76 -54.39
C THR C 186 -4.28 16.03 -52.99
N HIS C 187 -3.47 17.09 -52.86
CA HIS C 187 -2.82 17.41 -51.60
C HIS C 187 -3.82 17.81 -50.52
N TYR C 188 -4.91 18.44 -50.90
CA TYR C 188 -5.90 18.85 -49.91
C TYR C 188 -6.72 17.65 -49.46
N GLY C 189 -7.07 17.63 -48.18
CA GLY C 189 -7.95 16.62 -47.64
C GLY C 189 -7.23 15.58 -46.80
N LEU C 190 -7.86 14.40 -46.73
CA LEU C 190 -7.34 13.29 -45.94
C LEU C 190 -6.08 12.68 -46.58
N MET C 191 -5.91 12.85 -47.88
CA MET C 191 -4.75 12.33 -48.58
C MET C 191 -3.46 12.93 -48.06
N LYS C 192 -3.51 14.18 -47.59
CA LYS C 192 -2.38 14.78 -46.90
C LYS C 192 -2.02 13.99 -45.65
N TYR C 193 -3.02 13.52 -44.91
CA TYR C 193 -2.73 12.80 -43.69
C TYR C 193 -2.19 11.41 -43.99
N ILE C 194 -2.70 10.77 -45.05
CA ILE C 194 -2.13 9.48 -45.48
C ILE C 194 -0.68 9.66 -45.91
N GLY C 195 -0.37 10.72 -46.66
CA GLY C 195 1.00 10.99 -47.04
C GLY C 195 1.91 11.24 -45.85
N GLU C 196 1.38 11.93 -44.84
CA GLU C 196 2.16 12.18 -43.62
C GLU C 196 2.46 10.90 -42.87
N VAL C 197 1.47 10.00 -42.75
CA VAL C 197 1.70 8.76 -42.02
C VAL C 197 2.60 7.82 -42.80
N VAL C 198 2.54 7.84 -44.15
CA VAL C 198 3.46 7.04 -44.96
C VAL C 198 4.88 7.53 -44.78
N ARG C 199 5.07 8.86 -44.78
CA ARG C 199 6.39 9.43 -44.54
C ARG C 199 6.90 9.08 -43.14
N ASP C 200 5.99 9.07 -42.16
CA ASP C 200 6.35 8.73 -40.78
C ASP C 200 6.79 7.27 -40.66
N ASN C 201 6.08 6.35 -41.30
CA ASN C 201 6.48 4.96 -41.22
C ASN C 201 7.74 4.67 -42.03
N THR C 202 8.01 5.45 -43.09
CA THR C 202 9.28 5.28 -43.78
C THR C 202 10.45 5.77 -42.95
N ILE C 203 10.28 6.87 -42.20
CA ILE C 203 11.41 7.31 -41.40
C ILE C 203 11.56 6.49 -40.11
N SER C 204 10.47 5.94 -39.58
CA SER C 204 10.55 5.24 -38.30
C SER C 204 11.13 3.85 -38.46
N ARG C 205 10.42 2.95 -39.14
CA ARG C 205 10.86 1.57 -39.34
C ARG C 205 11.49 1.43 -40.71
N SER C 206 12.71 0.92 -40.74
CA SER C 206 13.51 0.86 -41.97
C SER C 206 13.02 -0.26 -42.87
N SER C 207 11.89 0.00 -43.54
CA SER C 207 11.33 -0.91 -44.53
C SER C 207 10.82 -0.06 -45.69
N GLU C 208 10.15 -0.71 -46.65
CA GLU C 208 9.64 -0.02 -47.81
C GLU C 208 8.22 -0.49 -48.11
N GLU C 209 7.32 0.46 -48.36
CA GLU C 209 6.00 0.19 -48.89
C GLU C 209 5.48 1.46 -49.56
N ASN C 210 4.64 1.27 -50.57
CA ASN C 210 4.34 2.31 -51.52
C ASN C 210 2.87 2.73 -51.45
N VAL C 211 2.59 3.90 -51.98
CA VAL C 211 1.23 4.41 -52.11
C VAL C 211 1.04 4.94 -53.53
N VAL C 212 0.54 4.09 -54.41
CA VAL C 212 0.29 4.49 -55.79
C VAL C 212 -0.98 5.31 -55.81
N ALA C 213 -0.85 6.63 -55.88
CA ALA C 213 -2.02 7.49 -55.87
C ALA C 213 -2.40 7.86 -57.30
N ILE C 214 -3.66 8.22 -57.49
CA ILE C 214 -4.12 8.74 -58.77
C ILE C 214 -4.94 9.99 -58.50
N LYS C 248 0.11 15.22 -68.30
CA LYS C 248 -0.56 16.09 -67.34
C LYS C 248 -2.07 15.93 -67.43
N ARG C 249 -2.72 15.84 -66.27
CA ARG C 249 -4.16 15.66 -66.21
C ARG C 249 -4.84 17.02 -66.28
N ASP C 250 -6.05 17.02 -66.86
CA ASP C 250 -6.75 18.25 -67.20
C ASP C 250 -7.10 19.13 -65.99
N PRO C 251 -7.53 18.62 -64.84
CA PRO C 251 -7.46 19.45 -63.62
C PRO C 251 -6.16 19.19 -62.87
N LEU C 252 -5.84 20.14 -61.99
CA LEU C 252 -4.80 19.95 -60.99
C LEU C 252 -5.12 20.90 -59.84
N TYR C 253 -5.70 20.36 -58.76
CA TYR C 253 -5.90 21.15 -57.55
C TYR C 253 -4.54 21.50 -56.97
N CYS C 254 -3.88 20.51 -56.39
CA CYS C 254 -2.53 20.56 -55.86
C CYS C 254 -2.07 19.13 -55.55
N LEU C 255 -0.85 18.80 -55.95
CA LEU C 255 -0.35 17.43 -55.85
C LEU C 255 0.37 17.27 -54.51
N ASP C 256 -0.05 16.30 -53.72
CA ASP C 256 0.70 15.93 -52.54
C ASP C 256 2.06 15.36 -52.93
N ASN C 257 3.13 16.06 -52.57
CA ASN C 257 4.47 15.55 -52.84
C ASN C 257 4.95 14.67 -51.69
N ASN C 258 4.15 13.68 -51.34
CA ASN C 258 4.55 12.67 -50.37
C ASN C 258 4.19 11.26 -50.82
N HIS C 259 3.37 11.11 -51.85
CA HIS C 259 3.05 9.80 -52.41
C HIS C 259 4.21 9.30 -53.26
N THR C 260 4.51 8.01 -53.13
CA THR C 260 5.69 7.44 -53.77
C THR C 260 5.51 7.33 -55.28
N HIS C 261 4.28 7.16 -55.74
CA HIS C 261 4.00 7.05 -57.17
C HIS C 261 2.66 7.69 -57.42
N LEU C 262 2.59 8.64 -58.34
CA LEU C 262 1.32 9.20 -58.73
C LEU C 262 1.22 9.19 -60.25
N LEU C 263 0.13 8.61 -60.75
CA LEU C 263 -0.06 8.38 -62.18
C LEU C 263 -1.38 9.02 -62.60
N LEU C 264 -1.31 9.94 -63.56
CA LEU C 264 -2.49 10.63 -64.04
C LEU C 264 -2.63 10.44 -65.55
N VAL C 265 -3.87 10.37 -66.00
CA VAL C 265 -4.14 10.17 -67.42
C VAL C 265 -4.52 11.47 -68.10
N THR C 274 -13.44 14.39 -63.46
CA THR C 274 -13.35 13.04 -62.93
C THR C 274 -13.28 12.02 -64.05
N ILE C 275 -12.11 11.88 -64.66
CA ILE C 275 -11.93 11.00 -65.81
C ILE C 275 -11.06 9.79 -65.51
N GLU C 276 -10.36 9.76 -64.37
CA GLU C 276 -9.46 8.66 -64.07
C GLU C 276 -10.16 7.50 -63.37
N ALA C 277 -11.43 7.67 -62.98
CA ALA C 277 -12.16 6.60 -62.29
C ALA C 277 -12.34 5.38 -63.17
N LYS C 278 -12.38 5.58 -64.49
CA LYS C 278 -12.47 4.46 -65.43
C LYS C 278 -11.26 3.53 -65.30
N VAL C 279 -10.05 4.08 -65.45
CA VAL C 279 -8.87 3.22 -65.35
C VAL C 279 -8.62 2.78 -63.91
N ARG C 280 -9.13 3.53 -62.93
CA ARG C 280 -9.07 3.10 -61.54
C ARG C 280 -9.83 1.79 -61.33
N THR C 281 -11.10 1.77 -61.72
CA THR C 281 -11.91 0.56 -61.57
C THR C 281 -11.45 -0.55 -62.52
N GLN C 282 -10.90 -0.19 -63.69
CA GLN C 282 -10.33 -1.21 -64.56
C GLN C 282 -9.12 -1.88 -63.94
N LEU C 283 -8.28 -1.10 -63.25
CA LEU C 283 -7.11 -1.68 -62.61
C LEU C 283 -7.50 -2.55 -61.42
N GLU C 284 -8.52 -2.13 -60.67
CA GLU C 284 -9.02 -2.96 -59.58
C GLU C 284 -9.60 -4.27 -60.09
N LYS C 285 -10.41 -4.22 -61.14
CA LYS C 285 -10.99 -5.43 -61.70
C LYS C 285 -9.93 -6.30 -62.37
N TYR C 286 -8.83 -5.70 -62.84
CA TYR C 286 -7.74 -6.51 -63.37
C TYR C 286 -6.98 -7.24 -62.27
N ILE C 287 -6.68 -6.56 -61.16
CA ILE C 287 -5.92 -7.23 -60.10
C ILE C 287 -6.80 -8.24 -59.38
N SER C 288 -8.12 -8.06 -59.40
CA SER C 288 -9.03 -9.12 -58.95
C SER C 288 -8.84 -10.40 -59.75
N GLU C 289 -8.87 -10.30 -61.07
CA GLU C 289 -8.73 -11.45 -61.95
C GLU C 289 -7.29 -11.91 -62.15
N ARG C 290 -6.33 -11.30 -61.45
CA ARG C 290 -4.95 -11.76 -61.49
C ARG C 290 -4.84 -13.16 -60.89
N VAL C 291 -3.87 -13.93 -61.38
CA VAL C 291 -3.63 -15.29 -60.91
C VAL C 291 -2.20 -15.38 -60.40
N ILE C 292 -2.02 -16.06 -59.27
CA ILE C 292 -0.71 -16.31 -58.67
C ILE C 292 -0.68 -17.76 -58.18
N PRO C 293 0.34 -18.55 -58.54
CA PRO C 293 0.41 -19.94 -58.08
C PRO C 293 0.64 -20.08 -56.57
N GLU C 294 1.60 -19.34 -56.03
CA GLU C 294 2.02 -19.50 -54.64
C GLU C 294 1.34 -18.42 -53.80
N SER C 295 0.07 -18.68 -53.46
CA SER C 295 -0.70 -17.74 -52.66
C SER C 295 -1.54 -18.51 -51.65
N ASN C 296 -1.57 -18.02 -50.42
CA ASN C 296 -2.39 -18.61 -49.37
C ASN C 296 -3.84 -18.14 -49.40
N TYR C 297 -4.17 -17.18 -50.26
CA TYR C 297 -5.54 -16.70 -50.39
C TYR C 297 -6.33 -17.53 -51.39
N GLY C 298 -5.68 -18.36 -52.19
CA GLY C 298 -6.42 -19.20 -53.10
C GLY C 298 -6.14 -18.86 -54.55
N GLY C 299 -4.94 -18.35 -54.80
CA GLY C 299 -4.54 -18.02 -56.15
C GLY C 299 -4.71 -16.57 -56.54
N LYS C 300 -5.32 -15.75 -55.69
CA LYS C 300 -5.63 -14.38 -56.04
C LYS C 300 -4.95 -13.43 -55.06
N ILE C 301 -5.22 -12.13 -55.26
CA ILE C 301 -4.68 -11.08 -54.42
C ILE C 301 -5.86 -10.42 -53.71
N PRO C 302 -5.82 -10.26 -52.40
CA PRO C 302 -6.96 -9.65 -51.71
C PRO C 302 -7.05 -8.16 -51.95
N ILE C 303 -8.29 -7.67 -52.07
CA ILE C 303 -8.59 -6.28 -52.37
C ILE C 303 -9.71 -5.83 -51.45
N VAL C 304 -9.51 -4.73 -50.73
CA VAL C 304 -10.46 -4.25 -49.74
C VAL C 304 -10.76 -2.79 -50.03
N CYS C 305 -11.99 -2.48 -50.43
CA CYS C 305 -12.41 -1.09 -50.54
C CYS C 305 -12.73 -0.52 -49.17
N PHE C 306 -12.37 0.74 -48.97
CA PHE C 306 -12.39 1.34 -47.65
C PHE C 306 -13.12 2.67 -47.73
N ALA C 307 -13.95 2.98 -46.74
CA ALA C 307 -14.80 4.16 -46.81
C ALA C 307 -14.91 4.82 -45.44
N GLN C 308 -14.23 5.95 -45.28
CA GLN C 308 -14.37 6.81 -44.12
C GLN C 308 -14.83 8.22 -44.46
N GLY C 309 -14.75 8.63 -45.72
CA GLY C 309 -15.20 9.94 -46.11
C GLY C 309 -16.71 10.07 -46.14
N GLY C 310 -17.34 9.46 -47.14
CA GLY C 310 -18.79 9.53 -47.26
C GLY C 310 -19.30 10.67 -48.10
N GLY C 311 -18.77 10.82 -49.31
CA GLY C 311 -19.25 11.81 -50.24
C GLY C 311 -20.19 11.20 -51.27
N LYS C 312 -20.55 12.04 -52.25
CA LYS C 312 -21.35 11.56 -53.36
C LYS C 312 -20.56 10.63 -54.26
N GLU C 313 -19.32 11.01 -54.60
CA GLU C 313 -18.49 10.18 -55.46
C GLU C 313 -18.06 8.89 -54.78
N THR C 314 -17.90 8.91 -53.46
CA THR C 314 -17.59 7.70 -52.71
C THR C 314 -18.72 6.69 -52.82
N LEU C 315 -19.96 7.15 -52.67
CA LEU C 315 -21.11 6.28 -52.83
C LEU C 315 -21.32 5.89 -54.30
N LYS C 316 -20.83 6.71 -55.23
CA LYS C 316 -20.85 6.28 -56.62
C LYS C 316 -19.83 5.18 -56.88
N SER C 317 -18.72 5.16 -56.13
CA SER C 317 -17.69 4.16 -56.33
C SER C 317 -17.97 2.85 -55.59
N ILE C 318 -18.69 2.90 -54.46
CA ILE C 318 -19.01 1.70 -53.70
C ILE C 318 -19.90 0.76 -54.50
N ASN C 319 -20.89 1.31 -55.22
CA ASN C 319 -21.76 0.50 -56.06
C ASN C 319 -20.98 -0.15 -57.19
N VAL C 320 -20.00 0.57 -57.75
CA VAL C 320 -19.14 0.01 -58.79
C VAL C 320 -18.30 -1.13 -58.24
N ALA C 321 -17.76 -0.95 -57.04
CA ALA C 321 -16.90 -1.97 -56.44
C ALA C 321 -17.68 -3.24 -56.09
N ILE C 322 -18.80 -3.10 -55.40
CA ILE C 322 -19.62 -4.26 -55.03
C ILE C 322 -20.23 -4.91 -56.27
N LYS C 323 -20.47 -4.13 -57.32
CA LYS C 323 -20.86 -4.71 -58.61
C LYS C 323 -19.74 -5.57 -59.19
N SER C 324 -18.49 -5.22 -58.92
CA SER C 324 -17.37 -6.03 -59.36
C SER C 324 -16.93 -7.07 -58.33
N LYS C 325 -17.74 -7.29 -57.29
CA LYS C 325 -17.55 -8.32 -56.26
C LYS C 325 -16.23 -8.14 -55.51
N ILE C 326 -16.11 -6.99 -54.84
CA ILE C 326 -14.97 -6.64 -54.02
C ILE C 326 -15.49 -6.23 -52.64
N PRO C 327 -14.95 -6.77 -51.55
CA PRO C 327 -15.48 -6.44 -50.23
C PRO C 327 -15.20 -4.99 -49.84
N CYS C 328 -16.03 -4.48 -48.92
CA CYS C 328 -15.95 -3.08 -48.54
C CYS C 328 -16.06 -2.95 -47.03
N VAL C 329 -15.42 -1.92 -46.49
CA VAL C 329 -15.44 -1.63 -45.06
C VAL C 329 -15.84 -0.18 -44.91
N VAL C 330 -16.76 0.08 -43.98
CA VAL C 330 -17.33 1.39 -43.75
C VAL C 330 -17.12 1.79 -42.31
N VAL C 331 -16.58 3.00 -42.09
CA VAL C 331 -16.28 3.47 -40.74
C VAL C 331 -17.51 4.22 -40.22
N GLU C 332 -18.20 3.64 -39.23
CA GLU C 332 -19.29 4.33 -38.56
C GLU C 332 -18.74 5.27 -37.51
N GLY C 333 -19.31 6.46 -37.44
CA GLY C 333 -18.75 7.55 -36.68
C GLY C 333 -18.14 8.65 -37.52
N SER C 334 -18.24 8.54 -38.84
CA SER C 334 -17.69 9.54 -39.74
C SER C 334 -18.59 10.77 -39.85
N GLY C 335 -19.90 10.59 -39.75
CA GLY C 335 -20.82 11.70 -39.83
C GLY C 335 -21.23 12.10 -41.22
N ARG C 336 -21.15 11.18 -42.19
CA ARG C 336 -21.52 11.47 -43.57
C ARG C 336 -22.36 10.31 -44.11
N ILE C 337 -22.50 10.24 -45.44
CA ILE C 337 -23.35 9.21 -46.06
C ILE C 337 -22.75 7.81 -45.90
N ALA C 338 -21.45 7.72 -45.56
CA ALA C 338 -20.88 6.47 -45.09
C ALA C 338 -21.58 5.98 -43.84
N ASP C 339 -21.83 6.89 -42.89
CA ASP C 339 -22.57 6.51 -41.69
C ASP C 339 -24.05 6.25 -42.02
N VAL C 340 -24.56 6.81 -43.11
CA VAL C 340 -25.91 6.47 -43.55
C VAL C 340 -25.98 5.03 -44.04
N ILE C 341 -24.97 4.61 -44.81
CA ILE C 341 -24.92 3.22 -45.27
C ILE C 341 -24.67 2.29 -44.08
N ALA C 342 -23.94 2.75 -43.07
CA ALA C 342 -23.76 1.95 -41.86
C ALA C 342 -25.06 1.81 -41.07
N SER C 343 -25.84 2.89 -40.98
CA SER C 343 -27.05 2.87 -40.17
C SER C 343 -28.19 2.14 -40.88
N LEU C 344 -28.23 2.19 -42.20
CA LEU C 344 -29.29 1.48 -42.92
C LEU C 344 -29.11 -0.03 -42.87
N VAL C 345 -27.88 -0.52 -42.72
CA VAL C 345 -27.64 -1.95 -42.64
C VAL C 345 -28.03 -2.48 -41.27
N SER C 353 -36.44 2.69 -49.75
CA SER C 353 -37.37 3.74 -50.18
C SER C 353 -37.89 4.54 -49.00
N SER C 354 -38.44 3.82 -48.02
CA SER C 354 -39.17 4.47 -46.92
C SER C 354 -38.22 5.21 -45.99
N CYS C 355 -37.40 4.47 -45.24
CA CYS C 355 -36.57 5.08 -44.21
C CYS C 355 -35.35 5.79 -44.75
N VAL C 356 -34.98 5.46 -45.99
CA VAL C 356 -33.79 6.01 -46.60
C VAL C 356 -33.79 7.53 -46.69
N LYS C 357 -34.93 8.13 -47.04
CA LYS C 357 -34.96 9.58 -47.10
C LYS C 357 -34.72 10.22 -45.73
N GLU C 358 -35.40 9.69 -44.72
CA GLU C 358 -35.27 10.21 -43.36
C GLU C 358 -33.86 10.00 -42.84
N SER C 359 -33.31 8.83 -43.14
CA SER C 359 -31.96 8.49 -42.71
C SER C 359 -30.96 9.42 -43.38
N LEU C 360 -31.18 9.72 -44.66
CA LEU C 360 -30.31 10.61 -45.40
C LEU C 360 -30.35 12.00 -44.78
N LEU C 361 -31.55 12.44 -44.43
CA LEU C 361 -31.69 13.75 -43.82
C LEU C 361 -30.94 13.80 -42.49
N ARG C 362 -31.05 12.74 -41.69
CA ARG C 362 -30.33 12.73 -40.42
C ARG C 362 -28.82 12.77 -40.66
N PHE C 363 -28.38 11.96 -41.63
CA PHE C 363 -26.97 11.85 -41.98
C PHE C 363 -26.39 13.13 -42.58
N LEU C 364 -27.16 13.78 -43.46
CA LEU C 364 -26.69 15.00 -44.09
C LEU C 364 -27.89 15.85 -44.48
N PRO C 365 -28.30 16.81 -43.65
CA PRO C 365 -29.45 17.65 -44.00
C PRO C 365 -29.13 18.69 -45.04
N ARG C 366 -27.86 19.11 -45.11
CA ARG C 366 -27.47 20.17 -46.03
C ARG C 366 -27.46 19.69 -47.48
N THR C 367 -26.87 18.51 -47.72
CA THR C 367 -26.65 18.05 -49.08
C THR C 367 -27.95 17.65 -49.78
N ILE C 368 -28.97 17.23 -49.03
CA ILE C 368 -30.22 16.81 -49.64
C ILE C 368 -31.00 17.99 -50.18
N SER C 369 -30.85 19.17 -49.54
CA SER C 369 -31.60 20.35 -49.93
C SER C 369 -31.20 20.86 -51.32
N ARG C 370 -29.89 20.89 -51.60
CA ARG C 370 -29.43 21.30 -52.92
C ARG C 370 -29.71 20.25 -54.00
N LEU C 371 -29.92 18.99 -53.61
CA LEU C 371 -30.18 17.93 -54.57
C LEU C 371 -31.61 18.02 -55.10
N SER C 372 -31.77 17.69 -56.38
CA SER C 372 -33.06 17.73 -57.05
C SER C 372 -33.77 16.38 -56.92
N GLU C 373 -34.93 16.27 -57.56
CA GLU C 373 -35.71 15.03 -57.51
C GLU C 373 -35.03 13.92 -58.30
N GLU C 374 -34.39 14.26 -59.43
CA GLU C 374 -33.60 13.29 -60.17
C GLU C 374 -32.41 12.81 -59.35
N GLU C 375 -31.80 13.71 -58.58
CA GLU C 375 -30.69 13.35 -57.72
C GLU C 375 -31.13 12.43 -56.58
N THR C 376 -32.31 12.71 -56.01
CA THR C 376 -32.85 11.86 -54.95
C THR C 376 -33.21 10.47 -55.49
N GLU C 377 -33.78 10.42 -56.70
CA GLU C 377 -34.10 9.14 -57.32
C GLU C 377 -32.84 8.33 -57.61
N SER C 378 -31.80 9.00 -58.14
CA SER C 378 -30.53 8.34 -58.41
C SER C 378 -29.88 7.82 -57.13
N TRP C 379 -29.92 8.61 -56.05
CA TRP C 379 -29.28 8.17 -54.82
C TRP C 379 -30.04 7.03 -54.15
N ILE C 380 -31.37 7.06 -54.17
CA ILE C 380 -32.12 5.95 -53.58
C ILE C 380 -31.95 4.68 -54.41
N LYS C 381 -31.86 4.82 -55.74
CA LYS C 381 -31.58 3.67 -56.59
C LYS C 381 -30.19 3.10 -56.32
N TRP C 382 -29.19 3.96 -56.13
CA TRP C 382 -27.84 3.47 -55.86
C TRP C 382 -27.70 2.85 -54.48
N ILE C 383 -28.32 3.45 -53.46
CA ILE C 383 -28.28 2.88 -52.12
C ILE C 383 -29.04 1.56 -52.07
N LYS C 384 -30.11 1.43 -52.84
CA LYS C 384 -30.78 0.13 -52.94
C LYS C 384 -29.92 -0.88 -53.68
N GLU C 385 -29.16 -0.43 -54.68
CA GLU C 385 -28.28 -1.34 -55.41
C GLU C 385 -27.12 -1.84 -54.55
N VAL C 386 -26.65 -0.99 -53.63
CA VAL C 386 -25.53 -1.38 -52.76
C VAL C 386 -25.94 -2.48 -51.79
N LEU C 387 -27.04 -2.28 -51.09
CA LEU C 387 -27.42 -3.13 -49.96
C LEU C 387 -28.15 -4.42 -50.40
N GLU C 388 -28.01 -4.81 -51.68
CA GLU C 388 -28.66 -6.02 -52.16
C GLU C 388 -28.03 -7.27 -51.57
N SER C 389 -26.69 -7.32 -51.55
CA SER C 389 -25.98 -8.45 -50.94
C SER C 389 -25.22 -7.96 -49.72
N PRO C 390 -25.75 -8.10 -48.51
CA PRO C 390 -25.07 -7.58 -47.32
C PRO C 390 -23.90 -8.42 -46.85
N HIS C 391 -23.58 -9.52 -47.51
CA HIS C 391 -22.46 -10.34 -47.05
C HIS C 391 -21.12 -9.72 -47.40
N LEU C 392 -21.07 -8.82 -48.38
CA LEU C 392 -19.78 -8.22 -48.75
C LEU C 392 -19.37 -7.11 -47.80
N LEU C 393 -20.25 -6.12 -47.59
CA LEU C 393 -19.82 -4.96 -46.83
C LEU C 393 -19.73 -5.27 -45.35
N THR C 394 -18.92 -4.47 -44.64
CA THR C 394 -18.61 -4.68 -43.24
C THR C 394 -18.51 -3.30 -42.61
N VAL C 395 -18.80 -3.20 -41.31
CA VAL C 395 -18.89 -1.93 -40.62
C VAL C 395 -18.00 -1.94 -39.39
N ILE C 396 -17.21 -0.89 -39.21
CA ILE C 396 -16.48 -0.65 -37.98
C ILE C 396 -17.37 0.22 -37.10
N LYS C 397 -17.75 -0.27 -35.93
CA LYS C 397 -18.73 0.41 -35.11
C LYS C 397 -18.06 1.19 -33.98
N ILE C 398 -18.73 2.27 -33.57
CA ILE C 398 -18.22 3.17 -32.53
C ILE C 398 -18.34 2.56 -31.14
N GLU C 399 -19.17 1.52 -30.98
CA GLU C 399 -19.40 0.93 -29.66
C GLU C 399 -18.16 0.23 -29.14
N GLU C 400 -17.58 -0.65 -29.95
CA GLU C 400 -16.38 -1.38 -29.57
C GLU C 400 -15.16 -0.66 -30.14
N ALA C 401 -14.27 -0.23 -29.25
CA ALA C 401 -13.05 0.48 -29.63
C ALA C 401 -11.85 -0.23 -29.03
N GLY C 402 -10.78 -0.32 -29.82
CA GLY C 402 -9.58 -1.00 -29.37
C GLY C 402 -8.48 -0.83 -30.39
N ASP C 403 -7.28 -1.27 -30.00
CA ASP C 403 -6.14 -1.20 -30.92
C ASP C 403 -6.28 -2.21 -32.06
N GLU C 404 -7.02 -3.29 -31.85
CA GLU C 404 -7.10 -4.40 -32.79
C GLU C 404 -8.42 -4.42 -33.57
N ILE C 405 -8.95 -3.26 -33.97
CA ILE C 405 -10.22 -3.24 -34.68
C ILE C 405 -10.03 -3.23 -36.19
N VAL C 406 -8.95 -2.63 -36.68
CA VAL C 406 -8.79 -2.46 -38.12
C VAL C 406 -8.43 -3.78 -38.78
N SER C 407 -7.46 -4.51 -38.22
CA SER C 407 -7.10 -5.81 -38.76
C SER C 407 -8.25 -6.80 -38.60
N ASN C 408 -8.98 -6.68 -37.50
CA ASN C 408 -10.16 -7.51 -37.27
C ASN C 408 -11.22 -7.28 -38.35
N ALA C 409 -11.50 -6.02 -38.66
CA ALA C 409 -12.52 -5.71 -39.65
C ALA C 409 -12.09 -6.12 -41.05
N ILE C 410 -10.83 -5.85 -41.41
CA ILE C 410 -10.34 -6.21 -42.74
C ILE C 410 -10.34 -7.71 -42.94
N SER C 411 -9.83 -8.45 -41.96
CA SER C 411 -9.82 -9.90 -42.06
C SER C 411 -11.21 -10.49 -42.02
N PHE C 412 -12.14 -9.86 -41.31
CA PHE C 412 -13.50 -10.41 -41.24
C PHE C 412 -14.22 -10.22 -42.56
N ALA C 413 -14.05 -9.06 -43.21
CA ALA C 413 -14.63 -8.84 -44.53
C ALA C 413 -14.00 -9.78 -45.57
N LEU C 414 -12.69 -9.96 -45.47
CA LEU C 414 -11.98 -10.79 -46.42
C LEU C 414 -12.34 -12.26 -46.23
N TYR C 415 -12.62 -12.67 -44.99
CA TYR C 415 -13.05 -14.03 -44.72
C TYR C 415 -14.47 -14.29 -45.22
N LYS C 416 -15.37 -13.31 -45.04
CA LYS C 416 -16.72 -13.42 -45.62
C LYS C 416 -16.66 -13.59 -47.13
N ALA C 417 -15.88 -12.75 -47.80
CA ALA C 417 -15.77 -12.83 -49.25
C ALA C 417 -15.11 -14.11 -49.71
N PHE C 418 -14.21 -14.67 -48.89
CA PHE C 418 -13.61 -15.94 -49.25
C PHE C 418 -14.59 -17.10 -49.07
N SER C 419 -15.38 -17.08 -47.99
CA SER C 419 -16.21 -18.23 -47.66
C SER C 419 -17.52 -18.27 -48.44
N THR C 420 -18.01 -17.13 -48.91
CA THR C 420 -19.28 -17.13 -49.65
C THR C 420 -19.15 -17.80 -51.01
N ASN C 421 -17.95 -17.75 -51.61
CA ASN C 421 -17.73 -18.30 -52.95
C ASN C 421 -17.91 -19.81 -53.00
N GLU C 422 -17.70 -20.49 -51.87
CA GLU C 422 -17.98 -21.91 -51.61
C GLU C 422 -17.11 -22.87 -52.42
N HIS C 423 -16.15 -22.36 -53.19
CA HIS C 423 -15.21 -23.26 -53.88
C HIS C 423 -14.27 -23.91 -52.88
N ASP C 424 -13.93 -23.20 -51.81
CA ASP C 424 -13.10 -23.72 -50.74
C ASP C 424 -13.91 -24.05 -49.48
N ARG C 425 -15.22 -24.27 -49.62
CA ARG C 425 -16.03 -24.72 -48.49
C ARG C 425 -15.56 -26.09 -48.00
N ASP C 426 -15.32 -27.01 -48.93
CA ASP C 426 -14.69 -28.27 -48.58
C ASP C 426 -13.20 -28.13 -48.35
N ASN C 427 -12.59 -27.03 -48.80
CA ASN C 427 -11.16 -26.81 -48.59
C ASN C 427 -10.98 -25.92 -47.36
N TRP C 428 -11.07 -26.56 -46.19
CA TRP C 428 -10.89 -25.87 -44.93
C TRP C 428 -9.43 -25.52 -44.66
N ASN C 429 -8.50 -26.07 -45.45
CA ASN C 429 -7.09 -25.76 -45.28
C ASN C 429 -6.80 -24.30 -45.59
N GLY C 430 -7.42 -23.76 -46.63
CA GLY C 430 -7.14 -22.38 -47.02
C GLY C 430 -7.70 -21.38 -46.03
N GLN C 431 -8.88 -21.66 -45.48
CA GLN C 431 -9.47 -20.78 -44.47
C GLN C 431 -8.61 -20.75 -43.21
N LEU C 432 -7.97 -21.86 -42.88
CA LEU C 432 -7.12 -21.88 -41.69
C LEU C 432 -5.85 -21.07 -41.91
N LYS C 433 -5.25 -21.15 -43.10
CA LYS C 433 -4.08 -20.32 -43.40
C LYS C 433 -4.46 -18.84 -43.44
N LEU C 434 -5.66 -18.52 -43.94
CA LEU C 434 -6.12 -17.14 -43.95
C LEU C 434 -6.31 -16.61 -42.53
N LEU C 435 -6.98 -17.37 -41.68
CA LEU C 435 -7.14 -16.98 -40.28
C LEU C 435 -5.85 -17.10 -39.48
N LEU C 436 -4.79 -17.68 -40.05
CA LEU C 436 -3.49 -17.68 -39.42
C LEU C 436 -2.65 -16.47 -39.81
N GLU C 437 -2.80 -15.95 -41.03
CA GLU C 437 -2.05 -14.76 -41.42
C GLU C 437 -2.48 -13.55 -40.60
N TRP C 438 -3.73 -13.16 -40.69
CA TRP C 438 -4.29 -12.21 -39.73
C TRP C 438 -4.59 -12.97 -38.45
N ASN C 439 -3.98 -12.57 -37.36
CA ASN C 439 -4.07 -13.32 -36.11
C ASN C 439 -5.49 -13.19 -35.56
N GLN C 440 -6.29 -14.23 -35.71
CA GLN C 440 -7.64 -14.29 -35.14
C GLN C 440 -7.88 -15.68 -34.57
N LEU C 441 -7.87 -15.76 -33.23
CA LEU C 441 -8.06 -17.04 -32.56
C LEU C 441 -9.53 -17.41 -32.45
N ASP C 442 -10.37 -16.45 -32.08
CA ASP C 442 -11.76 -16.76 -31.70
C ASP C 442 -12.58 -17.24 -32.88
N LEU C 443 -12.45 -16.56 -34.02
CA LEU C 443 -13.20 -16.96 -35.20
C LEU C 443 -12.69 -18.29 -35.76
N ALA C 444 -11.40 -18.55 -35.58
CA ALA C 444 -10.85 -19.84 -36.01
C ALA C 444 -11.38 -20.98 -35.16
N SER C 445 -11.40 -20.80 -33.84
CA SER C 445 -11.87 -21.88 -32.98
C SER C 445 -13.39 -22.02 -33.02
N ASP C 446 -14.11 -20.98 -33.42
CA ASP C 446 -15.56 -21.09 -33.51
C ASP C 446 -16.01 -21.64 -34.85
N GLU C 447 -15.30 -21.32 -35.93
CA GLU C 447 -15.80 -21.66 -37.26
C GLU C 447 -15.21 -22.94 -37.83
N ILE C 448 -13.91 -23.18 -37.64
CA ILE C 448 -13.26 -24.31 -38.28
C ILE C 448 -13.23 -25.54 -37.38
N PHE C 449 -12.86 -25.39 -36.11
CA PHE C 449 -12.62 -26.54 -35.25
C PHE C 449 -13.86 -26.97 -34.47
N THR C 450 -15.05 -26.89 -35.07
CA THR C 450 -16.21 -27.53 -34.48
C THR C 450 -16.08 -29.04 -34.57
N ASN C 451 -16.87 -29.73 -33.74
CA ASN C 451 -16.72 -31.16 -33.52
C ASN C 451 -17.20 -32.01 -34.69
N ASP C 452 -17.78 -31.42 -35.73
CA ASP C 452 -18.30 -32.19 -36.85
C ASP C 452 -17.19 -32.88 -37.63
N ARG C 453 -16.29 -32.09 -38.21
CA ARG C 453 -15.26 -32.62 -39.10
C ARG C 453 -14.17 -33.34 -38.30
N ASN C 454 -13.26 -33.97 -39.03
CA ASN C 454 -12.16 -34.69 -38.42
C ASN C 454 -10.86 -34.32 -39.13
N TRP C 455 -9.74 -34.58 -38.44
CA TRP C 455 -8.40 -34.21 -38.88
C TRP C 455 -7.40 -35.03 -38.09
N GLU C 456 -6.23 -35.24 -38.69
CA GLU C 456 -5.13 -35.94 -38.06
C GLU C 456 -3.96 -34.97 -37.89
N SER C 457 -2.91 -35.46 -37.23
CA SER C 457 -1.73 -34.63 -37.00
C SER C 457 -1.01 -34.28 -38.30
N ALA C 458 -1.01 -35.21 -39.26
CA ALA C 458 -0.39 -34.96 -40.56
C ALA C 458 -1.12 -33.88 -41.34
N ASP C 459 -2.40 -33.67 -41.04
CA ASP C 459 -3.12 -32.54 -41.61
C ASP C 459 -2.72 -31.21 -40.99
N LEU C 460 -2.12 -31.22 -39.80
CA LEU C 460 -1.77 -29.99 -39.11
C LEU C 460 -0.28 -29.68 -39.07
N GLN C 461 0.58 -30.57 -39.57
CA GLN C 461 2.03 -30.33 -39.49
C GLN C 461 2.47 -29.08 -40.25
N ASP C 462 1.96 -28.90 -41.47
CA ASP C 462 2.40 -27.77 -42.30
C ASP C 462 1.90 -26.44 -41.75
N VAL C 463 0.68 -26.41 -41.23
CA VAL C 463 0.16 -25.19 -40.62
C VAL C 463 0.84 -24.91 -39.29
N MET C 464 1.20 -25.96 -38.56
CA MET C 464 1.87 -25.83 -37.27
C MET C 464 3.25 -25.23 -37.42
N PHE C 465 3.97 -25.61 -38.48
CA PHE C 465 5.30 -25.06 -38.69
C PHE C 465 5.26 -23.54 -38.90
N THR C 466 4.35 -23.07 -39.75
CA THR C 466 4.27 -21.63 -39.98
C THR C 466 3.67 -20.90 -38.79
N ALA C 467 2.94 -21.58 -37.94
CA ALA C 467 2.55 -20.94 -36.68
C ALA C 467 3.75 -20.79 -35.75
N LEU C 468 4.64 -21.78 -35.76
CA LEU C 468 5.85 -21.70 -34.94
C LEU C 468 6.79 -20.60 -35.41
N VAL C 469 6.87 -20.40 -36.73
CA VAL C 469 7.90 -19.53 -37.29
C VAL C 469 7.69 -18.07 -36.90
N LYS C 470 6.45 -17.58 -36.96
CA LYS C 470 6.22 -16.15 -36.78
C LYS C 470 5.20 -15.85 -35.66
N ASP C 471 5.65 -16.05 -34.43
CA ASP C 471 5.12 -15.50 -33.18
C ASP C 471 3.60 -15.55 -33.06
N ARG C 472 3.07 -16.76 -33.07
CA ARG C 472 1.63 -16.96 -32.94
C ARG C 472 1.42 -17.98 -31.84
N PRO C 473 1.68 -17.57 -30.59
CA PRO C 473 1.55 -18.42 -29.40
C PRO C 473 0.13 -18.87 -29.15
N LYS C 474 -0.84 -17.98 -29.32
CA LYS C 474 -2.23 -18.34 -29.08
C LYS C 474 -2.69 -19.45 -30.02
N PHE C 475 -2.28 -19.35 -31.28
CA PHE C 475 -2.65 -20.36 -32.26
C PHE C 475 -2.06 -21.73 -31.95
N VAL C 476 -0.81 -21.76 -31.50
CA VAL C 476 -0.16 -23.03 -31.19
C VAL C 476 -0.86 -23.76 -30.07
N ARG C 477 -1.35 -23.00 -29.07
CA ARG C 477 -2.22 -23.54 -28.04
C ARG C 477 -3.43 -24.23 -28.63
N LEU C 478 -4.04 -23.62 -29.65
CA LEU C 478 -5.19 -24.21 -30.32
C LEU C 478 -4.87 -25.56 -30.94
N PHE C 479 -3.71 -25.69 -31.57
CA PHE C 479 -3.37 -26.94 -32.24
C PHE C 479 -3.01 -28.01 -31.24
N LEU C 480 -2.25 -27.65 -30.20
CA LEU C 480 -1.87 -28.62 -29.18
C LEU C 480 -3.06 -29.09 -28.36
N GLU C 481 -4.08 -28.26 -28.19
CA GLU C 481 -5.33 -28.75 -27.65
C GLU C 481 -6.01 -29.71 -28.61
N ASN C 482 -6.27 -29.27 -29.83
CA ASN C 482 -7.11 -30.04 -30.74
C ASN C 482 -6.41 -31.24 -31.36
N GLY C 483 -5.19 -31.55 -30.97
CA GLY C 483 -4.67 -32.88 -31.19
C GLY C 483 -3.46 -32.97 -32.10
N LEU C 484 -2.28 -33.03 -31.48
CA LEU C 484 -1.03 -32.99 -32.23
C LEU C 484 0.07 -33.55 -31.35
N ASN C 485 0.67 -34.66 -31.78
CA ASN C 485 1.80 -35.24 -31.06
C ASN C 485 3.00 -34.35 -31.31
N LEU C 486 3.35 -33.53 -30.33
CA LEU C 486 4.47 -32.61 -30.53
C LEU C 486 5.80 -33.33 -30.52
N ARG C 487 5.89 -34.50 -29.91
CA ARG C 487 7.15 -35.22 -29.96
C ARG C 487 7.34 -35.93 -31.29
N LYS C 488 6.25 -36.42 -31.87
CA LYS C 488 6.32 -37.03 -33.20
C LYS C 488 6.52 -35.99 -34.29
N PHE C 489 6.16 -34.73 -34.05
CA PHE C 489 6.33 -33.68 -35.04
C PHE C 489 7.78 -33.28 -35.20
N LEU C 490 8.46 -33.02 -34.09
CA LEU C 490 9.85 -32.54 -34.11
C LEU C 490 10.79 -33.65 -34.53
N THR C 491 11.17 -33.62 -35.80
CA THR C 491 12.13 -34.56 -36.36
C THR C 491 13.47 -33.82 -36.44
N THR C 492 14.57 -34.55 -36.56
CA THR C 492 15.87 -33.90 -36.61
C THR C 492 15.98 -32.95 -37.81
N GLU C 493 15.46 -33.37 -38.97
CA GLU C 493 15.52 -32.51 -40.14
C GLU C 493 14.73 -31.23 -39.87
N VAL C 494 13.56 -31.34 -39.26
CA VAL C 494 12.77 -30.16 -38.97
C VAL C 494 13.52 -29.23 -38.04
N LEU C 495 14.15 -29.79 -37.01
CA LEU C 495 14.88 -28.94 -36.07
C LEU C 495 16.02 -28.23 -36.78
N ARG C 496 16.74 -28.94 -37.64
CA ARG C 496 17.85 -28.33 -38.33
C ARG C 496 17.36 -27.20 -39.19
N GLU C 497 16.27 -27.43 -39.91
CA GLU C 497 15.76 -26.41 -40.80
C GLU C 497 15.34 -25.20 -40.00
N LEU C 498 14.66 -25.43 -38.89
CA LEU C 498 14.18 -24.34 -38.08
C LEU C 498 15.33 -23.50 -37.60
N TYR C 499 16.37 -24.13 -37.05
CA TYR C 499 17.47 -23.31 -36.54
C TYR C 499 18.14 -22.54 -37.65
N THR C 500 18.44 -23.25 -38.73
CA THR C 500 19.18 -22.63 -39.82
C THR C 500 18.46 -21.46 -40.44
N ASN C 501 17.15 -21.55 -40.60
CA ASN C 501 16.50 -20.44 -41.28
C ASN C 501 15.73 -19.49 -40.41
N ASN C 502 15.65 -19.78 -39.12
CA ASN C 502 14.84 -18.93 -38.26
C ASN C 502 15.54 -18.49 -37.01
N PHE C 503 16.85 -18.37 -37.07
CA PHE C 503 17.58 -18.02 -35.86
C PHE C 503 18.35 -16.76 -36.20
N SER C 504 17.89 -15.62 -35.68
CA SER C 504 18.34 -14.32 -36.14
C SER C 504 19.80 -14.06 -35.81
N SER C 505 20.49 -13.41 -36.75
CA SER C 505 21.95 -13.32 -36.70
C SER C 505 22.44 -12.42 -35.58
N LEU C 506 21.60 -11.48 -35.14
CA LEU C 506 21.94 -10.66 -33.98
C LEU C 506 22.05 -11.54 -32.73
N VAL C 507 21.09 -12.44 -32.54
CA VAL C 507 21.10 -13.37 -31.41
C VAL C 507 22.29 -14.31 -31.49
N PHE C 508 22.66 -14.74 -32.71
CA PHE C 508 23.79 -15.66 -32.82
C PHE C 508 25.11 -14.99 -32.53
N LYS C 509 25.29 -13.75 -33.00
CA LYS C 509 26.51 -13.00 -32.69
C LYS C 509 26.58 -12.69 -31.19
N ASN C 510 25.43 -12.42 -30.60
CA ASN C 510 25.39 -12.10 -29.18
C ASN C 510 25.68 -13.34 -28.34
N LEU C 511 25.24 -14.51 -28.81
CA LEU C 511 25.56 -15.77 -28.15
C LEU C 511 27.03 -16.11 -28.30
N GLN C 512 27.63 -15.79 -29.45
CA GLN C 512 29.06 -15.97 -29.64
C GLN C 512 29.86 -15.16 -28.63
N ILE C 513 29.44 -13.91 -28.40
CA ILE C 513 30.11 -13.08 -27.40
C ILE C 513 29.92 -13.65 -26.01
N ALA C 514 28.70 -14.12 -25.70
CA ALA C 514 28.42 -14.66 -24.38
C ALA C 514 29.20 -15.94 -24.10
N LYS C 515 29.48 -16.74 -25.13
CA LYS C 515 30.28 -17.93 -24.89
C LYS C 515 31.75 -17.59 -24.76
N ASN C 516 32.25 -16.62 -25.52
CA ASN C 516 33.68 -16.38 -25.44
C ASN C 516 34.08 -15.59 -24.20
N SER C 517 33.24 -14.68 -23.74
CA SER C 517 33.68 -13.86 -22.61
C SER C 517 33.13 -14.33 -21.27
N TYR C 518 31.85 -14.65 -21.17
CA TYR C 518 31.25 -15.01 -19.89
C TYR C 518 30.94 -16.50 -19.92
N ASN C 519 31.94 -17.33 -19.62
CA ASN C 519 31.88 -18.74 -19.94
C ASN C 519 31.42 -19.55 -18.73
N ASP C 520 30.69 -20.63 -19.00
CA ASP C 520 30.18 -21.52 -17.97
C ASP C 520 30.03 -22.91 -18.57
N ALA C 521 29.42 -23.81 -17.81
CA ALA C 521 29.30 -25.20 -18.26
C ALA C 521 28.09 -25.38 -19.18
N LEU C 522 26.91 -24.99 -18.68
CA LEU C 522 25.68 -25.13 -19.45
C LEU C 522 25.70 -24.31 -20.73
N LEU C 523 26.33 -23.14 -20.68
CA LEU C 523 26.41 -22.30 -21.88
C LEU C 523 27.27 -22.94 -22.96
N THR C 524 28.35 -23.60 -22.55
CA THR C 524 29.16 -24.38 -23.48
C THR C 524 28.35 -25.53 -24.08
N PHE C 525 27.56 -26.21 -23.25
CA PHE C 525 26.75 -27.31 -23.75
C PHE C 525 25.72 -26.83 -24.77
N VAL C 526 25.05 -25.71 -24.47
CA VAL C 526 24.01 -25.19 -25.35
C VAL C 526 24.61 -24.68 -26.65
N TRP C 527 25.81 -24.11 -26.58
CA TRP C 527 26.47 -23.65 -27.79
C TRP C 527 26.88 -24.82 -28.67
N LYS C 528 27.29 -25.93 -28.05
CA LYS C 528 27.63 -27.11 -28.84
C LYS C 528 26.38 -27.73 -29.48
N MET C 529 25.24 -27.67 -28.78
CA MET C 529 23.97 -28.09 -29.38
C MET C 529 23.60 -27.23 -30.60
N VAL C 530 23.73 -25.91 -30.47
CA VAL C 530 23.37 -25.00 -31.55
C VAL C 530 24.25 -25.24 -32.77
N GLU C 531 25.56 -25.36 -32.56
CA GLU C 531 26.43 -25.60 -33.70
C GLU C 531 26.32 -27.00 -34.25
N ASP C 532 25.84 -27.96 -33.46
CA ASP C 532 25.57 -29.28 -34.03
C ASP C 532 24.35 -29.24 -34.95
N PHE C 533 23.30 -28.52 -34.54
CA PHE C 533 22.13 -28.41 -35.43
C PHE C 533 22.42 -27.58 -36.65
N ARG C 534 23.30 -26.59 -36.54
CA ARG C 534 23.45 -25.58 -37.58
C ARG C 534 24.11 -26.14 -38.85
N ARG C 535 24.94 -27.17 -38.71
CA ARG C 535 25.60 -27.80 -39.87
C ARG C 535 24.62 -28.48 -40.82
N PRO C 557 19.46 -39.83 -33.04
CA PRO C 557 20.40 -39.22 -33.99
C PRO C 557 21.45 -38.36 -33.29
N ILE C 558 21.39 -37.05 -33.45
CA ILE C 558 22.37 -36.20 -32.78
C ILE C 558 21.90 -35.82 -31.38
N THR C 559 20.59 -35.83 -31.13
CA THR C 559 20.08 -35.68 -29.78
C THR C 559 18.71 -36.33 -29.67
N ARG C 560 18.48 -36.95 -28.53
CA ARG C 560 17.16 -37.15 -27.98
C ARG C 560 16.74 -35.88 -27.25
N HIS C 561 15.61 -35.94 -26.56
CA HIS C 561 14.92 -34.79 -25.94
C HIS C 561 14.65 -33.69 -26.95
N PRO C 562 13.68 -33.84 -27.87
CA PRO C 562 13.41 -32.75 -28.79
C PRO C 562 12.76 -31.54 -28.13
N LEU C 563 11.91 -31.78 -27.14
CA LEU C 563 11.20 -30.70 -26.48
C LEU C 563 12.15 -29.73 -25.81
N GLN C 564 13.19 -30.25 -25.19
CA GLN C 564 14.15 -29.38 -24.54
C GLN C 564 14.83 -28.48 -25.57
N ALA C 565 15.19 -29.05 -26.73
CA ALA C 565 15.86 -28.25 -27.75
C ALA C 565 14.97 -27.12 -28.26
N LEU C 566 13.70 -27.43 -28.50
CA LEU C 566 12.76 -26.43 -28.96
C LEU C 566 12.58 -25.37 -27.90
N PHE C 567 12.49 -25.78 -26.64
CA PHE C 567 12.32 -24.84 -25.57
C PHE C 567 13.51 -23.90 -25.50
N ILE C 568 14.72 -24.43 -25.65
CA ILE C 568 15.91 -23.60 -25.60
C ILE C 568 15.90 -22.60 -26.74
N TRP C 569 15.50 -23.06 -27.93
CA TRP C 569 15.47 -22.16 -29.07
C TRP C 569 14.52 -21.03 -28.79
N SER C 570 13.34 -21.35 -28.28
CA SER C 570 12.36 -20.32 -28.00
C SER C 570 12.86 -19.35 -26.96
N VAL C 571 13.51 -19.87 -25.93
CA VAL C 571 14.05 -19.04 -24.85
C VAL C 571 15.16 -18.09 -25.26
N LEU C 572 16.04 -18.52 -26.15
CA LEU C 572 17.17 -17.66 -26.52
C LEU C 572 16.78 -16.33 -27.17
N GLN C 573 15.74 -16.39 -27.99
CA GLN C 573 15.26 -15.28 -28.79
C GLN C 573 14.26 -14.41 -28.05
N ASN C 574 14.08 -14.64 -26.75
CA ASN C 574 13.25 -13.83 -25.86
C ASN C 574 11.78 -13.81 -26.28
N LYS C 575 11.27 -14.93 -26.79
CA LYS C 575 9.85 -15.02 -27.16
C LYS C 575 9.08 -15.62 -25.96
N LYS C 576 8.46 -14.77 -25.17
CA LYS C 576 7.77 -15.23 -23.97
C LYS C 576 6.56 -16.18 -24.07
N GLU C 577 5.59 -15.87 -24.94
CA GLU C 577 4.41 -16.74 -25.01
C GLU C 577 4.76 -18.13 -25.51
N LEU C 578 5.60 -18.16 -26.54
CA LEU C 578 6.03 -19.41 -27.13
C LEU C 578 6.83 -20.20 -26.11
N SER C 579 7.70 -19.50 -25.37
CA SER C 579 8.50 -20.19 -24.38
C SER C 579 7.59 -20.81 -23.32
N LYS C 580 6.58 -20.08 -22.87
CA LYS C 580 5.69 -20.64 -21.87
C LYS C 580 4.94 -21.87 -22.37
N VAL C 581 4.44 -21.85 -23.60
CA VAL C 581 3.74 -23.05 -24.07
C VAL C 581 4.68 -24.26 -24.12
N ILE C 582 5.88 -24.02 -24.62
CA ILE C 582 6.84 -25.10 -24.71
C ILE C 582 7.19 -25.64 -23.32
N TRP C 583 7.35 -24.74 -22.35
CA TRP C 583 7.66 -25.14 -20.98
C TRP C 583 6.55 -25.99 -20.41
N GLU C 584 5.30 -25.63 -20.68
CA GLU C 584 4.18 -26.40 -20.17
C GLU C 584 4.24 -27.83 -20.71
N GLN C 585 4.56 -28.01 -21.98
CA GLN C 585 4.64 -29.39 -22.52
C GLN C 585 5.72 -30.42 -22.02
N THR C 586 6.93 -29.92 -21.77
CA THR C 586 8.18 -30.62 -21.51
C THR C 586 8.05 -31.49 -20.26
N ARG C 587 8.96 -32.45 -20.13
CA ARG C 587 8.81 -33.49 -19.11
C ARG C 587 9.31 -33.04 -17.73
N GLY C 588 10.62 -32.83 -17.61
CA GLY C 588 11.13 -32.33 -16.34
C GLY C 588 10.87 -30.86 -16.29
N CYS C 589 9.91 -30.41 -15.51
CA CYS C 589 9.40 -29.05 -15.67
C CYS C 589 10.11 -28.04 -14.79
N THR C 590 10.27 -28.34 -13.50
CA THR C 590 10.98 -27.41 -12.63
C THR C 590 12.47 -27.35 -12.98
N LEU C 591 13.02 -28.46 -13.48
CA LEU C 591 14.39 -28.46 -13.97
C LEU C 591 14.51 -27.59 -15.20
N ALA C 592 13.52 -27.62 -16.08
CA ALA C 592 13.57 -26.84 -17.31
C ALA C 592 13.46 -25.36 -17.01
N ALA C 593 12.56 -24.97 -16.11
CA ALA C 593 12.45 -23.57 -15.72
C ALA C 593 13.72 -23.07 -15.08
N LEU C 594 14.36 -23.90 -14.27
CA LEU C 594 15.55 -23.46 -13.57
C LEU C 594 16.75 -23.34 -14.52
N GLY C 595 16.86 -24.28 -15.46
CA GLY C 595 17.90 -24.16 -16.47
C GLY C 595 17.70 -22.98 -17.39
N ALA C 596 16.46 -22.67 -17.74
CA ALA C 596 16.21 -21.52 -18.60
C ALA C 596 16.55 -20.22 -17.91
N SER C 597 16.28 -20.13 -16.60
CA SER C 597 16.69 -18.93 -15.88
C SER C 597 18.21 -18.80 -15.83
N LYS C 598 18.91 -19.91 -15.59
CA LYS C 598 20.37 -19.82 -15.55
C LYS C 598 20.96 -19.49 -16.91
N LEU C 599 20.29 -19.88 -17.99
CA LEU C 599 20.76 -19.53 -19.32
C LEU C 599 20.53 -18.05 -19.64
N LEU C 600 19.36 -17.53 -19.25
CA LEU C 600 19.04 -16.14 -19.53
C LEU C 600 19.88 -15.16 -18.71
N LYS C 601 20.29 -15.54 -17.49
CA LYS C 601 21.24 -14.69 -16.75
C LYS C 601 22.52 -14.48 -17.52
N SER C 602 23.06 -15.56 -18.08
CA SER C 602 24.33 -15.49 -18.77
C SER C 602 24.21 -14.83 -20.12
N MET C 603 23.04 -14.90 -20.76
CA MET C 603 22.86 -14.05 -21.95
C MET C 603 22.66 -12.59 -21.58
N ALA C 604 22.14 -12.31 -20.39
CA ALA C 604 21.88 -10.92 -20.01
C ALA C 604 23.08 -10.24 -19.39
N LYS C 605 24.16 -10.96 -19.10
CA LYS C 605 25.39 -10.27 -18.69
C LYS C 605 26.05 -9.50 -19.83
N VAL C 606 25.69 -9.76 -21.09
CA VAL C 606 26.37 -9.16 -22.22
C VAL C 606 26.02 -7.67 -22.30
N LYS C 607 26.88 -6.90 -22.98
CA LYS C 607 26.77 -5.45 -23.02
C LYS C 607 26.70 -4.90 -24.42
N ASN C 608 26.57 -5.75 -25.43
CA ASN C 608 26.51 -5.29 -26.81
C ASN C 608 25.21 -4.54 -27.08
N ASP C 609 24.11 -4.99 -26.52
CA ASP C 609 22.79 -4.42 -26.78
C ASP C 609 22.01 -4.45 -25.46
N ILE C 610 21.68 -3.27 -24.94
CA ILE C 610 21.04 -3.21 -23.63
C ILE C 610 19.56 -3.56 -23.73
N ASN C 611 18.94 -3.35 -24.88
CA ASN C 611 17.52 -3.62 -25.05
C ASN C 611 17.22 -5.12 -24.97
N ALA C 612 18.09 -5.95 -25.53
CA ALA C 612 17.89 -7.38 -25.39
C ALA C 612 18.20 -7.85 -23.98
N ALA C 613 19.17 -7.22 -23.32
CA ALA C 613 19.56 -7.64 -21.98
C ALA C 613 18.47 -7.35 -20.96
N GLY C 614 17.72 -6.26 -21.14
CA GLY C 614 16.62 -5.98 -20.24
C GLY C 614 15.51 -7.02 -20.29
N GLU C 615 15.09 -7.37 -21.50
CA GLU C 615 14.06 -8.40 -21.69
C GLU C 615 14.53 -9.75 -21.18
N SER C 616 15.81 -10.07 -21.39
CA SER C 616 16.33 -11.34 -20.93
C SER C 616 16.36 -11.42 -19.42
N GLU C 617 16.70 -10.33 -18.74
CA GLU C 617 16.70 -10.36 -17.28
C GLU C 617 15.29 -10.48 -16.70
N GLU C 618 14.32 -9.80 -17.33
CA GLU C 618 12.92 -9.94 -16.90
C GLU C 618 12.43 -11.39 -17.03
N LEU C 619 12.73 -12.02 -18.16
CA LEU C 619 12.25 -13.38 -18.37
C LEU C 619 12.96 -14.37 -17.45
N ALA C 620 14.23 -14.12 -17.12
CA ALA C 620 14.92 -14.95 -16.15
C ALA C 620 14.26 -14.88 -14.78
N ASN C 621 13.85 -13.68 -14.35
CA ASN C 621 13.16 -13.55 -13.07
C ASN C 621 11.81 -14.27 -13.08
N GLU C 622 11.09 -14.21 -14.21
CA GLU C 622 9.81 -14.91 -14.30
C GLU C 622 9.97 -16.41 -14.19
N TYR C 623 11.00 -16.98 -14.83
CA TYR C 623 11.16 -18.43 -14.71
C TYR C 623 11.68 -18.86 -13.35
N GLU C 624 12.46 -18.02 -12.67
CA GLU C 624 12.86 -18.32 -11.30
C GLU C 624 11.66 -18.42 -10.36
N THR C 625 10.77 -17.41 -10.41
CA THR C 625 9.61 -17.45 -9.51
C THR C 625 8.66 -18.58 -9.87
N ARG C 626 8.58 -18.91 -11.15
CA ARG C 626 7.74 -20.03 -11.57
C ARG C 626 8.28 -21.36 -11.07
N ALA C 627 9.61 -21.55 -11.11
CA ALA C 627 10.21 -22.76 -10.58
C ALA C 627 10.00 -22.90 -9.08
N VAL C 628 10.17 -21.82 -8.33
CA VAL C 628 10.06 -21.95 -6.88
C VAL C 628 8.61 -22.16 -6.45
N GLU C 629 7.65 -21.53 -7.14
CA GLU C 629 6.24 -21.78 -6.84
C GLU C 629 5.84 -23.22 -7.15
N LEU C 630 6.32 -23.75 -8.27
CA LEU C 630 6.01 -25.14 -8.60
C LEU C 630 6.62 -26.13 -7.62
N PHE C 631 7.84 -25.86 -7.15
CA PHE C 631 8.41 -26.84 -6.24
C PHE C 631 7.79 -26.77 -4.85
N THR C 632 7.36 -25.59 -4.40
CA THR C 632 6.61 -25.52 -3.14
C THR C 632 5.31 -26.31 -3.24
N GLU C 633 4.60 -26.16 -4.37
CA GLU C 633 3.41 -26.95 -4.63
C GLU C 633 3.71 -28.45 -4.63
N CYS C 634 4.80 -28.86 -5.27
CA CYS C 634 5.15 -30.28 -5.33
C CYS C 634 5.60 -30.84 -3.99
N TYR C 635 6.16 -29.99 -3.14
CA TYR C 635 6.64 -30.48 -1.85
C TYR C 635 5.50 -30.58 -0.85
N SER C 636 4.41 -29.83 -1.06
CA SER C 636 3.29 -29.91 -0.12
C SER C 636 2.57 -31.25 -0.15
N ASN C 637 2.65 -32.02 -1.25
CA ASN C 637 1.96 -33.31 -1.22
C ASN C 637 2.79 -34.41 -0.58
N ASP C 638 3.89 -34.80 -1.21
CA ASP C 638 4.67 -35.94 -0.75
C ASP C 638 6.12 -35.52 -0.57
N GLU C 639 6.65 -35.72 0.61
CA GLU C 639 7.99 -35.26 0.92
C GLU C 639 9.05 -36.12 0.24
N ASP C 640 8.90 -37.44 0.32
CA ASP C 640 9.89 -38.35 -0.23
C ASP C 640 9.97 -38.26 -1.75
N LEU C 641 8.83 -38.13 -2.41
CA LEU C 641 8.81 -38.01 -3.86
C LEU C 641 9.46 -36.71 -4.31
N ALA C 642 9.21 -35.61 -3.60
CA ALA C 642 9.79 -34.33 -3.99
C ALA C 642 11.30 -34.32 -3.77
N GLU C 643 11.79 -35.03 -2.76
CA GLU C 643 13.24 -35.09 -2.60
C GLU C 643 13.88 -35.99 -3.65
N GLN C 644 13.19 -37.08 -4.00
CA GLN C 644 13.62 -37.92 -5.11
C GLN C 644 13.59 -37.14 -6.43
N LEU C 645 12.73 -36.14 -6.52
CA LEU C 645 12.65 -35.28 -7.69
C LEU C 645 13.76 -34.24 -7.72
N LEU C 646 14.18 -33.73 -6.56
CA LEU C 646 15.37 -32.86 -6.52
C LEU C 646 16.61 -33.60 -6.99
N THR C 647 16.84 -34.78 -6.46
CA THR C 647 18.12 -35.37 -6.85
C THR C 647 18.13 -36.02 -8.27
N TYR C 648 17.10 -35.88 -9.10
CA TYR C 648 17.05 -36.51 -10.42
C TYR C 648 17.74 -35.65 -11.45
N SER C 649 18.58 -36.28 -12.29
CA SER C 649 19.49 -35.56 -13.16
C SER C 649 19.39 -36.07 -14.57
N CYS C 650 19.18 -35.17 -15.52
CA CYS C 650 19.00 -35.55 -16.92
C CYS C 650 20.16 -35.05 -17.77
N GLU C 651 20.13 -35.46 -19.04
CA GLU C 651 21.19 -35.16 -20.00
C GLU C 651 20.86 -34.00 -20.91
N ALA C 652 19.60 -33.58 -20.99
CA ALA C 652 19.24 -32.45 -21.83
C ALA C 652 19.87 -31.17 -21.33
N TRP C 653 19.92 -30.99 -20.03
CA TRP C 653 20.77 -29.98 -19.43
C TRP C 653 22.10 -30.65 -19.12
N GLY C 654 23.10 -29.88 -18.73
CA GLY C 654 24.46 -30.40 -18.77
C GLY C 654 24.83 -31.48 -17.77
N GLY C 655 24.08 -32.58 -17.75
CA GLY C 655 24.23 -33.62 -16.76
C GLY C 655 24.08 -33.13 -15.34
N SER C 656 23.02 -32.39 -15.06
CA SER C 656 22.92 -31.64 -13.82
C SER C 656 21.51 -31.68 -13.29
N ASN C 657 21.36 -32.05 -12.02
CA ASN C 657 20.07 -32.08 -11.36
C ASN C 657 19.64 -30.68 -10.95
N CYS C 658 18.46 -30.60 -10.34
CA CYS C 658 17.81 -29.32 -10.07
C CYS C 658 18.60 -28.49 -9.06
N LEU C 659 19.16 -29.15 -8.07
CA LEU C 659 19.77 -28.49 -6.93
C LEU C 659 21.12 -27.88 -7.29
N GLU C 660 21.98 -28.64 -7.96
CA GLU C 660 23.27 -28.14 -8.44
C GLU C 660 23.11 -26.98 -9.42
N LEU C 661 22.09 -27.05 -10.25
CA LEU C 661 21.84 -26.00 -11.23
C LEU C 661 21.39 -24.71 -10.55
N ALA C 662 20.52 -24.82 -9.54
CA ALA C 662 20.15 -23.64 -8.75
C ALA C 662 21.33 -23.07 -7.99
N VAL C 663 22.31 -23.90 -7.62
CA VAL C 663 23.47 -23.35 -6.92
C VAL C 663 24.40 -22.62 -7.88
N GLU C 664 24.57 -23.14 -9.10
CA GLU C 664 25.41 -22.45 -10.09
C GLU C 664 24.77 -21.15 -10.56
N ALA C 665 23.43 -21.11 -10.64
CA ALA C 665 22.78 -19.86 -11.04
C ALA C 665 22.88 -18.78 -9.98
N ARG C 666 23.11 -19.15 -8.72
CA ARG C 666 23.16 -18.26 -7.56
C ARG C 666 21.86 -17.47 -7.43
N ASP C 667 20.78 -18.18 -7.16
CA ASP C 667 19.54 -17.54 -6.76
C ASP C 667 19.25 -17.87 -5.30
N GLN C 668 19.04 -16.83 -4.52
CA GLN C 668 18.79 -17.01 -3.10
C GLN C 668 17.43 -17.66 -2.88
N GLN C 669 16.47 -17.33 -3.74
CA GLN C 669 15.07 -17.63 -3.50
C GLN C 669 14.76 -19.11 -3.59
N PHE C 670 15.56 -19.89 -4.30
CA PHE C 670 15.22 -21.30 -4.42
C PHE C 670 15.83 -22.12 -3.31
N ILE C 671 17.03 -21.78 -2.84
CA ILE C 671 17.60 -22.48 -1.69
C ILE C 671 17.01 -21.97 -0.38
N ALA C 672 16.35 -20.81 -0.40
CA ALA C 672 15.84 -20.25 0.84
C ALA C 672 14.51 -20.85 1.29
N GLN C 673 13.79 -21.54 0.42
CA GLN C 673 12.45 -22.01 0.74
C GLN C 673 12.55 -23.17 1.74
N PRO C 674 11.46 -23.49 2.48
CA PRO C 674 11.58 -24.50 3.55
C PRO C 674 11.79 -25.92 3.07
N GLY C 675 11.42 -26.25 1.83
CA GLY C 675 11.52 -27.63 1.39
C GLY C 675 12.95 -28.10 1.23
N VAL C 676 13.76 -27.32 0.51
CA VAL C 676 15.15 -27.69 0.33
C VAL C 676 15.92 -27.57 1.62
N GLN C 677 15.51 -26.67 2.52
CA GLN C 677 16.13 -26.59 3.83
C GLN C 677 15.83 -27.82 4.67
N ASN C 678 14.62 -28.35 4.58
CA ASN C 678 14.30 -29.60 5.28
C ASN C 678 15.11 -30.75 4.73
N PHE C 679 15.22 -30.83 3.39
CA PHE C 679 16.05 -31.84 2.74
C PHE C 679 17.50 -31.76 3.22
N LEU C 680 18.04 -30.55 3.24
CA LEU C 680 19.44 -30.36 3.56
C LEU C 680 19.71 -30.67 5.02
N SER C 681 18.78 -30.30 5.91
CA SER C 681 18.96 -30.57 7.33
C SER C 681 18.89 -32.05 7.63
N LYS C 682 17.90 -32.74 7.09
CA LYS C 682 17.84 -34.15 7.44
C LYS C 682 18.76 -35.01 6.60
N GLN C 683 19.50 -34.43 5.66
CA GLN C 683 20.67 -35.11 5.15
C GLN C 683 21.92 -34.74 5.92
N TRP C 684 21.88 -33.63 6.66
CA TRP C 684 22.97 -33.29 7.58
C TRP C 684 22.98 -34.20 8.78
N TYR C 685 21.82 -34.46 9.38
CA TYR C 685 21.80 -35.32 10.56
C TYR C 685 21.95 -36.79 10.22
N GLY C 686 21.51 -37.21 9.04
CA GLY C 686 21.70 -38.59 8.67
C GLY C 686 20.64 -39.50 9.26
N GLU C 687 21.05 -40.72 9.56
CA GLU C 687 20.18 -41.75 10.11
C GLU C 687 19.61 -41.34 11.45
N ILE C 688 20.41 -40.65 12.26
CA ILE C 688 19.96 -40.21 13.56
C ILE C 688 18.76 -39.33 13.35
N SER C 689 17.70 -39.59 14.09
CA SER C 689 16.47 -38.83 13.98
C SER C 689 16.59 -37.51 14.73
N ARG C 690 15.65 -36.63 14.45
CA ARG C 690 15.56 -35.32 15.11
C ARG C 690 14.69 -35.42 16.38
N ASP C 691 14.29 -34.28 16.93
CA ASP C 691 13.46 -34.22 18.15
C ASP C 691 14.20 -34.93 19.29
N THR C 692 15.50 -34.73 19.21
CA THR C 692 16.57 -35.15 20.11
C THR C 692 17.51 -33.97 20.29
N LYS C 693 17.75 -33.59 21.54
CA LYS C 693 18.52 -32.39 21.85
C LYS C 693 19.98 -32.57 21.48
N ASN C 694 20.67 -31.45 21.26
CA ASN C 694 22.08 -31.50 20.87
C ASN C 694 22.96 -32.06 21.98
N TRP C 695 22.67 -31.70 23.24
CA TRP C 695 23.51 -32.15 24.34
C TRP C 695 23.42 -33.65 24.55
N LYS C 696 22.30 -34.26 24.19
CA LYS C 696 22.19 -35.72 24.26
C LYS C 696 23.13 -36.39 23.26
N ILE C 697 23.22 -35.82 22.06
CA ILE C 697 24.13 -36.33 21.05
C ILE C 697 25.58 -36.14 21.48
N ILE C 698 25.88 -35.01 22.12
CA ILE C 698 27.26 -34.76 22.57
C ILE C 698 27.64 -35.71 23.71
N LEU C 699 26.72 -35.96 24.64
CA LEU C 699 27.03 -36.89 25.73
C LEU C 699 27.15 -38.31 25.23
N CYS C 700 26.38 -38.69 24.20
CA CYS C 700 26.60 -40.01 23.63
C CYS C 700 27.87 -40.06 22.78
N LEU C 701 28.35 -38.88 22.39
CA LEU C 701 29.57 -38.77 21.62
C LEU C 701 30.70 -39.16 22.54
N PHE C 702 30.78 -38.51 23.70
CA PHE C 702 31.82 -38.82 24.67
C PHE C 702 31.66 -40.23 25.24
N PHE C 703 30.50 -40.50 25.83
CA PHE C 703 30.26 -41.77 26.52
C PHE C 703 29.65 -42.77 25.54
N PHE C 704 30.40 -43.83 25.24
CA PHE C 704 30.02 -44.79 24.20
C PHE C 704 28.72 -45.54 24.48
N PRO C 705 28.59 -46.37 25.53
CA PRO C 705 27.50 -47.38 25.54
C PRO C 705 26.09 -46.80 25.68
N LEU C 706 25.96 -45.50 25.96
CA LEU C 706 24.67 -44.82 25.95
C LEU C 706 23.99 -44.91 24.59
N ILE C 707 24.76 -45.08 23.51
CA ILE C 707 24.16 -45.29 22.19
C ILE C 707 23.33 -46.57 22.18
N GLY C 708 23.79 -47.60 22.90
CA GLY C 708 22.97 -48.79 23.06
C GLY C 708 21.84 -48.64 24.04
N CYS C 709 21.87 -47.59 24.87
CA CYS C 709 20.84 -47.40 25.88
C CYS C 709 19.50 -46.99 25.28
N GLY C 710 19.50 -46.41 24.09
CA GLY C 710 18.31 -45.80 23.56
C GLY C 710 18.14 -44.36 23.97
N PHE C 711 19.17 -43.74 24.52
CA PHE C 711 19.12 -42.36 24.96
C PHE C 711 18.97 -41.39 23.79
N ILE C 712 19.46 -41.78 22.62
CA ILE C 712 19.15 -41.13 21.36
C ILE C 712 18.17 -42.02 20.61
N SER C 713 17.17 -41.42 19.99
CA SER C 713 16.24 -42.17 19.16
C SER C 713 16.70 -42.13 17.71
N PHE C 714 16.33 -43.17 16.96
CA PHE C 714 16.70 -43.33 15.57
C PHE C 714 15.45 -43.56 14.73
N ARG C 715 15.59 -43.36 13.42
CA ARG C 715 14.48 -43.67 12.52
C ARG C 715 14.28 -45.17 12.41
N LYS C 716 13.04 -45.58 12.24
CA LYS C 716 12.72 -46.99 12.07
C LYS C 716 13.16 -47.48 10.70
N LYS C 723 21.64 -58.42 17.30
CA LYS C 723 22.66 -57.69 16.55
C LYS C 723 22.12 -56.34 16.08
N LYS C 724 20.99 -55.92 16.65
CA LYS C 724 20.39 -54.63 16.30
C LYS C 724 21.24 -53.48 16.80
N LEU C 725 21.87 -53.64 17.96
CA LEU C 725 22.73 -52.60 18.53
C LEU C 725 23.93 -52.31 17.64
N PHE C 726 24.40 -53.30 16.88
CA PHE C 726 25.40 -53.05 15.87
C PHE C 726 24.88 -52.12 14.78
N LEU C 727 23.62 -52.30 14.38
CA LEU C 727 23.02 -51.42 13.38
C LEU C 727 22.84 -50.01 13.93
N TYR C 728 22.48 -49.89 15.21
CA TYR C 728 22.41 -48.57 15.83
C TYR C 728 23.77 -47.88 15.89
N TYR C 729 24.83 -48.66 16.18
CA TYR C 729 26.18 -48.09 16.19
C TYR C 729 26.60 -47.62 14.81
N VAL C 730 26.31 -48.42 13.78
CA VAL C 730 26.67 -48.04 12.42
C VAL C 730 25.91 -46.80 11.98
N SER C 731 24.61 -46.74 12.29
CA SER C 731 23.80 -45.57 11.93
C SER C 731 24.26 -44.33 12.69
N PHE C 732 24.70 -44.48 13.94
CA PHE C 732 25.20 -43.32 14.67
C PHE C 732 26.52 -42.84 14.10
N PHE C 733 27.44 -43.77 13.83
CA PHE C 733 28.77 -43.42 13.35
C PHE C 733 28.87 -42.91 11.92
N THR C 734 27.97 -43.35 11.05
CA THR C 734 28.03 -42.91 9.65
C THR C 734 27.35 -41.57 9.43
N SER C 735 26.86 -40.91 10.46
CA SER C 735 26.19 -39.64 10.31
C SER C 735 27.20 -38.51 10.12
N PRO C 736 26.85 -37.47 9.35
CA PRO C 736 27.80 -36.38 9.13
C PRO C 736 28.03 -35.50 10.34
N PHE C 737 27.03 -35.31 11.18
CA PHE C 737 27.15 -34.41 12.32
C PHE C 737 28.16 -34.94 13.34
N VAL C 738 28.09 -36.25 13.56
CA VAL C 738 28.99 -36.93 14.49
C VAL C 738 30.40 -36.83 13.93
N VAL C 739 30.55 -37.08 12.64
CA VAL C 739 31.86 -37.01 12.00
C VAL C 739 32.41 -35.59 12.09
N PHE C 740 31.53 -34.61 11.91
CA PHE C 740 31.90 -33.21 11.98
C PHE C 740 32.37 -32.89 13.40
N SER C 741 31.64 -33.43 14.38
CA SER C 741 31.97 -33.22 15.78
C SER C 741 33.30 -33.85 16.17
N TRP C 742 33.55 -35.06 15.71
CA TRP C 742 34.80 -35.74 16.03
C TRP C 742 35.99 -34.99 15.46
N ASN C 743 35.84 -34.50 14.23
CA ASN C 743 36.90 -33.75 13.58
C ASN C 743 37.23 -32.49 14.36
N VAL C 744 36.21 -31.79 14.84
CA VAL C 744 36.40 -30.57 15.61
C VAL C 744 37.24 -30.86 16.85
N ILE C 745 36.93 -31.97 17.52
CA ILE C 745 37.66 -32.37 18.73
C ILE C 745 39.13 -32.68 18.44
N PHE C 746 39.38 -33.36 17.33
CA PHE C 746 40.75 -33.72 16.97
C PHE C 746 41.56 -32.51 16.50
N TYR C 747 40.93 -31.64 15.73
CA TYR C 747 41.60 -30.44 15.25
C TYR C 747 42.04 -29.61 16.45
N ILE C 748 41.19 -29.53 17.46
CA ILE C 748 41.52 -28.78 18.66
C ILE C 748 42.68 -29.44 19.39
N ALA C 749 42.66 -30.77 19.46
CA ALA C 749 43.72 -31.50 20.13
C ALA C 749 45.06 -31.30 19.41
N PHE C 750 45.01 -31.29 18.08
CA PHE C 750 46.22 -31.11 17.27
C PHE C 750 46.83 -29.74 17.50
N LEU C 751 45.99 -28.72 17.59
CA LEU C 751 46.44 -27.36 17.82
C LEU C 751 47.16 -27.24 19.15
N LEU C 752 46.67 -27.92 20.19
CA LEU C 752 47.35 -27.88 21.47
C LEU C 752 48.67 -28.65 21.43
N LEU C 753 48.74 -29.73 20.64
CA LEU C 753 50.02 -30.42 20.45
C LEU C 753 51.05 -29.52 19.77
N PHE C 754 50.60 -28.74 18.78
CA PHE C 754 51.50 -27.80 18.11
C PHE C 754 51.99 -26.74 19.08
N ALA C 755 51.10 -26.23 19.92
CA ALA C 755 51.47 -25.24 20.95
C ALA C 755 52.44 -25.83 21.96
N TYR C 756 52.32 -27.12 22.28
CA TYR C 756 53.27 -27.77 23.18
C TYR C 756 54.65 -27.90 22.55
N VAL C 757 54.70 -28.37 21.30
CA VAL C 757 55.99 -28.65 20.67
C VAL C 757 56.70 -27.38 20.23
N LEU C 758 55.98 -26.25 20.08
CA LEU C 758 56.67 -24.98 19.79
C LEU C 758 57.57 -24.53 20.93
N LEU C 759 57.33 -24.97 22.16
CA LEU C 759 58.16 -24.58 23.29
C LEU C 759 59.21 -25.62 23.66
N MET C 760 58.80 -26.86 23.90
CA MET C 760 59.66 -27.82 24.58
C MET C 760 60.54 -28.63 23.61
N ASP C 761 59.93 -29.44 22.77
CA ASP C 761 60.69 -30.46 22.03
C ASP C 761 61.51 -29.85 20.89
N PHE C 762 61.17 -28.65 20.44
CA PHE C 762 61.93 -28.00 19.39
C PHE C 762 63.26 -27.50 19.94
N GLN C 763 64.31 -28.31 19.78
CA GLN C 763 65.59 -28.06 20.46
C GLN C 763 66.78 -28.25 19.53
N LYS C 764 66.59 -27.93 18.24
CA LYS C 764 67.56 -28.17 17.16
C LYS C 764 67.95 -29.64 17.07
N GLU C 765 66.99 -30.52 17.32
CA GLU C 765 67.17 -31.95 17.27
C GLU C 765 65.89 -32.56 16.72
N PRO C 766 65.98 -33.55 15.84
CA PRO C 766 64.75 -34.17 15.30
C PRO C 766 64.04 -35.03 16.32
N THR C 767 63.27 -34.40 17.20
CA THR C 767 62.44 -35.13 18.17
C THR C 767 61.30 -35.84 17.47
N ALA C 768 60.77 -36.89 18.11
CA ALA C 768 59.72 -37.70 17.51
C ALA C 768 58.39 -36.96 17.40
N LEU C 769 58.16 -35.97 18.28
CA LEU C 769 56.95 -35.18 18.20
C LEU C 769 56.91 -34.34 16.92
N GLU C 770 58.08 -33.88 16.48
CA GLU C 770 58.18 -33.22 15.17
C GLU C 770 57.80 -34.17 14.04
N ILE C 771 58.18 -35.45 14.17
CA ILE C 771 57.85 -36.43 13.14
C ILE C 771 56.34 -36.67 13.10
N ILE C 772 55.72 -36.82 14.28
CA ILE C 772 54.27 -37.03 14.36
C ILE C 772 53.53 -35.81 13.83
N LEU C 773 54.05 -34.62 14.11
CA LEU C 773 53.49 -33.39 13.59
C LEU C 773 53.54 -33.34 12.07
N TYR C 774 54.68 -33.73 11.49
CA TYR C 774 54.82 -33.76 10.04
C TYR C 774 53.88 -34.80 9.41
N VAL C 775 53.65 -35.91 10.11
CA VAL C 775 52.71 -36.92 9.62
C VAL C 775 51.29 -36.38 9.62
N LEU C 776 50.91 -35.63 10.66
CA LEU C 776 49.58 -35.04 10.72
C LEU C 776 49.38 -33.99 9.62
N VAL C 777 50.40 -33.17 9.37
CA VAL C 777 50.31 -32.21 8.26
C VAL C 777 50.25 -32.93 6.92
N PHE C 778 50.89 -34.10 6.79
CA PHE C 778 50.76 -34.86 5.56
C PHE C 778 49.36 -35.46 5.40
N ILE C 779 48.71 -35.81 6.52
CA ILE C 779 47.31 -36.24 6.46
C ILE C 779 46.44 -35.09 5.96
N LEU C 780 46.78 -33.89 6.41
CA LEU C 780 46.10 -32.67 6.00
C LEU C 780 46.26 -32.41 4.51
N LEU C 781 47.46 -32.63 3.97
CA LEU C 781 47.69 -32.36 2.55
C LEU C 781 47.07 -33.47 1.69
N CYS C 782 46.97 -34.70 2.21
CA CYS C 782 46.24 -35.74 1.47
C CYS C 782 44.76 -35.41 1.37
N ASP C 783 44.18 -34.89 2.46
CA ASP C 783 42.79 -34.43 2.45
C ASP C 783 42.59 -33.32 1.43
N GLU C 784 43.52 -32.37 1.38
CA GLU C 784 43.42 -31.27 0.42
C GLU C 784 43.51 -31.79 -1.01
N VAL C 785 44.43 -32.73 -1.24
CA VAL C 785 44.62 -33.32 -2.57
C VAL C 785 43.33 -33.97 -3.06
N ARG C 786 42.68 -34.76 -2.19
CA ARG C 786 41.43 -35.39 -2.59
C ARG C 786 40.31 -34.37 -2.78
N GLN C 787 40.32 -33.32 -1.94
CA GLN C 787 39.32 -32.27 -2.04
C GLN C 787 39.46 -31.47 -3.34
N TRP C 788 40.69 -31.31 -3.85
CA TRP C 788 40.86 -30.69 -5.15
C TRP C 788 40.57 -31.67 -6.29
N TYR C 789 40.90 -32.95 -6.09
CA TYR C 789 40.69 -33.94 -7.14
C TYR C 789 39.22 -34.18 -7.41
N MET C 790 38.35 -33.95 -6.42
CA MET C 790 36.91 -34.07 -6.68
C MET C 790 36.41 -32.97 -7.62
N ASN C 791 36.72 -31.70 -7.32
CA ASN C 791 36.35 -30.58 -8.17
C ASN C 791 37.52 -29.63 -8.33
N GLY C 792 37.83 -29.29 -9.58
CA GLY C 792 39.05 -28.54 -9.87
C GLY C 792 39.01 -27.04 -9.64
N SER C 793 38.22 -26.33 -10.42
CA SER C 793 38.23 -24.87 -10.36
C SER C 793 37.47 -24.36 -9.15
N LYS C 794 36.37 -25.04 -8.80
CA LYS C 794 35.58 -24.65 -7.65
C LYS C 794 36.34 -24.82 -6.33
N TYR C 795 37.35 -25.69 -6.31
CA TYR C 795 38.24 -25.80 -5.16
C TYR C 795 38.96 -24.49 -4.90
N PHE C 796 39.60 -23.92 -5.92
CA PHE C 796 40.33 -22.69 -5.71
C PHE C 796 39.42 -21.47 -5.74
N SER C 797 38.15 -21.64 -6.16
CA SER C 797 37.20 -20.54 -6.13
C SER C 797 36.88 -20.09 -4.70
N ASP C 798 37.00 -21.00 -3.73
CA ASP C 798 36.62 -20.69 -2.36
C ASP C 798 37.71 -19.89 -1.64
N LEU C 799 37.31 -19.29 -0.52
CA LEU C 799 38.25 -18.56 0.32
C LEU C 799 39.08 -19.50 1.18
N TRP C 800 38.41 -20.45 1.82
CA TRP C 800 39.06 -21.26 2.86
C TRP C 800 40.09 -22.21 2.26
N ASN C 801 39.80 -22.72 1.08
CA ASN C 801 40.71 -23.61 0.39
C ASN C 801 41.99 -22.86 0.05
N VAL C 802 41.82 -21.61 -0.38
CA VAL C 802 42.98 -20.79 -0.71
C VAL C 802 43.80 -20.56 0.54
N MET C 803 43.15 -20.28 1.66
CA MET C 803 43.87 -20.05 2.90
C MET C 803 44.62 -21.30 3.33
N ASP C 804 43.97 -22.45 3.23
CA ASP C 804 44.62 -23.71 3.59
C ASP C 804 45.80 -24.05 2.68
N THR C 805 45.65 -23.77 1.39
CA THR C 805 46.70 -24.05 0.42
C THR C 805 47.92 -23.22 0.77
N LEU C 806 47.67 -21.97 1.15
CA LEU C 806 48.75 -21.06 1.54
C LEU C 806 49.46 -21.53 2.80
N GLY C 807 48.67 -21.80 3.85
CA GLY C 807 49.20 -22.26 5.11
C GLY C 807 49.87 -23.62 5.04
N ILE C 808 49.41 -24.48 4.14
CA ILE C 808 49.99 -25.81 4.03
C ILE C 808 51.30 -25.81 3.22
N PHE C 809 51.42 -24.92 2.24
CA PHE C 809 52.65 -24.84 1.46
C PHE C 809 53.74 -24.15 2.27
N TYR C 810 53.37 -23.13 3.05
CA TYR C 810 54.35 -22.36 3.79
C TYR C 810 54.97 -23.17 4.93
N PHE C 811 54.23 -24.13 5.48
CA PHE C 811 54.78 -24.99 6.54
C PHE C 811 55.79 -25.99 5.97
N ILE C 812 55.51 -26.54 4.79
CA ILE C 812 56.47 -27.43 4.14
C ILE C 812 57.71 -26.66 3.72
N ALA C 813 57.53 -25.39 3.32
CA ALA C 813 58.69 -24.53 3.06
C ALA C 813 59.49 -24.26 4.33
N GLY C 814 58.80 -24.16 5.47
CA GLY C 814 59.52 -24.02 6.73
C GLY C 814 60.31 -25.26 7.10
N ILE C 815 59.76 -26.44 6.80
CA ILE C 815 60.50 -27.70 6.96
C ILE C 815 61.72 -27.71 6.05
N VAL C 816 61.57 -27.16 4.84
CA VAL C 816 62.68 -27.13 3.88
C VAL C 816 63.80 -26.20 4.37
N PHE C 817 63.43 -25.03 4.90
CA PHE C 817 64.43 -24.14 5.49
C PHE C 817 65.10 -24.76 6.72
N ARG C 818 64.32 -25.46 7.55
CA ARG C 818 64.89 -26.04 8.77
C ARG C 818 65.78 -27.23 8.45
N LEU C 819 65.54 -27.89 7.31
CA LEU C 819 66.20 -29.15 7.00
C LEU C 819 67.69 -28.95 6.69
N HIS C 820 68.00 -28.09 5.71
CA HIS C 820 69.37 -27.88 5.30
C HIS C 820 70.16 -27.07 6.34
N SER C 825 69.98 -20.36 10.52
CA SER C 825 68.77 -20.64 9.75
C SER C 825 67.74 -21.36 10.61
N TRP C 826 68.19 -21.81 11.78
CA TRP C 826 67.32 -22.43 12.77
C TRP C 826 66.25 -21.45 13.24
N TYR C 827 66.68 -20.21 13.54
CA TYR C 827 65.76 -19.18 14.00
C TYR C 827 64.77 -18.80 12.91
N SER C 828 65.21 -18.86 11.64
CA SER C 828 64.33 -18.58 10.52
C SER C 828 63.21 -19.63 10.43
N GLY C 829 63.58 -20.91 10.57
CA GLY C 829 62.57 -21.96 10.56
C GLY C 829 61.61 -21.89 11.73
N ARG C 830 62.13 -21.50 12.91
CA ARG C 830 61.25 -21.34 14.07
C ARG C 830 60.26 -20.19 13.88
N VAL C 831 60.74 -19.07 13.33
CA VAL C 831 59.87 -17.93 13.02
C VAL C 831 58.83 -18.32 11.95
N ILE C 832 59.22 -19.13 10.98
CA ILE C 832 58.27 -19.55 9.94
C ILE C 832 57.21 -20.48 10.53
N PHE C 833 57.59 -21.37 11.44
CA PHE C 833 56.60 -22.23 12.11
C PHE C 833 55.64 -21.42 12.96
N CYS C 834 56.14 -20.39 13.66
CA CYS C 834 55.24 -19.55 14.46
C CYS C 834 54.32 -18.71 13.56
N LEU C 835 54.84 -18.25 12.42
CA LEU C 835 54.03 -17.53 11.44
C LEU C 835 52.93 -18.41 10.88
N ASP C 836 53.24 -19.68 10.61
CA ASP C 836 52.23 -20.62 10.16
C ASP C 836 51.20 -20.90 11.25
N TYR C 837 51.64 -20.83 12.50
CA TYR C 837 50.75 -21.08 13.63
C TYR C 837 49.62 -20.08 13.60
N ILE C 838 49.96 -18.84 13.27
CA ILE C 838 48.97 -17.77 13.16
C ILE C 838 47.99 -18.09 12.02
N VAL C 839 48.52 -18.65 10.93
CA VAL C 839 47.70 -19.00 9.78
C VAL C 839 46.85 -20.24 9.99
N PHE C 840 47.15 -21.01 11.04
CA PHE C 840 46.40 -22.22 11.35
C PHE C 840 45.39 -22.03 12.47
N THR C 841 45.53 -20.95 13.23
CA THR C 841 44.64 -20.65 14.34
C THR C 841 43.42 -19.83 13.92
N LEU C 842 43.61 -18.99 12.91
CA LEU C 842 42.55 -18.16 12.36
C LEU C 842 41.47 -19.03 11.73
N ARG C 843 41.90 -20.15 11.15
CA ARG C 843 41.03 -21.10 10.44
C ARG C 843 39.92 -21.73 11.28
N LEU C 844 40.13 -21.70 12.60
CA LEU C 844 39.21 -22.28 13.57
C LEU C 844 37.86 -21.60 13.51
N ILE C 845 37.85 -20.37 12.97
CA ILE C 845 36.65 -19.56 12.83
C ILE C 845 35.55 -20.15 11.96
N HIS C 846 35.94 -20.98 10.99
CA HIS C 846 35.02 -21.63 10.06
C HIS C 846 33.99 -22.55 10.71
N ILE C 847 34.37 -23.17 11.83
CA ILE C 847 33.51 -24.09 12.57
C ILE C 847 32.20 -23.47 13.06
N PHE C 848 32.24 -22.19 13.42
CA PHE C 848 31.09 -21.48 13.96
C PHE C 848 29.89 -21.21 13.04
N THR C 849 30.07 -21.42 11.74
CA THR C 849 29.01 -21.18 10.75
C THR C 849 27.74 -22.03 10.86
N VAL C 850 27.83 -23.19 11.50
CA VAL C 850 26.68 -24.10 11.61
C VAL C 850 25.41 -23.64 12.33
N SER C 851 25.52 -22.93 13.45
CA SER C 851 24.36 -22.50 14.21
C SER C 851 23.62 -21.38 13.49
N ARG C 852 22.32 -21.27 13.80
CA ARG C 852 21.49 -20.17 13.30
C ARG C 852 22.01 -18.82 13.75
N ASN C 853 22.59 -18.74 14.94
CA ASN C 853 22.86 -17.47 15.58
C ASN C 853 24.24 -16.92 15.26
N LEU C 854 25.24 -17.79 15.09
CA LEU C 854 26.60 -17.34 14.86
C LEU C 854 26.97 -17.22 13.40
N GLY C 855 26.22 -17.87 12.51
CA GLY C 855 26.46 -17.81 11.08
C GLY C 855 26.41 -16.42 10.46
N PRO C 856 25.29 -15.71 10.61
CA PRO C 856 25.22 -14.33 10.09
C PRO C 856 26.24 -13.37 10.69
N LYS C 857 26.77 -13.65 11.88
CA LYS C 857 27.80 -12.78 12.46
C LYS C 857 29.11 -12.88 11.68
N ILE C 858 29.55 -14.11 11.38
CA ILE C 858 30.74 -14.29 10.56
C ILE C 858 30.49 -13.81 9.13
N ILE C 859 29.24 -13.90 8.66
CA ILE C 859 28.91 -13.33 7.35
C ILE C 859 29.10 -11.82 7.35
N MET C 860 28.64 -11.15 8.40
CA MET C 860 28.87 -9.71 8.50
C MET C 860 30.35 -9.39 8.65
N LEU C 861 31.12 -10.26 9.30
CA LEU C 861 32.57 -10.07 9.34
C LEU C 861 33.19 -10.11 7.95
N GLN C 862 32.83 -11.13 7.16
CA GLN C 862 33.37 -11.26 5.81
C GLN C 862 32.90 -10.14 4.90
N ARG C 863 31.76 -9.53 5.22
CA ARG C 863 31.34 -8.36 4.46
C ARG C 863 32.11 -7.11 4.88
N MET C 864 32.33 -6.92 6.19
CA MET C 864 33.02 -5.72 6.66
C MET C 864 34.50 -5.71 6.29
N MET C 865 35.10 -6.89 6.08
CA MET C 865 36.54 -6.95 5.83
C MET C 865 36.94 -6.26 4.53
N ILE C 866 36.03 -6.14 3.57
CA ILE C 866 36.32 -5.43 2.33
C ILE C 866 36.59 -3.95 2.61
N ASP C 867 35.62 -3.29 3.26
CA ASP C 867 35.77 -1.87 3.59
C ASP C 867 36.90 -1.63 4.58
N VAL C 868 37.10 -2.56 5.52
CA VAL C 868 38.18 -2.41 6.50
C VAL C 868 39.55 -2.53 5.83
N PHE C 869 39.68 -3.47 4.88
CA PHE C 869 40.93 -3.62 4.14
C PHE C 869 41.21 -2.40 3.28
N PHE C 870 40.18 -1.85 2.62
CA PHE C 870 40.38 -0.68 1.78
C PHE C 870 40.75 0.55 2.61
N PHE C 871 40.04 0.78 3.72
CA PHE C 871 40.33 1.92 4.58
C PHE C 871 41.70 1.80 5.22
N LEU C 872 42.09 0.59 5.61
CA LEU C 872 43.42 0.40 6.20
C LEU C 872 44.51 0.60 5.16
N PHE C 873 44.24 0.22 3.91
CA PHE C 873 45.20 0.46 2.83
C PHE C 873 45.39 1.96 2.58
N LEU C 874 44.29 2.69 2.45
CA LEU C 874 44.36 4.14 2.22
C LEU C 874 45.00 4.86 3.41
N PHE C 875 44.69 4.40 4.62
CA PHE C 875 45.29 4.96 5.83
C PHE C 875 46.78 4.69 5.89
N ALA C 876 47.22 3.49 5.48
CA ALA C 876 48.65 3.20 5.48
C ALA C 876 49.39 4.02 4.45
N VAL C 877 48.75 4.26 3.29
CA VAL C 877 49.34 5.13 2.26
C VAL C 877 49.53 6.54 2.79
N TRP C 878 48.49 7.10 3.41
CA TRP C 878 48.60 8.45 3.96
C TRP C 878 49.57 8.51 5.13
N MET C 879 49.69 7.43 5.91
CA MET C 879 50.63 7.40 7.01
C MET C 879 52.07 7.42 6.53
N VAL C 880 52.37 6.65 5.48
CA VAL C 880 53.70 6.69 4.87
C VAL C 880 53.96 8.06 4.26
N ALA C 881 52.93 8.70 3.70
CA ALA C 881 53.09 10.04 3.13
C ALA C 881 53.41 11.10 4.18
N PHE C 882 52.63 11.11 5.27
CA PHE C 882 52.86 12.05 6.35
C PHE C 882 54.19 11.80 7.04
N GLY C 883 54.61 10.54 7.14
CA GLY C 883 55.93 10.24 7.65
C GLY C 883 57.03 10.71 6.73
N VAL C 884 56.81 10.65 5.42
CA VAL C 884 57.78 11.15 4.45
C VAL C 884 57.95 12.65 4.59
N ALA C 885 56.83 13.37 4.74
CA ALA C 885 56.89 14.82 4.95
C ALA C 885 57.54 15.16 6.29
N ARG C 886 57.28 14.36 7.33
CA ARG C 886 57.90 14.59 8.63
C ARG C 886 59.39 14.32 8.60
N GLN C 887 59.82 13.30 7.85
CA GLN C 887 61.24 13.04 7.67
C GLN C 887 61.92 14.16 6.89
N GLY C 888 61.21 14.72 5.91
CA GLY C 888 61.77 15.85 5.18
C GLY C 888 61.89 17.10 6.02
N ILE C 889 60.91 17.36 6.89
CA ILE C 889 60.93 18.58 7.69
C ILE C 889 61.90 18.45 8.86
N LEU C 890 61.92 17.29 9.51
CA LEU C 890 62.78 17.07 10.67
C LEU C 890 64.24 16.88 10.30
N ARG C 891 64.56 16.68 9.03
CA ARG C 891 65.95 16.63 8.58
C ARG C 891 66.29 17.93 7.87
N TRP C 897 72.92 5.24 0.71
CA TRP C 897 71.56 5.70 0.44
C TRP C 897 70.54 4.76 1.08
N GLU C 898 71.00 3.58 1.50
CA GLU C 898 70.10 2.60 2.10
C GLU C 898 69.68 3.00 3.50
N TRP C 899 70.52 3.77 4.21
CA TRP C 899 70.23 4.15 5.59
C TRP C 899 69.04 5.11 5.66
N ILE C 900 69.01 6.11 4.79
CA ILE C 900 67.93 7.09 4.81
C ILE C 900 66.63 6.46 4.32
N PHE C 901 66.71 5.51 3.38
CA PHE C 901 65.52 4.79 2.94
C PHE C 901 64.96 3.89 4.04
N ARG C 902 65.86 3.21 4.77
CA ARG C 902 65.41 2.38 5.89
C ARG C 902 64.81 3.23 7.00
N SER C 903 65.38 4.43 7.23
CA SER C 903 64.81 5.34 8.22
C SER C 903 63.46 5.88 7.78
N VAL C 904 63.31 6.24 6.50
CA VAL C 904 62.04 6.72 5.99
C VAL C 904 60.98 5.63 5.93
N ILE C 905 61.39 4.36 5.90
CA ILE C 905 60.41 3.28 5.95
C ILE C 905 60.02 2.95 7.39
N TYR C 906 60.99 2.91 8.30
CA TYR C 906 60.77 2.40 9.66
C TYR C 906 60.60 3.51 10.70
N GLU C 907 60.54 4.77 10.29
CA GLU C 907 60.17 5.87 11.18
C GLU C 907 58.67 6.10 11.41
N PRO C 908 57.77 6.10 10.38
CA PRO C 908 56.36 6.45 10.68
C PRO C 908 55.63 5.42 11.52
N TYR C 909 55.98 4.14 11.41
CA TYR C 909 55.31 3.12 12.23
C TYR C 909 55.66 3.27 13.70
N LEU C 910 56.93 3.54 14.00
CA LEU C 910 57.34 3.82 15.37
C LEU C 910 56.80 5.15 15.87
N ALA C 911 56.64 6.14 14.97
CA ALA C 911 56.07 7.42 15.37
C ALA C 911 54.57 7.29 15.67
N MET C 912 53.87 6.41 14.97
CA MET C 912 52.44 6.22 15.19
C MET C 912 52.17 5.33 16.39
N PHE C 913 53.03 4.32 16.62
CA PHE C 913 52.84 3.42 17.75
C PHE C 913 53.08 4.14 19.07
N GLY C 914 53.99 5.13 19.09
CA GLY C 914 54.26 5.89 20.30
C GLY C 914 55.72 6.01 20.62
N GLU C 954 54.64 31.51 10.42
CA GLU C 954 54.15 30.62 11.47
C GLU C 954 53.45 29.42 10.87
N TRP C 955 54.00 28.89 9.78
CA TRP C 955 53.44 27.72 9.10
C TRP C 955 53.78 26.41 9.79
N ILE C 956 54.62 26.45 10.83
CA ILE C 956 55.12 25.21 11.43
C ILE C 956 54.03 24.49 12.22
N THR C 957 53.08 25.25 12.79
CA THR C 957 52.05 24.63 13.62
C THR C 957 50.96 23.92 12.81
N ILE C 958 50.93 24.14 11.49
CA ILE C 958 49.86 23.60 10.66
C ILE C 958 49.85 22.07 10.47
N PRO C 959 50.98 21.37 10.21
CA PRO C 959 50.86 19.92 9.93
C PRO C 959 50.36 19.06 11.07
N LEU C 960 50.56 19.46 12.33
CA LEU C 960 50.06 18.67 13.46
C LEU C 960 48.53 18.64 13.48
N VAL C 961 47.91 19.83 13.40
CA VAL C 961 46.45 19.91 13.38
C VAL C 961 45.89 19.31 12.10
N CYS C 962 46.61 19.47 10.97
CA CYS C 962 46.15 18.89 9.71
C CYS C 962 46.15 17.37 9.76
N ILE C 963 47.22 16.78 10.31
CA ILE C 963 47.32 15.33 10.42
C ILE C 963 46.29 14.79 11.41
N TYR C 964 46.07 15.50 12.52
CA TYR C 964 45.07 15.08 13.49
C TYR C 964 43.66 15.16 12.90
N MET C 965 43.39 16.17 12.09
CA MET C 965 42.07 16.30 11.47
C MET C 965 41.83 15.21 10.44
N LEU C 966 42.84 14.93 9.59
CA LEU C 966 42.70 13.87 8.60
C LEU C 966 42.57 12.49 9.26
N SER C 967 43.33 12.26 10.34
CA SER C 967 43.24 10.99 11.06
C SER C 967 41.89 10.82 11.74
N THR C 968 41.36 11.89 12.34
CA THR C 968 40.04 11.82 12.96
C THR C 968 38.95 11.62 11.91
N ASN C 969 39.12 12.24 10.74
CA ASN C 969 38.17 12.07 9.64
C ASN C 969 38.12 10.63 9.17
N ILE C 970 39.29 10.04 8.92
CA ILE C 970 39.36 8.66 8.45
C ILE C 970 38.86 7.70 9.53
N LEU C 971 39.18 8.00 10.80
CA LEU C 971 38.79 7.12 11.91
C LEU C 971 37.28 7.12 12.14
N LEU C 972 36.65 8.30 12.07
CA LEU C 972 35.19 8.36 12.17
C LEU C 972 34.52 7.72 10.96
N VAL C 973 35.04 8.00 9.76
CA VAL C 973 34.42 7.51 8.54
C VAL C 973 34.58 6.02 8.37
N ASN C 974 35.59 5.41 9.00
CA ASN C 974 35.74 3.96 8.98
C ASN C 974 34.54 3.28 9.62
N LEU C 975 34.25 3.63 10.88
CA LEU C 975 33.08 3.08 11.56
C LEU C 975 31.77 3.56 10.92
N LEU C 976 31.78 4.74 10.30
CA LEU C 976 30.59 5.24 9.61
C LEU C 976 30.24 4.37 8.41
N VAL C 977 31.20 4.14 7.52
CA VAL C 977 30.94 3.31 6.34
C VAL C 977 30.80 1.84 6.75
N ALA C 978 31.36 1.44 7.89
CA ALA C 978 31.02 0.15 8.46
C ALA C 978 29.57 0.09 8.88
N MET C 979 29.03 1.19 9.42
CA MET C 979 27.61 1.25 9.73
C MET C 979 26.74 1.29 8.48
N PHE C 980 27.31 1.74 7.36
CA PHE C 980 26.57 1.77 6.10
C PHE C 980 26.22 0.36 5.62
N GLY C 981 27.24 -0.44 5.32
CA GLY C 981 27.02 -1.78 4.82
C GLY C 981 26.69 -2.79 5.90
N ASN C 990 19.39 -8.94 5.76
CA ASN C 990 19.06 -9.99 4.80
C ASN C 990 20.22 -10.96 4.61
N ASN C 991 20.95 -11.24 5.69
CA ASN C 991 22.05 -12.19 5.66
C ASN C 991 21.59 -13.64 5.79
N ASP C 992 20.30 -13.85 6.06
CA ASP C 992 19.81 -15.19 6.34
C ASP C 992 19.88 -16.08 5.10
N GLN C 993 19.55 -15.52 3.93
CA GLN C 993 19.62 -16.28 2.69
C GLN C 993 21.06 -16.65 2.34
N VAL C 994 22.01 -15.74 2.63
CA VAL C 994 23.41 -16.04 2.40
C VAL C 994 23.87 -17.15 3.34
N TRP C 995 23.35 -17.15 4.57
CA TRP C 995 23.62 -18.24 5.50
C TRP C 995 23.10 -19.57 4.97
N LYS C 996 21.97 -19.54 4.27
CA LYS C 996 21.42 -20.77 3.73
C LYS C 996 22.26 -21.32 2.57
N PHE C 997 22.79 -20.43 1.73
CA PHE C 997 23.82 -20.85 0.77
C PHE C 997 25.04 -21.50 1.42
N GLN C 998 25.60 -20.84 2.45
CA GLN C 998 26.78 -21.40 3.10
C GLN C 998 26.47 -22.73 3.78
N ARG C 999 25.23 -22.89 4.23
CA ARG C 999 24.77 -24.16 4.78
C ARG C 999 24.81 -25.26 3.73
N PHE C 1000 24.39 -24.92 2.49
CA PHE C 1000 24.49 -25.91 1.42
C PHE C 1000 25.93 -26.34 1.16
N PHE C 1001 26.86 -25.38 1.16
CA PHE C 1001 28.25 -25.76 0.87
C PHE C 1001 28.83 -26.65 1.96
N LEU C 1002 28.46 -26.38 3.22
CA LEU C 1002 28.95 -27.22 4.32
C LEU C 1002 28.40 -28.63 4.24
N VAL C 1003 27.10 -28.76 3.97
CA VAL C 1003 26.46 -30.08 3.85
C VAL C 1003 27.07 -30.86 2.68
N GLN C 1004 27.31 -30.18 1.55
CA GLN C 1004 27.89 -30.86 0.39
C GLN C 1004 29.31 -31.32 0.66
N GLU C 1005 30.13 -30.64 1.44
CA GLU C 1005 31.47 -31.21 1.65
C GLU C 1005 31.49 -32.55 2.45
N TYR C 1006 30.76 -32.57 3.56
CA TYR C 1006 30.71 -33.74 4.44
C TYR C 1006 30.13 -35.02 3.84
N CYS C 1007 29.04 -34.92 3.09
CA CYS C 1007 28.46 -36.12 2.49
C CYS C 1007 29.49 -36.80 1.59
N SER C 1008 30.21 -36.00 0.81
CA SER C 1008 31.25 -36.52 -0.05
C SER C 1008 32.36 -37.16 0.76
N ARG C 1009 32.74 -36.55 1.89
CA ARG C 1009 33.83 -37.13 2.70
C ARG C 1009 33.60 -38.54 3.31
N LEU C 1010 34.66 -39.35 3.36
CA LEU C 1010 34.62 -40.70 3.91
C LEU C 1010 34.18 -40.67 5.37
N THR C 1011 33.74 -41.83 5.84
CA THR C 1011 33.10 -41.94 7.15
C THR C 1011 34.09 -41.71 8.29
N ILE C 1012 35.32 -42.13 8.09
CA ILE C 1012 36.28 -42.27 9.19
C ILE C 1012 36.81 -40.89 9.59
N PRO C 1013 37.01 -40.66 10.91
CA PRO C 1013 37.52 -39.48 11.61
C PRO C 1013 38.86 -38.91 11.09
N PHE C 1014 39.15 -37.69 11.50
CA PHE C 1014 40.36 -36.97 11.10
C PHE C 1014 41.69 -37.74 11.09
N PRO C 1015 42.16 -38.20 12.28
CA PRO C 1015 43.47 -38.85 12.34
C PRO C 1015 43.47 -40.26 11.77
N PHE C 1016 42.32 -40.87 11.58
CA PHE C 1016 42.22 -42.26 11.15
C PHE C 1016 41.88 -42.41 9.67
N VAL C 1017 41.87 -41.32 8.90
CA VAL C 1017 41.58 -41.42 7.48
C VAL C 1017 42.77 -41.97 6.70
N ILE C 1018 43.94 -42.04 7.35
CA ILE C 1018 45.16 -42.49 6.67
C ILE C 1018 45.05 -43.93 6.21
N PHE C 1019 44.43 -44.78 7.03
CA PHE C 1019 44.24 -46.17 6.64
C PHE C 1019 43.31 -46.28 5.43
N ALA C 1020 42.24 -45.50 5.44
CA ALA C 1020 41.28 -45.51 4.35
C ALA C 1020 41.94 -45.02 3.08
N TYR C 1021 42.76 -43.98 3.21
CA TYR C 1021 43.48 -43.42 2.07
C TYR C 1021 44.47 -44.44 1.52
N ILE C 1022 45.12 -45.18 2.42
CA ILE C 1022 46.06 -46.21 2.01
C ILE C 1022 45.32 -47.29 1.22
N PHE C 1023 44.12 -47.66 1.68
CA PHE C 1023 43.33 -48.65 0.97
C PHE C 1023 42.96 -48.13 -0.41
N MET C 1024 42.59 -46.86 -0.48
CA MET C 1024 42.23 -46.22 -1.73
C MET C 1024 43.41 -46.17 -2.71
N VAL C 1025 44.59 -45.87 -2.20
CA VAL C 1025 45.78 -45.83 -3.04
C VAL C 1025 46.22 -47.23 -3.42
N MET C 1026 45.99 -48.22 -2.55
CA MET C 1026 46.40 -49.59 -2.82
C MET C 1026 45.54 -50.23 -3.90
N ARG C 1027 44.25 -49.87 -3.97
CA ARG C 1027 43.41 -50.37 -5.06
C ARG C 1027 43.73 -49.70 -6.39
N LYS C 1028 44.47 -48.58 -6.37
CA LYS C 1028 44.81 -47.87 -7.59
C LYS C 1028 46.14 -48.37 -8.16
N PRO C 1041 26.43 -46.89 -19.30
CA PRO C 1041 26.13 -45.83 -18.32
C PRO C 1041 24.65 -45.74 -18.00
N SER C 1042 24.22 -44.61 -17.47
CA SER C 1042 22.82 -44.38 -17.11
C SER C 1042 22.24 -43.32 -18.04
N VAL C 1043 21.18 -43.68 -18.74
CA VAL C 1043 20.51 -42.75 -19.64
C VAL C 1043 19.35 -42.08 -18.93
N CYS C 1044 18.90 -40.94 -19.47
CA CYS C 1044 18.00 -40.02 -18.78
C CYS C 1044 16.63 -40.63 -18.49
N CYS C 1045 15.86 -41.02 -19.50
CA CYS C 1045 14.48 -41.42 -19.28
C CYS C 1045 14.15 -42.72 -20.00
N SER C 1046 14.99 -43.73 -19.86
CA SER C 1046 14.62 -45.05 -20.38
C SER C 1046 14.06 -45.97 -19.31
N ARG C 1047 14.45 -45.79 -18.06
CA ARG C 1047 13.98 -46.63 -16.96
C ARG C 1047 12.51 -46.35 -16.65
N ASN C 1048 11.95 -47.16 -15.77
CA ASN C 1048 10.53 -47.08 -15.49
C ASN C 1048 10.23 -46.17 -14.30
N GLU C 1049 11.07 -46.20 -13.27
CA GLU C 1049 10.87 -45.33 -12.11
C GLU C 1049 11.05 -43.86 -12.48
N ASP C 1050 11.88 -43.57 -13.50
CA ASP C 1050 12.02 -42.20 -13.97
C ASP C 1050 10.71 -41.68 -14.55
N ASN C 1051 10.04 -42.49 -15.36
CA ASN C 1051 8.74 -42.10 -15.87
C ASN C 1051 7.70 -42.03 -14.76
N GLU C 1052 7.85 -42.86 -13.73
CA GLU C 1052 6.94 -42.81 -12.59
C GLU C 1052 7.08 -41.50 -11.81
N ILE C 1053 8.30 -40.97 -11.69
CA ILE C 1053 8.47 -39.69 -11.02
C ILE C 1053 7.94 -38.55 -11.87
N LEU C 1054 8.29 -38.55 -13.16
CA LEU C 1054 7.92 -37.43 -14.03
C LEU C 1054 6.42 -37.37 -14.27
N ALA C 1055 5.72 -38.50 -14.22
CA ALA C 1055 4.27 -38.46 -14.34
C ALA C 1055 3.63 -37.78 -13.15
N TRP C 1056 4.15 -38.06 -11.94
CA TRP C 1056 3.71 -37.36 -10.74
C TRP C 1056 3.94 -35.86 -10.85
N GLU C 1057 5.10 -35.48 -11.37
CA GLU C 1057 5.39 -34.06 -11.53
C GLU C 1057 4.46 -33.41 -12.55
N ALA C 1058 4.07 -34.15 -13.59
CA ALA C 1058 3.14 -33.61 -14.58
C ALA C 1058 1.77 -33.34 -13.98
N VAL C 1059 1.31 -34.25 -13.11
CA VAL C 1059 0.04 -34.04 -12.40
C VAL C 1059 0.11 -32.79 -11.52
N MET C 1060 1.22 -32.65 -10.79
CA MET C 1060 1.37 -31.51 -9.90
C MET C 1060 1.46 -30.20 -10.67
N LYS C 1061 2.08 -30.23 -11.86
CA LYS C 1061 2.10 -29.06 -12.72
C LYS C 1061 0.71 -28.67 -13.18
N GLU C 1062 -0.13 -29.64 -13.51
CA GLU C 1062 -1.48 -29.31 -13.98
C GLU C 1062 -2.31 -28.66 -12.89
N ASN C 1063 -2.15 -29.14 -11.64
CA ASN C 1063 -2.82 -28.47 -10.53
C ASN C 1063 -2.30 -27.06 -10.30
N TYR C 1064 -0.98 -26.86 -10.49
CA TYR C 1064 -0.41 -25.52 -10.39
C TYR C 1064 -0.96 -24.58 -11.45
N LEU C 1065 -1.12 -25.06 -12.68
CA LEU C 1065 -1.61 -24.22 -13.77
C LEU C 1065 -3.07 -23.84 -13.55
N VAL C 1066 -3.87 -24.75 -13.02
CA VAL C 1066 -5.26 -24.43 -12.71
C VAL C 1066 -5.34 -23.35 -11.63
N LYS C 1067 -4.55 -23.50 -10.57
CA LYS C 1067 -4.56 -22.50 -9.50
C LYS C 1067 -4.05 -21.15 -9.95
N ILE C 1068 -3.10 -21.11 -10.89
CA ILE C 1068 -2.63 -19.81 -11.34
C ILE C 1068 -3.59 -19.22 -12.37
N ASN C 1069 -4.40 -20.05 -13.04
CA ASN C 1069 -5.34 -19.50 -14.01
C ASN C 1069 -6.63 -19.00 -13.38
N THR C 1070 -7.00 -19.48 -12.18
CA THR C 1070 -8.14 -18.87 -11.49
C THR C 1070 -7.84 -17.42 -11.13
N LYS C 1071 -6.76 -17.18 -10.40
CA LYS C 1071 -6.40 -15.83 -9.98
C LYS C 1071 -5.85 -15.03 -11.15
N UNK C 1079 -11.52 -9.91 -13.00
CA UNK C 1079 -12.87 -9.38 -12.86
C UNK C 1079 -13.25 -8.57 -14.09
N UNK C 1080 -12.28 -8.34 -14.98
CA UNK C 1080 -12.50 -7.56 -16.19
C UNK C 1080 -13.36 -8.32 -17.19
N UNK C 1081 -13.02 -9.59 -17.40
CA UNK C 1081 -13.78 -10.49 -18.25
C UNK C 1081 -15.14 -10.79 -17.60
N UNK C 1082 -15.15 -10.81 -16.27
CA UNK C 1082 -16.37 -10.97 -15.49
C UNK C 1082 -17.32 -9.81 -15.75
N UNK C 1083 -16.79 -8.59 -15.69
CA UNK C 1083 -17.58 -7.39 -15.94
C UNK C 1083 -18.06 -7.33 -17.39
N UNK C 1084 -17.19 -7.75 -18.31
CA UNK C 1084 -17.51 -7.79 -19.73
C UNK C 1084 -18.65 -8.77 -20.03
N UNK C 1085 -18.55 -9.97 -19.47
CA UNK C 1085 -19.58 -10.98 -19.64
C UNK C 1085 -20.86 -10.60 -18.91
N UNK C 1086 -20.73 -9.85 -17.81
CA UNK C 1086 -21.90 -9.34 -17.10
C UNK C 1086 -22.66 -8.34 -17.95
N UNK C 1087 -21.92 -7.42 -18.58
CA UNK C 1087 -22.50 -6.43 -19.48
C UNK C 1087 -23.10 -7.10 -20.72
N UNK C 1088 -22.43 -8.15 -21.21
CA UNK C 1088 -22.91 -8.90 -22.36
C UNK C 1088 -24.20 -9.67 -22.04
N UNK C 1089 -24.27 -10.27 -20.85
CA UNK C 1089 -25.45 -10.99 -20.41
C UNK C 1089 -26.63 -10.05 -20.19
N UNK C 1090 -26.34 -8.88 -19.61
CA UNK C 1090 -27.35 -7.85 -19.41
C UNK C 1090 -27.88 -7.33 -20.74
N UNK C 1091 -26.96 -7.11 -21.70
CA UNK C 1091 -27.33 -6.66 -23.03
C UNK C 1091 -28.13 -7.73 -23.77
N UNK C 1092 -27.79 -9.00 -23.55
CA UNK C 1092 -28.50 -10.11 -24.17
C UNK C 1092 -29.93 -10.22 -23.66
N UNK C 1093 -30.10 -10.12 -22.35
CA UNK C 1093 -31.42 -10.14 -21.73
C UNK C 1093 -32.26 -8.93 -22.17
N UNK C 1094 -31.62 -7.76 -22.23
CA UNK C 1094 -32.27 -6.54 -22.69
C UNK C 1094 -32.70 -6.61 -24.16
N UNK C 1095 -31.86 -7.21 -24.99
CA UNK C 1095 -32.14 -7.35 -26.41
C UNK C 1095 -33.25 -8.37 -26.63
N UNK C 1096 -33.26 -9.43 -25.82
CA UNK C 1096 -34.33 -10.43 -25.88
C UNK C 1096 -35.66 -9.80 -25.48
N UNK C 1097 -35.62 -8.95 -24.45
CA UNK C 1097 -36.83 -8.24 -24.02
C UNK C 1097 -37.32 -7.24 -25.07
N UNK C 1098 -36.38 -6.56 -25.72
CA UNK C 1098 -36.73 -5.57 -26.74
C UNK C 1098 -37.24 -6.23 -28.02
N UNK C 1099 -36.79 -7.44 -28.30
CA UNK C 1099 -37.28 -8.20 -29.44
C UNK C 1099 -38.62 -8.84 -29.11
N UNK C 1100 -38.84 -9.13 -27.82
CA UNK C 1100 -40.11 -9.69 -27.39
C UNK C 1100 -41.18 -8.63 -27.24
N UNK C 1101 -40.77 -7.37 -27.09
CA UNK C 1101 -41.69 -6.27 -26.89
C UNK C 1101 -42.10 -5.59 -28.20
N UNK C 1102 -41.39 -5.90 -29.27
CA UNK C 1102 -41.66 -5.30 -30.57
C UNK C 1102 -42.95 -5.86 -31.17
N UNK D 96 -35.88 45.12 12.27
CA UNK D 96 -36.44 46.11 11.37
C UNK D 96 -35.89 47.50 11.69
N UNK D 97 -34.64 47.74 11.30
CA UNK D 97 -33.99 49.01 11.60
C UNK D 97 -34.28 50.06 10.53
N UNK D 98 -34.37 51.31 10.95
CA UNK D 98 -34.56 52.41 10.03
C UNK D 98 -33.21 52.98 9.63
N UNK D 99 -33.16 53.62 8.46
CA UNK D 99 -31.91 54.14 7.95
C UNK D 99 -31.76 55.63 8.20
N UNK D 100 -30.53 56.08 8.35
CA UNK D 100 -30.21 57.49 8.46
C UNK D 100 -29.66 57.99 7.14
N UNK D 101 -30.47 58.71 6.39
CA UNK D 101 -30.15 59.05 5.02
C UNK D 101 -29.96 60.54 4.79
N UNK D 102 -29.18 60.89 3.77
CA UNK D 102 -29.04 62.27 3.35
C UNK D 102 -30.30 62.69 2.60
N UNK D 103 -30.82 63.88 2.91
CA UNK D 103 -32.05 64.44 2.33
C UNK D 103 -33.24 63.51 2.51
N UNK D 104 -33.31 62.87 3.68
CA UNK D 104 -34.22 61.76 3.91
C UNK D 104 -35.69 62.16 4.02
N UNK D 105 -36.52 61.12 4.12
CA UNK D 105 -37.94 61.22 4.41
C UNK D 105 -38.37 59.83 4.85
N UNK D 106 -37.72 59.34 5.89
CA UNK D 106 -37.77 57.92 6.27
C UNK D 106 -39.15 57.44 6.70
N UNK D 107 -39.48 56.24 6.27
CA UNK D 107 -40.74 55.59 6.60
C UNK D 107 -40.47 54.12 6.87
N UNK D 108 -40.92 53.65 8.02
CA UNK D 108 -40.63 52.27 8.43
C UNK D 108 -41.54 51.26 7.73
N UNK D 109 -41.67 50.09 8.35
CA UNK D 109 -42.45 49.01 7.77
C UNK D 109 -43.94 49.31 7.83
N UNK D 110 -27.78 48.60 12.19
CA UNK D 110 -28.55 49.41 11.26
C UNK D 110 -27.66 49.90 10.12
N UNK D 111 -28.22 50.04 8.93
CA UNK D 111 -27.44 50.43 7.77
C UNK D 111 -27.90 51.75 7.18
N UNK D 112 -26.92 52.57 6.82
CA UNK D 112 -27.18 53.89 6.25
C UNK D 112 -27.48 53.79 4.75
N UNK D 113 -28.76 53.89 4.41
CA UNK D 113 -29.20 53.80 3.03
C UNK D 113 -29.54 55.18 2.48
N UNK D 114 -28.59 55.81 1.79
CA UNK D 114 -28.72 57.18 1.29
C UNK D 114 -29.85 57.40 0.29
N UNK D 115 -31.08 57.46 0.81
CA UNK D 115 -32.28 57.43 -0.02
C UNK D 115 -32.75 58.78 -0.54
N UNK D 116 -32.30 59.19 -1.72
CA UNK D 116 -32.75 60.45 -2.30
C UNK D 116 -34.17 60.33 -2.87
N UNK D 117 -35.15 60.10 -2.02
CA UNK D 117 -36.52 59.87 -2.45
C UNK D 117 -37.26 61.17 -2.75
N LYS D 118 -25.42 53.00 -2.13
CA LYS D 118 -26.61 52.37 -1.57
C LYS D 118 -27.82 53.25 -1.85
N TYR D 119 -27.74 53.98 -2.96
CA TYR D 119 -28.73 54.99 -3.31
C TYR D 119 -30.11 54.36 -3.52
N ILE D 120 -31.15 55.14 -3.23
CA ILE D 120 -32.53 54.70 -3.34
C ILE D 120 -33.31 55.83 -4.00
N ARG D 121 -34.26 55.48 -4.85
CA ARG D 121 -35.06 56.48 -5.52
C ARG D 121 -36.55 56.15 -5.45
N LEU D 122 -37.37 57.19 -5.47
CA LEU D 122 -38.81 57.02 -5.48
C LEU D 122 -39.24 57.58 -6.82
N SER D 123 -39.97 56.79 -7.59
CA SER D 123 -40.39 57.25 -8.91
C SER D 123 -41.79 56.80 -9.33
N CYS D 124 -42.36 57.56 -10.26
CA CYS D 124 -43.67 57.28 -10.82
C CYS D 124 -43.57 56.10 -11.79
N ASP D 125 -44.69 55.47 -12.10
CA ASP D 125 -44.65 54.32 -12.98
C ASP D 125 -44.58 54.78 -14.43
N THR D 126 -43.37 55.15 -14.84
CA THR D 126 -43.10 55.62 -16.20
C THR D 126 -41.61 55.78 -16.45
N ASP D 127 -41.25 56.17 -17.68
CA ASP D 127 -39.91 56.62 -18.08
C ASP D 127 -38.85 55.53 -17.89
N SER D 128 -38.95 54.50 -18.72
CA SER D 128 -37.98 53.40 -18.65
C SER D 128 -36.60 53.85 -19.12
N GLU D 129 -36.54 54.48 -20.30
CA GLU D 129 -35.25 54.86 -20.89
C GLU D 129 -34.56 55.95 -20.07
N THR D 130 -35.34 56.83 -19.45
CA THR D 130 -34.75 57.82 -18.54
C THR D 130 -34.17 57.15 -17.30
N LEU D 131 -34.86 56.12 -16.79
CA LEU D 131 -34.37 55.37 -15.64
C LEU D 131 -33.07 54.64 -15.95
N TYR D 132 -33.01 54.01 -17.13
CA TYR D 132 -31.79 53.35 -17.57
C TYR D 132 -30.67 54.37 -17.81
N ASP D 133 -31.02 55.55 -18.33
CA ASP D 133 -30.03 56.60 -18.53
C ASP D 133 -29.47 57.10 -17.21
N LEU D 134 -30.31 57.16 -16.17
CA LEU D 134 -29.84 57.48 -14.83
C LEU D 134 -28.86 56.44 -14.33
N MET D 135 -29.25 55.16 -14.37
CA MET D 135 -28.41 54.09 -13.84
C MET D 135 -27.13 53.88 -14.65
N THR D 136 -27.07 54.34 -15.90
CA THR D 136 -25.83 54.26 -16.66
C THR D 136 -24.96 55.50 -16.50
N GLN D 137 -25.54 56.69 -16.68
CA GLN D 137 -24.75 57.91 -16.63
C GLN D 137 -24.25 58.23 -15.22
N HIS D 138 -24.94 57.78 -14.18
CA HIS D 138 -24.52 58.14 -12.83
C HIS D 138 -23.50 57.16 -12.26
N TRP D 139 -23.81 55.87 -12.25
CA TRP D 139 -22.94 54.93 -11.54
C TRP D 139 -22.32 53.88 -12.44
N HIS D 140 -23.12 53.12 -13.18
CA HIS D 140 -22.71 51.82 -13.67
C HIS D 140 -22.41 51.83 -15.16
N LEU D 141 -21.51 50.93 -15.55
CA LEU D 141 -21.19 50.72 -16.95
C LEU D 141 -22.12 49.66 -17.53
N LYS D 142 -22.01 49.43 -18.84
CA LYS D 142 -22.90 48.54 -19.56
C LYS D 142 -22.73 47.10 -19.09
N THR D 143 -23.76 46.29 -19.34
CA THR D 143 -23.90 45.00 -18.66
C THR D 143 -23.78 43.86 -19.65
N PRO D 144 -22.80 42.97 -19.51
CA PRO D 144 -22.73 41.80 -20.39
C PRO D 144 -23.78 40.74 -20.09
N ASN D 145 -24.55 40.86 -19.02
CA ASN D 145 -25.50 39.84 -18.61
C ASN D 145 -26.47 40.48 -17.63
N LEU D 146 -27.63 39.86 -17.44
CA LEU D 146 -28.48 40.20 -16.30
C LEU D 146 -29.36 38.99 -15.95
N VAL D 147 -29.22 38.50 -14.73
CA VAL D 147 -29.98 37.36 -14.26
C VAL D 147 -31.18 37.89 -13.49
N ILE D 148 -32.35 37.87 -14.12
CA ILE D 148 -33.59 38.16 -13.42
C ILE D 148 -34.06 36.89 -12.73
N SER D 149 -34.12 36.93 -11.41
CA SER D 149 -34.67 35.85 -10.61
C SER D 149 -35.89 36.38 -9.88
N VAL D 150 -36.88 35.50 -9.70
CA VAL D 150 -38.12 35.84 -9.03
C VAL D 150 -38.45 34.70 -8.07
N THR D 151 -38.78 35.06 -6.83
CA THR D 151 -39.14 34.09 -5.81
C THR D 151 -40.64 33.82 -5.82
N LYS D 155 -43.65 34.46 1.50
CA LYS D 155 -42.82 33.80 0.48
C LYS D 155 -41.69 33.02 1.13
N ASN D 156 -41.78 32.84 2.44
CA ASN D 156 -40.74 32.13 3.18
C ASN D 156 -40.76 30.64 2.86
N PHE D 157 -39.59 30.02 3.00
CA PHE D 157 -39.39 28.59 2.81
C PHE D 157 -38.08 28.23 3.49
N ALA D 158 -37.64 26.99 3.29
CA ALA D 158 -36.44 26.47 3.95
C ALA D 158 -35.37 26.15 2.93
N LEU D 159 -34.16 26.64 3.17
CA LEU D 159 -33.04 26.35 2.30
C LEU D 159 -32.59 24.91 2.48
N LYS D 160 -32.43 24.20 1.37
CA LYS D 160 -31.88 22.86 1.38
C LYS D 160 -30.35 22.98 1.44
N PRO D 161 -29.62 21.86 1.62
CA PRO D 161 -28.16 21.94 1.47
C PRO D 161 -27.67 21.97 0.03
N ARG D 162 -28.54 21.86 -0.96
CA ARG D 162 -28.13 21.94 -2.35
C ARG D 162 -28.42 23.30 -2.98
N MET D 163 -29.56 23.90 -2.63
CA MET D 163 -29.95 25.18 -3.22
C MET D 163 -28.98 26.29 -2.87
N ARG D 164 -28.38 26.21 -1.68
CA ARG D 164 -27.30 27.12 -1.29
C ARG D 164 -26.12 27.02 -2.25
N LYS D 165 -25.76 25.80 -2.63
CA LYS D 165 -24.66 25.58 -3.56
C LYS D 165 -24.97 26.16 -4.94
N ILE D 166 -26.19 25.96 -5.42
CA ILE D 166 -26.61 26.48 -6.72
C ILE D 166 -26.55 28.01 -6.73
N PHE D 167 -27.07 28.66 -5.69
CA PHE D 167 -27.12 30.11 -5.76
C PHE D 167 -25.77 30.74 -5.46
N SER D 168 -24.92 30.07 -4.68
CA SER D 168 -23.54 30.54 -4.55
C SER D 168 -22.81 30.46 -5.88
N ARG D 169 -23.00 29.36 -6.61
CA ARG D 169 -22.41 29.23 -7.94
C ARG D 169 -22.97 30.26 -8.91
N LEU D 170 -24.26 30.59 -8.78
CA LEU D 170 -24.88 31.56 -9.67
C LEU D 170 -24.34 32.96 -9.44
N ILE D 171 -24.21 33.37 -8.19
CA ILE D 171 -23.68 34.71 -7.94
C ILE D 171 -22.18 34.74 -8.23
N TYR D 172 -21.49 33.60 -8.15
CA TYR D 172 -20.10 33.55 -8.61
C TYR D 172 -20.00 33.76 -10.12
N ILE D 173 -20.92 33.17 -10.88
CA ILE D 173 -20.99 33.40 -12.32
C ILE D 173 -21.30 34.86 -12.62
N ALA D 174 -22.23 35.46 -11.87
CA ALA D 174 -22.59 36.85 -12.08
C ALA D 174 -21.45 37.79 -11.76
N GLN D 175 -20.59 37.42 -10.82
CA GLN D 175 -19.42 38.26 -10.57
C GLN D 175 -18.34 38.05 -11.61
N SER D 176 -18.21 36.82 -12.14
CA SER D 176 -17.17 36.57 -13.13
C SER D 176 -17.48 37.25 -14.46
N LYS D 177 -18.73 37.17 -14.92
CA LYS D 177 -19.10 37.84 -16.16
C LYS D 177 -19.30 39.33 -15.95
N GLY D 178 -19.97 39.71 -14.88
CA GLY D 178 -20.36 41.08 -14.65
C GLY D 178 -21.81 41.26 -15.04
N ALA D 179 -22.71 41.28 -14.06
CA ALA D 179 -24.13 41.16 -14.38
C ALA D 179 -24.96 41.97 -13.40
N TRP D 180 -26.26 42.03 -13.68
CA TRP D 180 -27.24 42.59 -12.78
C TRP D 180 -28.13 41.46 -12.28
N ILE D 181 -28.69 41.64 -11.08
CA ILE D 181 -29.61 40.70 -10.49
C ILE D 181 -30.85 41.49 -10.08
N PHE D 182 -32.04 40.95 -10.37
CA PHE D 182 -33.25 41.69 -10.06
C PHE D 182 -34.13 40.98 -9.03
N THR D 183 -33.58 40.63 -7.87
CA THR D 183 -34.38 39.94 -6.86
C THR D 183 -35.40 40.88 -6.22
N GLY D 184 -36.35 40.29 -5.49
CA GLY D 184 -37.38 41.07 -4.82
C GLY D 184 -36.88 41.56 -3.47
N GLY D 185 -36.92 42.88 -3.26
CA GLY D 185 -36.20 43.57 -2.20
C GLY D 185 -36.64 43.31 -0.76
N THR D 186 -37.63 42.47 -0.53
CA THR D 186 -38.07 42.18 0.84
C THR D 186 -37.02 41.36 1.58
N HIS D 187 -36.74 41.73 2.83
CA HIS D 187 -35.70 41.06 3.61
C HIS D 187 -36.05 39.61 3.92
N TYR D 188 -37.32 39.30 4.09
CA TYR D 188 -37.73 37.94 4.38
C TYR D 188 -37.65 37.08 3.12
N GLY D 189 -37.25 35.83 3.28
CA GLY D 189 -37.25 34.88 2.20
C GLY D 189 -35.86 34.57 1.64
N LEU D 190 -35.86 34.16 0.38
CA LEU D 190 -34.63 33.80 -0.32
C LEU D 190 -33.77 35.01 -0.63
N MET D 191 -34.38 36.19 -0.71
CA MET D 191 -33.67 37.42 -1.00
C MET D 191 -32.63 37.74 0.08
N LYS D 192 -32.90 37.33 1.32
CA LYS D 192 -31.91 37.41 2.38
C LYS D 192 -30.68 36.58 2.04
N TYR D 193 -30.89 35.39 1.46
CA TYR D 193 -29.75 34.55 1.16
C TYR D 193 -28.97 35.09 -0.03
N ILE D 194 -29.66 35.66 -1.01
CA ILE D 194 -28.96 36.33 -2.12
C ILE D 194 -28.15 37.50 -1.62
N GLY D 195 -28.72 38.31 -0.71
CA GLY D 195 -27.96 39.41 -0.12
C GLY D 195 -26.75 38.95 0.66
N GLU D 196 -26.88 37.82 1.37
CA GLU D 196 -25.76 37.26 2.11
C GLU D 196 -24.64 36.80 1.18
N VAL D 197 -24.99 36.13 0.07
CA VAL D 197 -23.96 35.65 -0.84
C VAL D 197 -23.32 36.79 -1.61
N VAL D 198 -24.07 37.85 -1.91
CA VAL D 198 -23.50 39.04 -2.55
C VAL D 198 -22.50 39.71 -1.61
N ARG D 199 -22.86 39.83 -0.33
CA ARG D 199 -21.94 40.39 0.66
C ARG D 199 -20.69 39.53 0.81
N ASP D 200 -20.87 38.20 0.74
CA ASP D 200 -19.75 37.27 0.84
C ASP D 200 -18.79 37.40 -0.34
N ASN D 201 -19.32 37.51 -1.55
CA ASN D 201 -18.45 37.66 -2.70
C ASN D 201 -17.79 39.04 -2.76
N THR D 202 -18.43 40.07 -2.19
CA THR D 202 -17.76 41.36 -2.12
C THR D 202 -16.62 41.35 -1.12
N ILE D 203 -16.78 40.64 0.01
CA ILE D 203 -15.67 40.63 0.96
C ILE D 203 -14.57 39.65 0.52
N SER D 204 -14.92 38.59 -0.19
CA SER D 204 -13.93 37.57 -0.54
C SER D 204 -13.03 38.02 -1.67
N ARG D 205 -13.58 38.16 -2.88
CA ARG D 205 -12.83 38.56 -4.06
C ARG D 205 -13.01 40.05 -4.31
N SER D 206 -11.90 40.76 -4.42
CA SER D 206 -11.91 42.22 -4.50
C SER D 206 -12.33 42.67 -5.89
N SER D 207 -13.63 42.58 -6.15
CA SER D 207 -14.24 43.07 -7.38
C SER D 207 -15.55 43.75 -7.02
N GLU D 208 -16.31 44.15 -8.04
CA GLU D 208 -17.58 44.82 -7.81
C GLU D 208 -18.64 44.26 -8.75
N GLU D 209 -19.81 43.96 -8.21
CA GLU D 209 -21.00 43.65 -8.99
C GLU D 209 -22.22 43.91 -8.12
N ASN D 210 -23.32 44.26 -8.77
CA ASN D 210 -24.45 44.89 -8.12
C ASN D 210 -25.68 44.00 -8.17
N VAL D 211 -26.63 44.29 -7.29
CA VAL D 211 -27.92 43.63 -7.27
C VAL D 211 -29.01 44.70 -7.16
N VAL D 212 -29.53 45.13 -8.30
CA VAL D 212 -30.59 46.13 -8.32
C VAL D 212 -31.88 45.43 -7.95
N ALA D 213 -32.32 45.58 -6.72
CA ALA D 213 -33.54 44.92 -6.27
C ALA D 213 -34.71 45.88 -6.36
N ILE D 214 -35.92 45.32 -6.47
CA ILE D 214 -37.13 46.13 -6.41
C ILE D 214 -38.09 45.46 -5.46
N LYS D 248 -41.34 56.44 -1.27
CA LYS D 248 -41.68 55.29 -0.45
C LYS D 248 -42.82 54.49 -1.09
N ARG D 249 -42.67 53.17 -1.11
CA ARG D 249 -43.67 52.30 -1.70
C ARG D 249 -44.75 51.99 -0.67
N ASP D 250 -45.98 51.78 -1.17
CA ASP D 250 -47.16 51.66 -0.32
C ASP D 250 -47.13 50.48 0.65
N PRO D 251 -46.66 49.29 0.31
CA PRO D 251 -46.29 48.34 1.37
C PRO D 251 -44.81 48.46 1.70
N LEU D 252 -44.47 47.93 2.88
CA LEU D 252 -43.08 47.69 3.24
C LEU D 252 -43.09 46.57 4.28
N TYR D 253 -42.77 45.36 3.85
CA TYR D 253 -42.58 44.25 4.79
C TYR D 253 -41.38 44.55 5.66
N CYS D 254 -40.19 44.42 5.07
CA CYS D 254 -38.90 44.77 5.66
C CYS D 254 -37.85 44.76 4.55
N LEU D 255 -37.00 45.78 4.52
CA LEU D 255 -36.04 45.96 3.44
C LEU D 255 -34.74 45.27 3.81
N ASP D 256 -34.27 44.37 2.96
CA ASP D 256 -32.93 43.81 3.12
C ASP D 256 -31.89 44.90 2.93
N ASN D 257 -31.15 45.23 3.98
CA ASN D 257 -30.07 46.21 3.86
C ASN D 257 -28.77 45.52 3.45
N ASN D 258 -28.82 44.77 2.37
CA ASN D 258 -27.64 44.18 1.77
C ASN D 258 -27.60 44.33 0.26
N HIS D 259 -28.72 44.71 -0.36
CA HIS D 259 -28.74 44.97 -1.79
C HIS D 259 -28.11 46.32 -2.09
N THR D 260 -27.32 46.38 -3.17
CA THR D 260 -26.54 47.56 -3.48
C THR D 260 -27.42 48.71 -3.97
N HIS D 261 -28.53 48.39 -4.61
CA HIS D 261 -29.45 49.40 -5.12
C HIS D 261 -30.85 48.85 -4.99
N LEU D 262 -31.74 49.58 -4.34
CA LEU D 262 -33.14 49.19 -4.31
C LEU D 262 -34.00 50.38 -4.69
N LEU D 263 -34.88 50.17 -5.67
CA LEU D 263 -35.67 51.24 -6.26
C LEU D 263 -37.14 50.84 -6.17
N LEU D 264 -37.94 51.67 -5.53
CA LEU D 264 -39.36 51.41 -5.36
C LEU D 264 -40.18 52.57 -5.91
N VAL D 265 -41.33 52.24 -6.46
CA VAL D 265 -42.21 53.23 -7.05
C VAL D 265 -43.34 53.60 -6.11
N THR D 274 -48.85 44.76 -5.11
CA THR D 274 -47.99 44.34 -6.21
C THR D 274 -48.14 45.30 -7.39
N ILE D 275 -47.50 46.47 -7.29
CA ILE D 275 -47.62 47.50 -8.31
C ILE D 275 -46.34 47.73 -9.10
N GLU D 276 -45.21 47.20 -8.65
CA GLU D 276 -43.94 47.45 -9.32
C GLU D 276 -43.67 46.45 -10.45
N ALA D 277 -44.49 45.43 -10.61
CA ALA D 277 -44.29 44.43 -11.65
C ALA D 277 -44.43 45.03 -13.04
N LYS D 278 -45.21 46.09 -13.17
CA LYS D 278 -45.35 46.81 -14.43
C LYS D 278 -44.01 47.38 -14.89
N VAL D 279 -43.36 48.19 -14.06
CA VAL D 279 -42.08 48.77 -14.46
C VAL D 279 -40.99 47.73 -14.47
N ARG D 280 -41.14 46.63 -13.71
CA ARG D 280 -40.20 45.52 -13.77
C ARG D 280 -40.18 44.90 -15.17
N THR D 281 -41.35 44.50 -15.67
CA THR D 281 -41.42 43.92 -17.01
C THR D 281 -41.15 44.94 -18.09
N GLN D 282 -41.47 46.21 -17.86
CA GLN D 282 -41.11 47.25 -18.83
C GLN D 282 -39.60 47.42 -18.93
N LEU D 283 -38.89 47.34 -17.79
CA LEU D 283 -37.45 47.47 -17.83
C LEU D 283 -36.79 46.26 -18.49
N GLU D 284 -37.34 45.06 -18.25
CA GLU D 284 -36.84 43.87 -18.92
C GLU D 284 -37.05 43.95 -20.43
N LYS D 285 -38.24 44.35 -20.87
CA LYS D 285 -38.51 44.46 -22.29
C LYS D 285 -37.71 45.60 -22.91
N TYR D 286 -37.34 46.62 -22.13
CA TYR D 286 -36.48 47.68 -22.67
C TYR D 286 -35.05 47.19 -22.86
N ILE D 287 -34.50 46.46 -21.89
CA ILE D 287 -33.12 46.01 -22.04
C ILE D 287 -33.02 44.90 -23.09
N SER D 288 -34.12 44.18 -23.32
CA SER D 288 -34.17 43.28 -24.47
C SER D 288 -33.96 44.03 -25.78
N GLU D 289 -34.71 45.10 -25.99
CA GLU D 289 -34.62 45.89 -27.21
C GLU D 289 -33.45 46.87 -27.23
N ARG D 290 -32.58 46.84 -26.23
CA ARG D 290 -31.37 47.66 -26.24
C ARG D 290 -30.45 47.21 -27.36
N VAL D 291 -29.67 48.15 -27.89
CA VAL D 291 -28.72 47.88 -28.96
C VAL D 291 -27.33 48.27 -28.49
N ILE D 292 -26.34 47.44 -28.82
CA ILE D 292 -24.94 47.69 -28.51
C ILE D 292 -24.10 47.29 -29.72
N PRO D 293 -23.22 48.15 -30.22
CA PRO D 293 -22.39 47.79 -31.38
C PRO D 293 -21.38 46.69 -31.10
N GLU D 294 -20.64 46.79 -30.00
CA GLU D 294 -19.53 45.88 -29.71
C GLU D 294 -20.02 44.82 -28.73
N SER D 295 -20.72 43.82 -29.28
CA SER D 295 -21.25 42.72 -28.47
C SER D 295 -21.07 41.42 -29.21
N ASN D 296 -20.64 40.39 -28.49
CA ASN D 296 -20.49 39.05 -29.05
C ASN D 296 -21.79 38.27 -29.07
N TYR D 297 -22.85 38.79 -28.48
CA TYR D 297 -24.16 38.13 -28.48
C TYR D 297 -24.97 38.49 -29.72
N GLY D 298 -24.57 39.51 -30.46
CA GLY D 298 -25.28 39.83 -31.68
C GLY D 298 -25.96 41.18 -31.60
N GLY D 299 -25.37 42.08 -30.82
CA GLY D 299 -25.89 43.42 -30.70
C GLY D 299 -26.78 43.66 -29.50
N LYS D 300 -27.11 42.63 -28.74
CA LYS D 300 -28.05 42.76 -27.64
C LYS D 300 -27.39 42.35 -26.33
N ILE D 301 -28.18 42.37 -25.27
CA ILE D 301 -27.74 42.00 -23.93
C ILE D 301 -28.52 40.76 -23.52
N PRO D 302 -27.87 39.70 -23.07
CA PRO D 302 -28.61 38.49 -22.70
C PRO D 302 -29.38 38.65 -21.40
N ILE D 303 -30.57 38.06 -21.36
CA ILE D 303 -31.49 38.15 -20.23
C ILE D 303 -32.04 36.76 -19.96
N VAL D 304 -31.93 36.29 -18.71
CA VAL D 304 -32.31 34.94 -18.34
C VAL D 304 -33.25 35.02 -17.15
N CYS D 305 -34.52 34.66 -17.32
CA CYS D 305 -35.42 34.53 -16.19
C CYS D 305 -35.17 33.23 -15.46
N PHE D 306 -35.27 33.28 -14.14
CA PHE D 306 -34.82 32.18 -13.29
C PHE D 306 -35.94 31.86 -12.30
N ALA D 307 -36.16 30.57 -12.06
CA ALA D 307 -37.30 30.16 -11.24
C ALA D 307 -36.92 28.98 -10.36
N GLN D 308 -36.75 29.25 -9.06
CA GLN D 308 -36.58 28.23 -8.05
C GLN D 308 -37.65 28.26 -6.97
N GLY D 309 -38.40 29.35 -6.85
CA GLY D 309 -39.45 29.43 -5.86
C GLY D 309 -40.66 28.60 -6.21
N GLY D 310 -41.43 29.05 -7.20
CA GLY D 310 -42.62 28.33 -7.60
C GLY D 310 -43.89 28.74 -6.90
N GLY D 311 -44.17 30.04 -6.87
CA GLY D 311 -45.40 30.54 -6.31
C GLY D 311 -46.42 30.85 -7.39
N LYS D 312 -47.52 31.46 -6.95
CA LYS D 312 -48.54 31.91 -7.88
C LYS D 312 -48.04 33.10 -8.71
N GLU D 313 -47.43 34.08 -8.05
CA GLU D 313 -46.93 35.26 -8.75
C GLU D 313 -45.75 34.92 -9.66
N THR D 314 -44.94 33.93 -9.29
CA THR D 314 -43.86 33.47 -10.15
C THR D 314 -44.39 32.91 -11.46
N LEU D 315 -45.44 32.09 -11.38
CA LEU D 315 -46.07 31.56 -12.57
C LEU D 315 -46.84 32.63 -13.33
N LYS D 316 -47.27 33.69 -12.63
CA LYS D 316 -47.84 34.82 -13.34
C LYS D 316 -46.78 35.60 -14.10
N SER D 317 -45.54 35.62 -13.61
CA SER D 317 -44.47 36.35 -14.27
C SER D 317 -43.80 35.57 -15.40
N ILE D 318 -43.78 34.24 -15.32
CA ILE D 318 -43.17 33.41 -16.36
C ILE D 318 -43.92 33.56 -17.68
N ASN D 319 -45.26 33.58 -17.64
CA ASN D 319 -46.04 33.78 -18.85
C ASN D 319 -45.80 35.15 -19.47
N VAL D 320 -45.61 36.17 -18.62
CA VAL D 320 -45.28 37.51 -19.11
C VAL D 320 -43.93 37.52 -19.78
N ALA D 321 -42.95 36.84 -19.18
CA ALA D 321 -41.60 36.82 -19.71
C ALA D 321 -41.52 36.08 -21.05
N ILE D 322 -42.07 34.87 -21.11
CA ILE D 322 -42.07 34.10 -22.36
C ILE D 322 -42.93 34.76 -23.42
N LYS D 323 -43.96 35.50 -23.01
CA LYS D 323 -44.70 36.33 -23.96
C LYS D 323 -43.83 37.43 -24.54
N SER D 324 -42.86 37.93 -23.77
CA SER D 324 -41.93 38.92 -24.27
C SER D 324 -40.66 38.31 -24.87
N LYS D 325 -40.66 36.99 -25.09
CA LYS D 325 -39.58 36.23 -25.75
C LYS D 325 -38.24 36.36 -25.01
N ILE D 326 -38.24 35.89 -23.76
CA ILE D 326 -37.07 35.88 -22.91
C ILE D 326 -36.91 34.46 -22.38
N PRO D 327 -35.73 33.85 -22.46
CA PRO D 327 -35.57 32.47 -22.01
C PRO D 327 -35.71 32.32 -20.50
N CYS D 328 -36.05 31.10 -20.08
CA CYS D 328 -36.32 30.84 -18.67
C CYS D 328 -35.67 29.54 -18.25
N VAL D 329 -35.29 29.48 -16.98
CA VAL D 329 -34.67 28.30 -16.40
C VAL D 329 -35.45 27.96 -15.14
N VAL D 330 -35.76 26.67 -14.97
CA VAL D 330 -36.59 26.18 -13.89
C VAL D 330 -35.82 25.11 -13.13
N VAL D 331 -35.75 25.25 -11.80
CA VAL D 331 -35.01 24.31 -10.97
C VAL D 331 -35.96 23.20 -10.54
N GLU D 332 -35.74 21.99 -11.06
CA GLU D 332 -36.49 20.83 -10.60
C GLU D 332 -35.88 20.29 -9.33
N GLY D 333 -36.73 19.91 -8.39
CA GLY D 333 -36.32 19.61 -7.04
C GLY D 333 -36.73 20.67 -6.03
N SER D 334 -37.44 21.70 -6.45
CA SER D 334 -37.88 22.77 -5.56
C SER D 334 -39.08 22.36 -4.73
N GLY D 335 -39.96 21.53 -5.28
CA GLY D 335 -41.13 21.09 -4.54
C GLY D 335 -42.33 22.00 -4.62
N ARG D 336 -42.41 22.84 -5.66
CA ARG D 336 -43.52 23.76 -5.83
C ARG D 336 -44.01 23.71 -7.27
N ILE D 337 -44.78 24.72 -7.68
CA ILE D 337 -45.36 24.75 -9.03
C ILE D 337 -44.28 24.93 -10.10
N ALA D 338 -43.09 25.40 -9.71
CA ALA D 338 -41.92 25.32 -10.59
C ALA D 338 -41.63 23.88 -10.97
N ASP D 339 -41.67 22.98 -10.00
CA ASP D 339 -41.46 21.57 -10.30
C ASP D 339 -42.65 20.98 -11.08
N VAL D 340 -43.83 21.60 -10.96
CA VAL D 340 -44.96 21.19 -11.78
C VAL D 340 -44.72 21.54 -13.25
N ILE D 341 -44.19 22.75 -13.50
CA ILE D 341 -43.86 23.13 -14.88
C ILE D 341 -42.70 22.29 -15.40
N ALA D 342 -41.79 21.88 -14.51
CA ALA D 342 -40.72 20.98 -14.92
C ALA D 342 -41.25 19.59 -15.27
N SER D 343 -42.20 19.08 -14.49
CA SER D 343 -42.70 17.72 -14.70
C SER D 343 -43.66 17.65 -15.89
N LEU D 344 -44.41 18.72 -16.16
CA LEU D 344 -45.31 18.69 -17.29
C LEU D 344 -44.57 18.74 -18.63
N VAL D 345 -43.37 19.31 -18.66
CA VAL D 345 -42.60 19.37 -19.89
C VAL D 345 -41.98 18.01 -20.20
N SER D 353 -54.80 20.27 -19.91
CA SER D 353 -56.12 20.11 -19.33
C SER D 353 -56.21 18.85 -18.49
N SER D 354 -55.85 17.72 -19.10
CA SER D 354 -56.08 16.42 -18.47
C SER D 354 -55.15 16.19 -17.28
N CYS D 355 -53.86 16.04 -17.54
CA CYS D 355 -52.92 15.66 -16.50
C CYS D 355 -52.53 16.82 -15.60
N VAL D 356 -52.77 18.04 -16.05
CA VAL D 356 -52.39 19.23 -15.31
C VAL D 356 -53.02 19.31 -13.94
N LYS D 357 -54.30 18.96 -13.81
CA LYS D 357 -54.91 19.02 -12.48
C LYS D 357 -54.25 18.03 -11.51
N GLU D 358 -54.04 16.80 -11.99
CA GLU D 358 -53.43 15.76 -11.16
C GLU D 358 -52.00 16.14 -10.80
N SER D 359 -51.29 16.67 -11.79
CA SER D 359 -49.92 17.10 -11.59
C SER D 359 -49.86 18.22 -10.57
N LEU D 360 -50.80 19.14 -10.65
CA LEU D 360 -50.86 20.26 -9.72
C LEU D 360 -51.10 19.75 -8.32
N LEU D 361 -52.00 18.78 -8.20
CA LEU D 361 -52.29 18.22 -6.89
C LEU D 361 -51.04 17.55 -6.31
N ARG D 362 -50.31 16.82 -7.15
CA ARG D 362 -49.10 16.19 -6.66
C ARG D 362 -48.08 17.23 -6.22
N PHE D 363 -47.93 18.28 -7.04
CA PHE D 363 -47.01 19.37 -6.78
C PHE D 363 -47.36 20.20 -5.56
N LEU D 364 -48.65 20.48 -5.39
CA LEU D 364 -49.09 21.30 -4.26
C LEU D 364 -50.54 20.94 -3.93
N PRO D 365 -50.78 20.04 -2.98
CA PRO D 365 -52.15 19.68 -2.64
C PRO D 365 -52.85 20.74 -1.81
N ARG D 366 -52.07 21.52 -1.05
CA ARG D 366 -52.66 22.51 -0.15
C ARG D 366 -53.22 23.70 -0.92
N THR D 367 -52.45 24.21 -1.89
CA THR D 367 -52.82 25.46 -2.55
C THR D 367 -54.02 25.30 -3.48
N ILE D 368 -54.25 24.09 -4.01
CA ILE D 368 -55.36 23.87 -4.93
C ILE D 368 -56.70 23.89 -4.18
N SER D 369 -56.69 23.47 -2.92
CA SER D 369 -57.93 23.38 -2.14
C SER D 369 -58.53 24.75 -1.86
N ARG D 370 -57.70 25.73 -1.49
CA ARG D 370 -58.19 27.08 -1.26
C ARG D 370 -58.56 27.80 -2.56
N LEU D 371 -58.04 27.33 -3.71
CA LEU D 371 -58.34 27.97 -4.98
C LEU D 371 -59.74 27.60 -5.46
N SER D 372 -60.41 28.55 -6.10
CA SER D 372 -61.75 28.37 -6.61
C SER D 372 -61.71 27.85 -8.05
N GLU D 373 -62.89 27.72 -8.65
CA GLU D 373 -62.98 27.22 -10.03
C GLU D 373 -62.45 28.24 -11.03
N GLU D 374 -62.69 29.53 -10.76
CA GLU D 374 -62.11 30.58 -11.58
C GLU D 374 -60.58 30.58 -11.48
N GLU D 375 -60.05 30.30 -10.28
CA GLU D 375 -58.61 30.22 -10.09
C GLU D 375 -58.02 29.01 -10.81
N THR D 376 -58.73 27.88 -10.79
CA THR D 376 -58.26 26.70 -11.50
C THR D 376 -58.30 26.92 -13.02
N GLU D 377 -59.34 27.60 -13.52
CA GLU D 377 -59.41 27.90 -14.94
C GLU D 377 -58.30 28.85 -15.36
N SER D 378 -58.03 29.88 -14.54
CA SER D 378 -56.95 30.82 -14.83
C SER D 378 -55.59 30.13 -14.81
N TRP D 379 -55.37 29.22 -13.86
CA TRP D 379 -54.06 28.57 -13.78
C TRP D 379 -53.86 27.58 -14.92
N ILE D 380 -54.90 26.84 -15.30
CA ILE D 380 -54.74 25.92 -16.43
C ILE D 380 -54.55 26.68 -17.74
N LYS D 381 -55.24 27.83 -17.88
CA LYS D 381 -55.02 28.68 -19.05
C LYS D 381 -53.61 29.24 -19.11
N TRP D 382 -53.07 29.65 -17.94
CA TRP D 382 -51.72 30.20 -17.92
C TRP D 382 -50.65 29.14 -18.15
N ILE D 383 -50.82 27.95 -17.55
CA ILE D 383 -49.87 26.86 -17.76
C ILE D 383 -49.92 26.38 -19.21
N LYS D 384 -51.09 26.39 -19.84
CA LYS D 384 -51.16 26.08 -21.26
C LYS D 384 -50.51 27.17 -22.10
N GLU D 385 -50.62 28.43 -21.67
CA GLU D 385 -49.99 29.52 -22.41
C GLU D 385 -48.46 29.46 -22.31
N VAL D 386 -47.94 28.98 -21.18
CA VAL D 386 -46.49 28.91 -21.00
C VAL D 386 -45.88 27.86 -21.93
N LEU D 387 -46.42 26.66 -21.92
CA LEU D 387 -45.80 25.50 -22.56
C LEU D 387 -46.10 25.44 -24.08
N GLU D 388 -46.51 26.56 -24.69
CA GLU D 388 -46.80 26.58 -26.12
C GLU D 388 -45.53 26.43 -26.94
N SER D 389 -44.48 27.18 -26.58
CA SER D 389 -43.19 27.06 -27.26
C SER D 389 -42.16 26.50 -26.30
N PRO D 390 -41.88 25.19 -26.32
CA PRO D 390 -40.94 24.61 -25.36
C PRO D 390 -39.48 24.88 -25.67
N HIS D 391 -39.16 25.60 -26.75
CA HIS D 391 -37.75 25.84 -27.05
C HIS D 391 -37.15 26.90 -26.15
N LEU D 392 -37.96 27.74 -25.52
CA LEU D 392 -37.41 28.79 -24.66
C LEU D 392 -37.02 28.24 -23.29
N LEU D 393 -37.95 27.59 -22.59
CA LEU D 393 -37.67 27.23 -21.22
C LEU D 393 -36.71 26.04 -21.15
N THR D 394 -36.03 25.94 -20.01
CA THR D 394 -34.98 24.96 -19.78
C THR D 394 -35.11 24.51 -18.33
N VAL D 395 -34.68 23.28 -18.04
CA VAL D 395 -34.88 22.67 -16.73
C VAL D 395 -33.55 22.17 -16.20
N ILE D 396 -33.25 22.48 -14.94
CA ILE D 396 -32.14 21.88 -14.21
C ILE D 396 -32.70 20.67 -13.48
N LYS D 397 -32.19 19.48 -13.79
CA LYS D 397 -32.77 18.26 -13.28
C LYS D 397 -31.97 17.72 -12.10
N ILE D 398 -32.67 17.01 -11.21
CA ILE D 398 -32.08 16.45 -10.00
C ILE D 398 -31.22 15.23 -10.28
N GLU D 399 -31.37 14.62 -11.46
CA GLU D 399 -30.64 13.40 -11.78
C GLU D 399 -29.15 13.67 -11.93
N GLU D 400 -28.79 14.65 -12.74
CA GLU D 400 -27.40 15.02 -12.97
C GLU D 400 -27.04 16.18 -12.06
N ALA D 401 -26.07 15.96 -11.18
CA ALA D 401 -25.61 16.97 -10.24
C ALA D 401 -24.11 17.15 -10.39
N GLY D 402 -23.66 18.40 -10.33
CA GLY D 402 -22.25 18.71 -10.49
C GLY D 402 -22.01 20.18 -10.21
N ASP D 403 -20.73 20.54 -10.17
CA ASP D 403 -20.36 21.93 -9.96
C ASP D 403 -20.68 22.79 -11.19
N GLU D 404 -20.72 22.18 -12.37
CA GLU D 404 -20.85 22.90 -13.63
C GLU D 404 -22.25 22.78 -14.23
N ILE D 405 -23.31 22.83 -13.41
CA ILE D 405 -24.67 22.70 -13.94
C ILE D 405 -25.31 24.05 -14.21
N VAL D 406 -24.97 25.07 -13.44
CA VAL D 406 -25.66 26.35 -13.55
C VAL D 406 -25.24 27.08 -14.82
N SER D 407 -23.92 27.17 -15.06
CA SER D 407 -23.43 27.79 -16.28
C SER D 407 -23.84 27.00 -17.51
N ASN D 408 -23.87 25.68 -17.38
CA ASN D 408 -24.34 24.81 -18.46
C ASN D 408 -25.80 25.11 -18.81
N ALA D 409 -26.65 25.21 -17.80
CA ALA D 409 -28.07 25.45 -18.05
C ALA D 409 -28.31 26.84 -18.61
N ILE D 410 -27.65 27.86 -18.07
CA ILE D 410 -27.82 29.23 -18.54
C ILE D 410 -27.36 29.37 -19.97
N SER D 411 -26.17 28.84 -20.28
CA SER D 411 -25.66 28.91 -21.64
C SER D 411 -26.48 28.08 -22.61
N PHE D 412 -27.06 26.98 -22.15
CA PHE D 412 -27.85 26.15 -23.05
C PHE D 412 -29.17 26.83 -23.40
N ALA D 413 -29.81 27.47 -22.42
CA ALA D 413 -31.03 28.24 -22.70
C ALA D 413 -30.73 29.44 -23.60
N LEU D 414 -29.61 30.09 -23.34
CA LEU D 414 -29.25 31.27 -24.11
C LEU D 414 -28.87 30.90 -25.53
N TYR D 415 -28.28 29.71 -25.72
CA TYR D 415 -27.95 29.23 -27.05
C TYR D 415 -29.19 28.83 -27.83
N LYS D 416 -30.16 28.18 -27.17
CA LYS D 416 -31.45 27.89 -27.82
C LYS D 416 -32.13 29.16 -28.30
N ALA D 417 -32.20 30.17 -27.43
CA ALA D 417 -32.85 31.42 -27.79
C ALA D 417 -32.09 32.16 -28.88
N PHE D 418 -30.77 31.99 -28.93
CA PHE D 418 -30.01 32.62 -30.01
C PHE D 418 -30.23 31.90 -31.34
N SER D 419 -30.27 30.57 -31.32
CA SER D 419 -30.29 29.81 -32.57
C SER D 419 -31.68 29.70 -33.19
N THR D 420 -32.74 29.82 -32.38
CA THR D 420 -34.09 29.71 -32.94
C THR D 420 -34.45 30.90 -33.82
N ASN D 421 -33.87 32.08 -33.55
CA ASN D 421 -34.19 33.30 -34.29
C ASN D 421 -33.77 33.22 -35.75
N GLU D 422 -32.77 32.39 -36.07
CA GLU D 422 -32.31 32.01 -37.40
C GLU D 422 -31.71 33.16 -38.20
N HIS D 423 -31.55 34.35 -37.62
CA HIS D 423 -30.86 35.42 -38.31
C HIS D 423 -29.37 35.14 -38.39
N ASP D 424 -28.83 34.46 -37.39
CA ASP D 424 -27.44 34.04 -37.38
C ASP D 424 -27.27 32.54 -37.65
N ARG D 425 -28.26 31.91 -38.29
CA ARG D 425 -28.11 30.52 -38.69
C ARG D 425 -26.99 30.36 -39.71
N ASP D 426 -26.94 31.26 -40.70
CA ASP D 426 -25.79 31.31 -41.59
C ASP D 426 -24.58 31.97 -40.96
N ASN D 427 -24.77 32.70 -39.85
CA ASN D 427 -23.65 33.34 -39.14
C ASN D 427 -23.21 32.44 -38.00
N TRP D 428 -22.43 31.42 -38.36
CA TRP D 428 -21.90 30.49 -37.38
C TRP D 428 -20.78 31.10 -36.55
N ASN D 429 -20.27 32.27 -36.94
CA ASN D 429 -19.22 32.93 -36.19
C ASN D 429 -19.71 33.38 -34.82
N GLY D 430 -20.94 33.89 -34.75
CA GLY D 430 -21.46 34.38 -33.47
C GLY D 430 -21.75 33.26 -32.49
N GLN D 431 -22.25 32.12 -33.00
CA GLN D 431 -22.51 30.98 -32.14
C GLN D 431 -21.21 30.43 -31.56
N LEU D 432 -20.12 30.51 -32.31
CA LEU D 432 -18.85 30.02 -31.80
C LEU D 432 -18.31 30.92 -30.71
N LYS D 433 -18.44 32.25 -30.87
CA LYS D 433 -18.02 33.16 -29.81
C LYS D 433 -18.89 33.00 -28.56
N LEU D 434 -20.19 32.73 -28.75
CA LEU D 434 -21.07 32.50 -27.62
C LEU D 434 -20.68 31.23 -26.87
N LEU D 435 -20.46 30.13 -27.59
CA LEU D 435 -19.99 28.90 -26.96
C LEU D 435 -18.54 28.97 -26.49
N LEU D 436 -17.82 30.03 -26.84
CA LEU D 436 -16.50 30.25 -26.29
C LEU D 436 -16.52 31.06 -25.00
N GLU D 437 -17.47 31.99 -24.84
CA GLU D 437 -17.55 32.75 -23.60
C GLU D 437 -17.91 31.85 -22.42
N TRP D 438 -19.06 31.21 -22.47
CA TRP D 438 -19.35 30.12 -21.55
C TRP D 438 -18.62 28.89 -22.06
N ASN D 439 -17.74 28.34 -21.25
CA ASN D 439 -16.87 27.24 -21.69
C ASN D 439 -17.71 25.99 -21.88
N GLN D 440 -18.01 25.65 -23.13
CA GLN D 440 -18.72 24.42 -23.47
C GLN D 440 -18.07 23.79 -24.69
N LEU D 441 -17.35 22.69 -24.47
CA LEU D 441 -16.65 22.02 -25.56
C LEU D 441 -17.57 21.10 -26.34
N ASP D 442 -18.39 20.32 -25.62
CA ASP D 442 -19.13 19.22 -26.24
C ASP D 442 -20.19 19.72 -27.20
N LEU D 443 -20.95 20.73 -26.80
CA LEU D 443 -21.99 21.27 -27.66
C LEU D 443 -21.38 22.01 -28.86
N ALA D 444 -20.20 22.60 -28.68
CA ALA D 444 -19.51 23.24 -29.78
C ALA D 444 -19.04 22.23 -30.81
N SER D 445 -18.43 21.13 -30.36
CA SER D 445 -17.94 20.14 -31.30
C SER D 445 -19.06 19.32 -31.91
N ASP D 446 -20.22 19.25 -31.26
CA ASP D 446 -21.33 18.49 -31.83
C ASP D 446 -22.16 19.34 -32.78
N GLU D 447 -22.31 20.63 -32.51
CA GLU D 447 -23.25 21.43 -33.27
C GLU D 447 -22.61 22.23 -34.40
N ILE D 448 -21.43 22.80 -34.18
CA ILE D 448 -20.84 23.69 -35.17
C ILE D 448 -19.88 22.95 -36.10
N PHE D 449 -18.98 22.12 -35.55
CA PHE D 449 -17.91 21.53 -36.36
C PHE D 449 -18.29 20.18 -36.95
N THR D 450 -19.54 20.00 -37.38
CA THR D 450 -19.88 18.85 -38.19
C THR D 450 -19.25 18.98 -39.58
N ASN D 451 -19.16 17.84 -40.26
CA ASN D 451 -18.39 17.73 -41.50
C ASN D 451 -19.03 18.41 -42.69
N ASP D 452 -20.25 18.94 -42.56
CA ASP D 452 -20.94 19.56 -43.68
C ASP D 452 -20.23 20.82 -44.15
N ARG D 453 -20.15 21.82 -43.28
CA ARG D 453 -19.62 23.13 -43.64
C ARG D 453 -18.10 23.09 -43.80
N ASN D 454 -17.55 24.20 -44.27
CA ASN D 454 -16.11 24.31 -44.46
C ASN D 454 -15.63 25.64 -43.87
N TRP D 455 -14.32 25.70 -43.62
CA TRP D 455 -13.67 26.83 -42.97
C TRP D 455 -12.17 26.74 -43.24
N GLU D 456 -11.52 27.89 -43.21
CA GLU D 456 -10.08 27.99 -43.37
C GLU D 456 -9.47 28.54 -42.09
N SER D 457 -8.13 28.58 -42.05
CA SER D 457 -7.43 29.07 -40.88
C SER D 457 -7.70 30.55 -40.62
N ALA D 458 -7.85 31.33 -41.70
CA ALA D 458 -8.14 32.76 -41.57
C ALA D 458 -9.52 33.00 -40.97
N ASP D 459 -10.42 32.03 -41.10
CA ASP D 459 -11.70 32.10 -40.41
C ASP D 459 -11.57 31.83 -38.92
N LEU D 460 -10.49 31.19 -38.47
CA LEU D 460 -10.34 30.84 -37.07
C LEU D 460 -9.30 31.65 -36.32
N GLN D 461 -8.56 32.54 -36.99
CA GLN D 461 -7.50 33.30 -36.31
C GLN D 461 -8.03 34.19 -35.18
N ASP D 462 -9.12 34.91 -35.44
CA ASP D 462 -9.66 35.85 -34.45
C ASP D 462 -10.26 35.13 -33.26
N VAL D 463 -10.93 34.00 -33.49
CA VAL D 463 -11.48 33.23 -32.38
C VAL D 463 -10.37 32.52 -31.61
N MET D 464 -9.31 32.11 -32.31
CA MET D 464 -8.18 31.43 -31.69
C MET D 464 -7.43 32.35 -30.75
N PHE D 465 -7.30 33.63 -31.12
CA PHE D 465 -6.60 34.56 -30.25
C PHE D 465 -7.30 34.73 -28.90
N THR D 466 -8.63 34.92 -28.93
CA THR D 466 -9.36 35.08 -27.68
C THR D 466 -9.48 33.77 -26.92
N ALA D 467 -9.33 32.63 -27.59
CA ALA D 467 -9.21 31.40 -26.83
C ALA D 467 -7.87 31.31 -26.13
N LEU D 468 -6.81 31.81 -26.75
CA LEU D 468 -5.49 31.83 -26.13
C LEU D 468 -5.44 32.76 -24.93
N VAL D 469 -6.14 33.90 -25.01
CA VAL D 469 -5.99 34.95 -24.02
C VAL D 469 -6.50 34.51 -22.65
N LYS D 470 -7.66 33.88 -22.59
CA LYS D 470 -8.29 33.61 -21.30
C LYS D 470 -8.60 32.12 -21.08
N ASP D 471 -7.53 31.36 -20.85
CA ASP D 471 -7.50 30.04 -20.22
C ASP D 471 -8.58 29.07 -20.71
N ARG D 472 -8.52 28.77 -22.00
CA ARG D 472 -9.48 27.84 -22.60
C ARG D 472 -8.68 26.80 -23.35
N PRO D 473 -7.98 25.93 -22.61
CA PRO D 473 -7.14 24.87 -23.17
C PRO D 473 -7.93 23.85 -23.97
N LYS D 474 -9.09 23.45 -23.49
CA LYS D 474 -9.88 22.46 -24.19
C LYS D 474 -10.31 22.95 -25.56
N PHE D 475 -10.69 24.22 -25.63
CA PHE D 475 -11.09 24.81 -26.90
C PHE D 475 -9.96 24.87 -27.92
N VAL D 476 -8.76 25.21 -27.46
CA VAL D 476 -7.62 25.32 -28.36
C VAL D 476 -7.30 23.98 -29.00
N ARG D 477 -7.44 22.89 -28.22
CA ARG D 477 -7.36 21.54 -28.75
C ARG D 477 -8.32 21.33 -29.90
N LEU D 478 -9.54 21.83 -29.75
CA LEU D 478 -10.56 21.71 -30.80
C LEU D 478 -10.12 22.39 -32.10
N PHE D 479 -9.52 23.57 -32.00
CA PHE D 479 -9.13 24.31 -33.20
C PHE D 479 -7.92 23.67 -33.85
N LEU D 480 -6.94 23.25 -33.05
CA LEU D 480 -5.74 22.62 -33.60
C LEU D 480 -6.05 21.27 -34.22
N GLU D 481 -7.06 20.56 -33.72
CA GLU D 481 -7.55 19.39 -34.44
C GLU D 481 -8.20 19.79 -35.75
N ASN D 482 -9.20 20.66 -35.70
CA ASN D 482 -10.03 20.91 -36.88
C ASN D 482 -9.36 21.81 -37.91
N GLY D 483 -8.10 22.18 -37.73
CA GLY D 483 -7.32 22.64 -38.86
C GLY D 483 -6.82 24.07 -38.77
N LEU D 484 -5.58 24.23 -38.33
CA LEU D 484 -5.04 25.55 -38.07
C LEU D 484 -3.52 25.46 -38.06
N ASN D 485 -2.87 26.13 -38.99
CA ASN D 485 -1.41 26.18 -39.02
C ASN D 485 -0.97 27.08 -37.88
N LEU D 486 -0.50 26.48 -36.79
CA LEU D 486 -0.09 27.27 -35.65
C LEU D 486 1.20 28.03 -35.91
N ARG D 487 2.04 27.57 -36.82
CA ARG D 487 3.25 28.31 -37.11
C ARG D 487 2.96 29.50 -38.01
N LYS D 488 2.01 29.36 -38.93
CA LYS D 488 1.61 30.49 -39.76
C LYS D 488 0.81 31.51 -38.99
N PHE D 489 0.17 31.12 -37.88
CA PHE D 489 -0.62 32.04 -37.08
C PHE D 489 0.26 33.00 -36.29
N LEU D 490 1.26 32.48 -35.59
CA LEU D 490 2.11 33.29 -34.73
C LEU D 490 3.03 34.16 -35.57
N THR D 491 2.66 35.42 -35.71
CA THR D 491 3.45 36.41 -36.41
C THR D 491 4.15 37.25 -35.33
N THR D 492 5.21 37.96 -35.69
CA THR D 492 5.92 38.76 -34.70
C THR D 492 5.03 39.81 -34.07
N GLU D 493 4.18 40.46 -34.87
CA GLU D 493 3.29 41.46 -34.33
C GLU D 493 2.34 40.82 -33.31
N VAL D 494 1.81 39.65 -33.65
CA VAL D 494 0.90 38.98 -32.73
C VAL D 494 1.61 38.64 -31.43
N LEU D 495 2.84 38.15 -31.52
CA LEU D 495 3.56 37.81 -30.31
C LEU D 495 3.80 39.04 -29.46
N ARG D 496 4.16 40.15 -30.09
CA ARG D 496 4.42 41.36 -29.34
C ARG D 496 3.17 41.80 -28.62
N GLU D 497 2.05 41.77 -29.35
CA GLU D 497 0.81 42.22 -28.76
C GLU D 497 0.44 41.34 -27.59
N LEU D 498 0.59 40.04 -27.76
CA LEU D 498 0.23 39.11 -26.71
C LEU D 498 1.04 39.37 -25.48
N TYR D 499 2.36 39.51 -25.61
CA TYR D 499 3.16 39.73 -24.41
C TYR D 499 2.80 41.03 -23.73
N THR D 500 2.72 42.07 -24.54
CA THR D 500 2.49 43.39 -23.99
C THR D 500 1.17 43.52 -23.27
N ASN D 501 0.12 42.90 -23.79
CA ASN D 501 -1.15 43.11 -23.12
C ASN D 501 -1.65 41.97 -22.28
N ASN D 502 -0.93 40.86 -22.28
CA ASN D 502 -1.42 39.70 -21.56
C ASN D 502 -0.41 39.07 -20.65
N PHE D 503 0.52 39.87 -20.15
CA PHE D 503 1.58 39.29 -19.33
C PHE D 503 1.51 40.03 -18.00
N SER D 504 1.00 39.35 -16.97
CA SER D 504 0.60 39.99 -15.74
C SER D 504 1.79 40.56 -14.97
N SER D 505 1.58 41.73 -14.37
CA SER D 505 2.69 42.51 -13.82
C SER D 505 3.30 41.88 -12.59
N LEU D 506 2.53 41.05 -11.87
CA LEU D 506 3.08 40.30 -10.76
C LEU D 506 4.16 39.33 -11.25
N VAL D 507 3.86 38.61 -12.34
CA VAL D 507 4.82 37.68 -12.94
C VAL D 507 6.04 38.41 -13.47
N PHE D 508 5.85 39.62 -14.02
CA PHE D 508 7.00 40.34 -14.55
C PHE D 508 7.91 40.86 -13.45
N LYS D 509 7.33 41.37 -12.37
CA LYS D 509 8.14 41.81 -11.23
C LYS D 509 8.85 40.62 -10.59
N ASN D 510 8.18 39.48 -10.54
CA ASN D 510 8.77 38.30 -9.95
C ASN D 510 9.91 37.75 -10.82
N LEU D 511 9.76 37.88 -12.14
CA LEU D 511 10.83 37.51 -13.06
C LEU D 511 12.01 38.46 -12.96
N GLN D 512 11.74 39.74 -12.74
CA GLN D 512 12.80 40.72 -12.50
C GLN D 512 13.63 40.35 -11.28
N ILE D 513 12.95 39.93 -10.20
CA ILE D 513 13.67 39.50 -8.99
C ILE D 513 14.48 38.24 -9.27
N ALA D 514 13.88 37.29 -10.01
CA ALA D 514 14.57 36.03 -10.30
C ALA D 514 15.79 36.24 -11.18
N LYS D 515 15.77 37.23 -12.07
CA LYS D 515 16.96 37.47 -12.87
C LYS D 515 18.01 38.21 -12.07
N ASN D 516 17.63 39.13 -11.20
CA ASN D 516 18.68 39.88 -10.52
C ASN D 516 19.33 39.09 -9.39
N SER D 517 18.58 38.24 -8.69
CA SER D 517 19.20 37.58 -7.55
C SER D 517 19.66 36.16 -7.85
N TYR D 518 18.85 35.35 -8.52
CA TYR D 518 19.20 33.95 -8.75
C TYR D 518 19.52 33.78 -10.23
N ASN D 519 20.75 34.09 -10.62
CA ASN D 519 21.07 34.30 -12.01
C ASN D 519 21.66 33.03 -12.63
N ASP D 520 21.37 32.83 -13.90
CA ASP D 520 21.86 31.68 -14.66
C ASP D 520 21.97 32.08 -16.13
N ALA D 521 22.24 31.09 -16.98
CA ALA D 521 22.44 31.38 -18.40
C ALA D 521 21.11 31.44 -19.15
N LEU D 522 20.32 30.38 -19.03
CA LEU D 522 19.03 30.30 -19.72
C LEU D 522 18.06 31.37 -19.24
N LEU D 523 18.13 31.71 -17.96
CA LEU D 523 17.24 32.74 -17.42
C LEU D 523 17.57 34.11 -17.99
N THR D 524 18.88 34.39 -18.17
CA THR D 524 19.30 35.61 -18.86
C THR D 524 18.81 35.63 -20.31
N PHE D 525 18.90 34.49 -20.99
CA PHE D 525 18.43 34.43 -22.37
C PHE D 525 16.93 34.69 -22.47
N VAL D 526 16.15 34.07 -21.58
CA VAL D 526 14.70 34.21 -21.61
C VAL D 526 14.28 35.63 -21.25
N TRP D 527 15.02 36.25 -20.34
CA TRP D 527 14.72 37.63 -19.98
C TRP D 527 15.02 38.58 -21.14
N LYS D 528 16.08 38.29 -21.89
CA LYS D 528 16.37 39.11 -23.06
C LYS D 528 15.33 38.93 -24.15
N MET D 529 14.80 37.71 -24.30
CA MET D 529 13.67 37.47 -25.21
C MET D 529 12.43 38.27 -24.81
N VAL D 530 12.09 38.25 -23.52
CA VAL D 530 10.90 38.95 -23.03
C VAL D 530 11.03 40.45 -23.26
N GLU D 531 12.18 41.02 -22.92
CA GLU D 531 12.35 42.45 -23.13
C GLU D 531 12.51 42.82 -24.59
N ASP D 532 12.92 41.90 -25.44
CA ASP D 532 12.91 42.19 -26.87
C ASP D 532 11.49 42.26 -27.40
N PHE D 533 10.63 41.34 -26.98
CA PHE D 533 9.24 41.40 -27.43
C PHE D 533 8.50 42.58 -26.86
N ARG D 534 8.85 43.00 -25.65
CA ARG D 534 8.04 43.95 -24.91
C ARG D 534 8.10 45.36 -25.50
N ARG D 535 9.19 45.71 -26.17
CA ARG D 535 9.33 47.03 -26.81
C ARG D 535 8.35 47.25 -27.95
N PRO D 557 12.79 37.78 -38.28
CA PRO D 557 12.79 39.11 -37.64
C PRO D 557 13.61 39.14 -36.37
N ILE D 558 12.99 39.25 -35.20
CA ILE D 558 13.76 39.27 -33.97
C ILE D 558 14.00 37.85 -33.45
N THR D 559 13.13 36.91 -33.80
CA THR D 559 13.38 35.50 -33.52
C THR D 559 12.64 34.63 -34.52
N ARG D 560 13.30 33.55 -34.90
CA ARG D 560 12.65 32.34 -35.38
C ARG D 560 12.24 31.53 -34.16
N HIS D 561 11.74 30.31 -34.41
CA HIS D 561 11.11 29.42 -33.42
C HIS D 561 9.96 30.12 -32.71
N PRO D 562 8.79 30.32 -33.36
CA PRO D 562 7.69 30.93 -32.64
C PRO D 562 7.08 30.04 -31.57
N LEU D 563 7.04 28.74 -31.83
CA LEU D 563 6.43 27.80 -30.90
C LEU D 563 7.13 27.80 -29.56
N GLN D 564 8.45 27.87 -29.58
CA GLN D 564 9.19 27.90 -28.34
C GLN D 564 8.83 29.14 -27.53
N ALA D 565 8.71 30.29 -28.20
CA ALA D 565 8.39 31.52 -27.49
C ALA D 565 7.01 31.44 -26.83
N LEU D 566 6.04 30.92 -27.57
CA LEU D 566 4.70 30.78 -27.04
C LEU D 566 4.71 29.81 -25.87
N PHE D 567 5.46 28.72 -25.99
CA PHE D 567 5.53 27.75 -24.93
C PHE D 567 6.11 28.39 -23.68
N ILE D 568 7.16 29.19 -23.84
CA ILE D 568 7.78 29.84 -22.69
C ILE D 568 6.80 30.78 -22.03
N TRP D 569 6.05 31.53 -22.84
CA TRP D 569 5.09 32.46 -22.28
C TRP D 569 4.08 31.69 -21.46
N SER D 570 3.57 30.61 -22.00
CA SER D 570 2.57 29.83 -21.29
C SER D 570 3.12 29.27 -20.00
N VAL D 571 4.36 28.78 -20.05
CA VAL D 571 5.01 28.21 -18.87
C VAL D 571 5.29 29.19 -17.75
N LEU D 572 5.66 30.42 -18.08
CA LEU D 572 6.00 31.37 -17.02
C LEU D 572 4.85 31.70 -16.06
N GLN D 573 3.65 31.78 -16.61
CA GLN D 573 2.45 32.18 -15.92
C GLN D 573 1.75 31.02 -15.24
N ASN D 574 2.37 29.85 -15.23
CA ASN D 574 1.89 28.65 -14.53
C ASN D 574 0.54 28.16 -15.06
N LYS D 575 0.31 28.28 -16.37
CA LYS D 575 -0.92 27.76 -16.98
C LYS D 575 -0.66 26.35 -17.50
N LYS D 576 -1.05 25.34 -16.72
CA LYS D 576 -0.77 23.96 -17.09
C LYS D 576 -1.39 23.36 -18.36
N GLU D 577 -2.69 23.51 -18.57
CA GLU D 577 -3.31 22.90 -19.75
C GLU D 577 -2.77 23.48 -21.04
N LEU D 578 -2.65 24.81 -21.04
CA LEU D 578 -2.16 25.52 -22.20
C LEU D 578 -0.72 25.13 -22.45
N SER D 579 0.07 25.02 -21.37
CA SER D 579 1.46 24.65 -21.54
C SER D 579 1.55 23.26 -22.16
N LYS D 580 0.74 22.33 -21.69
CA LYS D 580 0.80 20.99 -22.26
C LYS D 580 0.43 20.96 -23.73
N VAL D 581 -0.60 21.69 -24.15
CA VAL D 581 -0.93 21.67 -25.58
C VAL D 581 0.23 22.23 -26.42
N ILE D 582 0.79 23.33 -25.94
CA ILE D 582 1.89 23.93 -26.67
C ILE D 582 3.09 22.98 -26.74
N TRP D 583 3.37 22.28 -25.64
CA TRP D 583 4.48 21.33 -25.61
C TRP D 583 4.25 20.22 -26.61
N GLU D 584 3.02 19.74 -26.72
CA GLU D 584 2.73 18.68 -27.66
C GLU D 584 3.03 19.13 -29.09
N GLN D 585 2.69 20.36 -29.44
CA GLN D 585 3.00 20.83 -30.81
C GLN D 585 4.48 21.02 -31.32
N THR D 586 5.33 21.51 -30.43
CA THR D 586 6.69 22.00 -30.63
C THR D 586 7.57 20.89 -31.21
N ARG D 587 8.71 21.28 -31.78
CA ARG D 587 9.51 20.34 -32.55
C ARG D 587 10.44 19.50 -31.67
N GLY D 588 11.42 20.14 -31.05
CA GLY D 588 12.28 19.40 -30.15
C GLY D 588 11.55 19.23 -28.84
N CYS D 589 11.06 18.03 -28.56
CA CYS D 589 10.06 17.91 -27.50
C CYS D 589 10.68 17.59 -26.14
N THR D 590 11.59 16.62 -26.08
CA THR D 590 12.23 16.32 -24.81
C THR D 590 13.16 17.45 -24.38
N LEU D 591 13.75 18.16 -25.35
CA LEU D 591 14.53 19.34 -25.03
C LEU D 591 13.66 20.44 -24.46
N ALA D 592 12.45 20.60 -25.00
CA ALA D 592 11.55 21.64 -24.54
C ALA D 592 11.06 21.36 -23.14
N ALA D 593 10.70 20.10 -22.85
CA ALA D 593 10.28 19.74 -21.51
C ALA D 593 11.39 19.94 -20.50
N LEU D 594 12.62 19.62 -20.90
CA LEU D 594 13.72 19.73 -19.96
C LEU D 594 14.10 21.18 -19.70
N GLY D 595 14.05 22.02 -20.73
CA GLY D 595 14.27 23.44 -20.54
C GLY D 595 13.19 24.11 -19.72
N ALA D 596 11.94 23.69 -19.89
CA ALA D 596 10.87 24.27 -19.10
C ALA D 596 10.99 23.90 -17.63
N SER D 597 11.44 22.68 -17.34
CA SER D 597 11.67 22.33 -15.94
C SER D 597 12.80 23.14 -15.34
N LYS D 598 13.89 23.35 -16.10
CA LYS D 598 14.99 24.14 -15.57
C LYS D 598 14.60 25.60 -15.38
N LEU D 599 13.69 26.10 -16.18
CA LEU D 599 13.21 27.47 -16.02
C LEU D 599 12.30 27.61 -14.80
N LEU D 600 11.41 26.63 -14.58
CA LEU D 600 10.50 26.70 -13.46
C LEU D 600 11.19 26.52 -12.12
N LYS D 601 12.28 25.74 -12.06
CA LYS D 601 13.07 25.68 -10.82
C LYS D 601 13.57 27.05 -10.41
N SER D 602 14.10 27.79 -11.37
CA SER D 602 14.69 29.09 -11.07
C SER D 602 13.63 30.14 -10.80
N MET D 603 12.43 30.00 -11.36
CA MET D 603 11.35 30.88 -10.91
C MET D 603 10.84 30.49 -9.53
N ALA D 604 10.96 29.21 -9.16
CA ALA D 604 10.43 28.77 -7.88
C ALA D 604 11.40 28.95 -6.74
N LYS D 605 12.66 29.31 -7.00
CA LYS D 605 13.54 29.68 -5.90
C LYS D 605 13.16 31.01 -5.24
N VAL D 606 12.33 31.83 -5.88
CA VAL D 606 12.03 33.16 -5.37
C VAL D 606 11.16 33.05 -4.12
N LYS D 607 11.16 34.10 -3.29
CA LYS D 607 10.51 34.08 -1.99
C LYS D 607 9.51 35.21 -1.82
N ASN D 608 9.21 35.95 -2.87
CA ASN D 608 8.27 37.06 -2.78
C ASN D 608 6.85 36.56 -2.54
N ASP D 609 6.47 35.46 -3.17
CA ASP D 609 5.12 34.93 -3.11
C ASP D 609 5.21 33.40 -3.08
N ILE D 610 4.79 32.80 -1.97
CA ILE D 610 4.96 31.36 -1.80
C ILE D 610 3.92 30.59 -2.62
N ASN D 611 2.75 31.21 -2.87
CA ASN D 611 1.69 30.52 -3.61
C ASN D 611 2.07 30.27 -5.05
N ALA D 612 2.76 31.22 -5.69
CA ALA D 612 3.23 30.98 -7.04
C ALA D 612 4.38 29.98 -7.06
N ALA D 613 5.22 30.00 -6.03
CA ALA D 613 6.38 29.11 -5.99
C ALA D 613 5.96 27.65 -5.83
N GLY D 614 4.88 27.39 -5.09
CA GLY D 614 4.40 26.02 -4.97
C GLY D 614 3.93 25.42 -6.29
N GLU D 615 3.11 26.18 -7.02
CA GLU D 615 2.62 25.73 -8.33
C GLU D 615 3.76 25.57 -9.32
N SER D 616 4.74 26.46 -9.25
CA SER D 616 5.87 26.38 -10.17
C SER D 616 6.72 25.15 -9.90
N GLU D 617 6.91 24.78 -8.64
CA GLU D 617 7.68 23.59 -8.33
C GLU D 617 6.95 22.31 -8.74
N GLU D 618 5.62 22.28 -8.56
CA GLU D 618 4.83 21.13 -9.02
C GLU D 618 4.94 20.94 -10.53
N LEU D 619 4.82 22.04 -11.29
CA LEU D 619 4.87 21.93 -12.74
C LEU D 619 6.26 21.56 -13.23
N ALA D 620 7.31 22.00 -12.53
CA ALA D 620 8.66 21.59 -12.87
C ALA D 620 8.85 20.09 -12.70
N ASN D 621 8.29 19.52 -11.62
CA ASN D 621 8.39 18.08 -11.43
C ASN D 621 7.63 17.31 -12.50
N GLU D 622 6.46 17.83 -12.92
CA GLU D 622 5.71 17.17 -13.98
C GLU D 622 6.46 17.15 -15.30
N TYR D 623 7.13 18.26 -15.66
CA TYR D 623 7.86 18.23 -16.92
C TYR D 623 9.14 17.40 -16.85
N GLU D 624 9.76 17.30 -15.68
CA GLU D 624 10.90 16.39 -15.53
C GLU D 624 10.51 14.94 -15.78
N THR D 625 9.42 14.48 -15.13
CA THR D 625 9.02 13.09 -15.32
C THR D 625 8.54 12.83 -16.73
N ARG D 626 7.93 13.83 -17.36
CA ARG D 626 7.50 13.69 -18.74
C ARG D 626 8.68 13.56 -19.69
N ALA D 627 9.74 14.35 -19.46
CA ALA D 627 10.95 14.25 -20.29
C ALA D 627 11.62 12.89 -20.15
N VAL D 628 11.73 12.38 -18.92
CA VAL D 628 12.45 11.13 -18.75
C VAL D 628 11.65 9.95 -19.29
N GLU D 629 10.31 9.98 -19.17
CA GLU D 629 9.49 8.92 -19.75
C GLU D 629 9.58 8.93 -21.28
N LEU D 630 9.57 10.12 -21.88
CA LEU D 630 9.67 10.21 -23.33
C LEU D 630 11.02 9.73 -23.84
N PHE D 631 12.10 10.04 -23.11
CA PHE D 631 13.39 9.60 -23.64
C PHE D 631 13.61 8.11 -23.45
N THR D 632 13.07 7.51 -22.38
CA THR D 632 13.13 6.05 -22.27
C THR D 632 12.38 5.38 -23.42
N GLU D 633 11.19 5.91 -23.75
CA GLU D 633 10.45 5.44 -24.91
C GLU D 633 11.25 5.59 -26.21
N CYS D 634 11.91 6.73 -26.39
CA CYS D 634 12.68 6.97 -27.62
C CYS D 634 13.94 6.11 -27.69
N TYR D 635 14.48 5.74 -26.55
CA TYR D 635 15.71 4.94 -26.56
C TYR D 635 15.40 3.47 -26.78
N SER D 636 14.18 3.04 -26.47
CA SER D 636 13.84 1.63 -26.67
C SER D 636 13.79 1.23 -28.14
N ASN D 637 13.57 2.16 -29.06
CA ASN D 637 13.54 1.73 -30.47
C ASN D 637 14.94 1.67 -31.09
N ASP D 638 15.59 2.80 -31.26
CA ASP D 638 16.86 2.86 -31.97
C ASP D 638 17.89 3.54 -31.09
N GLU D 639 19.01 2.87 -30.84
CA GLU D 639 20.01 3.37 -29.93
C GLU D 639 20.79 4.53 -30.55
N ASP D 640 21.22 4.36 -31.81
CA ASP D 640 22.04 5.37 -32.47
C ASP D 640 21.27 6.66 -32.70
N LEU D 641 20.00 6.55 -33.08
CA LEU D 641 19.20 7.75 -33.30
C LEU D 641 18.95 8.49 -32.00
N ALA D 642 18.72 7.78 -30.90
CA ALA D 642 18.47 8.45 -29.63
C ALA D 642 19.73 9.13 -29.11
N GLU D 643 20.90 8.56 -29.37
CA GLU D 643 22.11 9.25 -28.96
C GLU D 643 22.39 10.47 -29.83
N GLN D 644 22.11 10.36 -31.12
CA GLN D 644 22.17 11.52 -32.02
C GLN D 644 21.17 12.58 -31.61
N LEU D 645 20.08 12.18 -30.97
CA LEU D 645 19.08 13.11 -30.46
C LEU D 645 19.52 13.78 -29.17
N LEU D 646 20.25 13.07 -28.30
CA LEU D 646 20.85 13.72 -27.13
C LEU D 646 21.83 14.80 -27.53
N THR D 647 22.74 14.48 -28.43
CA THR D 647 23.73 15.53 -28.68
C THR D 647 23.24 16.69 -29.59
N TYR D 648 21.97 16.79 -29.96
CA TYR D 648 21.49 17.84 -30.86
C TYR D 648 21.15 19.09 -30.09
N SER D 649 21.59 20.24 -30.59
CA SER D 649 21.56 21.49 -29.84
C SER D 649 20.94 22.60 -30.67
N CYS D 650 19.94 23.26 -30.11
CA CYS D 650 19.23 24.31 -30.83
C CYS D 650 19.47 25.68 -30.21
N GLU D 651 18.94 26.70 -30.88
CA GLU D 651 19.13 28.09 -30.50
C GLU D 651 17.97 28.66 -29.73
N ALA D 652 16.81 28.02 -29.75
CA ALA D 652 15.66 28.52 -29.00
C ALA D 652 15.92 28.49 -27.51
N TRP D 653 16.57 27.44 -27.03
CA TRP D 653 17.14 27.45 -25.70
C TRP D 653 18.57 27.94 -25.84
N GLY D 654 19.24 28.19 -24.74
CA GLY D 654 20.46 28.99 -24.82
C GLY D 654 21.68 28.36 -25.47
N GLY D 655 21.53 27.91 -26.70
CA GLY D 655 22.56 27.16 -27.41
C GLY D 655 23.00 25.91 -26.68
N SER D 656 22.05 25.10 -26.26
CA SER D 656 22.35 24.03 -25.32
C SER D 656 21.56 22.79 -25.67
N ASN D 657 22.24 21.65 -25.78
CA ASN D 657 21.62 20.38 -26.04
C ASN D 657 20.96 19.82 -24.79
N CYS D 658 20.36 18.65 -24.94
CA CYS D 658 19.51 18.07 -23.90
C CYS D 658 20.31 17.69 -22.65
N LEU D 659 21.52 17.19 -22.88
CA LEU D 659 22.33 16.61 -21.82
C LEU D 659 22.94 17.68 -20.91
N GLU D 660 23.54 18.71 -21.51
CA GLU D 660 24.08 19.84 -20.76
C GLU D 660 23.01 20.57 -19.96
N LEU D 661 21.81 20.67 -20.52
CA LEU D 661 20.71 21.34 -19.85
C LEU D 661 20.24 20.55 -18.65
N ALA D 662 20.14 19.22 -18.79
CA ALA D 662 19.83 18.37 -17.63
C ALA D 662 20.90 18.42 -16.57
N VAL D 663 22.15 18.66 -16.94
CA VAL D 663 23.20 18.76 -15.92
C VAL D 663 23.13 20.08 -15.18
N GLU D 664 22.83 21.18 -15.89
CA GLU D 664 22.68 22.47 -15.22
C GLU D 664 21.45 22.51 -14.32
N ALA D 665 20.38 21.82 -14.71
CA ALA D 665 19.19 21.79 -13.85
C ALA D 665 19.41 20.99 -12.57
N ARG D 666 20.39 20.08 -12.57
CA ARG D 666 20.69 19.17 -11.46
C ARG D 666 19.48 18.33 -11.10
N ASP D 667 19.06 17.48 -12.03
CA ASP D 667 18.07 16.46 -11.74
C ASP D 667 18.74 15.10 -11.79
N GLN D 668 18.58 14.34 -10.73
CA GLN D 668 19.21 13.03 -10.65
C GLN D 668 18.53 12.06 -11.61
N GLN D 669 17.22 12.23 -11.81
CA GLN D 669 16.39 11.24 -12.46
C GLN D 669 16.68 11.11 -13.94
N PHE D 670 17.21 12.15 -14.57
CA PHE D 670 17.42 12.04 -16.01
C PHE D 670 18.78 11.46 -16.34
N ILE D 671 19.81 11.76 -15.54
CA ILE D 671 21.11 11.13 -15.75
C ILE D 671 21.15 9.72 -15.17
N ALA D 672 20.21 9.38 -14.30
CA ALA D 672 20.24 8.08 -13.66
C ALA D 672 19.69 6.94 -14.52
N GLN D 673 18.94 7.24 -15.58
CA GLN D 673 18.28 6.20 -16.36
C GLN D 673 19.31 5.43 -17.18
N PRO D 674 18.99 4.20 -17.63
CA PRO D 674 20.02 3.39 -18.29
C PRO D 674 20.47 3.87 -19.65
N GLY D 675 19.67 4.68 -20.35
CA GLY D 675 20.04 5.08 -21.69
C GLY D 675 21.24 6.02 -21.72
N VAL D 676 21.17 7.08 -20.91
CA VAL D 676 22.28 8.02 -20.87
C VAL D 676 23.50 7.40 -20.22
N GLN D 677 23.31 6.43 -19.32
CA GLN D 677 24.44 5.70 -18.76
C GLN D 677 25.12 4.83 -19.81
N ASN D 678 24.34 4.20 -20.68
CA ASN D 678 24.94 3.43 -21.77
C ASN D 678 25.71 4.34 -22.73
N PHE D 679 25.13 5.50 -23.05
CA PHE D 679 25.82 6.49 -23.88
C PHE D 679 27.13 6.92 -23.26
N LEU D 680 27.10 7.23 -21.97
CA LEU D 680 28.26 7.76 -21.29
C LEU D 680 29.35 6.71 -21.17
N SER D 681 28.96 5.46 -20.91
CA SER D 681 29.93 4.38 -20.78
C SER D 681 30.61 4.08 -22.11
N LYS D 682 29.83 3.96 -23.18
CA LYS D 682 30.50 3.62 -24.42
C LYS D 682 31.11 4.82 -25.11
N GLN D 683 30.95 6.02 -24.56
CA GLN D 683 31.83 7.10 -24.95
C GLN D 683 33.06 7.18 -24.05
N TRP D 684 32.99 6.57 -22.87
CA TRP D 684 34.17 6.43 -22.02
C TRP D 684 35.15 5.43 -22.58
N TYR D 685 34.68 4.28 -23.05
CA TYR D 685 35.60 3.29 -23.58
C TYR D 685 36.10 3.64 -24.97
N GLY D 686 35.31 4.35 -25.76
CA GLY D 686 35.78 4.75 -27.06
C GLY D 686 35.63 3.65 -28.09
N GLU D 687 36.57 3.62 -29.02
CA GLU D 687 36.59 2.66 -30.12
C GLU D 687 36.70 1.24 -29.62
N ILE D 688 37.47 1.03 -28.55
CA ILE D 688 37.63 -0.29 -27.98
C ILE D 688 36.25 -0.79 -27.58
N SER D 689 35.94 -2.00 -28.00
CA SER D 689 34.65 -2.60 -27.68
C SER D 689 34.64 -3.13 -26.27
N ARG D 690 33.43 -3.43 -25.79
CA ARG D 690 33.22 -4.00 -24.47
C ARG D 690 33.25 -5.54 -24.55
N ASP D 691 32.79 -6.21 -23.49
CA ASP D 691 32.77 -7.68 -23.41
C ASP D 691 34.20 -8.21 -23.59
N THR D 692 35.08 -7.40 -23.03
CA THR D 692 36.52 -7.53 -22.87
C THR D 692 36.89 -7.13 -21.45
N LYS D 693 37.59 -8.03 -20.75
CA LYS D 693 37.87 -7.84 -19.34
C LYS D 693 38.86 -6.70 -19.14
N ASN D 694 38.85 -6.12 -17.94
CA ASN D 694 39.74 -5.00 -17.64
C ASN D 694 41.20 -5.41 -17.63
N TRP D 695 41.50 -6.61 -17.11
CA TRP D 695 42.89 -7.04 -17.02
C TRP D 695 43.50 -7.29 -18.39
N LYS D 696 42.69 -7.63 -19.38
CA LYS D 696 43.19 -7.77 -20.75
C LYS D 696 43.64 -6.42 -21.29
N ILE D 697 42.87 -5.38 -21.01
CA ILE D 697 43.24 -4.02 -21.43
C ILE D 697 44.49 -3.56 -20.72
N ILE D 698 44.63 -3.91 -19.44
CA ILE D 698 45.82 -3.49 -18.68
C ILE D 698 47.07 -4.22 -19.18
N LEU D 699 46.96 -5.51 -19.48
CA LEU D 699 48.11 -6.24 -20.00
C LEU D 699 48.48 -5.78 -21.40
N CYS D 700 47.50 -5.38 -22.22
CA CYS D 700 47.87 -4.79 -23.50
C CYS D 700 48.41 -3.38 -23.33
N LEU D 701 48.13 -2.77 -22.19
CA LEU D 701 48.62 -1.44 -21.90
C LEU D 701 50.11 -1.56 -21.70
N PHE D 702 50.53 -2.46 -20.81
CA PHE D 702 51.95 -2.68 -20.55
C PHE D 702 52.65 -3.25 -21.78
N PHE D 703 52.19 -4.40 -22.26
CA PHE D 703 52.85 -5.11 -23.35
C PHE D 703 52.25 -4.67 -24.68
N PHE D 704 53.07 -4.01 -25.49
CA PHE D 704 52.60 -3.38 -26.73
C PHE D 704 52.04 -4.35 -27.77
N PRO D 705 52.80 -5.30 -28.34
CA PRO D 705 52.36 -5.95 -29.60
C PRO D 705 51.15 -6.85 -29.47
N LEU D 706 50.70 -7.14 -28.25
CA LEU D 706 49.44 -7.85 -28.02
C LEU D 706 48.24 -7.13 -28.61
N ILE D 707 48.33 -5.81 -28.77
CA ILE D 707 47.27 -5.06 -29.45
C ILE D 707 47.12 -5.53 -30.89
N GLY D 708 48.24 -5.88 -31.54
CA GLY D 708 48.16 -6.49 -32.85
C GLY D 708 47.73 -7.94 -32.85
N CYS D 709 47.80 -8.59 -31.68
CA CYS D 709 47.47 -10.01 -31.59
C CYS D 709 45.97 -10.27 -31.77
N GLY D 710 45.13 -9.28 -31.49
CA GLY D 710 43.70 -9.51 -31.41
C GLY D 710 43.24 -9.94 -30.04
N PHE D 711 44.09 -9.79 -29.03
CA PHE D 711 43.74 -10.18 -27.67
C PHE D 711 42.65 -9.28 -27.09
N ILE D 712 42.56 -8.04 -27.56
CA ILE D 712 41.43 -7.17 -27.33
C ILE D 712 40.63 -7.12 -28.63
N SER D 713 39.31 -7.18 -28.52
CA SER D 713 38.46 -7.03 -29.68
C SER D 713 38.03 -5.58 -29.84
N PHE D 714 37.76 -5.18 -31.08
CA PHE D 714 37.38 -3.82 -31.42
C PHE D 714 36.07 -3.85 -32.20
N ARG D 715 35.42 -2.69 -32.28
CA ARG D 715 34.22 -2.58 -33.10
C ARG D 715 34.59 -2.61 -34.58
N LYS D 716 33.70 -3.19 -35.38
CA LYS D 716 33.90 -3.25 -36.82
C LYS D 716 33.71 -1.88 -37.45
N LYS D 723 47.80 -2.61 -43.46
CA LYS D 723 47.89 -1.41 -42.64
C LYS D 723 46.72 -1.31 -41.67
N LYS D 724 46.00 -2.42 -41.50
CA LYS D 724 44.87 -2.46 -40.58
C LYS D 724 45.35 -2.36 -39.13
N LEU D 725 46.51 -2.98 -38.83
CA LEU D 725 47.06 -2.94 -37.47
C LEU D 725 47.39 -1.53 -37.04
N PHE D 726 47.74 -0.65 -37.97
CA PHE D 726 47.88 0.76 -37.67
C PHE D 726 46.55 1.37 -37.21
N LEU D 727 45.45 0.98 -37.86
CA LEU D 727 44.14 1.47 -37.45
C LEU D 727 43.74 0.93 -36.08
N TYR D 728 44.10 -0.32 -35.78
CA TYR D 728 43.86 -0.86 -34.45
C TYR D 728 44.68 -0.12 -33.39
N TYR D 729 45.93 0.23 -33.71
CA TYR D 729 46.75 0.99 -32.77
C TYR D 729 46.18 2.38 -32.52
N VAL D 730 45.71 3.05 -33.58
CA VAL D 730 45.13 4.37 -33.43
C VAL D 730 43.85 4.32 -32.61
N SER D 731 42.99 3.33 -32.88
CA SER D 731 41.76 3.18 -32.13
C SER D 731 42.02 2.83 -30.67
N PHE D 732 43.06 2.05 -30.39
CA PHE D 732 43.39 1.75 -29.00
C PHE D 732 43.93 2.97 -28.27
N PHE D 733 44.82 3.70 -28.91
CA PHE D 733 45.47 4.86 -28.29
C PHE D 733 44.60 6.09 -28.11
N THR D 734 43.64 6.30 -29.00
CA THR D 734 42.79 7.49 -28.88
C THR D 734 41.63 7.29 -27.90
N SER D 735 41.54 6.18 -27.22
CA SER D 735 40.47 5.93 -26.27
C SER D 735 40.71 6.67 -24.95
N PRO D 736 39.65 7.13 -24.28
CA PRO D 736 39.84 7.86 -23.03
C PRO D 736 40.31 7.00 -21.87
N PHE D 737 39.91 5.74 -21.82
CA PHE D 737 40.26 4.88 -20.69
C PHE D 737 41.76 4.61 -20.65
N VAL D 738 42.33 4.38 -21.83
CA VAL D 738 43.75 4.12 -21.97
C VAL D 738 44.50 5.37 -21.57
N VAL D 739 44.04 6.53 -22.04
CA VAL D 739 44.67 7.79 -21.71
C VAL D 739 44.60 8.05 -20.23
N PHE D 740 43.46 7.71 -19.63
CA PHE D 740 43.25 7.87 -18.20
C PHE D 740 44.23 6.98 -17.45
N SER D 741 44.39 5.76 -17.94
CA SER D 741 45.29 4.79 -17.33
C SER D 741 46.75 5.22 -17.42
N TRP D 742 47.16 5.73 -18.57
CA TRP D 742 48.55 6.16 -18.73
C TRP D 742 48.87 7.32 -17.81
N ASN D 743 47.92 8.25 -17.68
CA ASN D 743 48.10 9.40 -16.80
C ASN D 743 48.30 8.96 -15.35
N VAL D 744 47.50 7.99 -14.92
CA VAL D 744 47.59 7.47 -13.56
C VAL D 744 48.98 6.92 -13.30
N ILE D 745 49.51 6.19 -14.27
CA ILE D 745 50.85 5.61 -14.13
C ILE D 745 51.93 6.67 -14.03
N PHE D 746 51.81 7.72 -14.84
CA PHE D 746 52.80 8.80 -14.82
C PHE D 746 52.72 9.65 -13.56
N TYR D 747 51.50 9.94 -13.13
CA TYR D 747 51.30 10.73 -11.92
C TYR D 747 51.95 10.01 -10.75
N ILE D 748 51.79 8.70 -10.71
CA ILE D 748 52.39 7.90 -9.65
C ILE D 748 53.91 7.95 -9.74
N ALA D 749 54.43 7.86 -10.96
CA ALA D 749 55.87 7.92 -11.15
C ALA D 749 56.44 9.26 -10.71
N PHE D 750 55.72 10.33 -11.02
CA PHE D 750 56.14 11.68 -10.67
C PHE D 750 56.22 11.86 -9.16
N LEU D 751 55.22 11.32 -8.46
CA LEU D 751 55.16 11.40 -7.01
C LEU D 751 56.37 10.72 -6.37
N LEU D 752 56.79 9.58 -6.92
CA LEU D 752 57.98 8.90 -6.37
C LEU D 752 59.25 9.68 -6.70
N LEU D 753 59.30 10.36 -7.86
CA LEU D 753 60.44 11.24 -8.15
C LEU D 753 60.52 12.39 -7.15
N PHE D 754 59.37 12.95 -6.79
CA PHE D 754 59.34 14.03 -5.79
C PHE D 754 59.84 13.52 -4.44
N ALA D 755 59.39 12.32 -4.06
CA ALA D 755 59.84 11.72 -2.80
C ALA D 755 61.34 11.42 -2.81
N TYR D 756 61.89 11.07 -3.98
CA TYR D 756 63.33 10.85 -4.07
C TYR D 756 64.11 12.16 -3.92
N VAL D 757 63.67 13.21 -4.61
CA VAL D 757 64.44 14.46 -4.63
C VAL D 757 64.27 15.24 -3.32
N LEU D 758 63.20 14.98 -2.54
CA LEU D 758 63.10 15.61 -1.22
C LEU D 758 64.21 15.19 -0.26
N LEU D 759 64.83 14.03 -0.47
CA LEU D 759 65.91 13.59 0.40
C LEU D 759 67.30 13.87 -0.16
N MET D 760 67.59 13.43 -1.38
CA MET D 760 68.96 13.34 -1.85
C MET D 760 69.44 14.62 -2.53
N ASP D 761 68.85 14.97 -3.68
CA ASP D 761 69.42 16.00 -4.54
C ASP D 761 69.23 17.40 -3.99
N PHE D 762 68.27 17.59 -3.08
CA PHE D 762 68.05 18.90 -2.49
C PHE D 762 69.17 19.21 -1.49
N GLN D 763 70.19 19.93 -1.94
CA GLN D 763 71.43 20.09 -1.18
C GLN D 763 71.93 21.53 -1.19
N LYS D 764 70.99 22.49 -1.25
CA LYS D 764 71.26 23.94 -1.41
C LYS D 764 72.08 24.21 -2.67
N GLU D 765 71.80 23.45 -3.73
CA GLU D 765 72.45 23.58 -5.01
C GLU D 765 71.42 23.29 -6.08
N PRO D 766 71.40 24.06 -7.17
CA PRO D 766 70.44 23.80 -8.24
C PRO D 766 70.74 22.53 -9.02
N THR D 767 70.37 21.38 -8.48
CA THR D 767 70.53 20.11 -9.20
C THR D 767 69.55 20.04 -10.35
N ALA D 768 69.89 19.19 -11.34
CA ALA D 768 69.08 19.08 -12.56
C ALA D 768 67.73 18.43 -12.30
N LEU D 769 67.64 17.59 -11.26
CA LEU D 769 66.37 16.97 -10.92
C LEU D 769 65.36 18.00 -10.44
N GLU D 770 65.84 19.05 -9.76
CA GLU D 770 64.99 20.18 -9.41
C GLU D 770 64.47 20.89 -10.67
N ILE D 771 65.30 20.99 -11.70
CA ILE D 771 64.89 21.62 -12.95
C ILE D 771 63.82 20.80 -13.64
N ILE D 772 64.01 19.47 -13.70
CA ILE D 772 63.03 18.59 -14.32
C ILE D 772 61.72 18.60 -13.54
N LEU D 773 61.81 18.70 -12.21
CA LEU D 773 60.63 18.80 -11.36
C LEU D 773 59.86 20.10 -11.64
N TYR D 774 60.58 21.21 -11.79
CA TYR D 774 59.95 22.48 -12.11
C TYR D 774 59.30 22.46 -13.49
N VAL D 775 59.92 21.75 -14.43
CA VAL D 775 59.33 21.61 -15.77
C VAL D 775 58.03 20.80 -15.70
N LEU D 776 58.00 19.75 -14.88
CA LEU D 776 56.78 18.94 -14.75
C LEU D 776 55.66 19.73 -14.08
N VAL D 777 56.00 20.54 -13.07
CA VAL D 777 54.98 21.40 -12.46
C VAL D 777 54.51 22.47 -13.45
N PHE D 778 55.39 22.94 -14.35
CA PHE D 778 54.93 23.86 -15.38
C PHE D 778 54.01 23.19 -16.39
N ILE D 779 54.23 21.89 -16.67
CA ILE D 779 53.28 21.15 -17.51
C ILE D 779 51.92 21.06 -16.82
N LEU D 780 51.97 20.91 -15.50
CA LEU D 780 50.77 20.87 -14.68
C LEU D 780 50.01 22.19 -14.73
N LEU D 781 50.73 23.31 -14.68
CA LEU D 781 50.07 24.62 -14.69
C LEU D 781 49.56 24.97 -16.09
N CYS D 782 50.22 24.47 -17.15
CA CYS D 782 49.68 24.65 -18.50
C CYS D 782 48.37 23.89 -18.67
N ASP D 783 48.31 22.66 -18.11
CA ASP D 783 47.07 21.90 -18.12
C ASP D 783 45.95 22.63 -17.39
N GLU D 784 46.28 23.22 -16.24
CA GLU D 784 45.27 23.96 -15.47
C GLU D 784 44.80 25.18 -16.25
N VAL D 785 45.73 25.88 -16.88
CA VAL D 785 45.41 27.07 -17.67
C VAL D 785 44.42 26.73 -18.77
N ARG D 786 44.69 25.65 -19.51
CA ARG D 786 43.75 25.26 -20.57
C ARG D 786 42.42 24.79 -20.01
N GLN D 787 42.46 24.12 -18.85
CA GLN D 787 41.25 23.64 -18.20
C GLN D 787 40.37 24.80 -17.72
N TRP D 788 40.98 25.92 -17.31
CA TRP D 788 40.19 27.10 -16.98
C TRP D 788 39.76 27.85 -18.23
N TYR D 789 40.60 27.86 -19.27
CA TYR D 789 40.27 28.60 -20.48
C TYR D 789 39.09 27.98 -21.22
N MET D 790 38.86 26.68 -21.04
CA MET D 790 37.67 26.07 -21.65
C MET D 790 36.39 26.57 -21.00
N ASN D 791 36.29 26.51 -19.67
CA ASN D 791 35.13 27.02 -18.94
C ASN D 791 35.58 27.83 -17.73
N GLY D 792 35.05 29.05 -17.60
CA GLY D 792 35.54 29.97 -16.60
C GLY D 792 35.05 29.78 -15.17
N SER D 793 33.76 29.98 -14.94
CA SER D 793 33.25 29.96 -13.57
C SER D 793 33.11 28.53 -13.06
N LYS D 794 32.71 27.61 -13.95
CA LYS D 794 32.55 26.21 -13.57
C LYS D 794 33.89 25.57 -13.20
N TYR D 795 35.00 26.12 -13.70
CA TYR D 795 36.32 25.67 -13.26
C TYR D 795 36.52 25.88 -11.77
N PHE D 796 36.25 27.09 -11.28
CA PHE D 796 36.45 27.34 -9.86
C PHE D 796 35.27 26.86 -9.03
N SER D 797 34.16 26.49 -9.67
CA SER D 797 33.03 25.94 -8.94
C SER D 797 33.36 24.59 -8.30
N ASP D 798 34.30 23.84 -8.88
CA ASP D 798 34.61 22.50 -8.41
C ASP D 798 35.51 22.54 -7.17
N LEU D 799 35.56 21.40 -6.48
CA LEU D 799 36.43 21.25 -5.32
C LEU D 799 37.87 20.99 -5.74
N TRP D 800 38.06 20.08 -6.69
CA TRP D 800 39.40 19.59 -7.00
C TRP D 800 40.24 20.65 -7.69
N ASN D 801 39.60 21.46 -8.53
CA ASN D 801 40.27 22.53 -9.23
C ASN D 801 40.79 23.54 -8.21
N VAL D 802 39.97 23.81 -7.21
CA VAL D 802 40.35 24.75 -6.17
C VAL D 802 41.55 24.20 -5.42
N MET D 803 41.53 22.91 -5.10
CA MET D 803 42.64 22.30 -4.40
C MET D 803 43.91 22.36 -5.23
N ASP D 804 43.81 22.06 -6.52
CA ASP D 804 44.97 22.11 -7.39
C ASP D 804 45.52 23.53 -7.54
N THR D 805 44.63 24.51 -7.64
CA THR D 805 45.03 25.90 -7.79
C THR D 805 45.82 26.31 -6.55
N LEU D 806 45.36 25.88 -5.39
CA LEU D 806 46.04 26.18 -4.14
C LEU D 806 47.42 25.54 -4.07
N GLY D 807 47.46 24.24 -4.32
CA GLY D 807 48.70 23.48 -4.31
C GLY D 807 49.70 23.90 -5.37
N ILE D 808 49.20 24.37 -6.51
CA ILE D 808 50.10 24.79 -7.58
C ILE D 808 50.67 26.19 -7.37
N PHE D 809 49.91 27.08 -6.74
CA PHE D 809 50.41 28.41 -6.44
C PHE D 809 51.41 28.38 -5.29
N TYR D 810 51.14 27.54 -4.29
CA TYR D 810 51.99 27.50 -3.11
C TYR D 810 53.37 26.90 -3.41
N PHE D 811 53.45 26.02 -4.41
CA PHE D 811 54.75 25.45 -4.80
C PHE D 811 55.60 26.47 -5.53
N ILE D 812 54.99 27.29 -6.39
CA ILE D 812 55.72 28.35 -7.07
C ILE D 812 56.15 29.42 -6.07
N ALA D 813 55.32 29.67 -5.04
CA ALA D 813 55.74 30.53 -3.95
C ALA D 813 56.92 29.95 -3.17
N GLY D 814 56.95 28.62 -3.02
CA GLY D 814 58.10 28.00 -2.40
C GLY D 814 59.37 28.13 -3.22
N ILE D 815 59.24 28.04 -4.55
CA ILE D 815 60.36 28.31 -5.44
C ILE D 815 60.83 29.76 -5.29
N VAL D 816 59.87 30.68 -5.09
CA VAL D 816 60.20 32.10 -4.93
C VAL D 816 60.96 32.34 -3.64
N PHE D 817 60.52 31.71 -2.54
CA PHE D 817 61.26 31.81 -1.27
C PHE D 817 62.63 31.16 -1.37
N ARG D 818 62.74 30.02 -2.06
CA ARG D 818 64.03 29.34 -2.15
C ARG D 818 65.00 30.10 -3.06
N LEU D 819 64.47 30.89 -3.99
CA LEU D 819 65.31 31.51 -5.02
C LEU D 819 66.19 32.62 -4.45
N HIS D 820 65.59 33.60 -3.79
CA HIS D 820 66.35 34.72 -3.26
C HIS D 820 67.18 34.32 -2.04
N SER D 825 66.66 30.85 5.06
CA SER D 825 65.45 30.80 4.25
C SER D 825 65.39 29.50 3.46
N TRP D 826 66.52 28.78 3.45
CA TRP D 826 66.59 27.47 2.84
C TRP D 826 65.66 26.48 3.53
N TYR D 827 65.67 26.50 4.86
CA TYR D 827 64.81 25.61 5.64
C TYR D 827 63.34 25.96 5.44
N SER D 828 63.04 27.24 5.24
CA SER D 828 61.68 27.67 4.96
C SER D 828 61.17 27.10 3.63
N GLY D 829 62.01 27.17 2.59
CA GLY D 829 61.64 26.60 1.30
C GLY D 829 61.49 25.09 1.35
N ARG D 830 62.35 24.43 2.13
CA ARG D 830 62.24 22.97 2.27
C ARG D 830 60.94 22.58 2.99
N VAL D 831 60.59 23.32 4.05
CA VAL D 831 59.33 23.08 4.75
C VAL D 831 58.13 23.37 3.84
N ILE D 832 58.22 24.39 3.00
CA ILE D 832 57.11 24.69 2.08
C ILE D 832 56.96 23.60 1.02
N PHE D 833 58.08 23.05 0.52
CA PHE D 833 57.99 21.93 -0.43
C PHE D 833 57.39 20.69 0.21
N CYS D 834 57.75 20.41 1.47
CA CYS D 834 57.17 19.26 2.16
C CYS D 834 55.67 19.48 2.46
N LEU D 835 55.30 20.72 2.78
CA LEU D 835 53.90 21.08 2.98
C LEU D 835 53.10 20.90 1.69
N ASP D 836 53.68 21.29 0.56
CA ASP D 836 53.03 21.07 -0.72
C ASP D 836 52.92 19.59 -1.05
N TYR D 837 53.88 18.80 -0.56
CA TYR D 837 53.89 17.37 -0.83
C TYR D 837 52.62 16.76 -0.25
N ILE D 838 52.24 17.24 0.94
CA ILE D 838 51.02 16.79 1.58
C ILE D 838 49.80 17.16 0.73
N VAL D 839 49.85 18.34 0.14
CA VAL D 839 48.75 18.83 -0.70
C VAL D 839 48.69 18.15 -2.06
N PHE D 840 49.75 17.45 -2.44
CA PHE D 840 49.81 16.76 -3.73
C PHE D 840 49.55 15.26 -3.61
N THR D 841 49.64 14.74 -2.40
CA THR D 841 49.43 13.31 -2.15
C THR D 841 47.96 12.98 -1.86
N LEU D 842 47.26 13.93 -1.25
CA LEU D 842 45.85 13.79 -0.93
C LEU D 842 45.02 13.68 -2.21
N ARG D 843 45.48 14.39 -3.24
CA ARG D 843 44.80 14.47 -4.53
C ARG D 843 44.64 13.15 -5.27
N LEU D 844 45.48 12.18 -4.90
CA LEU D 844 45.50 10.85 -5.49
C LEU D 844 44.18 10.14 -5.28
N ILE D 845 43.42 10.59 -4.28
CA ILE D 845 42.12 10.03 -3.92
C ILE D 845 41.05 10.12 -5.01
N HIS D 846 41.15 11.13 -5.87
CA HIS D 846 40.22 11.37 -6.97
C HIS D 846 40.13 10.24 -7.99
N ILE D 847 41.23 9.52 -8.20
CA ILE D 847 41.31 8.41 -9.15
C ILE D 847 40.33 7.27 -8.86
N PHE D 848 40.07 7.01 -7.58
CA PHE D 848 39.19 5.92 -7.15
C PHE D 848 37.71 6.00 -7.49
N THR D 849 37.23 7.17 -7.91
CA THR D 849 35.82 7.38 -8.25
C THR D 849 35.23 6.57 -9.40
N VAL D 850 36.08 6.08 -10.30
CA VAL D 850 35.61 5.33 -11.47
C VAL D 850 34.83 4.01 -11.27
N SER D 851 35.23 3.16 -10.33
CA SER D 851 34.58 1.89 -10.12
C SER D 851 33.21 2.06 -9.47
N ARG D 852 32.34 1.08 -9.70
CA ARG D 852 31.03 1.03 -9.05
C ARG D 852 31.14 0.97 -7.54
N ASN D 853 32.18 0.32 -7.03
CA ASN D 853 32.23 -0.04 -5.61
C ASN D 853 32.91 1.02 -4.76
N LEU D 854 33.91 1.71 -5.29
CA LEU D 854 34.68 2.68 -4.51
C LEU D 854 34.14 4.10 -4.61
N GLY D 855 33.35 4.39 -5.64
CA GLY D 855 32.76 5.70 -5.84
C GLY D 855 31.87 6.21 -4.71
N PRO D 856 30.82 5.46 -4.36
CA PRO D 856 29.98 5.85 -3.23
C PRO D 856 30.70 5.96 -1.89
N LYS D 857 31.83 5.27 -1.72
CA LYS D 857 32.58 5.39 -0.46
C LYS D 857 33.22 6.77 -0.32
N ILE D 858 33.86 7.25 -1.39
CA ILE D 858 34.42 8.60 -1.39
C ILE D 858 33.31 9.64 -1.35
N ILE D 859 32.13 9.32 -1.92
CA ILE D 859 30.98 10.22 -1.79
C ILE D 859 30.55 10.35 -0.33
N MET D 860 30.49 9.23 0.39
CA MET D 860 30.18 9.29 1.81
C MET D 860 31.26 10.01 2.60
N LEU D 861 32.51 9.91 2.18
CA LEU D 861 33.58 10.70 2.80
C LEU D 861 33.34 12.20 2.64
N GLN D 862 33.03 12.63 1.41
CA GLN D 862 32.80 14.04 1.15
C GLN D 862 31.53 14.53 1.85
N ARG D 863 30.60 13.64 2.13
CA ARG D 863 29.43 14.04 2.92
C ARG D 863 29.76 14.15 4.40
N MET D 864 30.54 13.20 4.94
CA MET D 864 30.87 13.21 6.37
C MET D 864 31.79 14.35 6.74
N MET D 865 32.59 14.85 5.79
CA MET D 865 33.58 15.88 6.12
C MET D 865 32.96 17.19 6.59
N ILE D 866 31.70 17.45 6.21
CA ILE D 866 31.00 18.65 6.68
C ILE D 866 30.80 18.59 8.18
N ASP D 867 30.14 17.51 8.65
CA ASP D 867 29.89 17.33 10.08
C ASP D 867 31.18 17.17 10.86
N VAL D 868 32.18 16.50 10.28
CA VAL D 868 33.46 16.31 10.97
C VAL D 868 34.19 17.64 11.13
N PHE D 869 34.16 18.48 10.10
CA PHE D 869 34.78 19.80 10.17
C PHE D 869 34.08 20.68 11.19
N PHE D 870 32.75 20.64 11.23
CA PHE D 870 32.01 21.46 12.20
C PHE D 870 32.26 21.00 13.63
N PHE D 871 32.22 19.69 13.86
CA PHE D 871 32.45 19.16 15.20
C PHE D 871 33.87 19.41 15.66
N LEU D 872 34.84 19.29 14.75
CA LEU D 872 36.24 19.57 15.11
C LEU D 872 36.45 21.04 15.40
N PHE D 873 35.73 21.92 14.69
CA PHE D 873 35.80 23.35 14.97
C PHE D 873 35.25 23.68 16.35
N LEU D 874 34.06 23.17 16.66
CA LEU D 874 33.45 23.42 17.96
C LEU D 874 34.28 22.81 19.09
N PHE D 875 34.85 21.63 18.86
CA PHE D 875 35.73 20.98 19.82
C PHE D 875 37.01 21.78 20.04
N ALA D 876 37.58 22.35 18.98
CA ALA D 876 38.79 23.16 19.15
C ALA D 876 38.49 24.45 19.90
N VAL D 877 37.32 25.04 19.67
CA VAL D 877 36.90 26.23 20.42
C VAL D 877 36.79 25.91 21.90
N TRP D 878 36.10 24.82 22.23
CA TRP D 878 35.95 24.44 23.64
C TRP D 878 37.28 24.03 24.26
N MET D 879 38.19 23.46 23.47
CA MET D 879 39.49 23.06 23.99
C MET D 879 40.33 24.29 24.33
N VAL D 880 40.30 25.32 23.48
CA VAL D 880 40.98 26.56 23.80
C VAL D 880 40.34 27.24 25.01
N ALA D 881 39.02 27.12 25.15
CA ALA D 881 38.34 27.71 26.31
C ALA D 881 38.73 27.03 27.62
N PHE D 882 38.70 25.69 27.64
CA PHE D 882 39.08 24.94 28.83
C PHE D 882 40.55 25.13 29.16
N GLY D 883 41.40 25.27 28.13
CA GLY D 883 42.79 25.59 28.38
C GLY D 883 42.98 26.98 28.95
N VAL D 884 42.14 27.93 28.53
CA VAL D 884 42.19 29.29 29.07
C VAL D 884 41.81 29.28 30.55
N ALA D 885 40.76 28.53 30.91
CA ALA D 885 40.37 28.41 32.30
C ALA D 885 41.44 27.68 33.12
N ARG D 886 42.09 26.67 32.53
CA ARG D 886 43.15 25.95 33.23
C ARG D 886 44.37 26.82 33.43
N GLN D 887 44.70 27.67 32.45
CA GLN D 887 45.79 28.62 32.61
C GLN D 887 45.47 29.66 33.67
N GLY D 888 44.21 30.07 33.77
CA GLY D 888 43.82 31.00 34.81
C GLY D 888 43.88 30.39 36.20
N ILE D 889 43.48 29.13 36.33
CA ILE D 889 43.45 28.49 37.65
C ILE D 889 44.86 28.08 38.08
N LEU D 890 45.65 27.54 37.16
CA LEU D 890 47.00 27.07 37.48
C LEU D 890 47.99 28.20 37.67
N ARG D 891 47.64 29.43 37.30
CA ARG D 891 48.48 30.58 37.58
C ARG D 891 47.88 31.38 38.73
N TRP D 897 54.05 40.90 27.43
CA TRP D 897 52.69 40.36 27.36
C TRP D 897 52.60 39.24 26.32
N GLU D 898 53.62 39.14 25.48
CA GLU D 898 53.62 38.12 24.42
C GLU D 898 53.88 36.73 24.98
N TRP D 899 54.60 36.64 26.11
CA TRP D 899 54.95 35.33 26.69
C TRP D 899 53.72 34.62 27.22
N ILE D 900 52.86 35.33 27.94
CA ILE D 900 51.67 34.72 28.52
C ILE D 900 50.66 34.37 27.43
N PHE D 901 50.60 35.17 26.36
CA PHE D 901 49.73 34.86 25.24
C PHE D 901 50.22 33.62 24.49
N ARG D 902 51.54 33.52 24.28
CA ARG D 902 52.10 32.34 23.64
C ARG D 902 51.90 31.09 24.49
N SER D 903 51.99 31.24 25.82
CA SER D 903 51.74 30.11 26.71
C SER D 903 50.26 29.71 26.70
N VAL D 904 49.36 30.68 26.69
CA VAL D 904 47.92 30.39 26.64
C VAL D 904 47.50 29.82 25.28
N ILE D 905 48.28 30.06 24.24
CA ILE D 905 47.97 29.45 22.95
C ILE D 905 48.55 28.04 22.85
N TYR D 906 49.79 27.84 23.31
CA TYR D 906 50.51 26.59 23.08
C TYR D 906 50.51 25.66 24.28
N GLU D 907 49.77 25.98 25.33
CA GLU D 907 49.53 25.04 26.44
C GLU D 907 48.42 24.01 26.24
N PRO D 908 47.20 24.35 25.74
CA PRO D 908 46.15 23.30 25.69
C PRO D 908 46.42 22.18 24.71
N TYR D 909 47.11 22.45 23.60
CA TYR D 909 47.42 21.39 22.64
C TYR D 909 48.39 20.37 23.23
N LEU D 910 49.42 20.86 23.93
CA LEU D 910 50.34 19.97 24.62
C LEU D 910 49.67 19.26 25.80
N ALA D 911 48.71 19.92 26.46
CA ALA D 911 47.99 19.27 27.55
C ALA D 911 47.05 18.19 27.05
N MET D 912 46.49 18.37 25.85
CA MET D 912 45.59 17.36 25.30
C MET D 912 46.35 16.21 24.66
N PHE D 913 47.51 16.49 24.03
CA PHE D 913 48.29 15.44 23.41
C PHE D 913 48.90 14.50 24.45
N GLY D 914 49.22 15.01 25.63
CA GLY D 914 49.76 14.18 26.70
C GLY D 914 51.01 14.75 27.32
N GLU D 954 35.16 22.82 48.27
CA GLU D 954 35.66 21.67 47.54
C GLU D 954 35.27 21.75 46.07
N TRP D 955 35.32 22.96 45.51
CA TRP D 955 34.99 23.18 44.10
C TRP D 955 36.10 22.79 43.15
N ILE D 956 37.27 22.42 43.67
CA ILE D 956 38.44 22.19 42.83
C ILE D 956 38.29 20.91 42.01
N THR D 957 37.58 19.91 42.53
CA THR D 957 37.46 18.64 41.83
C THR D 957 36.48 18.68 40.66
N ILE D 958 35.68 19.75 40.57
CA ILE D 958 34.63 19.83 39.55
C ILE D 958 35.11 19.95 38.09
N PRO D 959 36.11 20.79 37.73
CA PRO D 959 36.42 20.94 36.29
C PRO D 959 36.97 19.71 35.59
N LEU D 960 37.63 18.79 36.31
CA LEU D 960 38.13 17.57 35.68
C LEU D 960 36.98 16.69 35.19
N VAL D 961 36.01 16.41 36.07
CA VAL D 961 34.86 15.61 35.70
C VAL D 961 34.00 16.33 34.68
N CYS D 962 33.89 17.67 34.80
CA CYS D 962 33.11 18.44 33.84
C CYS D 962 33.71 18.38 32.44
N ILE D 963 35.03 18.53 32.36
CA ILE D 963 35.73 18.48 31.06
C ILE D 963 35.66 17.08 30.47
N TYR D 964 35.80 16.04 31.32
CA TYR D 964 35.70 14.67 30.84
C TYR D 964 34.29 14.35 30.33
N MET D 965 33.27 14.88 31.02
CA MET D 965 31.89 14.64 30.59
C MET D 965 31.58 15.35 29.27
N LEU D 966 32.02 16.61 29.13
CA LEU D 966 31.81 17.33 27.88
C LEU D 966 32.57 16.71 26.72
N SER D 967 33.80 16.24 26.99
CA SER D 967 34.60 15.59 25.94
C SER D 967 33.98 14.26 25.52
N THR D 968 33.48 13.47 26.49
CA THR D 968 32.83 12.21 26.15
C THR D 968 31.52 12.46 25.40
N ASN D 969 30.81 13.51 25.76
CA ASN D 969 29.57 13.88 25.07
C ASN D 969 29.83 14.23 23.62
N ILE D 970 30.82 15.09 23.37
CA ILE D 970 31.16 15.50 22.00
C ILE D 970 31.71 14.32 21.21
N LEU D 971 32.49 13.45 21.87
CA LEU D 971 33.11 12.31 21.19
C LEU D 971 32.08 11.27 20.78
N LEU D 972 31.11 10.98 21.65
CA LEU D 972 30.03 10.07 21.28
C LEU D 972 29.13 10.67 20.22
N VAL D 973 28.80 11.96 20.37
CA VAL D 973 27.86 12.60 19.46
C VAL D 973 28.47 12.82 18.08
N ASN D 974 29.80 12.88 17.97
CA ASN D 974 30.47 12.95 16.67
C ASN D 974 30.14 11.74 15.81
N LEU D 975 30.44 10.54 16.33
CA LEU D 975 30.11 9.31 15.62
C LEU D 975 28.60 9.10 15.53
N LEU D 976 27.83 9.62 16.48
CA LEU D 976 26.37 9.53 16.41
C LEU D 976 25.81 10.30 15.22
N VAL D 977 26.16 11.58 15.11
CA VAL D 977 25.67 12.39 13.99
C VAL D 977 26.33 11.96 12.69
N ALA D 978 27.50 11.33 12.76
CA ALA D 978 28.04 10.67 11.58
C ALA D 978 27.17 9.49 11.18
N MET D 979 26.62 8.76 12.14
CA MET D 979 25.68 7.69 11.83
C MET D 979 24.35 8.22 11.32
N PHE D 980 24.03 9.47 11.65
CA PHE D 980 22.79 10.09 11.18
C PHE D 980 22.81 10.27 9.66
N GLY D 981 23.74 11.09 9.17
CA GLY D 981 23.82 11.36 7.75
C GLY D 981 24.51 10.27 6.95
N ASN D 990 21.21 6.17 -1.01
CA ASN D 990 20.86 6.76 -2.30
C ASN D 990 22.02 7.56 -2.87
N ASN D 991 23.24 7.08 -2.67
CA ASN D 991 24.43 7.73 -3.22
C ASN D 991 24.70 7.34 -4.67
N ASP D 992 23.93 6.38 -5.21
CA ASP D 992 24.21 5.86 -6.53
C ASP D 992 23.96 6.91 -7.61
N GLN D 993 22.89 7.69 -7.46
CA GLN D 993 22.58 8.75 -8.42
C GLN D 993 23.64 9.85 -8.39
N VAL D 994 24.16 10.15 -7.19
CA VAL D 994 25.23 11.14 -7.09
C VAL D 994 26.49 10.61 -7.76
N TRP D 995 26.74 9.30 -7.65
CA TRP D 995 27.85 8.68 -8.37
C TRP D 995 27.68 8.80 -9.88
N LYS D 996 26.44 8.73 -10.35
CA LYS D 996 26.21 8.85 -11.79
C LYS D 996 26.46 10.28 -12.29
N PHE D 997 26.08 11.28 -11.50
CA PHE D 997 26.52 12.66 -11.77
C PHE D 997 28.04 12.81 -11.85
N GLN D 998 28.76 12.28 -10.85
CA GLN D 998 30.22 12.41 -10.85
C GLN D 998 30.84 11.66 -12.03
N ARG D 999 30.18 10.59 -12.46
CA ARG D 999 30.61 9.86 -13.65
C ARG D 999 30.51 10.73 -14.88
N PHE D 1000 29.42 11.51 -14.99
CA PHE D 1000 29.31 12.44 -16.11
C PHE D 1000 30.43 13.47 -16.12
N PHE D 1001 30.77 14.01 -14.95
CA PHE D 1001 31.83 15.03 -14.93
C PHE D 1001 33.18 14.45 -15.33
N LEU D 1002 33.46 13.21 -14.91
CA LEU D 1002 34.72 12.58 -15.29
C LEU D 1002 34.80 12.31 -16.79
N VAL D 1003 33.71 11.79 -17.37
CA VAL D 1003 33.68 11.52 -18.81
C VAL D 1003 33.81 12.81 -19.60
N GLN D 1004 33.15 13.89 -19.16
CA GLN D 1004 33.25 15.17 -19.88
C GLN D 1004 34.65 15.74 -19.79
N GLU D 1005 35.42 15.57 -18.73
CA GLU D 1005 36.77 16.15 -18.82
C GLU D 1005 37.71 15.50 -19.86
N TYR D 1006 37.74 14.17 -19.85
CA TYR D 1006 38.61 13.41 -20.76
C TYR D 1006 38.34 13.55 -22.25
N CYS D 1007 37.08 13.55 -22.67
CA CYS D 1007 36.78 13.70 -24.09
C CYS D 1007 37.36 15.01 -24.60
N SER D 1008 37.20 16.08 -23.81
CA SER D 1008 37.74 17.37 -24.17
C SER D 1008 39.26 17.34 -24.23
N ARG D 1009 39.89 16.62 -23.30
CA ARG D 1009 41.38 16.57 -23.32
C ARG D 1009 42.05 15.93 -24.55
N LEU D 1010 43.20 16.47 -24.97
CA LEU D 1010 43.97 15.98 -26.09
C LEU D 1010 44.38 14.52 -25.88
N THR D 1011 44.73 13.87 -26.99
CA THR D 1011 44.97 12.43 -27.00
C THR D 1011 46.23 12.06 -26.22
N ILE D 1012 47.23 12.92 -26.28
CA ILE D 1012 48.59 12.55 -25.85
C ILE D 1012 48.68 12.55 -24.33
N PRO D 1013 49.43 11.58 -23.76
CA PRO D 1013 49.74 11.30 -22.35
C PRO D 1013 50.27 12.50 -21.54
N PHE D 1014 50.24 12.34 -20.22
CA PHE D 1014 50.68 13.36 -19.27
C PHE D 1014 51.99 14.11 -19.57
N PRO D 1015 53.13 13.41 -19.59
CA PRO D 1015 54.42 14.09 -19.78
C PRO D 1015 54.67 14.55 -21.21
N PHE D 1016 53.90 14.05 -22.17
CA PHE D 1016 54.14 14.32 -23.58
C PHE D 1016 53.17 15.34 -24.16
N VAL D 1017 52.35 15.99 -23.32
CA VAL D 1017 51.41 16.98 -23.83
C VAL D 1017 52.14 18.30 -24.13
N ILE D 1018 53.40 18.43 -23.71
CA ILE D 1018 54.15 19.67 -23.89
C ILE D 1018 54.37 19.98 -25.37
N PHE D 1019 54.63 18.94 -26.16
CA PHE D 1019 54.82 19.13 -27.60
C PHE D 1019 53.53 19.60 -28.26
N ALA D 1020 52.41 18.99 -27.86
CA ALA D 1020 51.11 19.35 -28.41
C ALA D 1020 50.77 20.78 -28.04
N TYR D 1021 51.07 21.14 -26.80
CA TYR D 1021 50.81 22.49 -26.31
C TYR D 1021 51.67 23.50 -27.08
N ILE D 1022 52.92 23.12 -27.36
CA ILE D 1022 53.82 23.98 -28.11
C ILE D 1022 53.25 24.19 -29.52
N PHE D 1023 52.72 23.13 -30.13
CA PHE D 1023 52.11 23.25 -31.45
C PHE D 1023 50.91 24.19 -31.38
N MET D 1024 50.12 24.05 -30.33
CA MET D 1024 48.94 24.88 -30.14
C MET D 1024 49.31 26.36 -29.96
N VAL D 1025 50.36 26.61 -29.20
CA VAL D 1025 50.82 27.98 -28.98
C VAL D 1025 51.49 28.53 -30.23
N MET D 1026 52.15 27.67 -31.02
CA MET D 1026 52.83 28.11 -32.23
C MET D 1026 51.86 28.50 -33.32
N ARG D 1027 50.70 27.83 -33.39
CA ARG D 1027 49.69 28.25 -34.36
C ARG D 1027 48.98 29.53 -33.94
N LYS D 1028 49.12 29.94 -32.68
CA LYS D 1028 48.48 31.15 -32.19
C LYS D 1028 49.38 32.37 -32.38
N PRO D 1041 27.97 30.35 -39.56
CA PRO D 1041 27.85 29.39 -38.46
C PRO D 1041 26.84 28.29 -38.76
N SER D 1042 26.36 27.62 -37.73
CA SER D 1042 25.40 26.54 -37.87
C SER D 1042 24.07 26.98 -37.28
N VAL D 1043 23.03 26.95 -38.09
CA VAL D 1043 21.70 27.33 -37.64
C VAL D 1043 20.93 26.08 -37.22
N CYS D 1044 19.87 26.29 -36.42
CA CYS D 1044 19.18 25.22 -35.70
C CYS D 1044 18.52 24.19 -36.62
N CYS D 1045 17.56 24.59 -37.44
CA CYS D 1045 16.77 23.61 -38.19
C CYS D 1045 16.63 24.00 -39.65
N SER D 1046 17.73 24.36 -40.30
CA SER D 1046 17.68 24.55 -41.75
C SER D 1046 18.17 23.35 -42.53
N ARG D 1047 19.05 22.54 -41.96
CA ARG D 1047 19.59 21.36 -42.62
C ARG D 1047 18.51 20.28 -42.75
N ASN D 1048 18.85 19.22 -43.48
CA ASN D 1048 17.89 18.18 -43.79
C ASN D 1048 17.93 17.05 -42.76
N GLU D 1049 19.13 16.68 -42.29
CA GLU D 1049 19.24 15.62 -41.30
C GLU D 1049 18.63 16.05 -39.97
N ASP D 1050 18.62 17.35 -39.67
CA ASP D 1050 17.96 17.84 -38.47
C ASP D 1050 16.47 17.58 -38.51
N ASN D 1051 15.84 17.86 -39.65
CA ASN D 1051 14.43 17.54 -39.81
C ASN D 1051 14.19 16.05 -39.80
N GLU D 1052 15.15 15.26 -40.30
CA GLU D 1052 15.03 13.81 -40.28
C GLU D 1052 15.04 13.26 -38.85
N ILE D 1053 15.84 13.86 -37.96
CA ILE D 1053 15.84 13.42 -36.56
C ILE D 1053 14.55 13.83 -35.87
N LEU D 1054 14.14 15.10 -36.06
CA LEU D 1054 12.98 15.61 -35.33
C LEU D 1054 11.69 14.97 -35.79
N ALA D 1055 11.61 14.51 -37.04
CA ALA D 1055 10.42 13.78 -37.48
C ALA D 1055 10.30 12.44 -36.77
N TRP D 1056 11.43 11.75 -36.60
CA TRP D 1056 11.47 10.51 -35.82
C TRP D 1056 11.01 10.76 -34.39
N GLU D 1057 11.47 11.85 -33.79
CA GLU D 1057 11.06 12.17 -32.43
C GLU D 1057 9.58 12.48 -32.34
N ALA D 1058 9.02 13.11 -33.38
CA ALA D 1058 7.59 13.40 -33.39
C ALA D 1058 6.76 12.13 -33.42
N VAL D 1059 7.20 11.14 -34.21
CA VAL D 1059 6.52 9.84 -34.25
C VAL D 1059 6.56 9.17 -32.88
N MET D 1060 7.74 9.19 -32.25
CA MET D 1060 7.89 8.57 -30.94
C MET D 1060 7.05 9.26 -29.87
N LYS D 1061 6.92 10.59 -29.98
CA LYS D 1061 6.04 11.33 -29.08
C LYS D 1061 4.58 10.92 -29.25
N GLU D 1062 4.14 10.70 -30.49
CA GLU D 1062 2.74 10.33 -30.70
C GLU D 1062 2.43 8.97 -30.11
N ASN D 1063 3.38 8.03 -30.22
CA ASN D 1063 3.19 6.74 -29.56
C ASN D 1063 3.17 6.87 -28.04
N TYR D 1064 4.00 7.77 -27.49
CA TYR D 1064 3.99 8.03 -26.05
C TYR D 1064 2.65 8.60 -25.60
N LEU D 1065 2.08 9.51 -26.37
CA LEU D 1065 0.82 10.14 -25.98
C LEU D 1065 -0.33 9.14 -26.03
N VAL D 1066 -0.32 8.23 -27.01
CA VAL D 1066 -1.34 7.19 -27.07
C VAL D 1066 -1.25 6.27 -25.85
N LYS D 1067 -0.03 5.85 -25.50
CA LYS D 1067 0.13 4.96 -24.34
C LYS D 1067 -0.23 5.65 -23.04
N ILE D 1068 0.00 6.96 -22.93
CA ILE D 1068 -0.38 7.61 -21.68
C ILE D 1068 -1.87 7.92 -21.66
N ASN D 1069 -2.52 8.00 -22.82
CA ASN D 1069 -3.96 8.27 -22.83
C ASN D 1069 -4.81 7.03 -22.61
N THR D 1070 -4.28 5.83 -22.91
CA THR D 1070 -5.02 4.62 -22.54
C THR D 1070 -5.15 4.51 -21.02
N LYS D 1071 -4.04 4.51 -20.31
CA LYS D 1071 -4.07 4.39 -18.85
C LYS D 1071 -4.55 5.68 -18.20
N UNK D 1079 -11.80 4.04 -15.63
CA UNK D 1079 -12.97 3.17 -15.52
C UNK D 1079 -14.21 3.97 -15.17
N UNK D 1080 -14.02 5.25 -14.86
CA UNK D 1080 -15.11 6.13 -14.47
C UNK D 1080 -16.00 6.45 -15.67
N UNK D 1081 -15.36 6.80 -16.79
CA UNK D 1081 -16.04 7.06 -18.05
C UNK D 1081 -16.63 5.77 -18.59
N UNK D 1082 -15.94 4.67 -18.32
CA UNK D 1082 -16.40 3.32 -18.66
C UNK D 1082 -17.70 3.01 -17.94
N UNK D 1083 -17.73 3.27 -16.64
CA UNK D 1083 -18.92 3.04 -15.82
C UNK D 1083 -20.07 3.97 -16.24
N UNK D 1084 -19.72 5.21 -16.57
CA UNK D 1084 -20.70 6.20 -17.02
C UNK D 1084 -21.34 5.79 -18.35
N UNK D 1085 -20.52 5.37 -19.30
CA UNK D 1085 -21.01 4.92 -20.60
C UNK D 1085 -21.75 3.59 -20.47
N UNK D 1086 -21.37 2.76 -19.49
CA UNK D 1086 -22.08 1.53 -19.22
C UNK D 1086 -23.49 1.81 -18.72
N UNK D 1087 -23.60 2.75 -17.78
CA UNK D 1087 -24.89 3.18 -17.25
C UNK D 1087 -25.74 3.85 -18.33
N UNK D 1088 -25.09 4.62 -19.20
CA UNK D 1088 -25.77 5.28 -20.30
C UNK D 1088 -26.29 4.28 -21.34
N UNK D 1089 -25.49 3.26 -21.64
CA UNK D 1089 -25.89 2.22 -22.59
C UNK D 1089 -27.04 1.37 -22.02
N UNK D 1090 -26.96 1.08 -20.73
CA UNK D 1090 -28.02 0.35 -20.03
C UNK D 1090 -29.31 1.15 -20.01
N UNK D 1091 -29.19 2.45 -19.74
CA UNK D 1091 -30.35 3.35 -19.74
C UNK D 1091 -30.93 3.49 -21.14
N UNK D 1092 -30.08 3.49 -22.17
CA UNK D 1092 -30.52 3.58 -23.55
C UNK D 1092 -31.31 2.36 -23.97
N UNK D 1093 -30.78 1.18 -23.64
CA UNK D 1093 -31.46 -0.08 -23.92
C UNK D 1093 -32.78 -0.18 -23.17
N UNK D 1094 -32.78 0.25 -21.90
CA UNK D 1094 -33.98 0.25 -21.07
C UNK D 1094 -35.05 1.22 -21.61
N UNK D 1095 -34.61 2.39 -22.08
CA UNK D 1095 -35.52 3.39 -22.62
C UNK D 1095 -36.09 2.93 -23.95
N UNK D 1096 -35.27 2.25 -24.75
CA UNK D 1096 -35.73 1.67 -26.02
C UNK D 1096 -36.78 0.60 -25.76
N UNK D 1097 -36.54 -0.22 -24.74
CA UNK D 1097 -37.50 -1.26 -24.35
C UNK D 1097 -38.81 -0.65 -23.81
N UNK D 1098 -38.69 0.43 -23.04
CA UNK D 1098 -39.87 1.08 -22.46
C UNK D 1098 -40.68 1.83 -23.51
N UNK D 1099 -40.01 2.31 -24.56
CA UNK D 1099 -40.69 2.96 -25.66
C UNK D 1099 -41.30 1.91 -26.60
N UNK D 1100 -40.69 0.73 -26.64
CA UNK D 1100 -41.21 -0.36 -27.46
C UNK D 1100 -42.37 -1.08 -26.77
N UNK D 1101 -42.45 -0.95 -25.45
CA UNK D 1101 -43.47 -1.63 -24.66
C UNK D 1101 -44.72 -0.77 -24.46
N UNK D 1102 -44.62 0.51 -24.77
CA UNK D 1102 -45.73 1.43 -24.59
C UNK D 1102 -46.82 1.19 -25.63
#